data_8EHQ
#
_entry.id   8EHQ
#
_cell.length_a   1.00
_cell.length_b   1.00
_cell.length_c   1.00
_cell.angle_alpha   90.00
_cell.angle_beta   90.00
_cell.angle_gamma   90.00
#
_symmetry.space_group_name_H-M   'P 1'
#
loop_
_entity.id
_entity.type
_entity.pdbx_description
1 polymer 'DNA-directed RNA polymerase subunit alpha'
2 polymer 'DNA-directed RNA polymerase subunit beta'
3 polymer "DNA-directed RNA polymerase subunit beta'"
4 polymer 'DNA-directed RNA polymerase subunit omega'
5 polymer 'Transcription termination/antitermination protein NusG'
6 polymer 'DNA (38-MER)'
7 polymer 'DNA (38-MER)'
8 polymer 'RNA (29-MER)'
9 non-polymer 'MAGNESIUM ION'
10 non-polymer 'ZINC ION'
#
loop_
_entity_poly.entity_id
_entity_poly.type
_entity_poly.pdbx_seq_one_letter_code
_entity_poly.pdbx_strand_id
1 'polypeptide(L)'
;MLISQRPTLSEDVLTDNRSQFVIEPLEPGFGYTLGNSLRRTLLSSIPGAAVTSIRIDGVLHEFTTVPGVKEDVTEIILNL
KSLVVSSEEDEPVTMYLRKQGPGEVTAGDIVPPAGVTVHNPGMHIATLNDKGKLEVELVVERGRGYVPAVQNRASGAEIG
RIPVDSIYSPVLKVTYKVDATRVEQRTDFDKLILDVETKNSISPRDALASAGKTLVELFGLARELNVEAEGIEIGPSPAE
ADHIASFALPIDDLDLTVRSYNCLKREGVHTVGELVARTESDLLDIRNFGQKSIDEVKIKLHQLGLSLKDSPPSFDPSEV
AGYDVATGTWSTEGAYDEQDYAETEQL
;
A,B
2 'polypeptide(L)'
;MLEGCILADSRQSKTAASPSPSRPQSSSNNSVPGAPNRVSFAKLREPLEVPGLLDVQTDSFEWLIGSPRWRESAAERGDV
NPVGGLEEVLYELSPIEDFSGSMSLSFSDPRFDDVKAPVDECKDKDMTYAAPLFVTAEFINNNTGEIKSQTVFMGDFPMM
TEKGTFIINGTERVVVSQLVRSPGVYFDETIDKSTDKTLHSVKVIPSRGAWLEFDVDKRDTVGVRIDRKRRQPVTVLLKA
LGWTSEQIVERFGFSEIMRSTLEKDNTVGTDEALLDIYRKLRPGEPPTKESAQTLLENLFFKEKRYDLARVGRYKVNKKL
GLHVGEPITSSTLTEEDVVATIEYLVRLHEGQTTMTVPGGVEVPVETDDIDHFGNRRLRTVGELIQNQIRVGMSRMERVV
RERMTTQDVEAITPQTLINIRPVVAAIKEFFGTSQLSQFMDQNNPLSGLTHKRRLSALGPGGLSRERAGLEVRDVHPSHY
GRMCPIETPEGPNIGLIGSLSVYARVNPFGFIETPYRKVVDGVVSDEIVYLTADEEDRHVVAQANSPIDADGRFVEPRVL
VRRKAGEVEYVPSSEVDYMDVSPRQMVSVATAMIPFLEHDDANRALMGANMQRQAVPLVRSEAPLVGTGMELRAAIDAGD
VVVAEESGVIEEVSADYITVMHDNGTRRTYRMRKFARSNHGTCANQCPIVDAGDRVEAGQVIADGPCTDDGEMALGKNLL
VAIMPWEGHNYEDAIILSNRLVEEDVLTSIHIEEHEIDARDTKLGAEEITRDIPNISDEVLADLDERGIVRIGAEVRDGD
ILVGKVTPKGETELTPEERLLRAIFGEKAREVRDTSLKVPHGESGKVIGIRVFSREDEDELPAGVNELVRVYVAQKRKIS
DGDKLAGRHGNKGVIGKILPVEDMPFLADGTPVDIILNTHGVPRRMNIGQILETHLGWCAHSGWKVDAAKGVPDWAARLP
DELLEAQPNAIVSTPVFDGAQEAELQGLLSCTLPNRDGDVLVDADGKAMLFDGRSGEPFPYPVTVGYMYIMKLHHLVDDK
IHARSTGPYSMITQQPLGGKAQFGGQRFGEMECWAMQAYGAAYTLQELLTIKSDDTVGRVKVYEAIVKGENIPEPGIPES
FKVLLKELQSLCLNVEVLSSDGAAIELREGEDEDLERAAANLGINLSRNESASVEDLA
;
C
3 'polypeptide(L)'
;MLDVNFFDELRIGLATAEDIRQWSYGEVKKPETINYRTLKPEKDGLFCEKIFGPTRDWECYCGKYKRVRFKGIICERCGV
EVTRAKVRRERMGHIELAAPVTHIWYFKGVPSRLGYLLDLAPKDLEKIIYFAAYVITSVDEEMRHNELSTLEAEMAVERK
AVEDQRDGELEARAQKLEADLAELEAEGAKADARRKVRDGGEREMRQIRDRAQRELDRLEDIWSTFTKLAPKQLIVDENL
YRELVDRYGEYFTGAMGAESIQKLIENFDIDAEAESLRDVIRNGKGQKKLRALKRLKVVAAFQQSGNSPMGMVLDAVPVI
PPELRPMVQLDGGRFATSDLNDLYRRVINRNNRLKRLIDLGAPEIIVNNEKRMLQESVDALFDNGRRGRPVTGPGNRPLK
SLSDLLKGKQGRFRQNLLGKRVDYSGRSVIVVGPQLKLHQCGLPKLMALELFKPFVMKRLVDLNHAQNIKSAKRMVERQR
PQVWDVLEEVIAEHPVLLNRAPTLHRLGIQAFEPMLVEGKAIQLHPLVCEAFNADFDGDQMAVHLPLSAEAQAEARILML
SSNNILSPASGRPLAMPRLDMVTGLYYLTTEVPGDTGEYQPASGDHPETGVYSSPAEAIMAADRGVLSVRAKIKVRLTQL
RPPVEIEAELFGHSGWQPGDAWMAETTLGRVMFNELLPLGYPFVNKQMHKKVQAAIINDLAERYPMIVVAQTVDKLKDAG
FYWATRSGVTVSMADVLVPPRKKEILDHYEERADKVEKQFQRGALNHDERNEALVEIWKEATDEVGQALREHYPDDNPII
TIVDSGATGNFTQTRTLAGMKGLVTNPKGEFIPRPVKSSFREGLTVLEYFINTHGARKGLADTALRTADSGYLTRRLVDV
SQDVIVREHDCQTERGIVVELAERAPDGTLIRDPYIETSAYARTLGTDAVDEAGNVIVERGQDLGDPEIDALLAAGITQV
KVRSVLTCATSTGVCATCYGRSMATGKLVDIGEAVGIVAAQSIGEPGTQLTMRTFHQGGVGEDITGGLPRVQELFEARVP
RGKAPIADVTGRVRLEDGERFYKITIVPDDGGEEVVYDKISKRQRLRVFKHEDGSERVLSDGDHVEVGQQLMEGSADPHE
VLRVQGPREVQIHLVREVQEVYRAQGVSIHDKHIEVIVRQMLRRVTIIDSGSTEFLPGSLIDRAEFEAENRRVVAEGGEP
AAGRPVLMGITKASLATDSWLSAASFQETTRVLTDAAINCRSDKLNGLKENVIIGKLIPAGTGINRYRNIAVQPTEEARA
AAYTIPSYEDQYYSPDFGAATGAAVPLDDYGYSDYR
;
D
4 'polypeptide(L)'
;MSISQSDASLAAVPAVDQFDPSSGASGGYDTPLGITNPPIDELLDRVSSKYALVIYAAKRARQINDYYNQLGEGILEYVG
PLVEPGLQEKPLSIALREIHADLLEHTEGE
;
E
5 'polypeptide(L)'
;MEKNWYVVHTYSGYENKVKANLEKRVESMGMQDKIFRVVVPEEEETDIKNGKKKVVKKKVFPGYVLVEIVMTDDSWYVVR
NTPGVTGFVGSAGSGSKPTPLLPGEAETILKRMGMDERKTDIDFELKETVKVIDGPFANFTGSIEEIDYDKSKVKVFVNM
FGRETPVELEFTQIDKL
;
G
6 'polydeoxyribonucleotide'
;(DC)(DG)(DG)(DC)(DA)(DG)(DT)(DC)(DG)(DC)(DC)(DG)(DT)(DC)(DT)(DA)(DC)(DC)(DT)(DC)
(DT)(DC)(DC)(DA)(DA)(DG)(DA)(DG)(DC)(DA)(DG)(DC)(DA)(DT)(DG)(DC)(DG)(DC)(DC)(DC)
;
T
7 'polydeoxyribonucleotide'
;(DG)(DG)(DG)(DC)(DG)(DC)(DA)(DT)(DG)(DC)(DT)(DG)(DC)(DT)(DC)(DT)(DT)(DC)(DT)(DT)
(DT)(DG)(DC)(DC)(DA)(DT)(DC)(DA)(DC)(DG)(DG)(DC)(DG)(DA)(DC)(DT)(DG)(DC)(DC)(DG)
;
N
8 'polyribonucleotide' UCCGAAGCUUCGGCUUCGGCAGGAGAGGUA R
#
# COMPACT_ATOMS: atom_id res chain seq x y z
N MET A 1 43.68 -25.92 -50.72
CA MET A 1 42.77 -26.71 -51.53
C MET A 1 41.41 -26.03 -51.45
N LEU A 2 41.13 -25.16 -52.42
CA LEU A 2 39.96 -24.31 -52.40
C LEU A 2 38.93 -24.82 -53.41
N ILE A 3 37.69 -24.98 -52.96
CA ILE A 3 36.63 -25.57 -53.77
C ILE A 3 36.15 -24.53 -54.78
N SER A 4 36.15 -24.92 -56.06
CA SER A 4 35.71 -24.02 -57.12
C SER A 4 34.24 -24.17 -57.46
N GLN A 5 33.58 -25.22 -57.00
CA GLN A 5 32.17 -25.43 -57.33
C GLN A 5 31.32 -24.32 -56.73
N ARG A 6 30.37 -23.85 -57.52
CA ARG A 6 29.48 -22.76 -57.14
C ARG A 6 28.10 -23.28 -56.77
N PRO A 7 27.39 -22.59 -55.88
CA PRO A 7 26.07 -23.07 -55.48
C PRO A 7 25.05 -23.02 -56.60
N THR A 8 24.08 -23.93 -56.55
CA THR A 8 22.98 -23.99 -57.48
C THR A 8 21.67 -23.95 -56.71
N LEU A 9 20.57 -23.74 -57.42
CA LEU A 9 19.24 -23.70 -56.83
C LEU A 9 18.31 -24.60 -57.63
N SER A 10 17.49 -25.38 -56.93
CA SER A 10 16.55 -26.30 -57.55
C SER A 10 15.28 -26.37 -56.72
N GLU A 11 14.13 -26.44 -57.40
CA GLU A 11 12.83 -26.41 -56.75
C GLU A 11 12.16 -27.78 -56.83
N ASP A 12 11.62 -28.22 -55.69
CA ASP A 12 10.80 -29.42 -55.61
C ASP A 12 9.38 -29.02 -55.27
N VAL A 13 8.41 -29.54 -56.03
CA VAL A 13 7.01 -29.15 -55.90
C VAL A 13 6.26 -30.21 -55.11
N LEU A 14 5.58 -29.79 -54.05
CA LEU A 14 4.79 -30.68 -53.21
C LEU A 14 3.29 -30.42 -53.36
N THR A 15 2.89 -29.15 -53.41
CA THR A 15 1.49 -28.75 -53.47
C THR A 15 1.46 -27.39 -54.19
N ASP A 16 0.27 -26.95 -54.59
CA ASP A 16 0.15 -25.63 -55.20
C ASP A 16 0.54 -24.51 -54.25
N ASN A 17 0.65 -24.79 -52.94
CA ASN A 17 1.04 -23.79 -51.96
C ASN A 17 2.43 -24.00 -51.37
N ARG A 18 2.97 -25.21 -51.41
CA ARG A 18 4.27 -25.49 -50.83
C ARG A 18 5.30 -25.79 -51.90
N SER A 19 6.57 -25.61 -51.53
CA SER A 19 7.70 -25.91 -52.40
C SER A 19 8.93 -26.08 -51.53
N GLN A 20 9.97 -26.68 -52.12
CA GLN A 20 11.24 -26.86 -51.45
C GLN A 20 12.36 -26.45 -52.38
N PHE A 21 13.32 -25.70 -51.85
CA PHE A 21 14.45 -25.19 -52.61
C PHE A 21 15.75 -25.67 -51.98
N VAL A 22 16.62 -26.25 -52.78
CA VAL A 22 17.88 -26.85 -52.31
C VAL A 22 19.04 -26.04 -52.84
N ILE A 23 19.90 -25.57 -51.94
CA ILE A 23 21.07 -24.76 -52.28
C ILE A 23 22.32 -25.51 -51.80
N GLU A 24 23.25 -25.76 -52.72
CA GLU A 24 24.44 -26.55 -52.42
C GLU A 24 25.44 -26.45 -53.57
N PRO A 25 26.75 -26.58 -53.31
CA PRO A 25 27.38 -26.70 -51.99
C PRO A 25 27.61 -25.35 -51.32
N LEU A 26 27.84 -25.38 -50.02
CA LEU A 26 28.03 -24.17 -49.23
C LEU A 26 29.23 -24.36 -48.31
N GLU A 27 29.77 -23.25 -47.83
CA GLU A 27 30.93 -23.33 -46.94
C GLU A 27 30.53 -23.93 -45.59
N PRO A 28 31.47 -24.58 -44.90
CA PRO A 28 31.12 -25.26 -43.65
C PRO A 28 30.85 -24.30 -42.51
N GLY A 29 29.61 -23.84 -42.41
CA GLY A 29 29.21 -22.88 -41.42
C GLY A 29 28.15 -21.95 -41.97
N PHE A 30 28.10 -21.85 -43.30
CA PHE A 30 26.97 -21.25 -43.98
C PHE A 30 25.82 -22.24 -44.03
N GLY A 31 24.61 -21.70 -44.11
CA GLY A 31 23.44 -22.56 -44.22
C GLY A 31 22.39 -22.22 -43.19
N TYR A 32 22.83 -21.90 -41.97
CA TYR A 32 21.90 -21.39 -40.98
C TYR A 32 21.70 -19.89 -41.14
N THR A 33 22.79 -19.15 -41.36
CA THR A 33 22.68 -17.71 -41.54
C THR A 33 21.98 -17.35 -42.84
N LEU A 34 22.29 -18.06 -43.94
CA LEU A 34 21.63 -17.79 -45.21
C LEU A 34 20.14 -18.11 -45.13
N GLY A 35 19.81 -19.26 -44.56
CA GLY A 35 18.41 -19.63 -44.40
C GLY A 35 17.66 -18.66 -43.52
N ASN A 36 18.29 -18.20 -42.44
CA ASN A 36 17.62 -17.27 -41.55
C ASN A 36 17.45 -15.90 -42.21
N SER A 37 18.42 -15.47 -43.02
CA SER A 37 18.26 -14.22 -43.75
C SER A 37 17.08 -14.29 -44.70
N LEU A 38 16.98 -15.39 -45.44
CA LEU A 38 15.86 -15.56 -46.36
C LEU A 38 14.53 -15.62 -45.61
N ARG A 39 14.50 -16.33 -44.48
CA ARG A 39 13.25 -16.44 -43.73
C ARG A 39 12.84 -15.12 -43.11
N ARG A 40 13.80 -14.33 -42.61
CA ARG A 40 13.48 -13.03 -42.07
C ARG A 40 12.96 -12.09 -43.16
N THR A 41 13.54 -12.15 -44.35
CA THR A 41 13.02 -11.32 -45.44
C THR A 41 11.63 -11.75 -45.88
N LEU A 42 11.39 -13.06 -45.96
CA LEU A 42 10.11 -13.54 -46.46
C LEU A 42 8.96 -13.23 -45.52
N LEU A 43 9.22 -13.23 -44.21
CA LEU A 43 8.16 -13.09 -43.21
C LEU A 43 7.83 -11.63 -42.91
N SER A 44 8.48 -10.67 -43.56
CA SER A 44 8.27 -9.29 -43.14
C SER A 44 7.92 -8.32 -44.25
N SER A 45 8.51 -8.46 -45.43
CA SER A 45 8.51 -7.38 -46.43
C SER A 45 8.17 -7.90 -47.82
N ILE A 46 7.08 -8.65 -47.94
CA ILE A 46 6.55 -9.09 -49.23
C ILE A 46 5.29 -8.30 -49.52
N PRO A 47 5.24 -7.53 -50.61
CA PRO A 47 4.04 -6.74 -50.90
C PRO A 47 2.85 -7.60 -51.27
N GLY A 48 1.67 -7.11 -50.96
CA GLY A 48 0.42 -7.80 -51.23
C GLY A 48 -0.73 -6.84 -51.39
N ALA A 49 -1.91 -7.25 -50.94
CA ALA A 49 -3.10 -6.42 -51.00
C ALA A 49 -4.05 -6.83 -49.89
N ALA A 50 -4.84 -5.87 -49.41
CA ALA A 50 -5.77 -6.12 -48.31
C ALA A 50 -6.91 -5.12 -48.40
N VAL A 51 -7.81 -5.20 -47.41
CA VAL A 51 -9.00 -4.36 -47.34
C VAL A 51 -8.80 -3.31 -46.25
N THR A 52 -9.02 -2.04 -46.59
CA THR A 52 -8.74 -0.96 -45.66
C THR A 52 -9.99 -0.37 -44.99
N SER A 53 -11.17 -0.52 -45.58
CA SER A 53 -12.38 -0.01 -44.96
C SER A 53 -13.59 -0.69 -45.56
N ILE A 54 -14.69 -0.69 -44.80
CA ILE A 54 -15.98 -1.19 -45.25
C ILE A 54 -17.04 -0.18 -44.88
N ARG A 55 -18.21 -0.31 -45.51
CA ARG A 55 -19.33 0.59 -45.25
C ARG A 55 -20.63 -0.15 -45.46
N ILE A 56 -21.42 -0.27 -44.40
CA ILE A 56 -22.72 -0.94 -44.46
C ILE A 56 -23.82 0.11 -44.44
N ASP A 57 -24.96 -0.24 -45.03
CA ASP A 57 -26.09 0.67 -45.11
C ASP A 57 -26.95 0.55 -43.87
N GLY A 58 -27.47 1.68 -43.39
CA GLY A 58 -28.25 1.71 -42.17
C GLY A 58 -27.45 1.55 -40.90
N VAL A 59 -26.12 1.62 -40.98
CA VAL A 59 -25.25 1.41 -39.84
C VAL A 59 -24.33 2.63 -39.74
N LEU A 60 -24.22 3.18 -38.53
CA LEU A 60 -23.37 4.35 -38.29
C LEU A 60 -22.00 3.98 -37.73
N HIS A 61 -21.95 3.09 -36.74
CA HIS A 61 -20.70 2.67 -36.13
C HIS A 61 -20.68 1.14 -36.07
N GLU A 62 -19.56 0.59 -35.60
CA GLU A 62 -19.40 -0.86 -35.55
C GLU A 62 -19.98 -1.49 -34.30
N PHE A 63 -20.39 -0.70 -33.31
CA PHE A 63 -21.02 -1.23 -32.10
C PHE A 63 -22.54 -1.18 -32.25
N THR A 64 -23.04 -1.98 -33.18
CA THR A 64 -24.47 -2.00 -33.48
C THR A 64 -24.81 -3.34 -34.14
N THR A 65 -26.10 -3.54 -34.41
CA THR A 65 -26.59 -4.76 -35.05
C THR A 65 -27.43 -4.42 -36.26
N VAL A 66 -27.51 -5.38 -37.19
CA VAL A 66 -28.30 -5.24 -38.40
C VAL A 66 -29.57 -6.09 -38.24
N PRO A 67 -30.75 -5.57 -38.56
CA PRO A 67 -31.98 -6.35 -38.40
C PRO A 67 -32.04 -7.53 -39.35
N GLY A 68 -32.28 -8.72 -38.81
CA GLY A 68 -32.39 -9.93 -39.59
C GLY A 68 -31.12 -10.73 -39.74
N VAL A 69 -29.99 -10.23 -39.23
CA VAL A 69 -28.70 -10.90 -39.36
C VAL A 69 -28.26 -11.39 -37.98
N LYS A 70 -27.74 -12.60 -37.93
CA LYS A 70 -27.46 -13.28 -36.66
C LYS A 70 -26.18 -12.81 -35.98
N GLU A 71 -25.37 -11.96 -36.63
CA GLU A 71 -24.12 -11.51 -36.06
C GLU A 71 -24.06 -9.99 -36.07
N ASP A 72 -23.52 -9.42 -35.01
CA ASP A 72 -23.31 -7.97 -34.96
C ASP A 72 -22.13 -7.59 -35.85
N VAL A 73 -21.96 -6.28 -36.04
CA VAL A 73 -20.97 -5.79 -37.00
C VAL A 73 -19.55 -6.14 -36.56
N THR A 74 -19.30 -6.24 -35.25
CA THR A 74 -17.97 -6.62 -34.78
C THR A 74 -17.60 -8.02 -35.25
N GLU A 75 -18.53 -8.97 -35.12
CA GLU A 75 -18.26 -10.33 -35.59
C GLU A 75 -18.18 -10.39 -37.10
N ILE A 76 -18.96 -9.58 -37.82
CA ILE A 76 -18.86 -9.54 -39.27
C ILE A 76 -17.47 -9.06 -39.70
N ILE A 77 -16.94 -8.03 -39.03
CA ILE A 77 -15.60 -7.55 -39.36
C ILE A 77 -14.56 -8.61 -39.03
N LEU A 78 -14.69 -9.25 -37.86
CA LEU A 78 -13.73 -10.29 -37.50
C LEU A 78 -13.78 -11.47 -38.47
N ASN A 79 -14.95 -11.73 -39.06
CA ASN A 79 -15.06 -12.75 -40.09
C ASN A 79 -14.45 -12.30 -41.41
N LEU A 80 -14.62 -11.02 -41.76
CA LEU A 80 -14.02 -10.48 -42.99
C LEU A 80 -12.52 -10.32 -42.89
N LYS A 81 -11.94 -10.42 -41.70
CA LYS A 81 -10.50 -10.30 -41.55
C LYS A 81 -9.74 -11.45 -42.20
N SER A 82 -10.41 -12.53 -42.59
CA SER A 82 -9.76 -13.68 -43.20
C SER A 82 -9.90 -13.70 -44.72
N LEU A 83 -10.44 -12.64 -45.32
CA LEU A 83 -10.58 -12.60 -46.77
C LEU A 83 -9.21 -12.53 -47.43
N VAL A 84 -9.02 -13.33 -48.48
CA VAL A 84 -7.79 -13.32 -49.27
C VAL A 84 -8.11 -12.74 -50.63
N VAL A 85 -7.45 -11.62 -50.96
CA VAL A 85 -7.74 -10.87 -52.17
C VAL A 85 -6.43 -10.57 -52.89
N SER A 86 -6.53 -10.33 -54.19
CA SER A 86 -5.40 -9.99 -55.02
C SER A 86 -5.75 -8.79 -55.88
N SER A 87 -4.80 -7.86 -56.03
CA SER A 87 -5.03 -6.63 -56.78
C SER A 87 -3.82 -6.32 -57.65
N GLU A 88 -4.06 -5.53 -58.69
CA GLU A 88 -3.01 -5.13 -59.62
C GLU A 88 -2.89 -3.63 -59.79
N GLU A 89 -3.97 -2.87 -59.55
CA GLU A 89 -3.91 -1.42 -59.67
C GLU A 89 -3.17 -0.81 -58.49
N ASP A 90 -2.64 0.39 -58.71
CA ASP A 90 -1.92 1.13 -57.68
C ASP A 90 -2.81 2.13 -56.96
N GLU A 91 -4.11 2.09 -57.19
CA GLU A 91 -5.08 2.99 -56.59
C GLU A 91 -6.18 2.16 -55.93
N PRO A 92 -6.87 2.73 -54.94
CA PRO A 92 -7.96 1.99 -54.28
C PRO A 92 -9.04 1.57 -55.26
N VAL A 93 -9.56 0.36 -55.05
CA VAL A 93 -10.64 -0.20 -55.85
C VAL A 93 -11.75 -0.60 -54.90
N THR A 94 -12.98 -0.62 -55.39
CA THR A 94 -14.15 -0.88 -54.57
C THR A 94 -14.97 -2.03 -55.15
N MET A 95 -15.29 -3.01 -54.30
CA MET A 95 -16.18 -4.09 -54.67
C MET A 95 -17.55 -3.87 -54.01
N TYR A 96 -18.45 -4.84 -54.20
CA TYR A 96 -19.81 -4.71 -53.70
C TYR A 96 -20.32 -6.07 -53.25
N LEU A 97 -21.37 -6.03 -52.42
CA LEU A 97 -21.99 -7.25 -51.91
C LEU A 97 -23.46 -6.94 -51.62
N ARG A 98 -24.36 -7.59 -52.36
CA ARG A 98 -25.80 -7.44 -52.17
C ARG A 98 -26.43 -8.80 -51.95
N LYS A 99 -27.26 -8.91 -50.92
CA LYS A 99 -27.96 -10.15 -50.62
C LYS A 99 -29.30 -9.82 -50.00
N GLN A 100 -30.26 -10.75 -50.13
CA GLN A 100 -31.59 -10.54 -49.60
C GLN A 100 -32.25 -11.90 -49.39
N GLY A 101 -32.98 -12.03 -48.28
CA GLY A 101 -33.74 -13.21 -48.00
C GLY A 101 -32.95 -14.26 -47.24
N PRO A 102 -33.57 -15.40 -46.96
CA PRO A 102 -32.89 -16.45 -46.22
C PRO A 102 -31.74 -17.06 -47.03
N GLY A 103 -30.75 -17.54 -46.31
CA GLY A 103 -29.57 -18.13 -46.91
C GLY A 103 -28.34 -17.81 -46.11
N GLU A 104 -27.18 -18.05 -46.72
CA GLU A 104 -25.90 -17.80 -46.08
C GLU A 104 -25.02 -16.99 -47.02
N VAL A 105 -24.38 -15.96 -46.50
CA VAL A 105 -23.52 -15.09 -47.29
C VAL A 105 -22.10 -15.62 -47.22
N THR A 106 -21.52 -15.91 -48.39
CA THR A 106 -20.14 -16.36 -48.50
C THR A 106 -19.35 -15.35 -49.32
N ALA A 107 -18.03 -15.56 -49.37
CA ALA A 107 -17.18 -14.64 -50.11
C ALA A 107 -17.35 -14.76 -51.61
N GLY A 108 -17.99 -15.83 -52.10
CA GLY A 108 -18.26 -15.95 -53.51
C GLY A 108 -19.35 -15.03 -54.02
N ASP A 109 -20.09 -14.39 -53.12
CA ASP A 109 -21.10 -13.41 -53.50
C ASP A 109 -20.52 -12.05 -53.80
N ILE A 110 -19.27 -11.79 -53.45
CA ILE A 110 -18.63 -10.51 -53.70
C ILE A 110 -18.25 -10.44 -55.17
N VAL A 111 -18.71 -9.40 -55.86
CA VAL A 111 -18.41 -9.21 -57.28
C VAL A 111 -17.28 -8.20 -57.41
N PRO A 112 -16.13 -8.59 -57.94
CA PRO A 112 -15.02 -7.64 -58.06
C PRO A 112 -15.01 -6.96 -59.41
N PRO A 113 -14.33 -5.83 -59.54
CA PRO A 113 -14.10 -5.25 -60.87
C PRO A 113 -13.03 -6.01 -61.62
N ALA A 114 -12.63 -5.51 -62.79
CA ALA A 114 -11.49 -6.08 -63.50
C ALA A 114 -10.19 -5.75 -62.76
N GLY A 115 -9.28 -6.71 -62.73
CA GLY A 115 -8.01 -6.54 -62.05
C GLY A 115 -7.98 -6.97 -60.60
N VAL A 116 -9.13 -7.34 -60.03
CA VAL A 116 -9.22 -7.79 -58.65
C VAL A 116 -9.90 -9.16 -58.65
N THR A 117 -9.36 -10.08 -57.84
CA THR A 117 -9.92 -11.41 -57.73
C THR A 117 -9.94 -11.84 -56.27
N VAL A 118 -10.86 -12.73 -55.94
CA VAL A 118 -10.99 -13.29 -54.60
C VAL A 118 -10.60 -14.76 -54.66
N HIS A 119 -9.63 -15.16 -53.84
CA HIS A 119 -9.07 -16.49 -53.88
C HIS A 119 -9.68 -17.44 -52.85
N ASN A 120 -10.59 -16.96 -52.01
CA ASN A 120 -11.21 -17.76 -50.95
C ASN A 120 -12.72 -17.65 -51.07
N PRO A 121 -13.32 -18.28 -52.07
CA PRO A 121 -14.75 -18.09 -52.33
C PRO A 121 -15.67 -18.97 -51.51
N GLY A 122 -15.18 -19.64 -50.48
CA GLY A 122 -16.02 -20.52 -49.69
C GLY A 122 -15.92 -20.28 -48.20
N MET A 123 -15.77 -19.03 -47.80
CA MET A 123 -15.69 -18.67 -46.39
C MET A 123 -17.02 -18.11 -45.90
N HIS A 124 -17.28 -18.29 -44.61
CA HIS A 124 -18.51 -17.84 -43.99
C HIS A 124 -18.40 -16.38 -43.57
N ILE A 125 -19.39 -15.58 -43.94
CA ILE A 125 -19.45 -14.17 -43.57
C ILE A 125 -20.59 -13.91 -42.58
N ALA A 126 -21.82 -14.24 -42.97
CA ALA A 126 -22.98 -14.01 -42.12
C ALA A 126 -24.08 -14.99 -42.49
N THR A 127 -25.21 -14.87 -41.81
CA THR A 127 -26.38 -15.70 -42.08
C THR A 127 -27.64 -14.91 -41.77
N LEU A 128 -28.56 -14.87 -42.72
CA LEU A 128 -29.77 -14.06 -42.61
C LEU A 128 -31.01 -14.95 -42.65
N ASN A 129 -32.06 -14.47 -41.99
CA ASN A 129 -33.37 -15.12 -42.02
C ASN A 129 -34.28 -14.37 -43.00
N ASP A 130 -35.57 -14.72 -42.98
CA ASP A 130 -36.53 -14.20 -43.96
C ASP A 130 -36.75 -12.70 -43.88
N LYS A 131 -36.10 -11.97 -42.96
CA LYS A 131 -36.35 -10.55 -42.79
C LYS A 131 -35.06 -9.74 -42.73
N GLY A 132 -34.06 -10.12 -43.51
CA GLY A 132 -32.77 -9.44 -43.45
C GLY A 132 -32.15 -9.30 -44.82
N LYS A 133 -31.31 -8.28 -44.95
CA LYS A 133 -30.55 -8.04 -46.17
C LYS A 133 -29.27 -7.30 -45.82
N LEU A 134 -28.22 -7.55 -46.60
CA LEU A 134 -26.89 -7.02 -46.35
C LEU A 134 -26.37 -6.30 -47.58
N GLU A 135 -25.75 -5.13 -47.37
CA GLU A 135 -25.19 -4.32 -48.44
C GLU A 135 -23.89 -3.70 -47.95
N VAL A 136 -22.76 -4.20 -48.45
CA VAL A 136 -21.44 -3.78 -47.99
C VAL A 136 -20.60 -3.34 -49.17
N GLU A 137 -19.79 -2.30 -48.97
CA GLU A 137 -18.80 -1.85 -49.94
C GLU A 137 -17.42 -1.91 -49.31
N LEU A 138 -16.48 -2.55 -50.01
CA LEU A 138 -15.12 -2.74 -49.50
C LEU A 138 -14.12 -2.04 -50.40
N VAL A 139 -13.04 -1.54 -49.80
CA VAL A 139 -12.00 -0.82 -50.51
C VAL A 139 -10.70 -1.61 -50.42
N VAL A 140 -10.11 -1.91 -51.57
CA VAL A 140 -8.92 -2.76 -51.67
C VAL A 140 -7.75 -1.91 -52.13
N GLU A 141 -6.63 -1.99 -51.40
CA GLU A 141 -5.44 -1.22 -51.71
C GLU A 141 -4.25 -2.15 -51.80
N ARG A 142 -3.07 -1.56 -52.02
CA ARG A 142 -1.81 -2.29 -52.11
C ARG A 142 -0.83 -1.72 -51.11
N GLY A 143 0.04 -2.59 -50.59
CA GLY A 143 1.00 -2.16 -49.59
C GLY A 143 1.93 -3.26 -49.14
N ARG A 144 2.37 -3.19 -47.88
CA ARG A 144 3.32 -4.14 -47.35
C ARG A 144 3.34 -4.05 -45.84
N GLY A 145 3.39 -5.20 -45.17
CA GLY A 145 3.50 -5.23 -43.73
C GLY A 145 2.19 -5.29 -42.98
N TYR A 146 2.04 -4.46 -41.95
CA TYR A 146 0.80 -4.38 -41.18
C TYR A 146 0.64 -2.95 -40.70
N VAL A 147 -0.43 -2.29 -41.13
CA VAL A 147 -0.71 -0.93 -40.69
C VAL A 147 -2.05 -0.91 -39.96
N PRO A 148 -2.19 -0.15 -38.88
CA PRO A 148 -3.46 -0.15 -38.15
C PRO A 148 -4.54 0.65 -38.86
N ALA A 149 -5.68 0.82 -38.20
CA ALA A 149 -6.78 1.56 -38.80
C ALA A 149 -6.48 3.04 -38.88
N VAL A 150 -6.84 3.66 -40.00
CA VAL A 150 -6.64 5.09 -40.22
C VAL A 150 -7.96 5.80 -39.90
N GLN A 151 -7.93 6.62 -38.86
CA GLN A 151 -9.15 7.25 -38.37
C GLN A 151 -9.79 8.12 -39.44
N ASN A 152 -11.12 8.02 -39.56
CA ASN A 152 -11.83 8.76 -40.60
C ASN A 152 -11.92 10.25 -40.31
N ARG A 153 -11.72 10.66 -39.05
CA ARG A 153 -11.68 12.09 -38.75
C ARG A 153 -10.37 12.73 -39.19
N ALA A 154 -9.34 11.93 -39.45
CA ALA A 154 -8.06 12.44 -39.93
C ALA A 154 -7.90 12.31 -41.44
N SER A 155 -8.96 11.89 -42.14
CA SER A 155 -8.90 11.74 -43.59
C SER A 155 -10.04 12.43 -44.32
N GLY A 156 -11.01 13.02 -43.61
CA GLY A 156 -12.11 13.70 -44.25
C GLY A 156 -13.08 12.77 -44.95
N ALA A 157 -13.75 11.92 -44.19
CA ALA A 157 -14.71 10.97 -44.73
C ALA A 157 -16.04 11.08 -43.98
N GLU A 158 -17.02 10.33 -44.47
CA GLU A 158 -18.37 10.38 -43.94
C GLU A 158 -18.46 9.63 -42.61
N ILE A 159 -19.59 9.78 -41.92
CA ILE A 159 -19.79 9.13 -40.63
C ILE A 159 -19.93 7.62 -40.80
N GLY A 160 -20.58 7.18 -41.87
CA GLY A 160 -20.85 5.76 -42.04
C GLY A 160 -19.67 4.89 -42.35
N ARG A 161 -18.49 5.47 -42.61
CA ARG A 161 -17.32 4.68 -42.96
C ARG A 161 -16.68 4.06 -41.72
N ILE A 162 -16.21 2.82 -41.87
CA ILE A 162 -15.59 2.09 -40.77
C ILE A 162 -14.16 1.69 -41.17
N PRO A 163 -13.14 2.30 -40.58
CA PRO A 163 -11.76 1.87 -40.87
C PRO A 163 -11.49 0.47 -40.32
N VAL A 164 -10.57 -0.24 -41.00
CA VAL A 164 -10.28 -1.63 -40.71
C VAL A 164 -8.78 -1.85 -40.79
N ASP A 165 -8.23 -2.63 -39.86
CA ASP A 165 -6.82 -2.99 -39.89
C ASP A 165 -6.49 -3.82 -41.12
N SER A 166 -5.28 -3.65 -41.64
CA SER A 166 -4.87 -4.30 -42.88
C SER A 166 -3.61 -5.14 -42.65
N ILE A 167 -3.61 -6.35 -43.20
CA ILE A 167 -2.47 -7.26 -43.13
C ILE A 167 -2.13 -7.66 -44.57
N TYR A 168 -1.05 -7.11 -45.10
CA TYR A 168 -0.69 -7.28 -46.49
C TYR A 168 0.20 -8.49 -46.77
N SER A 169 0.63 -9.20 -45.74
CA SER A 169 1.60 -10.28 -45.94
C SER A 169 0.93 -11.49 -46.57
N PRO A 170 1.43 -12.00 -47.69
CA PRO A 170 0.85 -13.20 -48.32
C PRO A 170 1.55 -14.52 -47.97
N VAL A 171 2.49 -14.54 -47.03
CA VAL A 171 3.27 -15.73 -46.71
C VAL A 171 2.81 -16.28 -45.38
N LEU A 172 2.70 -17.61 -45.28
CA LEU A 172 2.14 -18.28 -44.12
C LEU A 172 3.20 -18.82 -43.17
N LYS A 173 4.07 -19.71 -43.65
CA LYS A 173 5.00 -20.43 -42.78
C LYS A 173 6.28 -20.75 -43.54
N VAL A 174 7.42 -20.48 -42.91
CA VAL A 174 8.73 -20.74 -43.51
C VAL A 174 9.59 -21.49 -42.50
N THR A 175 10.40 -22.42 -42.99
CA THR A 175 11.32 -23.19 -42.15
C THR A 175 12.46 -23.68 -43.03
N TYR A 176 13.53 -24.13 -42.37
CA TYR A 176 14.70 -24.61 -43.09
C TYR A 176 15.39 -25.70 -42.28
N LYS A 177 16.20 -26.49 -42.99
CA LYS A 177 16.94 -27.60 -42.39
C LYS A 177 18.26 -27.74 -43.12
N VAL A 178 19.34 -27.98 -42.38
CA VAL A 178 20.69 -28.04 -42.92
C VAL A 178 21.27 -29.43 -42.66
N ASP A 179 21.80 -30.06 -43.71
CA ASP A 179 22.49 -31.33 -43.61
C ASP A 179 23.97 -31.11 -43.93
N ALA A 180 24.84 -31.43 -42.99
CA ALA A 180 26.25 -31.07 -43.07
C ALA A 180 27.11 -32.32 -43.26
N THR A 181 27.93 -32.31 -44.29
CA THR A 181 28.88 -33.38 -44.55
C THR A 181 30.21 -33.02 -43.90
N ARG A 182 30.62 -33.78 -42.89
CA ARG A 182 31.83 -33.48 -42.14
C ARG A 182 32.76 -34.69 -42.12
N VAL A 183 32.94 -35.33 -43.28
CA VAL A 183 33.83 -36.46 -43.41
C VAL A 183 35.27 -35.96 -43.33
N GLU A 184 36.22 -36.88 -43.19
CA GLU A 184 37.62 -36.51 -43.05
C GLU A 184 38.16 -36.01 -44.39
N GLN A 185 39.47 -35.81 -44.45
CA GLN A 185 40.22 -35.22 -45.56
C GLN A 185 39.91 -33.74 -45.75
N ARG A 186 39.14 -33.13 -44.85
CA ARG A 186 38.89 -31.68 -44.84
C ARG A 186 38.30 -31.19 -46.17
N THR A 187 37.36 -31.96 -46.72
CA THR A 187 36.57 -31.54 -47.87
C THR A 187 35.10 -31.56 -47.45
N ASP A 188 34.65 -30.45 -46.89
CA ASP A 188 33.35 -30.36 -46.24
C ASP A 188 32.49 -29.31 -46.92
N PHE A 189 31.18 -29.53 -46.88
CA PHE A 189 30.22 -28.61 -47.49
C PHE A 189 28.89 -28.77 -46.77
N ASP A 190 28.00 -27.80 -46.98
CA ASP A 190 26.69 -27.78 -46.37
C ASP A 190 25.61 -27.81 -47.45
N LYS A 191 24.44 -28.30 -47.08
CA LYS A 191 23.28 -28.34 -47.96
C LYS A 191 22.10 -27.72 -47.23
N LEU A 192 21.39 -26.82 -47.90
CA LEU A 192 20.26 -26.11 -47.33
C LEU A 192 18.98 -26.53 -48.03
N ILE A 193 17.91 -26.72 -47.26
CA ILE A 193 16.58 -27.01 -47.78
C ILE A 193 15.61 -26.03 -47.15
N LEU A 194 14.89 -25.28 -47.99
CA LEU A 194 13.92 -24.30 -47.54
C LEU A 194 12.50 -24.75 -47.88
N ASP A 195 11.54 -24.40 -47.02
CA ASP A 195 10.13 -24.66 -47.28
C ASP A 195 9.36 -23.35 -47.18
N VAL A 196 8.55 -23.07 -48.19
CA VAL A 196 7.75 -21.85 -48.24
C VAL A 196 6.29 -22.24 -48.43
N GLU A 197 5.42 -21.67 -47.60
CA GLU A 197 3.98 -21.86 -47.71
C GLU A 197 3.31 -20.50 -47.79
N THR A 198 2.41 -20.32 -48.75
CA THR A 198 1.81 -19.03 -49.04
C THR A 198 0.31 -19.08 -48.79
N LYS A 199 -0.36 -17.97 -49.11
CA LYS A 199 -1.79 -17.79 -48.87
C LYS A 199 -2.60 -17.80 -50.16
N ASN A 200 -2.12 -18.51 -51.18
CA ASN A 200 -2.84 -18.70 -52.44
C ASN A 200 -2.95 -17.41 -53.24
N SER A 201 -2.48 -16.28 -52.68
CA SER A 201 -2.46 -15.04 -53.42
C SER A 201 -1.21 -14.94 -54.29
N ILE A 202 -0.13 -15.63 -53.91
CA ILE A 202 1.12 -15.61 -54.62
C ILE A 202 1.66 -17.02 -54.71
N SER A 203 2.54 -17.24 -55.68
CA SER A 203 3.16 -18.56 -55.79
C SER A 203 4.35 -18.66 -54.85
N PRO A 204 4.70 -19.87 -54.41
CA PRO A 204 5.88 -20.02 -53.54
C PRO A 204 7.19 -19.64 -54.21
N ARG A 205 7.25 -19.62 -55.54
CA ARG A 205 8.47 -19.25 -56.26
C ARG A 205 8.52 -17.78 -56.63
N ASP A 206 7.53 -16.98 -56.22
CA ASP A 206 7.53 -15.55 -56.45
C ASP A 206 7.89 -14.75 -55.21
N ALA A 207 7.46 -15.21 -54.03
CA ALA A 207 7.91 -14.60 -52.79
C ALA A 207 9.42 -14.71 -52.65
N LEU A 208 9.98 -15.86 -53.05
CA LEU A 208 11.43 -16.02 -53.02
C LEU A 208 12.11 -15.02 -53.95
N ALA A 209 11.54 -14.79 -55.12
CA ALA A 209 12.12 -13.81 -56.04
C ALA A 209 12.07 -12.40 -55.47
N SER A 210 10.96 -12.03 -54.82
CA SER A 210 10.89 -10.71 -54.20
C SER A 210 11.93 -10.56 -53.11
N ALA A 211 12.08 -11.58 -52.27
CA ALA A 211 13.09 -11.53 -51.21
C ALA A 211 14.49 -11.45 -51.80
N GLY A 212 14.74 -12.19 -52.88
CA GLY A 212 16.04 -12.14 -53.52
C GLY A 212 16.37 -10.77 -54.07
N LYS A 213 15.39 -10.13 -54.72
CA LYS A 213 15.61 -8.77 -55.21
C LYS A 213 15.91 -7.80 -54.07
N THR A 214 15.13 -7.89 -52.99
CA THR A 214 15.37 -7.02 -51.84
C THR A 214 16.78 -7.21 -51.28
N LEU A 215 17.20 -8.46 -51.09
CA LEU A 215 18.50 -8.71 -50.48
C LEU A 215 19.65 -8.34 -51.42
N VAL A 216 19.48 -8.56 -52.72
CA VAL A 216 20.52 -8.17 -53.67
C VAL A 216 20.68 -6.66 -53.70
N GLU A 217 19.58 -5.92 -53.60
CA GLU A 217 19.70 -4.47 -53.59
C GLU A 217 20.29 -3.96 -52.28
N LEU A 218 19.98 -4.61 -51.16
CA LEU A 218 20.50 -4.13 -49.87
C LEU A 218 22.00 -4.38 -49.75
N PHE A 219 22.47 -5.56 -50.13
CA PHE A 219 23.87 -5.92 -49.96
C PHE A 219 24.78 -5.24 -50.97
N GLY A 220 24.23 -4.44 -51.87
CA GLY A 220 25.01 -3.71 -52.85
C GLY A 220 25.56 -2.39 -52.37
N LEU A 221 25.27 -1.99 -51.13
CA LEU A 221 25.79 -0.76 -50.57
C LEU A 221 27.15 -0.95 -49.88
N ALA A 222 27.66 -2.18 -49.85
CA ALA A 222 29.02 -2.43 -49.41
C ALA A 222 29.98 -2.65 -50.57
N ARG A 223 29.50 -3.24 -51.66
CA ARG A 223 30.31 -3.46 -52.85
C ARG A 223 30.63 -2.17 -53.60
N GLU A 224 30.01 -1.06 -53.23
CA GLU A 224 30.32 0.22 -53.86
C GLU A 224 31.67 0.77 -53.47
N LEU A 225 32.35 0.16 -52.49
CA LEU A 225 33.68 0.61 -52.09
C LEU A 225 34.72 0.45 -53.18
N ASN A 226 34.41 -0.31 -54.24
CA ASN A 226 35.32 -0.49 -55.36
C ASN A 226 35.54 0.82 -56.12
N MET B 1 7.89 -0.37 -54.62
CA MET B 1 7.93 0.42 -53.39
C MET B 1 9.24 1.20 -53.29
N LEU B 2 9.25 2.19 -52.39
CA LEU B 2 10.43 3.00 -52.14
C LEU B 2 10.74 2.99 -50.65
N ILE B 3 12.03 2.93 -50.32
CA ILE B 3 12.44 2.89 -48.92
C ILE B 3 12.10 4.20 -48.21
N SER B 4 12.29 5.33 -48.91
CA SER B 4 12.06 6.71 -48.46
C SER B 4 13.16 7.22 -47.54
N GLN B 5 14.14 6.39 -47.17
CA GLN B 5 15.30 6.88 -46.41
C GLN B 5 16.47 5.98 -46.76
N ARG B 6 17.29 6.43 -47.71
CA ARG B 6 18.36 5.58 -48.25
C ARG B 6 19.49 5.45 -47.24
N PRO B 7 19.89 4.23 -46.88
CA PRO B 7 21.01 4.06 -45.94
C PRO B 7 22.33 4.42 -46.59
N THR B 8 23.30 4.76 -45.72
CA THR B 8 24.63 5.11 -46.17
C THR B 8 25.66 4.42 -45.28
N LEU B 9 26.86 4.22 -45.83
CA LEU B 9 27.95 3.53 -45.15
C LEU B 9 29.11 4.49 -44.96
N SER B 10 29.64 4.55 -43.73
CA SER B 10 30.76 5.42 -43.40
C SER B 10 31.82 4.62 -42.67
N GLU B 11 33.06 5.10 -42.77
CA GLU B 11 34.21 4.39 -42.23
C GLU B 11 34.97 5.26 -41.24
N ASP B 12 35.41 4.64 -40.14
CA ASP B 12 36.28 5.27 -39.15
C ASP B 12 37.50 4.40 -38.97
N VAL B 13 38.69 5.01 -39.05
CA VAL B 13 39.94 4.28 -39.06
C VAL B 13 40.63 4.46 -37.71
N LEU B 14 40.96 3.34 -37.06
CA LEU B 14 41.65 3.35 -35.78
C LEU B 14 43.12 2.97 -35.90
N THR B 15 43.46 2.11 -36.85
CA THR B 15 44.82 1.62 -37.05
C THR B 15 44.94 1.22 -38.51
N ASP B 16 46.17 0.99 -38.97
CA ASP B 16 46.36 0.52 -40.34
C ASP B 16 45.78 -0.87 -40.57
N ASN B 17 45.42 -1.59 -39.51
CA ASN B 17 44.83 -2.91 -39.61
C ASN B 17 43.53 -3.02 -38.81
N ARG B 18 42.82 -1.91 -38.65
CA ARG B 18 41.56 -1.92 -37.92
C ARG B 18 40.69 -0.79 -38.44
N SER B 19 39.38 -0.92 -38.23
CA SER B 19 38.41 0.06 -38.71
C SER B 19 37.11 -0.14 -37.96
N GLN B 20 36.11 0.67 -38.31
CA GLN B 20 34.79 0.59 -37.70
C GLN B 20 33.79 1.18 -38.69
N PHE B 21 32.97 0.34 -39.30
CA PHE B 21 32.00 0.77 -40.29
C PHE B 21 30.63 0.93 -39.66
N VAL B 22 29.87 1.90 -40.18
CA VAL B 22 28.53 2.19 -39.69
C VAL B 22 27.57 2.24 -40.87
N ILE B 23 26.44 1.55 -40.76
CA ILE B 23 25.39 1.58 -41.77
C ILE B 23 24.10 2.02 -41.10
N GLU B 24 23.51 3.09 -41.59
CA GLU B 24 22.30 3.66 -41.00
C GLU B 24 21.71 4.66 -42.00
N PRO B 25 20.40 4.94 -41.90
CA PRO B 25 19.40 4.35 -41.00
C PRO B 25 18.69 3.16 -41.63
N LEU B 26 18.87 1.98 -41.06
CA LEU B 26 18.26 0.78 -41.61
C LEU B 26 16.82 0.64 -41.15
N GLU B 27 16.01 0.04 -41.99
CA GLU B 27 14.59 -0.12 -41.70
C GLU B 27 14.43 -1.04 -40.48
N PRO B 28 13.32 -0.91 -39.75
CA PRO B 28 13.17 -1.70 -38.51
C PRO B 28 13.34 -3.19 -38.71
N GLY B 29 14.24 -3.80 -37.95
CA GLY B 29 14.50 -5.21 -38.02
C GLY B 29 15.53 -5.64 -39.06
N PHE B 30 16.00 -4.71 -39.89
CA PHE B 30 16.96 -5.05 -40.94
C PHE B 30 18.40 -4.99 -40.48
N GLY B 31 18.66 -4.59 -39.24
CA GLY B 31 20.02 -4.60 -38.72
C GLY B 31 20.50 -5.95 -38.27
N TYR B 32 19.59 -6.92 -38.10
CA TYR B 32 19.96 -8.28 -37.75
C TYR B 32 20.02 -9.20 -38.95
N THR B 33 19.36 -8.86 -40.05
CA THR B 33 19.49 -9.64 -41.27
C THR B 33 20.87 -9.46 -41.90
N LEU B 34 21.48 -8.30 -41.70
CA LEU B 34 22.75 -7.99 -42.36
C LEU B 34 23.95 -8.44 -41.52
N GLY B 35 23.85 -8.29 -40.19
CA GLY B 35 25.05 -8.39 -39.36
C GLY B 35 25.65 -9.78 -39.36
N ASN B 36 24.83 -10.81 -39.11
CA ASN B 36 25.37 -12.16 -38.96
C ASN B 36 25.90 -12.68 -40.29
N SER B 37 25.16 -12.44 -41.39
CA SER B 37 25.63 -12.88 -42.69
C SER B 37 26.91 -12.16 -43.10
N LEU B 38 26.99 -10.86 -42.83
CA LEU B 38 28.21 -10.12 -43.15
C LEU B 38 29.40 -10.64 -42.35
N ARG B 39 29.20 -10.89 -41.05
CA ARG B 39 30.29 -11.38 -40.22
C ARG B 39 30.77 -12.75 -40.69
N ARG B 40 29.83 -13.66 -40.96
CA ARG B 40 30.22 -15.00 -41.41
C ARG B 40 30.91 -14.96 -42.77
N THR B 41 30.39 -14.15 -43.71
CA THR B 41 31.02 -14.06 -45.02
C THR B 41 32.42 -13.48 -44.92
N LEU B 42 32.61 -12.46 -44.08
CA LEU B 42 33.94 -11.90 -43.90
C LEU B 42 34.89 -12.93 -43.31
N LEU B 43 34.42 -13.68 -42.31
CA LEU B 43 35.30 -14.55 -41.56
C LEU B 43 35.66 -15.84 -42.29
N SER B 44 34.78 -16.37 -43.16
CA SER B 44 35.04 -17.70 -43.68
C SER B 44 34.76 -17.84 -45.18
N SER B 45 35.00 -16.78 -45.96
CA SER B 45 34.79 -16.86 -47.40
C SER B 45 35.89 -16.24 -48.25
N ILE B 46 36.76 -15.42 -47.68
CA ILE B 46 37.83 -14.78 -48.46
C ILE B 46 39.01 -15.74 -48.56
N PRO B 47 39.51 -16.02 -49.76
CA PRO B 47 40.62 -16.97 -49.89
C PRO B 47 41.93 -16.38 -49.38
N GLY B 48 42.84 -17.28 -49.03
CA GLY B 48 44.14 -16.88 -48.52
C GLY B 48 45.07 -18.08 -48.50
N ALA B 49 46.30 -17.83 -48.07
CA ALA B 49 47.34 -18.84 -48.02
C ALA B 49 47.93 -18.95 -46.62
N ALA B 50 48.37 -20.16 -46.26
CA ALA B 50 48.94 -20.40 -44.95
C ALA B 50 49.80 -21.66 -45.00
N VAL B 51 50.63 -21.82 -43.99
CA VAL B 51 51.49 -22.99 -43.86
C VAL B 51 50.68 -24.15 -43.28
N THR B 52 50.77 -25.31 -43.92
CA THR B 52 49.97 -26.46 -43.53
C THR B 52 50.75 -27.60 -42.90
N SER B 53 52.06 -27.69 -43.12
CA SER B 53 52.85 -28.76 -42.53
C SER B 53 54.29 -28.31 -42.39
N ILE B 54 55.00 -28.93 -41.43
CA ILE B 54 56.41 -28.65 -41.18
C ILE B 54 57.15 -29.97 -41.11
N ARG B 55 58.47 -29.89 -41.24
CA ARG B 55 59.34 -31.07 -41.17
C ARG B 55 60.71 -30.61 -40.70
N ILE B 56 61.04 -30.88 -39.44
CA ILE B 56 62.30 -30.49 -38.84
C ILE B 56 63.12 -31.75 -38.57
N ASP B 57 64.35 -31.76 -39.06
CA ASP B 57 65.20 -32.94 -38.92
C ASP B 57 65.68 -33.10 -37.48
N GLY B 58 66.04 -34.34 -37.13
CA GLY B 58 66.48 -34.66 -35.79
C GLY B 58 65.38 -34.92 -34.79
N VAL B 59 64.12 -34.77 -35.19
CA VAL B 59 62.97 -34.99 -34.32
C VAL B 59 62.04 -35.95 -35.07
N LEU B 60 62.18 -37.25 -34.82
CA LEU B 60 61.46 -38.28 -35.56
C LEU B 60 60.47 -39.04 -34.70
N HIS B 61 60.92 -39.65 -33.60
CA HIS B 61 60.05 -40.54 -32.85
C HIS B 61 59.30 -39.82 -31.74
N GLU B 62 59.96 -38.94 -31.00
CA GLU B 62 59.33 -38.17 -29.95
C GLU B 62 59.46 -36.68 -30.24
N PHE B 63 58.44 -35.91 -29.88
CA PHE B 63 58.43 -34.45 -30.07
C PHE B 63 58.36 -33.81 -28.69
N THR B 64 59.51 -33.63 -28.06
CA THR B 64 59.58 -32.91 -26.79
C THR B 64 60.69 -31.86 -26.82
N THR B 65 61.77 -32.14 -27.54
CA THR B 65 62.90 -31.23 -27.61
C THR B 65 63.64 -31.45 -28.92
N VAL B 66 64.36 -30.42 -29.36
CA VAL B 66 65.20 -30.50 -30.54
C VAL B 66 66.60 -30.02 -30.16
N PRO B 67 67.64 -30.81 -30.43
CA PRO B 67 68.99 -30.44 -29.98
C PRO B 67 69.56 -29.30 -30.80
N GLY B 68 69.86 -28.19 -30.12
CA GLY B 68 70.49 -27.05 -30.78
C GLY B 68 69.87 -25.71 -30.45
N VAL B 69 68.56 -25.67 -30.22
CA VAL B 69 67.84 -24.43 -30.03
C VAL B 69 67.42 -24.32 -28.57
N LYS B 70 66.93 -23.13 -28.22
CA LYS B 70 66.50 -22.80 -26.87
C LYS B 70 65.01 -23.01 -26.66
N GLU B 71 64.26 -23.35 -27.70
CA GLU B 71 62.82 -23.52 -27.62
C GLU B 71 62.46 -24.99 -27.78
N ASP B 72 61.18 -25.29 -27.58
CA ASP B 72 60.64 -26.62 -27.80
C ASP B 72 59.87 -26.64 -29.12
N VAL B 73 59.33 -27.80 -29.47
CA VAL B 73 58.61 -27.92 -30.74
C VAL B 73 57.31 -27.15 -30.71
N THR B 74 56.63 -27.10 -29.57
CA THR B 74 55.34 -26.40 -29.50
C THR B 74 55.51 -24.90 -29.75
N GLU B 75 56.53 -24.29 -29.15
CA GLU B 75 56.74 -22.86 -29.36
C GLU B 75 57.16 -22.56 -30.80
N ILE B 76 57.96 -23.44 -31.40
CA ILE B 76 58.32 -23.25 -32.81
C ILE B 76 57.09 -23.35 -33.69
N ILE B 77 56.21 -24.31 -33.40
CA ILE B 77 54.99 -24.46 -34.18
C ILE B 77 54.11 -23.23 -34.03
N LEU B 78 53.99 -22.71 -32.82
CA LEU B 78 53.18 -21.51 -32.61
C LEU B 78 53.79 -20.30 -33.31
N ASN B 79 55.11 -20.18 -33.31
CA ASN B 79 55.76 -19.11 -34.03
C ASN B 79 55.51 -19.21 -35.53
N LEU B 80 55.53 -20.43 -36.07
CA LEU B 80 55.32 -20.62 -37.50
C LEU B 80 53.87 -20.40 -37.92
N LYS B 81 52.92 -20.73 -37.04
CA LYS B 81 51.51 -20.58 -37.40
C LYS B 81 51.08 -19.12 -37.48
N SER B 82 51.92 -18.18 -37.06
CA SER B 82 51.61 -16.76 -37.14
C SER B 82 52.36 -16.07 -38.28
N LEU B 83 52.59 -16.78 -39.37
CA LEU B 83 53.32 -16.25 -40.52
C LEU B 83 52.33 -15.74 -41.56
N VAL B 84 52.52 -14.50 -41.98
CA VAL B 84 51.67 -13.89 -43.01
C VAL B 84 52.30 -14.21 -44.37
N VAL B 85 51.70 -15.15 -45.09
CA VAL B 85 52.21 -15.62 -46.37
C VAL B 85 51.12 -15.42 -47.41
N SER B 86 51.49 -14.84 -48.55
CA SER B 86 50.60 -14.70 -49.69
C SER B 86 51.18 -15.50 -50.85
N SER B 87 50.39 -16.43 -51.38
CA SER B 87 50.84 -17.32 -52.45
C SER B 87 49.90 -17.20 -53.64
N GLU B 88 50.46 -17.33 -54.84
CA GLU B 88 49.69 -17.21 -56.08
C GLU B 88 49.43 -18.54 -56.76
N GLU B 89 50.43 -19.42 -56.82
CA GLU B 89 50.26 -20.72 -57.46
C GLU B 89 49.36 -21.60 -56.60
N ASP B 90 48.40 -22.26 -57.25
CA ASP B 90 47.41 -23.05 -56.52
C ASP B 90 48.03 -24.33 -55.95
N GLU B 91 48.92 -24.96 -56.70
CA GLU B 91 49.54 -26.20 -56.22
C GLU B 91 50.45 -25.90 -55.03
N PRO B 92 50.55 -26.84 -54.08
CA PRO B 92 51.39 -26.60 -52.90
C PRO B 92 52.85 -26.36 -53.28
N VAL B 93 53.49 -25.44 -52.55
CA VAL B 93 54.87 -25.06 -52.78
C VAL B 93 55.67 -25.43 -51.53
N THR B 94 56.97 -25.67 -51.72
CA THR B 94 57.86 -26.06 -50.65
C THR B 94 59.00 -25.08 -50.52
N MET B 95 59.30 -24.67 -49.28
CA MET B 95 60.38 -23.73 -48.99
C MET B 95 61.30 -24.35 -47.93
N TYR B 96 62.49 -23.77 -47.80
CA TYR B 96 63.50 -24.29 -46.89
C TYR B 96 64.04 -23.16 -46.01
N LEU B 97 64.51 -23.55 -44.82
CA LEU B 97 65.07 -22.62 -43.85
C LEU B 97 66.38 -23.20 -43.33
N ARG B 98 67.48 -22.47 -43.55
CA ARG B 98 68.81 -22.92 -43.13
C ARG B 98 69.56 -21.74 -42.55
N LYS B 99 69.70 -21.69 -41.23
CA LYS B 99 70.49 -20.67 -40.56
C LYS B 99 71.47 -21.37 -39.63
N GLN B 100 72.74 -21.00 -39.70
CA GLN B 100 73.80 -21.65 -38.96
C GLN B 100 74.57 -20.64 -38.11
N GLY B 101 75.10 -21.12 -36.99
CA GLY B 101 75.90 -20.30 -36.12
C GLY B 101 75.10 -19.65 -35.02
N PRO B 102 75.78 -19.20 -33.97
CA PRO B 102 75.08 -18.53 -32.87
C PRO B 102 74.36 -17.28 -33.33
N GLY B 103 73.21 -17.02 -32.70
CA GLY B 103 72.37 -15.89 -33.08
C GLY B 103 70.96 -16.32 -33.40
N GLU B 104 70.00 -15.42 -33.20
CA GLU B 104 68.60 -15.74 -33.44
C GLU B 104 68.33 -15.83 -34.94
N VAL B 105 67.32 -16.64 -35.29
CA VAL B 105 66.89 -16.83 -36.66
C VAL B 105 65.48 -16.27 -36.79
N THR B 106 65.29 -15.36 -37.74
CA THR B 106 64.03 -14.66 -37.93
C THR B 106 63.36 -15.11 -39.23
N ALA B 107 62.16 -14.59 -39.46
CA ALA B 107 61.38 -14.97 -40.64
C ALA B 107 61.95 -14.41 -41.94
N GLY B 108 62.95 -13.51 -41.87
CA GLY B 108 63.54 -13.00 -43.08
C GLY B 108 64.40 -14.01 -43.81
N ASP B 109 64.88 -15.03 -43.09
CA ASP B 109 65.73 -16.06 -43.68
C ASP B 109 64.86 -17.24 -44.11
N ILE B 110 64.14 -17.04 -45.20
CA ILE B 110 63.27 -18.08 -45.76
C ILE B 110 63.55 -18.39 -47.22
N VAL B 111 64.10 -17.44 -47.99
CA VAL B 111 64.36 -17.53 -49.42
C VAL B 111 63.20 -18.27 -50.12
N PRO B 112 62.04 -17.62 -50.24
CA PRO B 112 60.88 -18.31 -50.78
C PRO B 112 61.00 -18.46 -52.29
N PRO B 113 60.33 -19.45 -52.88
CA PRO B 113 60.30 -19.57 -54.34
C PRO B 113 59.54 -18.43 -54.99
N ALA B 114 59.76 -18.25 -56.28
CA ALA B 114 59.07 -17.23 -57.04
C ALA B 114 57.59 -17.55 -57.13
N GLY B 115 56.74 -16.65 -56.66
CA GLY B 115 55.31 -16.85 -56.60
C GLY B 115 54.72 -16.82 -55.21
N VAL B 116 55.55 -16.83 -54.16
CA VAL B 116 55.08 -16.73 -52.78
C VAL B 116 55.90 -15.66 -52.08
N THR B 117 55.22 -14.78 -51.34
CA THR B 117 55.85 -13.66 -50.65
C THR B 117 55.59 -13.75 -49.16
N VAL B 118 56.48 -13.14 -48.38
CA VAL B 118 56.37 -13.07 -46.94
C VAL B 118 56.25 -11.61 -46.53
N HIS B 119 55.22 -11.30 -45.75
CA HIS B 119 54.89 -9.91 -45.43
C HIS B 119 55.31 -9.47 -44.04
N ASN B 120 55.96 -10.35 -43.26
CA ASN B 120 56.50 -9.98 -41.94
C ASN B 120 57.91 -10.52 -41.82
N PRO B 121 58.88 -9.90 -42.51
CA PRO B 121 60.27 -10.39 -42.42
C PRO B 121 60.83 -10.31 -41.02
N GLY B 122 60.44 -9.32 -40.23
CA GLY B 122 60.99 -9.15 -38.90
C GLY B 122 60.21 -9.83 -37.80
N MET B 123 60.17 -11.15 -37.81
CA MET B 123 59.51 -11.92 -36.77
C MET B 123 60.47 -12.96 -36.21
N HIS B 124 60.48 -13.10 -34.88
CA HIS B 124 61.33 -14.08 -34.23
C HIS B 124 60.71 -15.46 -34.33
N ILE B 125 61.53 -16.44 -34.74
CA ILE B 125 61.12 -17.84 -34.79
C ILE B 125 61.79 -18.66 -33.71
N ALA B 126 63.12 -18.59 -33.63
CA ALA B 126 63.88 -19.32 -32.63
C ALA B 126 65.20 -18.61 -32.42
N THR B 127 65.88 -18.96 -31.32
CA THR B 127 67.20 -18.42 -31.02
C THR B 127 68.20 -19.57 -30.96
N LEU B 128 69.33 -19.39 -31.63
CA LEU B 128 70.37 -20.40 -31.74
C LEU B 128 71.58 -19.91 -30.96
N ASN B 129 71.84 -20.53 -29.80
CA ASN B 129 73.00 -20.14 -28.99
C ASN B 129 73.67 -21.35 -28.37
N ASP B 130 73.57 -22.51 -29.01
CA ASP B 130 74.20 -23.74 -28.51
C ASP B 130 74.99 -24.44 -29.61
N LYS B 131 75.54 -23.67 -30.55
CA LYS B 131 76.33 -24.19 -31.66
C LYS B 131 75.57 -25.26 -32.44
N GLY B 132 74.27 -25.01 -32.65
CA GLY B 132 73.40 -25.95 -33.32
C GLY B 132 73.11 -25.56 -34.77
N LYS B 133 72.35 -26.43 -35.42
CA LYS B 133 71.92 -26.23 -36.80
C LYS B 133 70.41 -26.39 -36.89
N LEU B 134 69.77 -25.56 -37.70
CA LEU B 134 68.33 -25.61 -37.90
C LEU B 134 68.05 -25.87 -39.37
N GLU B 135 67.19 -26.87 -39.64
CA GLU B 135 66.81 -27.22 -41.00
C GLU B 135 65.33 -27.63 -40.97
N VAL B 136 64.46 -26.73 -41.44
CA VAL B 136 63.03 -26.95 -41.43
C VAL B 136 62.49 -26.82 -42.85
N GLU B 137 61.61 -27.75 -43.23
CA GLU B 137 60.93 -27.73 -44.51
C GLU B 137 59.47 -27.38 -44.30
N LEU B 138 58.96 -26.44 -45.08
CA LEU B 138 57.61 -25.94 -44.93
C LEU B 138 56.81 -26.15 -46.22
N VAL B 139 55.54 -26.47 -46.07
CA VAL B 139 54.61 -26.64 -47.18
C VAL B 139 53.48 -25.62 -47.02
N VAL B 140 53.22 -24.85 -48.06
CA VAL B 140 52.25 -23.76 -48.04
C VAL B 140 51.23 -23.99 -49.14
N GLU B 141 49.95 -23.91 -48.79
CA GLU B 141 48.84 -24.07 -49.72
C GLU B 141 47.95 -22.83 -49.65
N ARG B 142 46.79 -22.89 -50.32
CA ARG B 142 45.80 -21.83 -50.26
C ARG B 142 44.42 -22.42 -50.02
N GLY B 143 43.56 -21.62 -49.40
CA GLY B 143 42.22 -22.06 -49.09
C GLY B 143 41.43 -20.93 -48.47
N ARG B 144 40.44 -21.29 -47.66
CA ARG B 144 39.62 -20.29 -46.98
C ARG B 144 39.08 -20.87 -45.68
N GLY B 145 39.05 -20.04 -44.65
CA GLY B 145 38.49 -20.44 -43.37
C GLY B 145 39.52 -20.85 -42.34
N TYR B 146 39.13 -21.72 -41.41
CA TYR B 146 40.03 -22.29 -40.42
C TYR B 146 39.92 -23.80 -40.51
N VAL B 147 40.93 -24.45 -41.07
CA VAL B 147 40.95 -25.89 -41.28
C VAL B 147 41.85 -26.51 -40.22
N PRO B 148 41.33 -27.36 -39.33
CA PRO B 148 42.18 -27.95 -38.29
C PRO B 148 43.22 -28.90 -38.85
N ALA B 149 44.02 -29.49 -37.95
CA ALA B 149 45.08 -30.41 -38.38
C ALA B 149 44.51 -31.61 -39.10
N VAL B 150 45.10 -31.96 -40.23
CA VAL B 150 44.64 -33.10 -41.03
C VAL B 150 45.59 -34.26 -40.73
N GLN B 151 45.17 -35.14 -39.82
CA GLN B 151 45.98 -36.30 -39.45
C GLN B 151 45.98 -37.26 -40.63
N ASN B 152 47.09 -37.27 -41.39
CA ASN B 152 47.19 -38.06 -42.60
C ASN B 152 47.80 -39.41 -42.29
N ARG B 153 47.11 -40.47 -42.70
CA ARG B 153 47.62 -41.83 -42.59
C ARG B 153 48.38 -42.24 -43.84
N ALA B 154 49.38 -41.44 -44.21
CA ALA B 154 50.15 -41.71 -45.42
C ALA B 154 50.92 -43.02 -45.30
N SER B 155 51.66 -43.18 -44.21
CA SER B 155 52.43 -44.39 -43.93
C SER B 155 53.35 -44.74 -45.09
N GLY B 156 54.29 -43.83 -45.37
CA GLY B 156 55.25 -44.03 -46.43
C GLY B 156 55.53 -42.78 -47.23
N ALA B 157 54.53 -41.92 -47.40
CA ALA B 157 54.76 -40.63 -48.05
C ALA B 157 55.48 -39.66 -47.12
N GLU B 158 55.41 -39.90 -45.81
CA GLU B 158 56.11 -39.08 -44.83
C GLU B 158 56.22 -39.88 -43.54
N ILE B 159 57.34 -39.68 -42.85
CA ILE B 159 57.55 -40.31 -41.54
C ILE B 159 57.83 -39.32 -40.43
N GLY B 160 58.30 -38.11 -40.74
CA GLY B 160 58.57 -37.11 -39.71
C GLY B 160 57.77 -35.84 -39.90
N ARG B 161 56.88 -35.83 -40.88
CA ARG B 161 56.05 -34.66 -41.13
C ARG B 161 55.09 -34.42 -39.97
N ILE B 162 54.81 -33.14 -39.72
CA ILE B 162 53.90 -32.75 -38.65
C ILE B 162 52.80 -31.88 -39.23
N PRO B 163 51.54 -32.33 -39.22
CA PRO B 163 50.45 -31.47 -39.69
C PRO B 163 50.03 -30.46 -38.63
N VAL B 164 49.76 -29.24 -39.07
CA VAL B 164 49.40 -28.15 -38.18
C VAL B 164 48.12 -27.49 -38.68
N ASP B 165 47.47 -26.77 -37.78
CA ASP B 165 46.25 -26.05 -38.13
C ASP B 165 46.56 -24.92 -39.11
N SER B 166 45.64 -24.68 -40.03
CA SER B 166 45.83 -23.68 -41.07
C SER B 166 44.83 -22.54 -40.89
N ILE B 167 45.33 -21.31 -40.85
CA ILE B 167 44.48 -20.13 -40.83
C ILE B 167 44.58 -19.46 -42.18
N TYR B 168 43.68 -19.82 -43.10
CA TYR B 168 43.69 -19.26 -44.43
C TYR B 168 43.11 -17.85 -44.47
N SER B 169 42.16 -17.54 -43.60
CA SER B 169 41.40 -16.31 -43.70
C SER B 169 42.29 -15.10 -43.40
N PRO B 170 42.36 -14.12 -44.29
CA PRO B 170 43.10 -12.88 -43.96
C PRO B 170 42.50 -12.08 -42.82
N VAL B 171 41.23 -12.28 -42.50
CA VAL B 171 40.57 -11.55 -41.42
C VAL B 171 40.74 -12.34 -40.13
N LEU B 172 40.93 -11.61 -39.02
CA LEU B 172 41.22 -12.22 -37.73
C LEU B 172 40.08 -12.12 -36.73
N LYS B 173 39.50 -10.94 -36.56
CA LYS B 173 38.42 -10.75 -35.58
C LYS B 173 37.36 -9.84 -36.15
N VAL B 174 36.09 -10.22 -35.99
CA VAL B 174 34.94 -9.43 -36.42
C VAL B 174 33.89 -9.47 -35.32
N THR B 175 33.30 -8.31 -35.01
CA THR B 175 32.19 -8.22 -34.08
C THR B 175 31.22 -7.14 -34.58
N TYR B 176 29.97 -7.22 -34.13
CA TYR B 176 28.95 -6.28 -34.58
C TYR B 176 28.00 -5.96 -33.45
N LYS B 177 27.29 -4.84 -33.59
CA LYS B 177 26.31 -4.38 -32.63
C LYS B 177 25.20 -3.63 -33.35
N VAL B 178 24.02 -3.60 -32.74
CA VAL B 178 22.85 -2.94 -33.31
C VAL B 178 22.27 -1.97 -32.29
N ASP B 179 21.99 -0.75 -32.73
CA ASP B 179 21.43 0.29 -31.88
C ASP B 179 20.15 0.83 -32.50
N ALA B 180 19.63 1.90 -31.93
CA ALA B 180 18.38 2.51 -32.36
C ALA B 180 18.58 3.97 -32.69
N THR B 181 17.81 4.46 -33.65
CA THR B 181 17.89 5.84 -34.10
C THR B 181 16.49 6.37 -34.39
N ARG B 182 16.38 7.69 -34.51
CA ARG B 182 15.14 8.37 -34.83
C ARG B 182 15.26 9.01 -36.21
N VAL B 183 14.16 8.99 -36.97
CA VAL B 183 14.19 9.57 -38.31
C VAL B 183 13.44 10.89 -38.37
N GLU B 184 12.12 10.85 -38.21
CA GLU B 184 11.33 12.07 -38.11
C GLU B 184 10.53 12.14 -36.83
N GLN B 185 9.68 11.16 -36.57
CA GLN B 185 8.97 11.01 -35.32
C GLN B 185 8.99 9.58 -34.79
N ARG B 186 9.19 8.60 -35.67
CA ARG B 186 9.27 7.21 -35.28
C ARG B 186 10.66 6.92 -34.71
N THR B 187 10.70 6.36 -33.52
CA THR B 187 11.94 5.91 -32.90
C THR B 187 12.19 4.46 -33.35
N ASP B 188 13.09 3.77 -32.66
CA ASP B 188 13.33 2.33 -32.84
C ASP B 188 13.67 1.96 -34.28
N PHE B 189 14.37 2.83 -35.00
CA PHE B 189 15.00 2.47 -36.26
C PHE B 189 16.26 1.66 -35.95
N ASP B 190 17.09 1.40 -36.94
CA ASP B 190 18.24 0.53 -36.74
C ASP B 190 19.54 1.21 -37.14
N LYS B 191 20.65 0.62 -36.67
CA LYS B 191 21.98 1.10 -36.96
C LYS B 191 22.96 -0.04 -36.70
N LEU B 192 23.83 -0.33 -37.67
CA LEU B 192 24.74 -1.46 -37.59
C LEU B 192 26.17 -0.97 -37.51
N ILE B 193 26.93 -1.50 -36.55
CA ILE B 193 28.32 -1.13 -36.34
C ILE B 193 29.17 -2.38 -36.43
N LEU B 194 30.15 -2.38 -37.33
CA LEU B 194 31.02 -3.52 -37.58
C LEU B 194 32.45 -3.15 -37.26
N ASP B 195 33.12 -3.99 -36.46
CA ASP B 195 34.53 -3.84 -36.14
C ASP B 195 35.29 -5.01 -36.74
N VAL B 196 36.23 -4.74 -37.63
CA VAL B 196 36.97 -5.79 -38.33
C VAL B 196 38.46 -5.50 -38.20
N GLU B 197 39.24 -6.55 -37.91
CA GLU B 197 40.69 -6.47 -37.80
C GLU B 197 41.30 -7.56 -38.67
N THR B 198 42.19 -7.16 -39.58
CA THR B 198 42.72 -8.07 -40.59
C THR B 198 44.21 -8.30 -40.39
N LYS B 199 44.78 -9.13 -41.25
CA LYS B 199 46.21 -9.39 -41.28
C LYS B 199 46.90 -8.29 -42.08
N ASN B 200 48.18 -8.51 -42.40
CA ASN B 200 48.96 -7.51 -43.12
C ASN B 200 48.77 -7.56 -44.64
N SER B 201 48.31 -8.70 -45.17
CA SER B 201 48.22 -8.85 -46.63
C SER B 201 47.09 -8.02 -47.22
N ILE B 202 46.01 -7.80 -46.45
CA ILE B 202 44.84 -7.10 -46.95
C ILE B 202 44.48 -5.97 -46.01
N SER B 203 43.70 -5.01 -46.52
CA SER B 203 43.21 -3.85 -45.81
C SER B 203 41.74 -4.04 -45.42
N PRO B 204 41.31 -3.50 -44.28
CA PRO B 204 39.92 -3.72 -43.85
C PRO B 204 38.88 -3.12 -44.79
N ARG B 205 39.26 -2.14 -45.61
CA ARG B 205 38.30 -1.57 -46.56
C ARG B 205 38.11 -2.48 -47.77
N ASP B 206 39.14 -3.20 -48.20
CA ASP B 206 39.00 -4.13 -49.30
C ASP B 206 38.27 -5.40 -48.90
N ALA B 207 38.38 -5.79 -47.62
CA ALA B 207 37.70 -7.00 -47.16
C ALA B 207 36.19 -6.84 -47.25
N LEU B 208 35.67 -5.67 -46.87
CA LEU B 208 34.23 -5.44 -46.97
C LEU B 208 33.77 -5.47 -48.43
N ALA B 209 34.56 -4.89 -49.33
CA ALA B 209 34.18 -4.88 -50.74
C ALA B 209 34.27 -6.27 -51.35
N SER B 210 35.17 -7.12 -50.84
CA SER B 210 35.26 -8.49 -51.34
C SER B 210 34.27 -9.44 -50.67
N ALA B 211 33.68 -9.04 -49.55
CA ALA B 211 32.65 -9.83 -48.88
C ALA B 211 31.25 -9.36 -49.22
N GLY B 212 31.12 -8.36 -50.08
CA GLY B 212 29.82 -7.93 -50.56
C GLY B 212 29.62 -8.32 -52.00
N LYS B 213 30.67 -8.83 -52.63
CA LYS B 213 30.60 -9.30 -54.00
C LYS B 213 30.23 -10.78 -54.10
N THR B 214 30.65 -11.59 -53.14
CA THR B 214 30.25 -12.99 -53.09
C THR B 214 28.88 -13.17 -52.46
N LEU B 215 28.31 -12.12 -51.88
CA LEU B 215 26.97 -12.18 -51.32
C LEU B 215 25.90 -11.71 -52.28
N VAL B 216 26.24 -10.81 -53.21
CA VAL B 216 25.29 -10.42 -54.24
C VAL B 216 24.99 -11.59 -55.17
N GLU B 217 26.01 -12.35 -55.53
CA GLU B 217 25.81 -13.51 -56.39
C GLU B 217 25.17 -14.68 -55.65
N LEU B 218 25.26 -14.72 -54.33
CA LEU B 218 24.62 -15.78 -53.56
C LEU B 218 23.11 -15.59 -53.52
N PHE B 219 22.65 -14.36 -53.33
CA PHE B 219 21.24 -14.02 -53.44
C PHE B 219 20.82 -13.71 -54.87
N GLY B 220 21.75 -13.77 -55.81
CA GLY B 220 21.42 -13.64 -57.22
C GLY B 220 20.84 -14.88 -57.85
N LEU B 221 20.92 -16.02 -57.15
CA LEU B 221 20.21 -17.22 -57.61
C LEU B 221 18.73 -17.14 -57.28
N ALA B 222 18.37 -16.53 -56.16
CA ALA B 222 16.96 -16.42 -55.79
C ALA B 222 16.21 -15.46 -56.70
N ARG B 223 16.86 -14.39 -57.15
CA ARG B 223 16.23 -13.41 -58.04
C ARG B 223 16.31 -13.81 -59.50
N GLU B 224 16.93 -14.95 -59.82
CA GLU B 224 16.90 -15.49 -61.18
C GLU B 224 15.64 -16.29 -61.46
N LEU B 225 14.87 -16.63 -60.44
CA LEU B 225 13.63 -17.37 -60.64
C LEU B 225 12.60 -16.53 -61.38
N ASN B 226 12.53 -15.24 -61.04
CA ASN B 226 11.65 -14.30 -61.72
C ASN B 226 12.39 -12.97 -61.84
N VAL B 227 12.60 -12.52 -63.08
CA VAL B 227 13.39 -11.31 -63.30
C VAL B 227 12.69 -10.10 -62.70
N GLU B 228 11.37 -10.01 -62.86
CA GLU B 228 10.58 -8.95 -62.25
C GLU B 228 9.71 -9.55 -61.15
N ALA B 229 9.83 -9.02 -59.93
CA ALA B 229 9.05 -9.52 -58.82
C ALA B 229 8.56 -8.45 -57.85
N GLU B 230 8.82 -7.17 -58.12
CA GLU B 230 8.38 -6.07 -57.27
C GLU B 230 8.93 -6.22 -55.84
N GLY B 231 10.26 -6.11 -55.75
CA GLY B 231 10.92 -6.11 -54.47
C GLY B 231 10.83 -4.77 -53.78
N ILE B 232 11.91 -4.35 -53.12
CA ILE B 232 11.99 -3.05 -52.46
C ILE B 232 13.14 -2.28 -53.07
N GLU B 233 12.83 -1.23 -53.83
CA GLU B 233 13.83 -0.42 -54.50
C GLU B 233 14.54 0.48 -53.49
N ILE B 234 15.77 0.85 -53.82
CA ILE B 234 16.57 1.72 -52.96
C ILE B 234 16.94 3.05 -53.61
N GLY B 235 16.86 3.15 -54.94
CA GLY B 235 17.15 4.39 -55.62
C GLY B 235 18.61 4.55 -55.99
N PRO B 236 18.90 5.46 -56.91
CA PRO B 236 20.30 5.73 -57.26
C PRO B 236 21.02 6.45 -56.13
N SER B 237 22.34 6.27 -56.08
CA SER B 237 23.16 6.90 -55.06
C SER B 237 23.17 8.42 -55.21
N ASN C 30 -22.30 -32.82 -17.33
CA ASN C 30 -23.29 -33.78 -16.87
C ASN C 30 -24.36 -33.08 -16.04
N SER C 31 -25.53 -33.72 -15.94
CA SER C 31 -26.70 -33.23 -15.20
C SER C 31 -27.27 -31.93 -15.79
N VAL C 32 -26.74 -31.44 -16.90
CA VAL C 32 -27.26 -30.26 -17.58
C VAL C 32 -27.63 -30.69 -18.99
N PRO C 33 -28.81 -30.32 -19.50
CA PRO C 33 -29.29 -30.88 -20.78
C PRO C 33 -28.31 -30.77 -21.94
N GLY C 34 -27.84 -29.56 -22.23
CA GLY C 34 -26.86 -29.41 -23.29
C GLY C 34 -25.57 -28.81 -22.78
N ALA C 35 -24.51 -29.62 -22.74
CA ALA C 35 -23.23 -29.18 -22.19
C ALA C 35 -22.10 -29.82 -22.98
N PRO C 36 -20.95 -29.17 -23.06
CA PRO C 36 -19.81 -29.79 -23.72
C PRO C 36 -19.34 -31.03 -22.98
N ASN C 37 -18.84 -32.00 -23.74
CA ASN C 37 -18.35 -33.25 -23.16
C ASN C 37 -16.91 -33.04 -22.72
N ARG C 38 -16.71 -32.91 -21.42
CA ARG C 38 -15.39 -32.71 -20.83
C ARG C 38 -15.04 -33.97 -20.03
N VAL C 39 -14.12 -34.78 -20.57
CA VAL C 39 -13.72 -36.00 -19.89
C VAL C 39 -12.87 -35.67 -18.68
N SER C 40 -12.93 -36.55 -17.67
CA SER C 40 -12.36 -36.27 -16.36
C SER C 40 -11.39 -37.36 -15.94
N PHE C 41 -10.41 -36.97 -15.12
CA PHE C 41 -9.44 -37.88 -14.56
C PHE C 41 -9.83 -38.37 -13.16
N ALA C 42 -11.00 -37.98 -12.67
CA ALA C 42 -11.37 -38.28 -11.28
C ALA C 42 -11.56 -39.77 -11.08
N LYS C 43 -11.16 -40.25 -9.90
CA LYS C 43 -11.29 -41.65 -9.53
C LYS C 43 -12.32 -41.90 -8.44
N LEU C 44 -12.88 -40.85 -7.85
CA LEU C 44 -13.86 -40.96 -6.78
C LEU C 44 -15.24 -40.56 -7.30
N ARG C 45 -16.28 -41.14 -6.72
CA ARG C 45 -17.65 -40.79 -7.04
C ARG C 45 -18.20 -39.85 -5.98
N GLU C 46 -19.30 -39.18 -6.33
CA GLU C 46 -19.88 -38.16 -5.47
C GLU C 46 -21.32 -38.52 -5.14
N PRO C 47 -21.68 -38.62 -3.86
CA PRO C 47 -23.07 -38.94 -3.49
C PRO C 47 -23.97 -37.72 -3.34
N LEU C 48 -23.45 -36.51 -3.47
CA LEU C 48 -24.21 -35.29 -3.31
C LEU C 48 -23.89 -34.32 -4.45
N GLU C 49 -24.84 -33.45 -4.74
CA GLU C 49 -24.69 -32.40 -5.74
C GLU C 49 -24.59 -31.05 -5.05
N VAL C 50 -23.79 -30.15 -5.62
CA VAL C 50 -23.61 -28.86 -4.96
C VAL C 50 -24.94 -28.10 -4.95
N PRO C 51 -25.26 -27.36 -3.90
CA PRO C 51 -26.58 -26.73 -3.81
C PRO C 51 -26.68 -25.49 -4.69
N GLY C 52 -27.79 -24.78 -4.60
CA GLY C 52 -27.90 -23.49 -5.25
C GLY C 52 -26.84 -22.56 -4.72
N LEU C 53 -26.12 -21.88 -5.61
CA LEU C 53 -24.99 -21.08 -5.18
C LEU C 53 -25.39 -19.69 -4.73
N LEU C 54 -26.67 -19.34 -4.79
CA LEU C 54 -27.17 -18.05 -4.34
C LEU C 54 -28.28 -18.21 -3.32
N ASP C 55 -28.30 -19.32 -2.60
CA ASP C 55 -29.35 -19.62 -1.64
C ASP C 55 -29.08 -19.03 -0.26
N VAL C 56 -27.89 -18.48 -0.03
CA VAL C 56 -27.62 -17.82 1.24
C VAL C 56 -28.27 -16.45 1.28
N GLN C 57 -28.52 -15.85 0.11
CA GLN C 57 -29.13 -14.53 0.02
C GLN C 57 -30.64 -14.59 -0.10
N THR C 58 -31.17 -15.47 -0.95
CA THR C 58 -32.61 -15.47 -1.20
C THR C 58 -33.42 -16.07 -0.06
N ASP C 59 -32.87 -17.05 0.65
CA ASP C 59 -33.62 -17.70 1.71
C ASP C 59 -33.92 -16.74 2.86
N SER C 60 -32.97 -15.89 3.20
CA SER C 60 -33.18 -14.93 4.29
C SER C 60 -34.24 -13.91 3.93
N PHE C 61 -34.22 -13.40 2.70
CA PHE C 61 -35.26 -12.46 2.29
C PHE C 61 -36.62 -13.15 2.20
N GLU C 62 -36.63 -14.43 1.81
CA GLU C 62 -37.88 -15.18 1.80
C GLU C 62 -38.44 -15.36 3.21
N TRP C 63 -37.58 -15.56 4.19
CA TRP C 63 -38.04 -15.64 5.57
C TRP C 63 -38.55 -14.29 6.05
N LEU C 64 -37.84 -13.21 5.72
CA LEU C 64 -38.26 -11.88 6.17
C LEU C 64 -39.60 -11.49 5.56
N ILE C 65 -39.80 -11.76 4.28
CA ILE C 65 -41.04 -11.36 3.61
C ILE C 65 -42.21 -12.21 4.07
N GLY C 66 -41.98 -13.49 4.38
CA GLY C 66 -43.07 -14.37 4.75
C GLY C 66 -43.83 -14.97 3.59
N SER C 67 -43.17 -15.16 2.46
CA SER C 67 -43.83 -15.65 1.26
C SER C 67 -44.19 -17.12 1.39
N PRO C 68 -45.12 -17.62 0.56
CA PRO C 68 -45.56 -19.02 0.70
C PRO C 68 -44.43 -20.03 0.52
N ARG C 69 -43.40 -19.71 -0.26
CA ARG C 69 -42.32 -20.66 -0.48
C ARG C 69 -41.62 -21.02 0.82
N TRP C 70 -41.25 -20.01 1.60
CA TRP C 70 -40.62 -20.30 2.89
C TRP C 70 -41.58 -21.00 3.83
N ARG C 71 -42.88 -20.68 3.74
CA ARG C 71 -43.86 -21.35 4.58
C ARG C 71 -43.91 -22.85 4.30
N GLU C 72 -43.93 -23.22 3.01
CA GLU C 72 -43.91 -24.64 2.66
C GLU C 72 -42.60 -25.29 3.08
N SER C 73 -41.47 -24.60 2.88
CA SER C 73 -40.19 -25.19 3.25
C SER C 73 -40.10 -25.43 4.75
N ALA C 74 -40.60 -24.48 5.56
CA ALA C 74 -40.64 -24.67 7.00
C ALA C 74 -41.68 -25.71 7.42
N ALA C 75 -42.71 -25.91 6.59
CA ALA C 75 -43.63 -27.01 6.85
C ALA C 75 -43.03 -28.36 6.52
N GLU C 76 -41.99 -28.39 5.68
CA GLU C 76 -41.35 -29.66 5.34
C GLU C 76 -40.72 -30.32 6.57
N ARG C 77 -40.06 -29.53 7.43
CA ARG C 77 -39.46 -30.06 8.64
C ARG C 77 -39.73 -29.11 9.80
N GLY C 78 -40.05 -29.69 10.96
CA GLY C 78 -40.25 -28.92 12.17
C GLY C 78 -41.29 -27.82 12.08
N ASP C 79 -42.46 -28.14 11.52
CA ASP C 79 -43.54 -27.16 11.36
C ASP C 79 -44.20 -26.93 12.71
N VAL C 80 -43.63 -26.02 13.48
CA VAL C 80 -44.19 -25.63 14.77
C VAL C 80 -44.69 -24.20 14.69
N ASN C 81 -43.78 -23.25 14.41
CA ASN C 81 -44.11 -21.83 14.38
C ASN C 81 -43.61 -21.19 13.10
N PRO C 82 -44.37 -21.32 12.00
CA PRO C 82 -44.09 -20.50 10.83
C PRO C 82 -44.31 -19.01 11.09
N VAL C 83 -43.38 -18.36 11.77
CA VAL C 83 -43.46 -16.94 12.05
C VAL C 83 -42.54 -16.21 11.08
N GLY C 84 -43.09 -15.22 10.38
CA GLY C 84 -42.31 -14.43 9.45
C GLY C 84 -41.33 -13.53 10.18
N GLY C 85 -40.63 -12.72 9.39
CA GLY C 85 -39.66 -11.81 9.95
C GLY C 85 -40.28 -10.53 10.46
N LEU C 86 -41.19 -9.96 9.68
CA LEU C 86 -41.89 -8.74 10.10
C LEU C 86 -42.97 -9.01 11.11
N GLU C 87 -43.60 -10.19 11.05
CA GLU C 87 -44.70 -10.48 11.97
C GLU C 87 -44.22 -10.55 13.41
N GLU C 88 -43.03 -11.10 13.65
CA GLU C 88 -42.56 -11.19 15.03
C GLU C 88 -42.24 -9.81 15.58
N VAL C 89 -41.73 -8.90 14.75
CA VAL C 89 -41.51 -7.53 15.18
C VAL C 89 -42.85 -6.86 15.51
N LEU C 90 -43.81 -7.00 14.60
CA LEU C 90 -45.12 -6.38 14.81
C LEU C 90 -45.86 -6.97 16.00
N TYR C 91 -45.55 -8.20 16.39
CA TYR C 91 -46.21 -8.82 17.54
C TYR C 91 -45.47 -8.57 18.84
N GLU C 92 -44.16 -8.36 18.80
CA GLU C 92 -43.46 -7.91 19.99
C GLU C 92 -43.78 -6.46 20.31
N LEU C 93 -44.02 -5.64 19.29
CA LEU C 93 -44.39 -4.25 19.51
C LEU C 93 -45.71 -4.15 20.26
N SER C 94 -46.79 -4.60 19.63
CA SER C 94 -48.12 -4.41 20.19
C SER C 94 -48.31 -5.25 21.45
N PRO C 95 -49.24 -4.83 22.34
CA PRO C 95 -50.06 -3.61 22.32
C PRO C 95 -49.37 -2.39 22.91
N ILE C 96 -49.73 -1.21 22.45
CA ILE C 96 -49.19 0.05 22.95
C ILE C 96 -50.21 0.65 23.91
N GLU C 97 -49.84 0.75 25.18
CA GLU C 97 -50.71 1.25 26.23
C GLU C 97 -50.20 2.57 26.77
N ASP C 98 -51.11 3.32 27.39
CA ASP C 98 -50.76 4.58 28.03
C ASP C 98 -50.59 4.40 29.53
N PHE C 99 -50.25 5.50 30.21
CA PHE C 99 -50.01 5.42 31.65
C PHE C 99 -51.30 5.18 32.42
N SER C 100 -52.41 5.77 31.98
CA SER C 100 -53.67 5.59 32.70
C SER C 100 -54.26 4.21 32.46
N GLY C 101 -54.17 3.70 31.25
CA GLY C 101 -54.68 2.37 30.94
C GLY C 101 -56.12 2.38 30.46
N SER C 102 -56.43 3.30 29.53
CA SER C 102 -57.78 3.43 29.00
C SER C 102 -57.90 3.03 27.54
N MET C 103 -56.85 3.21 26.73
CA MET C 103 -56.88 2.86 25.33
C MET C 103 -55.60 2.11 24.95
N SER C 104 -55.68 1.35 23.87
CA SER C 104 -54.54 0.57 23.40
C SER C 104 -54.60 0.45 21.89
N LEU C 105 -53.43 0.19 21.29
CA LEU C 105 -53.28 0.07 19.85
C LEU C 105 -52.52 -1.21 19.53
N SER C 106 -52.85 -1.84 18.41
CA SER C 106 -52.22 -3.09 18.02
C SER C 106 -52.01 -3.11 16.52
N PHE C 107 -51.15 -4.03 16.06
CA PHE C 107 -50.83 -4.18 14.65
C PHE C 107 -50.86 -5.65 14.28
N SER C 108 -51.12 -5.93 13.01
CA SER C 108 -51.14 -7.30 12.51
C SER C 108 -51.22 -7.30 10.99
N ASP C 109 -51.05 -8.48 10.41
CA ASP C 109 -51.27 -8.78 9.00
C ASP C 109 -50.52 -7.87 8.04
N PRO C 110 -49.20 -8.01 7.93
CA PRO C 110 -48.48 -7.32 6.85
C PRO C 110 -48.85 -7.91 5.50
N ARG C 111 -48.81 -7.05 4.48
CA ARG C 111 -49.10 -7.48 3.12
C ARG C 111 -48.50 -6.48 2.14
N PHE C 112 -48.09 -6.98 0.99
CA PHE C 112 -47.38 -6.18 -0.01
C PHE C 112 -48.21 -6.05 -1.28
N ASP C 113 -48.04 -4.92 -1.96
CA ASP C 113 -48.68 -4.67 -3.24
C ASP C 113 -47.78 -5.15 -4.38
N ASP C 114 -48.10 -4.74 -5.61
CA ASP C 114 -47.28 -5.07 -6.77
C ASP C 114 -46.17 -4.04 -6.94
N VAL C 115 -45.04 -4.49 -7.47
CA VAL C 115 -43.92 -3.60 -7.72
C VAL C 115 -44.32 -2.55 -8.75
N LYS C 116 -43.95 -1.29 -8.48
CA LYS C 116 -44.43 -0.19 -9.31
C LYS C 116 -43.89 -0.28 -10.73
N ALA C 117 -42.58 -0.41 -10.89
CA ALA C 117 -41.96 -0.40 -12.20
C ALA C 117 -40.98 -1.56 -12.34
N PRO C 118 -40.80 -2.09 -13.55
CA PRO C 118 -39.87 -3.19 -13.76
C PRO C 118 -38.44 -2.81 -13.43
N VAL C 119 -37.55 -3.81 -13.49
CA VAL C 119 -36.16 -3.61 -13.10
C VAL C 119 -35.47 -2.62 -14.03
N ASP C 120 -35.66 -2.79 -15.34
CA ASP C 120 -34.92 -1.97 -16.30
C ASP C 120 -35.41 -0.52 -16.29
N GLU C 121 -36.71 -0.29 -16.08
CA GLU C 121 -37.20 1.08 -15.94
C GLU C 121 -36.58 1.76 -14.72
N CYS C 122 -36.51 1.03 -13.59
CA CYS C 122 -35.89 1.60 -12.40
C CYS C 122 -34.40 1.86 -12.61
N LYS C 123 -33.72 1.00 -13.35
CA LYS C 123 -32.31 1.21 -13.65
C LYS C 123 -32.07 2.34 -14.63
N ASP C 124 -33.06 2.63 -15.48
CA ASP C 124 -32.92 3.69 -16.48
C ASP C 124 -33.27 5.07 -15.92
N LYS C 125 -34.44 5.23 -15.31
CA LYS C 125 -34.87 6.55 -14.85
C LYS C 125 -34.34 6.91 -13.48
N ASP C 126 -33.36 6.16 -12.96
CA ASP C 126 -32.76 6.41 -11.65
C ASP C 126 -33.82 6.41 -10.54
N MET C 127 -34.47 5.26 -10.40
CA MET C 127 -35.49 5.05 -9.39
C MET C 127 -35.08 3.91 -8.46
N THR C 128 -36.00 3.49 -7.59
CA THR C 128 -35.79 2.39 -6.67
C THR C 128 -36.80 1.29 -6.96
N TYR C 129 -36.36 0.03 -6.80
CA TYR C 129 -37.20 -1.14 -7.01
C TYR C 129 -37.86 -1.49 -5.68
N ALA C 130 -39.16 -1.23 -5.56
CA ALA C 130 -39.83 -1.37 -4.27
C ALA C 130 -41.31 -1.65 -4.48
N ALA C 131 -41.96 -2.11 -3.41
CA ALA C 131 -43.39 -2.40 -3.38
C ALA C 131 -43.99 -1.87 -2.09
N PRO C 132 -45.19 -1.27 -2.15
CA PRO C 132 -45.79 -0.69 -0.94
C PRO C 132 -46.19 -1.75 0.08
N LEU C 133 -46.16 -1.36 1.35
CA LEU C 133 -46.46 -2.24 2.46
C LEU C 133 -47.62 -1.68 3.28
N PHE C 134 -48.55 -2.55 3.66
CA PHE C 134 -49.72 -2.17 4.45
C PHE C 134 -49.84 -3.08 5.66
N VAL C 135 -50.29 -2.51 6.77
CA VAL C 135 -50.63 -3.25 7.96
C VAL C 135 -52.00 -2.81 8.43
N THR C 136 -52.62 -3.62 9.29
CA THR C 136 -53.93 -3.33 9.85
C THR C 136 -53.74 -2.96 11.32
N ALA C 137 -54.42 -1.91 11.76
CA ALA C 137 -54.31 -1.40 13.11
C ALA C 137 -55.70 -1.27 13.72
N GLU C 138 -55.81 -1.62 15.00
CA GLU C 138 -57.07 -1.56 15.73
C GLU C 138 -56.90 -0.72 16.98
N PHE C 139 -57.94 0.04 17.33
CA PHE C 139 -57.92 0.95 18.46
C PHE C 139 -59.08 0.58 19.38
N ILE C 140 -58.76 0.16 20.60
CA ILE C 140 -59.75 -0.22 21.59
C ILE C 140 -59.77 0.83 22.69
N ASN C 141 -60.97 1.19 23.14
CA ASN C 141 -61.16 2.19 24.19
C ASN C 141 -61.87 1.51 25.35
N ASN C 142 -61.15 1.29 26.45
CA ASN C 142 -61.71 0.54 27.57
C ASN C 142 -62.77 1.31 28.33
N ASN C 143 -62.74 2.65 28.27
CA ASN C 143 -63.76 3.44 28.98
C ASN C 143 -65.15 3.19 28.41
N THR C 144 -65.26 3.12 27.08
CA THR C 144 -66.53 2.86 26.44
C THR C 144 -66.67 1.40 26.01
N GLY C 145 -65.73 0.92 25.21
CA GLY C 145 -65.75 -0.44 24.70
C GLY C 145 -65.79 -0.54 23.19
N GLU C 146 -65.88 0.56 22.47
CA GLU C 146 -65.93 0.52 21.01
C GLU C 146 -64.56 0.20 20.44
N ILE C 147 -64.56 -0.32 19.21
CA ILE C 147 -63.34 -0.67 18.49
C ILE C 147 -63.41 -0.02 17.11
N LYS C 148 -62.30 0.61 16.70
CA LYS C 148 -62.17 1.19 15.37
C LYS C 148 -60.86 0.71 14.77
N SER C 149 -60.94 -0.09 13.71
CA SER C 149 -59.77 -0.65 13.05
C SER C 149 -59.80 -0.32 11.57
N GLN C 150 -58.64 0.04 11.02
CA GLN C 150 -58.55 0.41 9.62
C GLN C 150 -57.12 0.17 9.13
N THR C 151 -56.98 0.11 7.81
CA THR C 151 -55.72 -0.22 7.16
C THR C 151 -54.88 1.02 6.94
N VAL C 152 -53.62 0.98 7.38
CA VAL C 152 -52.70 2.09 7.23
C VAL C 152 -51.61 1.70 6.23
N PHE C 153 -50.96 2.72 5.67
CA PHE C 153 -49.91 2.55 4.68
C PHE C 153 -48.58 2.93 5.31
N MET C 154 -47.59 2.04 5.20
CA MET C 154 -46.34 2.20 5.95
C MET C 154 -45.11 2.33 5.05
N GLY C 155 -45.26 2.87 3.85
CA GLY C 155 -44.12 3.23 3.02
C GLY C 155 -43.73 2.12 2.07
N ASP C 156 -42.87 2.49 1.12
CA ASP C 156 -42.40 1.55 0.10
C ASP C 156 -41.24 0.72 0.63
N PHE C 157 -41.30 -0.58 0.37
CA PHE C 157 -40.30 -1.52 0.87
C PHE C 157 -39.41 -1.96 -0.27
N PRO C 158 -38.10 -1.67 -0.25
CA PRO C 158 -37.23 -2.16 -1.32
C PRO C 158 -37.25 -3.68 -1.40
N MET C 159 -37.22 -4.19 -2.62
CA MET C 159 -37.34 -5.62 -2.86
C MET C 159 -36.12 -6.14 -3.61
N MET C 160 -35.79 -7.41 -3.38
CA MET C 160 -34.63 -8.05 -3.95
C MET C 160 -35.02 -8.78 -5.23
N THR C 161 -34.20 -8.62 -6.26
CA THR C 161 -34.47 -9.24 -7.55
C THR C 161 -34.18 -10.74 -7.48
N GLU C 162 -34.25 -11.41 -8.62
CA GLU C 162 -34.04 -12.85 -8.67
C GLU C 162 -32.57 -13.24 -8.62
N LYS C 163 -31.66 -12.28 -8.62
CA LYS C 163 -30.23 -12.55 -8.55
C LYS C 163 -29.63 -12.19 -7.20
N GLY C 164 -30.44 -11.79 -6.23
CA GLY C 164 -29.93 -11.45 -4.92
C GLY C 164 -29.36 -10.06 -4.76
N THR C 165 -29.81 -9.10 -5.55
CA THR C 165 -29.31 -7.73 -5.48
C THR C 165 -30.48 -6.75 -5.37
N PHE C 166 -30.16 -5.56 -4.86
CA PHE C 166 -31.11 -4.46 -4.73
C PHE C 166 -30.72 -3.35 -5.69
N ILE C 167 -31.72 -2.66 -6.24
CA ILE C 167 -31.49 -1.48 -7.08
C ILE C 167 -31.96 -0.28 -6.27
N ILE C 168 -31.00 0.52 -5.79
CA ILE C 168 -31.27 1.65 -4.92
C ILE C 168 -30.80 2.91 -5.63
N ASN C 169 -31.74 3.78 -5.99
CA ASN C 169 -31.47 5.02 -6.71
C ASN C 169 -30.80 4.77 -8.06
N GLY C 170 -31.11 3.64 -8.69
CA GLY C 170 -30.59 3.32 -10.00
C GLY C 170 -29.29 2.54 -10.01
N THR C 171 -28.68 2.29 -8.86
CA THR C 171 -27.42 1.57 -8.78
C THR C 171 -27.62 0.22 -8.10
N GLU C 172 -26.97 -0.81 -8.62
CA GLU C 172 -27.05 -2.14 -8.05
C GLU C 172 -26.19 -2.24 -6.79
N ARG C 173 -26.74 -2.88 -5.77
CA ARG C 173 -26.09 -2.99 -4.47
C ARG C 173 -26.18 -4.42 -3.96
N VAL C 174 -25.28 -4.77 -3.06
CA VAL C 174 -25.22 -6.08 -2.43
C VAL C 174 -25.08 -5.89 -0.94
N VAL C 175 -25.90 -6.60 -0.16
CA VAL C 175 -25.83 -6.60 1.30
C VAL C 175 -25.02 -7.82 1.73
N VAL C 176 -24.02 -7.60 2.58
CA VAL C 176 -23.03 -8.61 2.94
C VAL C 176 -23.31 -9.12 4.35
N SER C 177 -23.20 -10.43 4.54
CA SER C 177 -23.45 -11.03 5.84
C SER C 177 -22.35 -10.68 6.83
N GLN C 178 -22.71 -10.68 8.12
CA GLN C 178 -21.82 -10.22 9.18
C GLN C 178 -21.61 -11.33 10.21
N LEU C 179 -20.35 -11.52 10.61
CA LEU C 179 -19.96 -12.52 11.59
C LEU C 179 -19.82 -11.86 12.95
N VAL C 180 -20.69 -12.22 13.89
CA VAL C 180 -20.72 -11.59 15.20
C VAL C 180 -20.75 -12.66 16.28
N ARG C 181 -20.23 -12.31 17.45
CA ARG C 181 -20.28 -13.19 18.60
C ARG C 181 -21.69 -13.23 19.18
N SER C 182 -22.16 -14.42 19.51
CA SER C 182 -23.55 -14.66 19.90
C SER C 182 -23.76 -14.40 21.38
N PRO C 183 -25.00 -14.10 21.78
CA PRO C 183 -25.29 -13.94 23.21
C PRO C 183 -25.19 -15.26 23.96
N GLY C 184 -24.93 -15.15 25.26
CA GLY C 184 -24.85 -16.33 26.11
C GLY C 184 -23.97 -16.05 27.32
N VAL C 185 -23.59 -17.12 28.00
CA VAL C 185 -22.70 -17.06 29.16
C VAL C 185 -21.35 -17.65 28.75
N TYR C 186 -20.27 -16.99 29.16
CA TYR C 186 -18.92 -17.35 28.72
C TYR C 186 -17.99 -17.43 29.91
N PHE C 187 -17.41 -18.59 30.13
CA PHE C 187 -16.47 -18.81 31.21
C PHE C 187 -15.04 -18.70 30.70
N ASP C 188 -14.16 -18.13 31.52
CA ASP C 188 -12.77 -17.91 31.14
C ASP C 188 -11.86 -18.30 32.30
N GLU C 189 -10.55 -18.31 32.03
CA GLU C 189 -9.57 -18.67 33.03
C GLU C 189 -8.22 -18.10 32.62
N THR C 190 -7.55 -17.44 33.56
CA THR C 190 -6.26 -16.80 33.31
C THR C 190 -5.27 -17.21 34.40
N ILE C 191 -4.02 -16.78 34.23
CA ILE C 191 -2.93 -17.12 35.13
C ILE C 191 -2.55 -15.88 35.93
N ASP C 192 -2.41 -16.03 37.24
CA ASP C 192 -2.08 -14.92 38.11
C ASP C 192 -0.66 -14.43 37.86
N LYS C 193 -0.37 -13.21 38.33
CA LYS C 193 0.95 -12.62 38.19
C LYS C 193 1.83 -12.92 39.41
N SER C 194 1.34 -12.58 40.61
CA SER C 194 2.14 -12.78 41.81
C SER C 194 2.06 -14.22 42.30
N THR C 195 0.86 -14.68 42.67
CA THR C 195 0.70 -16.04 43.15
C THR C 195 0.81 -17.07 42.03
N ASP C 196 0.64 -16.63 40.77
CA ASP C 196 0.82 -17.49 39.60
C ASP C 196 -0.06 -18.74 39.68
N LYS C 197 -1.36 -18.50 39.87
CA LYS C 197 -2.34 -19.58 39.90
C LYS C 197 -3.45 -19.31 38.90
N THR C 198 -4.53 -20.10 38.95
CA THR C 198 -5.61 -19.97 37.99
C THR C 198 -6.72 -19.08 38.54
N LEU C 199 -7.13 -18.10 37.75
CA LEU C 199 -8.20 -17.17 38.10
C LEU C 199 -9.31 -17.28 37.06
N HIS C 200 -10.54 -17.46 37.51
CA HIS C 200 -11.68 -17.67 36.63
C HIS C 200 -12.60 -16.46 36.61
N SER C 201 -13.44 -16.40 35.59
CA SER C 201 -14.33 -15.27 35.37
C SER C 201 -15.58 -15.75 34.66
N VAL C 202 -16.59 -14.89 34.63
CA VAL C 202 -17.88 -15.17 33.99
C VAL C 202 -18.38 -13.88 33.34
N LYS C 203 -19.06 -14.03 32.20
CA LYS C 203 -19.67 -12.88 31.54
C LYS C 203 -20.97 -13.31 30.90
N VAL C 204 -22.07 -12.70 31.31
CA VAL C 204 -23.39 -12.95 30.72
C VAL C 204 -23.70 -11.79 29.80
N ILE C 205 -23.77 -12.06 28.50
CA ILE C 205 -23.91 -11.04 27.47
C ILE C 205 -25.30 -11.17 26.85
N PRO C 206 -26.13 -10.14 26.93
CA PRO C 206 -27.45 -10.19 26.29
C PRO C 206 -27.41 -9.58 24.89
N SER C 207 -28.54 -9.73 24.20
CA SER C 207 -28.70 -9.02 22.92
C SER C 207 -28.77 -7.52 23.14
N ARG C 208 -29.48 -7.08 24.18
CA ARG C 208 -29.51 -5.67 24.56
C ARG C 208 -29.89 -5.57 26.03
N GLY C 209 -29.00 -5.02 26.84
CA GLY C 209 -29.27 -4.89 28.26
C GLY C 209 -27.98 -4.66 29.03
N ALA C 210 -28.09 -4.84 30.34
CA ALA C 210 -26.97 -4.65 31.25
C ALA C 210 -26.14 -5.93 31.34
N TRP C 211 -24.89 -5.77 31.79
CA TRP C 211 -23.93 -6.86 31.84
C TRP C 211 -23.68 -7.31 33.26
N LEU C 212 -23.33 -8.59 33.40
CA LEU C 212 -22.97 -9.20 34.67
C LEU C 212 -21.57 -9.78 34.56
N GLU C 213 -20.87 -9.86 35.69
CA GLU C 213 -19.49 -10.36 35.66
C GLU C 213 -19.14 -10.90 37.05
N PHE C 214 -19.15 -12.22 37.19
CA PHE C 214 -18.64 -12.86 38.39
C PHE C 214 -17.20 -13.30 38.15
N ASP C 215 -16.40 -13.28 39.21
CA ASP C 215 -15.02 -13.74 39.09
C ASP C 215 -14.44 -14.04 40.46
N VAL C 216 -13.23 -14.57 40.46
CA VAL C 216 -12.47 -14.84 41.67
C VAL C 216 -11.23 -13.96 41.66
N ASP C 217 -10.83 -13.50 42.83
CA ASP C 217 -9.76 -12.51 42.97
C ASP C 217 -8.49 -13.18 43.47
N LYS C 218 -7.48 -12.37 43.79
CA LYS C 218 -6.20 -12.88 44.27
C LYS C 218 -6.39 -13.75 45.50
N ARG C 219 -7.16 -13.27 46.48
CA ARG C 219 -7.56 -14.08 47.61
C ARG C 219 -8.82 -14.87 47.26
N ASP C 220 -9.25 -15.74 48.16
CA ASP C 220 -10.44 -16.56 47.92
C ASP C 220 -11.69 -15.73 48.24
N THR C 221 -11.92 -14.73 47.38
CA THR C 221 -13.06 -13.83 47.50
C THR C 221 -13.71 -13.69 46.14
N VAL C 222 -14.96 -14.16 46.01
CA VAL C 222 -15.73 -14.01 44.78
C VAL C 222 -16.45 -12.68 44.80
N GLY C 223 -16.70 -12.12 43.62
CA GLY C 223 -17.31 -10.81 43.55
C GLY C 223 -18.06 -10.55 42.25
N VAL C 224 -19.11 -9.73 42.33
CA VAL C 224 -19.96 -9.43 41.19
C VAL C 224 -19.73 -7.99 40.75
N ARG C 225 -19.76 -7.76 39.44
CA ARG C 225 -19.58 -6.44 38.85
C ARG C 225 -20.87 -6.10 38.10
N ILE C 226 -21.82 -5.49 38.79
CA ILE C 226 -23.11 -5.17 38.20
C ILE C 226 -22.97 -3.91 37.35
N ASP C 227 -23.40 -4.00 36.09
CA ASP C 227 -23.49 -2.85 35.18
C ASP C 227 -22.15 -2.14 35.02
N ARG C 228 -21.06 -2.92 35.03
CA ARG C 228 -19.71 -2.39 34.77
C ARG C 228 -19.33 -1.27 35.72
N LYS C 229 -19.49 -1.50 37.02
CA LYS C 229 -19.09 -0.50 38.00
C LYS C 229 -18.80 -1.16 39.34
N ARG C 230 -17.68 -0.77 39.94
CA ARG C 230 -17.29 -1.19 41.29
C ARG C 230 -17.17 -2.71 41.38
N ARG C 231 -17.15 -3.23 42.60
CA ARG C 231 -17.02 -4.67 42.81
C ARG C 231 -17.48 -5.00 44.23
N GLN C 232 -18.46 -5.88 44.35
CA GLN C 232 -19.01 -6.28 45.64
C GLN C 232 -19.03 -7.80 45.74
N PRO C 233 -18.89 -8.34 46.94
CA PRO C 233 -19.05 -9.79 47.12
C PRO C 233 -20.45 -10.23 46.73
N VAL C 234 -20.53 -11.43 46.16
CA VAL C 234 -21.80 -11.96 45.67
C VAL C 234 -22.80 -12.21 46.78
N THR C 235 -22.36 -12.17 48.04
CA THR C 235 -23.29 -12.36 49.15
C THR C 235 -24.31 -11.24 49.20
N VAL C 236 -23.91 -10.00 48.89
CA VAL C 236 -24.86 -8.90 48.87
C VAL C 236 -25.90 -9.13 47.78
N LEU C 237 -25.49 -9.68 46.63
CA LEU C 237 -26.45 -9.95 45.57
C LEU C 237 -27.41 -11.07 45.96
N LEU C 238 -26.88 -12.14 46.57
CA LEU C 238 -27.75 -13.23 46.98
C LEU C 238 -28.73 -12.78 48.05
N LYS C 239 -28.28 -11.92 48.98
CA LYS C 239 -29.20 -11.37 49.98
C LYS C 239 -30.23 -10.45 49.35
N ALA C 240 -29.81 -9.62 48.38
CA ALA C 240 -30.74 -8.75 47.68
C ALA C 240 -31.73 -9.54 46.85
N LEU C 241 -31.41 -10.79 46.53
CA LEU C 241 -32.38 -11.68 45.89
C LEU C 241 -33.32 -12.33 46.90
N GLY C 242 -33.12 -12.08 48.20
CA GLY C 242 -33.98 -12.65 49.22
C GLY C 242 -33.55 -14.03 49.67
N TRP C 243 -32.33 -14.15 50.15
CA TRP C 243 -31.78 -15.43 50.60
C TRP C 243 -31.25 -15.29 52.02
N THR C 244 -31.50 -16.30 52.84
CA THR C 244 -31.00 -16.31 54.21
C THR C 244 -29.53 -16.73 54.24
N SER C 245 -28.91 -16.58 55.40
CA SER C 245 -27.51 -16.94 55.55
C SER C 245 -27.28 -18.44 55.73
N GLU C 246 -28.34 -19.21 55.93
CA GLU C 246 -28.22 -20.66 56.06
C GLU C 246 -28.47 -21.39 54.74
N GLN C 247 -29.27 -20.81 53.86
CA GLN C 247 -29.54 -21.46 52.57
C GLN C 247 -28.29 -21.48 51.70
N ILE C 248 -27.41 -20.49 51.85
CA ILE C 248 -26.16 -20.47 51.09
C ILE C 248 -25.33 -21.71 51.41
N VAL C 249 -25.20 -22.02 52.69
CA VAL C 249 -24.52 -23.25 53.10
C VAL C 249 -25.33 -24.47 52.66
N GLU C 250 -26.67 -24.36 52.70
CA GLU C 250 -27.52 -25.48 52.30
C GLU C 250 -27.30 -25.85 50.84
N ARG C 251 -26.88 -24.91 50.00
CA ARG C 251 -26.60 -25.18 48.60
C ARG C 251 -25.10 -25.13 48.29
N PHE C 252 -24.45 -24.01 48.56
CA PHE C 252 -23.02 -23.86 48.27
C PHE C 252 -22.16 -24.25 49.46
N GLY C 253 -22.37 -25.46 49.96
CA GLY C 253 -21.70 -25.91 51.18
C GLY C 253 -20.53 -26.84 50.94
N PHE C 254 -19.72 -26.56 49.93
CA PHE C 254 -18.58 -27.41 49.64
C PHE C 254 -17.30 -26.63 49.31
N SER C 255 -17.26 -25.33 49.56
CA SER C 255 -16.08 -24.53 49.25
C SER C 255 -15.75 -23.61 50.42
N GLU C 256 -14.45 -23.45 50.67
CA GLU C 256 -14.00 -22.46 51.65
C GLU C 256 -14.14 -21.04 51.12
N ILE C 257 -14.15 -20.89 49.79
CA ILE C 257 -14.37 -19.56 49.19
C ILE C 257 -15.74 -19.04 49.57
N MET C 258 -16.76 -19.88 49.46
CA MET C 258 -18.11 -19.47 49.84
C MET C 258 -18.20 -19.18 51.33
N ARG C 259 -17.49 -19.97 52.15
CA ARG C 259 -17.45 -19.70 53.58
C ARG C 259 -16.87 -18.32 53.87
N SER C 260 -15.74 -18.01 53.23
CA SER C 260 -15.10 -16.71 53.43
C SER C 260 -16.01 -15.58 52.95
N THR C 261 -16.70 -15.79 51.83
CA THR C 261 -17.56 -14.74 51.29
C THR C 261 -18.77 -14.50 52.20
N LEU C 262 -19.40 -15.58 52.69
CA LEU C 262 -20.56 -15.40 53.56
C LEU C 262 -20.16 -14.83 54.91
N GLU C 263 -18.98 -15.19 55.41
CA GLU C 263 -18.53 -14.64 56.70
C GLU C 263 -18.33 -13.14 56.60
N LYS C 264 -17.70 -12.67 55.53
CA LYS C 264 -17.40 -11.25 55.36
C LYS C 264 -18.37 -10.65 54.32
N ASP C 265 -19.55 -10.30 54.79
CA ASP C 265 -20.48 -9.50 53.99
C ASP C 265 -21.01 -8.28 54.71
N ASN C 266 -21.06 -8.30 56.05
CA ASN C 266 -21.58 -7.23 56.90
C ASN C 266 -22.84 -6.61 56.32
N THR C 267 -23.74 -7.43 55.79
CA THR C 267 -25.02 -6.98 55.25
C THR C 267 -26.13 -7.91 55.68
N VAL C 268 -26.15 -8.28 56.97
CA VAL C 268 -27.16 -9.19 57.47
C VAL C 268 -28.53 -8.55 57.32
N GLY C 269 -29.47 -9.28 56.72
CA GLY C 269 -30.75 -8.72 56.37
C GLY C 269 -30.79 -8.30 54.91
N THR C 270 -31.84 -8.69 54.20
CA THR C 270 -31.90 -8.42 52.76
C THR C 270 -31.94 -6.91 52.49
N ASP C 271 -32.77 -6.18 53.22
CA ASP C 271 -32.96 -4.76 52.94
C ASP C 271 -31.64 -4.01 52.96
N GLU C 272 -30.72 -4.40 53.83
CA GLU C 272 -29.39 -3.79 53.83
C GLU C 272 -28.69 -4.08 52.50
N ALA C 273 -28.85 -5.28 51.96
CA ALA C 273 -28.24 -5.62 50.67
C ALA C 273 -28.82 -4.77 49.55
N LEU C 274 -30.15 -4.62 49.51
CA LEU C 274 -30.74 -3.77 48.46
C LEU C 274 -30.28 -2.33 48.62
N LEU C 275 -30.19 -1.82 49.85
CA LEU C 275 -29.71 -0.46 50.06
C LEU C 275 -28.27 -0.30 49.59
N ASP C 276 -27.42 -1.28 49.87
CA ASP C 276 -26.03 -1.22 49.42
C ASP C 276 -25.95 -1.25 47.90
N ILE C 277 -26.75 -2.11 47.26
CA ILE C 277 -26.77 -2.16 45.80
C ILE C 277 -27.22 -0.82 45.24
N TYR C 278 -28.25 -0.22 45.83
CA TYR C 278 -28.75 1.06 45.36
C TYR C 278 -27.70 2.15 45.52
N ARG C 279 -26.99 2.16 46.64
CA ARG C 279 -25.97 3.19 46.85
C ARG C 279 -24.79 2.99 45.91
N LYS C 280 -24.48 1.73 45.55
CA LYS C 280 -23.40 1.48 44.61
C LYS C 280 -23.79 1.91 43.20
N LEU C 281 -25.01 1.60 42.78
CA LEU C 281 -25.44 1.92 41.42
C LEU C 281 -25.76 3.40 41.25
N ARG C 282 -26.74 3.89 42.01
CA ARG C 282 -27.16 5.28 41.89
C ARG C 282 -26.31 6.15 42.81
N PRO C 283 -25.55 7.11 42.29
CA PRO C 283 -24.72 7.96 43.13
C PRO C 283 -25.46 9.17 43.67
N GLY C 284 -25.11 9.54 44.90
CA GLY C 284 -25.66 10.74 45.52
C GLY C 284 -27.16 10.73 45.70
N GLU C 285 -27.71 9.61 46.17
CA GLU C 285 -29.15 9.49 46.36
C GLU C 285 -29.44 8.97 47.75
N PRO C 286 -30.60 9.32 48.32
CA PRO C 286 -31.03 8.72 49.58
C PRO C 286 -31.50 7.30 49.36
N PRO C 287 -30.88 6.32 50.03
CA PRO C 287 -31.26 4.92 49.80
C PRO C 287 -32.64 4.58 50.31
N THR C 288 -33.54 4.23 49.41
CA THR C 288 -34.92 3.87 49.73
C THR C 288 -35.21 2.49 49.17
N LYS C 289 -35.76 1.59 50.00
CA LYS C 289 -35.79 0.17 49.65
C LYS C 289 -36.72 -0.12 48.47
N GLU C 290 -37.87 0.56 48.40
CA GLU C 290 -38.77 0.34 47.26
C GLU C 290 -38.15 0.82 45.96
N SER C 291 -37.44 1.96 45.99
CA SER C 291 -36.71 2.39 44.80
C SER C 291 -35.63 1.40 44.43
N ALA C 292 -34.95 0.82 45.43
CA ALA C 292 -33.95 -0.20 45.15
C ALA C 292 -34.56 -1.41 44.47
N GLN C 293 -35.73 -1.85 44.95
CA GLN C 293 -36.41 -2.98 44.32
C GLN C 293 -36.85 -2.67 42.90
N THR C 294 -37.41 -1.47 42.69
CA THR C 294 -37.89 -1.11 41.36
C THR C 294 -36.75 -0.85 40.39
N LEU C 295 -35.54 -0.56 40.90
CA LEU C 295 -34.37 -0.45 40.04
C LEU C 295 -33.70 -1.79 39.80
N LEU C 296 -33.79 -2.72 40.75
CA LEU C 296 -33.23 -4.05 40.55
C LEU C 296 -34.06 -4.86 39.56
N GLU C 297 -35.39 -4.81 39.68
CA GLU C 297 -36.25 -5.55 38.77
C GLU C 297 -36.43 -4.86 37.43
N ASN C 298 -35.82 -3.69 37.24
CA ASN C 298 -35.83 -3.01 35.96
C ASN C 298 -34.53 -3.20 35.19
N LEU C 299 -33.68 -4.11 35.64
CA LEU C 299 -32.37 -4.31 35.03
C LEU C 299 -32.22 -5.66 34.35
N PHE C 300 -32.69 -6.75 34.96
CA PHE C 300 -32.46 -8.08 34.40
C PHE C 300 -33.75 -8.88 34.26
N PHE C 301 -34.71 -8.66 35.14
CA PHE C 301 -35.88 -9.53 35.25
C PHE C 301 -37.13 -8.97 34.58
N LYS C 302 -37.02 -7.86 33.86
CA LYS C 302 -38.15 -7.25 33.18
C LYS C 302 -37.93 -7.29 31.68
N GLU C 303 -38.93 -7.77 30.94
CA GLU C 303 -38.82 -7.95 29.49
C GLU C 303 -39.26 -6.67 28.78
N LYS C 304 -38.61 -5.56 29.17
CA LYS C 304 -38.78 -4.31 28.45
C LYS C 304 -37.42 -3.68 28.16
N ARG C 305 -36.47 -3.89 29.06
CA ARG C 305 -35.14 -3.32 28.95
C ARG C 305 -34.04 -4.37 28.95
N TYR C 306 -34.38 -5.65 28.99
CA TYR C 306 -33.40 -6.72 28.91
C TYR C 306 -33.90 -7.74 27.91
N ASP C 307 -33.02 -8.17 27.00
CA ASP C 307 -33.41 -9.11 25.96
C ASP C 307 -32.26 -10.09 25.73
N LEU C 308 -32.43 -11.32 26.24
CA LEU C 308 -31.61 -12.46 25.86
C LEU C 308 -32.37 -13.15 24.73
N ALA C 309 -31.99 -12.87 23.50
CA ALA C 309 -32.79 -13.29 22.35
C ALA C 309 -32.89 -14.81 22.25
N ARG C 310 -33.65 -15.31 21.27
CA ARG C 310 -33.86 -16.74 21.14
C ARG C 310 -32.54 -17.50 21.08
N VAL C 311 -31.55 -16.95 20.37
CA VAL C 311 -30.23 -17.56 20.35
C VAL C 311 -29.62 -17.54 21.75
N GLY C 312 -29.72 -16.41 22.45
CA GLY C 312 -29.14 -16.31 23.77
C GLY C 312 -29.81 -17.23 24.77
N ARG C 313 -31.14 -17.27 24.76
CA ARG C 313 -31.85 -18.16 25.67
C ARG C 313 -31.56 -19.62 25.35
N TYR C 314 -31.51 -19.97 24.07
CA TYR C 314 -31.21 -21.34 23.68
C TYR C 314 -29.79 -21.74 24.07
N LYS C 315 -28.85 -20.80 24.06
CA LYS C 315 -27.48 -21.12 24.46
C LYS C 315 -27.35 -21.23 25.97
N VAL C 316 -28.01 -20.35 26.74
CA VAL C 316 -27.96 -20.43 28.19
C VAL C 316 -28.67 -21.69 28.67
N ASN C 317 -29.76 -22.08 28.02
CA ASN C 317 -30.47 -23.32 28.35
C ASN C 317 -29.74 -24.56 27.89
N LYS C 318 -28.55 -24.41 27.30
CA LYS C 318 -27.83 -25.55 26.77
C LYS C 318 -26.49 -25.70 27.47
N LYS C 319 -25.88 -24.60 27.87
CA LYS C 319 -24.60 -24.70 28.57
C LYS C 319 -24.79 -25.05 30.04
N LEU C 320 -25.71 -24.39 30.72
CA LEU C 320 -25.98 -24.68 32.13
C LEU C 320 -26.88 -25.90 32.32
N GLY C 321 -27.46 -26.42 31.25
CA GLY C 321 -28.30 -27.60 31.35
C GLY C 321 -29.58 -27.39 32.13
N LEU C 322 -30.26 -26.28 31.90
CA LEU C 322 -31.54 -26.03 32.54
C LEU C 322 -32.64 -26.78 31.80
N HIS C 323 -33.90 -26.45 32.09
CA HIS C 323 -35.03 -27.19 31.55
C HIS C 323 -34.98 -27.25 30.03
N VAL C 324 -34.86 -28.45 29.49
CA VAL C 324 -34.72 -28.69 28.06
C VAL C 324 -35.86 -29.58 27.60
N GLY C 325 -36.53 -29.18 26.52
CA GLY C 325 -37.65 -29.93 26.01
C GLY C 325 -38.86 -29.06 25.76
N GLU C 326 -39.06 -28.06 26.61
CA GLU C 326 -40.19 -27.16 26.42
C GLU C 326 -39.86 -26.10 25.38
N PRO C 327 -40.87 -25.59 24.67
CA PRO C 327 -40.62 -24.52 23.70
C PRO C 327 -40.16 -23.25 24.39
N ILE C 328 -39.38 -22.45 23.66
CA ILE C 328 -38.85 -21.21 24.19
C ILE C 328 -39.94 -20.14 24.15
N THR C 329 -40.28 -19.58 25.31
CA THR C 329 -41.18 -18.46 25.42
C THR C 329 -40.69 -17.56 26.54
N SER C 330 -40.71 -16.25 26.30
CA SER C 330 -40.15 -15.24 27.19
C SER C 330 -38.63 -15.32 27.17
N SER C 331 -37.96 -14.17 27.20
CA SER C 331 -36.52 -14.09 26.94
C SER C 331 -35.83 -13.21 27.97
N THR C 332 -36.11 -13.44 29.25
CA THR C 332 -35.51 -12.69 30.33
C THR C 332 -34.79 -13.62 31.29
N LEU C 333 -33.87 -13.05 32.07
CA LEU C 333 -33.12 -13.83 33.05
C LEU C 333 -33.98 -14.20 34.24
N THR C 334 -33.61 -15.28 34.91
CA THR C 334 -34.30 -15.78 36.09
C THR C 334 -33.28 -16.02 37.21
N GLU C 335 -33.80 -16.20 38.44
CA GLU C 335 -32.92 -16.42 39.58
C GLU C 335 -32.16 -17.73 39.48
N GLU C 336 -32.82 -18.78 39.00
CA GLU C 336 -32.15 -20.08 38.87
C GLU C 336 -30.96 -19.99 37.93
N ASP C 337 -31.05 -19.13 36.91
CA ASP C 337 -29.92 -18.94 36.01
C ASP C 337 -28.72 -18.38 36.75
N VAL C 338 -28.95 -17.39 37.63
CA VAL C 338 -27.84 -16.80 38.39
C VAL C 338 -27.24 -17.82 39.35
N VAL C 339 -28.10 -18.57 40.05
CA VAL C 339 -27.60 -19.58 40.99
C VAL C 339 -26.79 -20.64 40.24
N ALA C 340 -27.31 -21.11 39.10
CA ALA C 340 -26.59 -22.10 38.32
C ALA C 340 -25.27 -21.56 37.79
N THR C 341 -25.23 -20.28 37.40
CA THR C 341 -23.98 -19.70 36.93
C THR C 341 -22.94 -19.66 38.03
N ILE C 342 -23.34 -19.26 39.24
CA ILE C 342 -22.39 -19.23 40.35
C ILE C 342 -21.92 -20.64 40.71
N GLU C 343 -22.84 -21.60 40.70
CA GLU C 343 -22.47 -22.99 40.96
C GLU C 343 -21.48 -23.51 39.92
N TYR C 344 -21.72 -23.21 38.65
CA TYR C 344 -20.80 -23.59 37.59
C TYR C 344 -19.43 -22.97 37.79
N LEU C 345 -19.40 -21.68 38.16
CA LEU C 345 -18.11 -21.02 38.35
C LEU C 345 -17.33 -21.64 39.49
N VAL C 346 -17.98 -21.92 40.62
CA VAL C 346 -17.24 -22.48 41.75
C VAL C 346 -16.81 -23.92 41.45
N ARG C 347 -17.65 -24.69 40.78
CA ARG C 347 -17.25 -26.05 40.42
C ARG C 347 -16.08 -26.05 39.45
N LEU C 348 -16.07 -25.12 38.50
CA LEU C 348 -14.92 -25.00 37.60
C LEU C 348 -13.67 -24.57 38.36
N HIS C 349 -13.82 -23.68 39.34
CA HIS C 349 -12.68 -23.25 40.13
C HIS C 349 -12.08 -24.41 40.92
N GLU C 350 -12.93 -25.25 41.52
CA GLU C 350 -12.40 -26.36 42.31
C GLU C 350 -11.67 -27.38 41.44
N GLY C 351 -12.30 -27.83 40.36
CA GLY C 351 -11.66 -28.78 39.48
C GLY C 351 -12.55 -29.91 39.00
N GLN C 352 -13.84 -29.87 39.36
CA GLN C 352 -14.76 -30.89 38.92
C GLN C 352 -14.96 -30.83 37.40
N THR C 353 -15.32 -31.96 36.81
CA THR C 353 -15.49 -32.07 35.37
C THR C 353 -16.93 -32.14 34.93
N THR C 354 -17.80 -32.82 35.68
CA THR C 354 -19.22 -32.92 35.36
C THR C 354 -20.03 -32.28 36.48
N MET C 355 -21.17 -31.70 36.14
CA MET C 355 -22.03 -31.00 37.09
C MET C 355 -23.48 -31.20 36.70
N THR C 356 -24.34 -31.35 37.70
CA THR C 356 -25.77 -31.47 37.51
C THR C 356 -26.49 -30.38 38.30
N VAL C 357 -27.68 -30.02 37.81
CA VAL C 357 -28.50 -28.99 38.44
C VAL C 357 -29.86 -29.61 38.75
N PRO C 358 -30.50 -29.26 39.88
CA PRO C 358 -31.83 -29.82 40.17
C PRO C 358 -32.83 -29.51 39.07
N GLY C 359 -33.31 -30.56 38.40
CA GLY C 359 -34.20 -30.40 37.26
C GLY C 359 -33.52 -30.34 35.92
N GLY C 360 -32.22 -30.61 35.85
CA GLY C 360 -31.49 -30.58 34.59
C GLY C 360 -30.56 -31.77 34.47
N VAL C 361 -30.17 -32.05 33.23
CA VAL C 361 -29.33 -33.19 32.92
C VAL C 361 -27.87 -32.86 33.23
N GLU C 362 -27.01 -33.89 33.24
CA GLU C 362 -25.60 -33.68 33.48
C GLU C 362 -24.97 -32.96 32.29
N VAL C 363 -24.08 -32.01 32.59
CA VAL C 363 -23.41 -31.23 31.55
C VAL C 363 -21.91 -31.19 31.87
N PRO C 364 -21.04 -31.13 30.86
CA PRO C 364 -19.61 -30.99 31.13
C PRO C 364 -19.27 -29.61 31.67
N VAL C 365 -18.19 -29.55 32.45
CA VAL C 365 -17.69 -28.30 33.02
C VAL C 365 -16.38 -27.98 32.33
N GLU C 366 -16.38 -26.89 31.56
CA GLU C 366 -15.20 -26.53 30.77
C GLU C 366 -15.26 -25.05 30.43
N THR C 367 -14.09 -24.50 30.11
CA THR C 367 -13.99 -23.14 29.61
C THR C 367 -14.10 -23.14 28.09
N ASP C 368 -14.79 -22.14 27.56
CA ASP C 368 -15.11 -22.10 26.13
C ASP C 368 -14.31 -21.00 25.42
N ASP C 369 -14.00 -21.27 24.16
CA ASP C 369 -13.29 -20.33 23.31
C ASP C 369 -14.30 -19.51 22.51
N ILE C 370 -14.02 -18.22 22.36
CA ILE C 370 -14.97 -17.31 21.71
C ILE C 370 -14.77 -17.19 20.21
N ASP C 371 -13.64 -17.65 19.68
CA ASP C 371 -13.40 -17.67 18.25
C ASP C 371 -13.91 -18.95 17.58
N HIS C 372 -14.39 -19.90 18.37
CA HIS C 372 -14.95 -21.14 17.84
C HIS C 372 -16.16 -20.84 16.97
N PHE C 373 -16.28 -21.56 15.86
CA PHE C 373 -17.43 -21.37 14.99
C PHE C 373 -18.74 -21.87 15.61
N GLY C 374 -18.68 -22.59 16.73
CA GLY C 374 -19.87 -22.89 17.47
C GLY C 374 -20.37 -21.77 18.34
N ASN C 375 -19.59 -20.69 18.45
CA ASN C 375 -19.97 -19.51 19.21
C ASN C 375 -20.19 -18.28 18.34
N ARG C 376 -19.57 -18.21 17.16
CA ARG C 376 -19.78 -17.12 16.22
C ARG C 376 -20.94 -17.47 15.30
N ARG C 377 -21.93 -16.59 15.24
CA ARG C 377 -23.09 -16.78 14.38
C ARG C 377 -23.05 -15.79 13.23
N LEU C 378 -23.98 -15.97 12.29
CA LEU C 378 -24.04 -15.19 11.07
C LEU C 378 -25.31 -14.36 11.04
N ARG C 379 -25.17 -13.07 10.76
CA ARG C 379 -26.30 -12.16 10.65
C ARG C 379 -26.51 -11.87 9.17
N THR C 380 -27.47 -12.55 8.57
CA THR C 380 -27.72 -12.44 7.13
C THR C 380 -28.49 -11.17 6.82
N VAL C 381 -28.99 -11.04 5.60
CA VAL C 381 -29.62 -9.80 5.17
C VAL C 381 -30.96 -9.59 5.89
N GLY C 382 -31.72 -10.66 6.11
CA GLY C 382 -33.01 -10.51 6.77
C GLY C 382 -32.89 -9.94 8.17
N GLU C 383 -31.96 -10.48 8.95
CA GLU C 383 -31.74 -9.98 10.30
C GLU C 383 -31.01 -8.65 10.34
N LEU C 384 -30.44 -8.21 9.22
CA LEU C 384 -29.87 -6.87 9.16
C LEU C 384 -30.92 -5.82 8.83
N ILE C 385 -31.95 -6.19 8.06
CA ILE C 385 -33.04 -5.26 7.77
C ILE C 385 -34.03 -5.21 8.93
N GLN C 386 -34.23 -6.34 9.60
CA GLN C 386 -35.20 -6.39 10.70
C GLN C 386 -34.79 -5.47 11.85
N ASN C 387 -33.49 -5.29 12.08
CA ASN C 387 -33.04 -4.40 13.14
C ASN C 387 -33.42 -2.96 12.85
N GLN C 388 -33.20 -2.51 11.62
CA GLN C 388 -33.56 -1.14 11.25
C GLN C 388 -35.07 -0.93 11.33
N ILE C 389 -35.84 -1.92 10.87
CA ILE C 389 -37.29 -1.82 11.00
C ILE C 389 -37.70 -1.72 12.46
N ARG C 390 -37.03 -2.48 13.33
CA ARG C 390 -37.35 -2.42 14.76
C ARG C 390 -37.03 -1.05 15.35
N VAL C 391 -35.90 -0.45 14.96
CA VAL C 391 -35.54 0.86 15.49
C VAL C 391 -36.57 1.91 15.07
N GLY C 392 -36.93 1.92 13.79
CA GLY C 392 -37.97 2.83 13.34
C GLY C 392 -39.30 2.60 14.04
N MET C 393 -39.64 1.33 14.27
CA MET C 393 -40.87 0.99 14.98
C MET C 393 -40.86 1.53 16.41
N SER C 394 -39.74 1.42 17.10
CA SER C 394 -39.65 1.93 18.47
C SER C 394 -39.80 3.44 18.50
N ARG C 395 -39.18 4.14 17.55
CA ARG C 395 -39.35 5.59 17.51
C ARG C 395 -40.80 5.98 17.26
N MET C 396 -41.45 5.32 16.29
CA MET C 396 -42.85 5.60 16.03
C MET C 396 -43.74 5.27 17.24
N GLU C 397 -43.40 4.20 17.96
CA GLU C 397 -44.16 3.83 19.14
C GLU C 397 -44.03 4.87 20.24
N ARG C 398 -42.82 5.40 20.43
CA ARG C 398 -42.66 6.49 21.41
C ARG C 398 -43.51 7.69 21.02
N VAL C 399 -43.52 8.05 19.74
CA VAL C 399 -44.31 9.19 19.31
C VAL C 399 -45.80 8.96 19.56
N VAL C 400 -46.32 7.77 19.22
CA VAL C 400 -47.75 7.54 19.37
C VAL C 400 -48.13 7.50 20.85
N ARG C 401 -47.27 6.90 21.69
CA ARG C 401 -47.56 6.89 23.11
C ARG C 401 -47.59 8.29 23.68
N GLU C 402 -46.66 9.16 23.25
CA GLU C 402 -46.64 10.52 23.78
C GLU C 402 -47.79 11.37 23.24
N ARG C 403 -48.28 11.08 22.04
CA ARG C 403 -49.34 11.89 21.44
C ARG C 403 -50.74 11.38 21.79
N MET C 404 -50.85 10.16 22.32
CA MET C 404 -52.15 9.64 22.72
C MET C 404 -52.76 10.37 23.91
N THR C 405 -51.98 11.13 24.68
CA THR C 405 -52.48 11.80 25.87
C THR C 405 -52.70 13.30 25.69
N THR C 406 -52.50 13.83 24.50
CA THR C 406 -52.70 15.26 24.24
C THR C 406 -53.80 15.54 23.24
N GLN C 407 -54.39 14.53 22.63
CA GLN C 407 -55.49 14.70 21.71
C GLN C 407 -56.82 14.45 22.42
N ASP C 408 -57.91 14.85 21.77
CA ASP C 408 -59.24 14.74 22.35
C ASP C 408 -59.87 13.42 21.94
N VAL C 409 -60.53 12.77 22.90
CA VAL C 409 -61.19 11.50 22.61
C VAL C 409 -62.40 11.73 21.71
N GLU C 410 -62.90 10.65 21.12
CA GLU C 410 -64.01 10.63 20.17
C GLU C 410 -63.57 11.17 18.81
N ALA C 411 -62.32 11.64 18.73
CA ALA C 411 -61.71 11.99 17.47
C ALA C 411 -60.38 11.25 17.27
N ILE C 412 -60.14 10.20 18.05
CA ILE C 412 -58.92 9.42 17.95
C ILE C 412 -59.19 8.20 17.08
N THR C 413 -58.45 8.09 15.99
CA THR C 413 -58.50 6.97 15.06
C THR C 413 -57.09 6.47 14.83
N PRO C 414 -56.93 5.22 14.41
CA PRO C 414 -55.56 4.70 14.19
C PRO C 414 -54.77 5.50 13.18
N GLN C 415 -55.42 6.17 12.23
CA GLN C 415 -54.72 6.94 11.21
C GLN C 415 -54.17 8.25 11.72
N THR C 416 -54.67 8.76 12.85
CA THR C 416 -54.22 10.03 13.39
C THR C 416 -53.12 9.89 14.43
N LEU C 417 -52.80 8.66 14.83
CA LEU C 417 -51.79 8.42 15.85
C LEU C 417 -50.45 7.96 15.28
N ILE C 418 -50.39 7.69 13.99
CA ILE C 418 -49.26 6.98 13.39
C ILE C 418 -48.48 7.92 12.49
N ASN C 419 -47.17 7.96 12.67
CA ASN C 419 -46.26 8.73 11.86
C ASN C 419 -45.34 7.77 11.10
N ILE C 420 -45.21 7.98 9.78
CA ILE C 420 -44.43 7.08 8.95
C ILE C 420 -42.97 7.53 8.81
N ARG C 421 -42.67 8.80 9.05
CA ARG C 421 -41.34 9.36 8.77
C ARG C 421 -40.18 8.59 9.41
N PRO C 422 -40.23 8.21 10.70
CA PRO C 422 -39.08 7.48 11.26
C PRO C 422 -38.75 6.19 10.52
N VAL C 423 -39.76 5.44 10.08
CA VAL C 423 -39.50 4.15 9.45
C VAL C 423 -38.83 4.34 8.09
N VAL C 424 -39.35 5.25 7.27
CA VAL C 424 -38.74 5.49 5.98
C VAL C 424 -37.35 6.10 6.14
N ALA C 425 -37.16 6.94 7.15
CA ALA C 425 -35.83 7.49 7.41
C ALA C 425 -34.84 6.39 7.74
N ALA C 426 -35.23 5.46 8.61
CA ALA C 426 -34.34 4.35 8.97
C ALA C 426 -34.04 3.47 7.75
N ILE C 427 -35.06 3.19 6.93
CA ILE C 427 -34.85 2.32 5.77
C ILE C 427 -33.88 2.98 4.78
N LYS C 428 -34.11 4.26 4.47
CA LYS C 428 -33.25 4.93 3.50
C LYS C 428 -31.87 5.23 4.06
N GLU C 429 -31.72 5.29 5.39
CA GLU C 429 -30.39 5.42 5.97
C GLU C 429 -29.64 4.10 5.96
N PHE C 430 -30.33 2.97 6.10
CA PHE C 430 -29.65 1.68 5.99
C PHE C 430 -29.24 1.41 4.55
N PHE C 431 -30.14 1.60 3.60
CA PHE C 431 -29.83 1.22 2.24
C PHE C 431 -28.90 2.19 1.53
N GLY C 432 -28.60 3.33 2.14
CA GLY C 432 -27.68 4.29 1.57
C GLY C 432 -26.33 4.30 2.29
N THR C 433 -26.16 5.25 3.20
CA THR C 433 -24.90 5.45 3.92
C THR C 433 -24.74 4.36 4.97
N SER C 434 -24.31 3.18 4.53
CA SER C 434 -24.07 2.07 5.43
C SER C 434 -22.83 1.32 4.98
N GLN C 435 -22.20 0.63 5.93
CA GLN C 435 -20.97 -0.09 5.66
C GLN C 435 -21.19 -1.52 5.15
N LEU C 436 -22.43 -2.01 5.18
CA LEU C 436 -22.70 -3.39 4.79
C LEU C 436 -23.49 -3.53 3.49
N SER C 437 -24.15 -2.48 3.03
CA SER C 437 -24.80 -2.49 1.71
C SER C 437 -23.82 -1.85 0.73
N GLN C 438 -23.08 -2.68 0.02
CA GLN C 438 -21.91 -2.25 -0.72
C GLN C 438 -22.21 -2.16 -2.22
N PHE C 439 -21.49 -1.24 -2.88
CA PHE C 439 -21.55 -1.11 -4.33
C PHE C 439 -21.09 -2.40 -4.99
N MET C 440 -21.89 -2.91 -5.92
CA MET C 440 -21.58 -4.19 -6.54
C MET C 440 -20.44 -4.04 -7.55
N ASP C 441 -19.57 -5.05 -7.60
CA ASP C 441 -18.48 -5.09 -8.56
C ASP C 441 -18.87 -6.00 -9.71
N GLN C 442 -18.81 -5.48 -10.92
CA GLN C 442 -19.25 -6.18 -12.12
C GLN C 442 -18.14 -6.21 -13.15
N ASN C 443 -16.93 -6.54 -12.70
CA ASN C 443 -15.82 -6.74 -13.62
C ASN C 443 -16.08 -7.93 -14.54
N ASN C 444 -16.56 -9.02 -13.97
CA ASN C 444 -16.93 -10.22 -14.73
C ASN C 444 -17.87 -11.05 -13.85
N PRO C 445 -18.51 -12.08 -14.41
CA PRO C 445 -19.48 -12.85 -13.61
C PRO C 445 -18.92 -13.46 -12.32
N LEU C 446 -17.66 -13.89 -12.31
CA LEU C 446 -17.10 -14.52 -11.12
C LEU C 446 -17.03 -13.56 -9.95
N SER C 447 -16.63 -12.31 -10.20
CA SER C 447 -16.56 -11.32 -9.12
C SER C 447 -17.94 -11.01 -8.57
N GLY C 448 -18.96 -10.94 -9.43
CA GLY C 448 -20.31 -10.72 -8.97
C GLY C 448 -20.83 -11.87 -8.12
N LEU C 449 -20.54 -13.10 -8.52
CA LEU C 449 -20.94 -14.26 -7.72
C LEU C 449 -20.21 -14.28 -6.38
N THR C 450 -18.92 -13.92 -6.38
CA THR C 450 -18.15 -13.96 -5.15
C THR C 450 -18.55 -12.86 -4.18
N HIS C 451 -18.97 -11.70 -4.68
CA HIS C 451 -19.38 -10.62 -3.81
C HIS C 451 -20.57 -11.01 -2.94
N LYS C 452 -21.47 -11.83 -3.47
CA LYS C 452 -22.69 -12.21 -2.78
C LYS C 452 -22.49 -13.36 -1.79
N ARG C 453 -21.28 -13.89 -1.66
CA ARG C 453 -21.00 -15.02 -0.80
C ARG C 453 -19.94 -14.67 0.24
N ARG C 454 -19.83 -13.40 0.59
CA ARG C 454 -18.76 -12.90 1.44
C ARG C 454 -19.23 -12.82 2.90
N LEU C 455 -18.38 -13.28 3.80
CA LEU C 455 -18.61 -13.17 5.24
C LEU C 455 -17.66 -12.10 5.78
N SER C 456 -18.21 -11.05 6.35
CA SER C 456 -17.44 -9.89 6.79
C SER C 456 -17.46 -9.78 8.30
N ALA C 457 -16.29 -9.57 8.90
CA ALA C 457 -16.14 -9.51 10.35
C ALA C 457 -16.19 -8.09 10.90
N LEU C 458 -16.39 -7.09 10.06
CA LEU C 458 -16.42 -5.70 10.50
C LEU C 458 -17.86 -5.20 10.47
N GLY C 459 -18.05 -3.94 10.87
CA GLY C 459 -19.35 -3.32 10.79
C GLY C 459 -19.86 -2.80 12.11
N PRO C 460 -21.06 -2.24 12.11
CA PRO C 460 -21.63 -1.67 13.34
C PRO C 460 -22.08 -2.74 14.32
N GLY C 461 -21.14 -3.28 15.09
CA GLY C 461 -21.45 -4.31 16.06
C GLY C 461 -20.36 -5.37 16.09
N GLY C 462 -19.36 -5.21 15.23
CA GLY C 462 -18.29 -6.17 15.12
C GLY C 462 -16.96 -5.67 15.63
N LEU C 463 -16.03 -5.43 14.71
CA LEU C 463 -14.64 -5.16 15.03
C LEU C 463 -14.21 -3.84 14.39
N SER C 464 -12.90 -3.58 14.44
CA SER C 464 -12.31 -2.42 13.78
C SER C 464 -10.99 -2.83 13.15
N ARG C 465 -10.63 -2.16 12.06
CA ARG C 465 -9.39 -2.49 11.36
C ARG C 465 -8.16 -2.19 12.21
N GLU C 466 -8.29 -1.33 13.21
CA GLU C 466 -7.19 -0.96 14.10
C GLU C 466 -7.20 -1.75 15.40
N ARG C 467 -8.37 -1.97 15.99
CA ARG C 467 -8.46 -2.72 17.24
C ARG C 467 -8.22 -4.21 17.05
N ALA C 468 -8.62 -4.77 15.90
CA ALA C 468 -8.44 -6.20 15.66
C ALA C 468 -6.96 -6.57 15.70
N GLY C 469 -6.65 -7.66 16.40
CA GLY C 469 -5.28 -8.05 16.61
C GLY C 469 -4.79 -9.13 15.67
N LEU C 470 -4.16 -10.17 16.22
CA LEU C 470 -3.61 -11.25 15.42
C LEU C 470 -4.25 -12.61 15.70
N GLU C 471 -5.14 -12.72 16.68
CA GLU C 471 -5.77 -13.98 17.00
C GLU C 471 -7.15 -14.13 16.38
N VAL C 472 -7.76 -13.03 15.93
CA VAL C 472 -9.02 -13.11 15.18
C VAL C 472 -8.78 -13.30 13.69
N ARG C 473 -7.51 -13.33 13.25
CA ARG C 473 -7.15 -13.53 11.86
C ARG C 473 -6.42 -14.84 11.65
N ASP C 474 -6.90 -15.91 12.27
CA ASP C 474 -6.26 -17.21 12.19
C ASP C 474 -7.25 -18.25 11.69
N VAL C 475 -6.71 -19.33 11.13
CA VAL C 475 -7.49 -20.43 10.60
C VAL C 475 -7.76 -21.39 11.75
N HIS C 476 -8.93 -21.28 12.36
CA HIS C 476 -9.34 -22.16 13.43
C HIS C 476 -9.62 -23.57 12.89
N PRO C 477 -9.39 -24.61 13.69
CA PRO C 477 -9.71 -25.97 13.23
C PRO C 477 -11.18 -26.22 12.98
N SER C 478 -12.07 -25.33 13.40
CA SER C 478 -13.49 -25.48 13.18
C SER C 478 -13.97 -24.85 11.88
N HIS C 479 -13.06 -24.30 11.07
CA HIS C 479 -13.41 -23.73 9.78
C HIS C 479 -13.52 -24.78 8.69
N TYR C 480 -13.24 -26.04 8.98
CA TYR C 480 -13.20 -27.10 7.96
C TYR C 480 -14.60 -27.37 7.44
N GLY C 481 -14.90 -26.86 6.24
CA GLY C 481 -16.19 -27.08 5.62
C GLY C 481 -17.15 -25.92 5.73
N ARG C 482 -16.77 -24.85 6.43
CA ARG C 482 -17.63 -23.70 6.64
C ARG C 482 -17.05 -22.40 6.10
N MET C 483 -15.74 -22.25 6.09
CA MET C 483 -15.08 -21.06 5.57
C MET C 483 -13.87 -21.48 4.76
N CYS C 484 -13.51 -20.67 3.77
CA CYS C 484 -12.36 -21.02 2.94
C CYS C 484 -11.08 -20.49 3.56
N PRO C 485 -10.07 -21.35 3.78
CA PRO C 485 -8.82 -20.88 4.40
C PRO C 485 -7.88 -20.17 3.47
N ILE C 486 -8.17 -20.08 2.17
CA ILE C 486 -7.24 -19.56 1.18
C ILE C 486 -7.67 -18.20 0.66
N GLU C 487 -8.94 -18.06 0.27
CA GLU C 487 -9.41 -16.83 -0.36
C GLU C 487 -9.62 -15.77 0.71
N THR C 488 -8.72 -14.78 0.77
CA THR C 488 -8.81 -13.68 1.72
C THR C 488 -8.02 -12.50 1.16
N PRO C 489 -8.35 -11.27 1.55
CA PRO C 489 -7.60 -10.12 1.03
C PRO C 489 -6.13 -10.16 1.42
N GLU C 490 -5.35 -9.29 0.77
CA GLU C 490 -3.91 -9.28 0.92
C GLU C 490 -3.38 -8.07 1.68
N GLY C 491 -4.21 -7.06 1.92
CA GLY C 491 -3.76 -5.85 2.57
C GLY C 491 -4.07 -5.82 4.04
N PRO C 492 -4.56 -4.68 4.53
CA PRO C 492 -4.92 -4.57 5.95
C PRO C 492 -6.15 -5.38 6.36
N ASN C 493 -6.92 -5.91 5.41
CA ASN C 493 -8.10 -6.72 5.70
C ASN C 493 -7.83 -8.21 5.58
N ILE C 494 -6.62 -8.66 5.90
CA ILE C 494 -6.28 -10.07 5.80
C ILE C 494 -6.90 -10.79 6.99
N GLY C 495 -7.79 -11.74 6.72
CA GLY C 495 -8.44 -12.50 7.76
C GLY C 495 -9.72 -11.89 8.29
N LEU C 496 -10.04 -10.65 7.91
CA LEU C 496 -11.27 -10.01 8.30
C LEU C 496 -12.38 -10.19 7.28
N ILE C 497 -12.09 -10.74 6.11
CA ILE C 497 -13.08 -11.02 5.08
C ILE C 497 -12.82 -12.41 4.53
N GLY C 498 -13.87 -13.22 4.42
CA GLY C 498 -13.75 -14.58 3.95
C GLY C 498 -14.92 -14.96 3.06
N SER C 499 -14.88 -16.20 2.57
CA SER C 499 -15.86 -16.70 1.62
C SER C 499 -16.47 -17.99 2.13
N LEU C 500 -17.75 -18.19 1.85
CA LEU C 500 -18.44 -19.41 2.22
C LEU C 500 -18.00 -20.56 1.33
N SER C 501 -18.01 -21.77 1.90
CA SER C 501 -17.65 -22.96 1.15
C SER C 501 -18.83 -23.44 0.30
N VAL C 502 -18.56 -24.39 -0.60
CA VAL C 502 -19.56 -24.76 -1.60
C VAL C 502 -20.73 -25.53 -0.98
N TYR C 503 -20.45 -26.41 -0.01
CA TYR C 503 -21.49 -27.26 0.56
C TYR C 503 -22.09 -26.71 1.84
N ALA C 504 -21.66 -25.53 2.32
CA ALA C 504 -22.12 -25.01 3.59
C ALA C 504 -23.53 -24.44 3.49
N ARG C 505 -24.23 -24.43 4.63
CA ARG C 505 -25.56 -23.87 4.71
C ARG C 505 -25.80 -23.36 6.14
N VAL C 506 -26.79 -22.49 6.29
CA VAL C 506 -27.00 -21.75 7.53
C VAL C 506 -28.22 -22.28 8.27
N ASN C 507 -28.08 -22.44 9.59
CA ASN C 507 -29.12 -22.84 10.53
C ASN C 507 -30.25 -21.82 10.54
N PRO C 508 -31.39 -22.11 11.14
CA PRO C 508 -32.36 -21.06 11.48
C PRO C 508 -31.93 -20.17 12.63
N PHE C 509 -30.79 -20.43 13.25
CA PHE C 509 -30.24 -19.59 14.30
C PHE C 509 -29.07 -18.74 13.85
N GLY C 510 -28.31 -19.19 12.86
CA GLY C 510 -27.19 -18.42 12.35
C GLY C 510 -25.88 -19.18 12.37
N PHE C 511 -25.95 -20.49 12.59
CA PHE C 511 -24.76 -21.33 12.66
C PHE C 511 -24.62 -22.14 11.37
N ILE C 512 -23.42 -22.15 10.82
CA ILE C 512 -23.16 -22.79 9.53
C ILE C 512 -23.01 -24.29 9.72
N GLU C 513 -23.66 -25.06 8.84
CA GLU C 513 -23.63 -26.51 8.87
C GLU C 513 -22.85 -27.05 7.67
N THR C 514 -22.58 -28.35 7.70
CA THR C 514 -21.89 -29.02 6.62
C THR C 514 -22.24 -30.51 6.66
N PRO C 515 -22.33 -31.17 5.51
CA PRO C 515 -22.82 -32.55 5.47
C PRO C 515 -21.74 -33.59 5.64
N TYR C 516 -22.17 -34.77 6.08
CA TYR C 516 -21.27 -35.92 6.29
C TYR C 516 -22.02 -37.20 5.94
N ARG C 517 -21.26 -38.25 5.66
CA ARG C 517 -21.83 -39.57 5.38
C ARG C 517 -21.64 -40.47 6.59
N LYS C 518 -22.74 -41.03 7.08
CA LYS C 518 -22.70 -41.86 8.27
C LYS C 518 -22.15 -43.24 7.93
N VAL C 519 -21.23 -43.74 8.77
CA VAL C 519 -20.65 -45.07 8.60
C VAL C 519 -21.02 -45.91 9.82
N VAL C 520 -21.35 -47.18 9.56
CA VAL C 520 -21.71 -48.13 10.62
C VAL C 520 -21.03 -49.46 10.32
N ASP C 521 -20.43 -50.05 11.36
CA ASP C 521 -19.80 -51.37 11.25
C ASP C 521 -18.71 -51.38 10.18
N GLY C 522 -18.00 -50.26 10.05
CA GLY C 522 -16.90 -50.17 9.11
C GLY C 522 -17.31 -50.04 7.65
N VAL C 523 -18.59 -49.87 7.36
CA VAL C 523 -19.09 -49.73 6.00
C VAL C 523 -19.69 -48.34 5.86
N VAL C 524 -19.31 -47.63 4.81
CA VAL C 524 -19.83 -46.28 4.57
C VAL C 524 -21.22 -46.40 3.96
N SER C 525 -22.19 -45.74 4.58
CA SER C 525 -23.55 -45.72 4.08
C SER C 525 -23.70 -44.54 3.11
N ASP C 526 -24.94 -44.21 2.76
CA ASP C 526 -25.21 -43.10 1.86
C ASP C 526 -26.28 -42.18 2.44
N GLU C 527 -26.30 -42.03 3.76
CA GLU C 527 -27.24 -41.15 4.44
C GLU C 527 -26.51 -39.89 4.90
N ILE C 528 -27.02 -38.74 4.51
CA ILE C 528 -26.36 -37.45 4.72
C ILE C 528 -26.98 -36.77 5.92
N VAL C 529 -26.14 -36.33 6.86
CA VAL C 529 -26.59 -35.58 8.03
C VAL C 529 -25.77 -34.30 8.12
N TYR C 530 -26.46 -33.17 8.35
CA TYR C 530 -25.80 -31.88 8.46
C TYR C 530 -25.45 -31.61 9.92
N LEU C 531 -24.20 -31.23 10.16
CA LEU C 531 -23.68 -31.06 11.51
C LEU C 531 -23.09 -29.67 11.69
N THR C 532 -23.35 -29.06 12.85
CA THR C 532 -22.70 -27.81 13.22
C THR C 532 -21.39 -28.09 13.97
N ALA C 533 -20.56 -27.05 14.08
CA ALA C 533 -19.23 -27.20 14.64
C ALA C 533 -19.26 -27.66 16.08
N ASP C 534 -20.37 -27.47 16.78
CA ASP C 534 -20.51 -27.87 18.18
C ASP C 534 -20.93 -29.31 18.34
N GLU C 535 -21.35 -29.99 17.26
CA GLU C 535 -21.78 -31.38 17.34
C GLU C 535 -20.81 -32.35 16.70
N GLU C 536 -19.88 -31.88 15.88
CA GLU C 536 -18.93 -32.75 15.21
C GLU C 536 -17.65 -32.95 15.99
N ASP C 537 -17.52 -32.32 17.16
CA ASP C 537 -16.36 -32.50 18.01
C ASP C 537 -16.53 -33.63 19.02
N ARG C 538 -17.65 -34.33 18.97
CA ARG C 538 -17.87 -35.53 19.77
C ARG C 538 -17.83 -36.80 18.94
N HIS C 539 -17.45 -36.70 17.67
CA HIS C 539 -17.40 -37.84 16.77
C HIS C 539 -16.06 -37.87 16.06
N VAL C 540 -15.67 -39.06 15.60
CA VAL C 540 -14.46 -39.22 14.80
C VAL C 540 -14.86 -39.14 13.33
N VAL C 541 -14.29 -38.19 12.61
CA VAL C 541 -14.64 -37.92 11.22
C VAL C 541 -13.45 -38.29 10.34
N ALA C 542 -13.69 -39.13 9.34
CA ALA C 542 -12.63 -39.64 8.48
C ALA C 542 -12.25 -38.57 7.46
N GLN C 543 -11.50 -38.98 6.44
CA GLN C 543 -10.95 -38.08 5.44
C GLN C 543 -11.54 -38.40 4.08
N ALA C 544 -11.65 -37.38 3.22
CA ALA C 544 -12.30 -37.56 1.93
C ALA C 544 -11.51 -38.50 1.03
N ASN C 545 -10.19 -38.37 1.00
CA ASN C 545 -9.32 -39.22 0.18
C ASN C 545 -9.01 -40.50 0.95
N SER C 546 -9.98 -41.42 0.95
CA SER C 546 -9.83 -42.67 1.65
C SER C 546 -10.21 -43.81 0.72
N PRO C 547 -9.39 -44.86 0.63
CA PRO C 547 -9.70 -45.96 -0.29
C PRO C 547 -10.96 -46.70 0.16
N ILE C 548 -11.90 -46.85 -0.78
CA ILE C 548 -13.17 -47.50 -0.51
C ILE C 548 -13.38 -48.60 -1.55
N ASP C 549 -13.68 -49.81 -1.08
CA ASP C 549 -13.87 -50.94 -1.97
C ASP C 549 -15.24 -50.86 -2.65
N ALA C 550 -15.57 -51.91 -3.41
CA ALA C 550 -16.86 -51.94 -4.10
C ALA C 550 -18.02 -51.99 -3.10
N ASP C 551 -17.87 -52.77 -2.03
CA ASP C 551 -18.90 -52.86 -1.01
C ASP C 551 -18.92 -51.64 -0.10
N GLY C 552 -17.76 -51.05 0.17
CA GLY C 552 -17.71 -49.84 0.97
C GLY C 552 -16.85 -49.96 2.21
N ARG C 553 -15.89 -50.88 2.21
CA ARG C 553 -15.01 -51.08 3.34
C ARG C 553 -13.64 -50.46 3.05
N PHE C 554 -13.04 -49.87 4.09
CA PHE C 554 -11.75 -49.22 3.93
C PHE C 554 -10.68 -50.25 3.58
N VAL C 555 -9.80 -49.89 2.65
CA VAL C 555 -8.71 -50.77 2.26
C VAL C 555 -7.56 -50.68 3.25
N GLU C 556 -7.11 -49.46 3.53
CA GLU C 556 -6.00 -49.27 4.47
C GLU C 556 -6.43 -49.67 5.88
N PRO C 557 -5.59 -50.37 6.62
CA PRO C 557 -5.95 -50.75 8.00
C PRO C 557 -6.20 -49.56 8.91
N ARG C 558 -5.46 -48.46 8.73
CA ARG C 558 -5.59 -47.28 9.57
C ARG C 558 -5.78 -46.05 8.69
N VAL C 559 -6.60 -45.10 9.16
CA VAL C 559 -6.96 -43.93 8.38
C VAL C 559 -6.67 -42.67 9.19
N LEU C 560 -6.50 -41.57 8.47
CA LEU C 560 -6.26 -40.26 9.08
C LEU C 560 -7.59 -39.60 9.39
N VAL C 561 -7.83 -39.29 10.67
CA VAL C 561 -9.12 -38.79 11.11
C VAL C 561 -8.97 -37.43 11.77
N ARG C 562 -10.09 -36.85 12.22
CA ARG C 562 -10.11 -35.59 12.96
C ARG C 562 -10.83 -35.82 14.27
N ARG C 563 -10.12 -35.64 15.38
CA ARG C 563 -10.65 -35.90 16.71
C ARG C 563 -11.28 -34.62 17.28
N LYS C 564 -11.49 -34.59 18.59
CA LYS C 564 -12.28 -33.54 19.22
C LYS C 564 -11.74 -32.14 18.93
N ALA C 565 -10.57 -31.82 19.46
CA ALA C 565 -10.06 -30.45 19.35
C ALA C 565 -9.24 -30.25 18.08
N GLY C 566 -9.83 -30.60 16.94
CA GLY C 566 -9.13 -30.48 15.67
C GLY C 566 -7.83 -31.26 15.61
N GLU C 567 -7.71 -32.32 16.40
CA GLU C 567 -6.47 -33.08 16.48
C GLU C 567 -6.43 -34.11 15.35
N VAL C 568 -5.28 -34.21 14.68
CA VAL C 568 -5.07 -35.17 13.62
C VAL C 568 -4.41 -36.41 14.21
N GLU C 569 -4.96 -37.59 13.90
CA GLU C 569 -4.43 -38.84 14.42
C GLU C 569 -4.47 -39.91 13.34
N TYR C 570 -3.76 -41.02 13.59
CA TYR C 570 -3.73 -42.17 12.70
C TYR C 570 -4.31 -43.36 13.45
N VAL C 571 -5.63 -43.47 13.43
CA VAL C 571 -6.35 -44.51 14.16
C VAL C 571 -6.88 -45.51 13.14
N PRO C 572 -7.22 -46.74 13.52
CA PRO C 572 -7.66 -47.71 12.54
C PRO C 572 -9.15 -47.72 12.15
N SER C 573 -9.37 -48.24 10.93
CA SER C 573 -10.67 -48.13 10.26
C SER C 573 -11.69 -49.09 10.86
N SER C 574 -11.90 -48.94 12.17
CA SER C 574 -12.94 -49.70 12.86
C SER C 574 -13.71 -48.88 13.87
N GLU C 575 -13.31 -47.64 14.16
CA GLU C 575 -13.95 -46.83 15.19
C GLU C 575 -14.46 -45.50 14.69
N VAL C 576 -14.33 -45.21 13.38
CA VAL C 576 -14.82 -43.94 12.86
C VAL C 576 -16.34 -43.95 12.79
N ASP C 577 -16.93 -42.76 12.80
CA ASP C 577 -18.37 -42.62 12.80
C ASP C 577 -18.91 -41.74 11.68
N TYR C 578 -18.06 -40.99 10.98
CA TYR C 578 -18.50 -40.13 9.90
C TYR C 578 -17.41 -40.06 8.85
N MET C 579 -17.76 -39.52 7.69
CA MET C 579 -16.83 -39.39 6.58
C MET C 579 -17.18 -38.15 5.78
N ASP C 580 -16.19 -37.60 5.09
CA ASP C 580 -16.43 -36.42 4.27
C ASP C 580 -17.25 -36.79 3.03
N VAL C 581 -17.80 -35.77 2.39
CA VAL C 581 -18.64 -35.98 1.23
C VAL C 581 -17.88 -35.86 -0.08
N SER C 582 -16.85 -34.99 -0.13
CA SER C 582 -16.08 -34.80 -1.34
C SER C 582 -14.78 -34.10 -0.97
N PRO C 583 -13.72 -34.28 -1.76
CA PRO C 583 -12.45 -33.58 -1.47
C PRO C 583 -12.52 -32.07 -1.57
N ARG C 584 -13.44 -31.51 -2.35
CA ARG C 584 -13.57 -30.06 -2.46
C ARG C 584 -14.60 -29.48 -1.50
N GLN C 585 -14.78 -30.11 -0.34
CA GLN C 585 -15.75 -29.63 0.64
C GLN C 585 -15.27 -28.37 1.34
N MET C 586 -13.96 -28.14 1.40
CA MET C 586 -13.39 -27.08 2.21
C MET C 586 -12.95 -25.86 1.42
N VAL C 587 -13.28 -25.78 0.13
CA VAL C 587 -12.83 -24.67 -0.71
C VAL C 587 -14.05 -23.93 -1.25
N SER C 588 -13.81 -22.69 -1.69
CA SER C 588 -14.86 -21.82 -2.19
C SER C 588 -15.02 -22.01 -3.70
N VAL C 589 -15.77 -21.12 -4.34
CA VAL C 589 -16.11 -21.31 -5.75
C VAL C 589 -15.00 -20.84 -6.68
N ALA C 590 -14.15 -19.92 -6.23
CA ALA C 590 -13.03 -19.46 -7.04
C ALA C 590 -11.76 -20.26 -6.80
N THR C 591 -11.61 -20.83 -5.61
CA THR C 591 -10.47 -21.69 -5.32
C THR C 591 -10.62 -23.07 -5.93
N ALA C 592 -11.85 -23.52 -6.15
CA ALA C 592 -12.13 -24.80 -6.79
C ALA C 592 -12.01 -24.73 -8.31
N MET C 593 -11.44 -23.66 -8.85
CA MET C 593 -11.25 -23.50 -10.28
C MET C 593 -9.78 -23.51 -10.68
N ILE C 594 -8.89 -23.86 -9.77
CA ILE C 594 -7.45 -23.91 -10.02
C ILE C 594 -7.07 -25.37 -10.24
N PRO C 595 -6.65 -25.76 -11.44
CA PRO C 595 -6.14 -27.12 -11.63
C PRO C 595 -4.83 -27.32 -10.91
N PHE C 596 -4.59 -28.56 -10.46
CA PHE C 596 -3.37 -28.91 -9.75
C PHE C 596 -3.14 -27.99 -8.54
N LEU C 597 -4.17 -27.83 -7.72
CA LEU C 597 -4.05 -26.96 -6.55
C LEU C 597 -3.19 -27.57 -5.46
N GLU C 598 -3.22 -28.88 -5.31
CA GLU C 598 -2.47 -29.55 -4.24
C GLU C 598 -0.97 -29.50 -4.45
N HIS C 599 -0.51 -29.03 -5.62
CA HIS C 599 0.90 -28.88 -5.90
C HIS C 599 1.40 -27.45 -5.67
N ASP C 600 0.53 -26.54 -5.23
CA ASP C 600 0.88 -25.13 -5.07
C ASP C 600 0.89 -24.76 -3.59
N ASP C 601 1.75 -23.81 -3.24
CA ASP C 601 1.78 -23.29 -1.89
C ASP C 601 0.54 -22.44 -1.62
N ALA C 602 0.28 -22.19 -0.33
CA ALA C 602 -0.91 -21.44 0.05
C ALA C 602 -0.80 -19.97 -0.35
N ASN C 603 0.39 -19.38 -0.21
CA ASN C 603 0.57 -17.97 -0.50
C ASN C 603 0.35 -17.66 -1.98
N ARG C 604 0.83 -18.52 -2.87
CA ARG C 604 0.64 -18.29 -4.30
C ARG C 604 -0.79 -18.62 -4.74
N ALA C 605 -1.39 -19.66 -4.15
CA ALA C 605 -2.78 -19.98 -4.46
C ALA C 605 -3.72 -18.87 -4.01
N LEU C 606 -3.39 -18.18 -2.92
CA LEU C 606 -4.18 -17.03 -2.49
C LEU C 606 -4.23 -15.97 -3.59
N MET C 607 -3.07 -15.60 -4.12
CA MET C 607 -3.03 -14.62 -5.21
C MET C 607 -3.74 -15.14 -6.44
N GLY C 608 -3.56 -16.43 -6.75
CA GLY C 608 -4.22 -17.00 -7.92
C GLY C 608 -5.72 -16.92 -7.85
N ALA C 609 -6.29 -17.15 -6.66
CA ALA C 609 -7.73 -17.01 -6.47
C ALA C 609 -8.17 -15.55 -6.48
N ASN C 610 -7.35 -14.65 -5.93
CA ASN C 610 -7.73 -13.24 -5.89
C ASN C 610 -7.70 -12.59 -7.27
N MET C 611 -6.77 -12.98 -8.13
CA MET C 611 -6.61 -12.35 -9.43
C MET C 611 -7.55 -12.89 -10.49
N GLN C 612 -8.31 -13.94 -10.22
CA GLN C 612 -9.31 -14.41 -11.17
C GLN C 612 -10.54 -13.52 -11.20
N ARG C 613 -10.70 -12.64 -10.21
CA ARG C 613 -11.82 -11.71 -10.14
C ARG C 613 -11.48 -10.35 -10.73
N GLN C 614 -10.28 -10.18 -11.27
CA GLN C 614 -9.85 -8.93 -11.88
C GLN C 614 -9.71 -9.03 -13.39
N ALA C 615 -10.10 -10.16 -13.99
CA ALA C 615 -9.98 -10.33 -15.42
C ALA C 615 -11.02 -9.48 -16.16
N VAL C 616 -10.67 -9.08 -17.39
CA VAL C 616 -11.55 -8.25 -18.20
C VAL C 616 -12.17 -9.10 -19.31
N PRO C 617 -13.39 -8.81 -19.75
CA PRO C 617 -13.96 -9.53 -20.89
C PRO C 617 -13.31 -9.11 -22.20
N LEU C 618 -13.09 -10.08 -23.07
CA LEU C 618 -12.50 -9.86 -24.38
C LEU C 618 -13.56 -10.00 -25.46
N VAL C 619 -13.25 -9.50 -26.66
CA VAL C 619 -14.23 -9.47 -27.75
C VAL C 619 -14.59 -10.88 -28.19
N ARG C 620 -13.70 -11.85 -28.01
CA ARG C 620 -13.97 -13.25 -28.33
C ARG C 620 -13.46 -14.11 -27.18
N SER C 621 -14.25 -15.10 -26.79
CA SER C 621 -13.94 -15.94 -25.64
C SER C 621 -13.68 -17.38 -26.07
N GLU C 622 -12.89 -18.10 -25.28
CA GLU C 622 -12.64 -19.51 -25.53
C GLU C 622 -12.32 -20.20 -24.21
N ALA C 623 -12.86 -21.41 -24.05
CA ALA C 623 -12.78 -22.17 -22.82
C ALA C 623 -11.40 -22.81 -22.63
N PRO C 624 -11.02 -23.12 -21.39
CA PRO C 624 -9.68 -23.67 -21.15
C PRO C 624 -9.52 -25.05 -21.79
N LEU C 625 -8.29 -25.33 -22.19
CA LEU C 625 -7.96 -26.69 -22.62
C LEU C 625 -7.89 -27.64 -21.43
N VAL C 626 -7.44 -27.15 -20.27
CA VAL C 626 -7.39 -27.90 -19.03
C VAL C 626 -8.28 -27.18 -18.02
N GLY C 627 -9.27 -27.88 -17.50
CA GLY C 627 -10.19 -27.27 -16.56
C GLY C 627 -10.40 -28.07 -15.30
N THR C 628 -11.48 -27.80 -14.59
CA THR C 628 -11.78 -28.48 -13.33
C THR C 628 -13.20 -29.03 -13.25
N GLY C 629 -14.14 -28.52 -14.05
CA GLY C 629 -15.51 -28.96 -14.00
C GLY C 629 -16.43 -28.07 -13.20
N MET C 630 -15.89 -27.14 -12.41
CA MET C 630 -16.69 -26.18 -11.67
C MET C 630 -17.14 -25.02 -12.56
N GLU C 631 -16.55 -24.87 -13.74
CA GLU C 631 -16.82 -23.73 -14.61
C GLU C 631 -18.18 -23.76 -15.27
N LEU C 632 -18.88 -24.90 -15.26
CA LEU C 632 -20.19 -24.96 -15.89
C LEU C 632 -21.27 -24.45 -14.96
N ARG C 633 -21.24 -24.83 -13.68
CA ARG C 633 -22.25 -24.39 -12.72
C ARG C 633 -21.87 -23.10 -12.03
N ALA C 634 -20.67 -22.58 -12.28
CA ALA C 634 -20.31 -21.24 -11.82
C ALA C 634 -20.76 -20.15 -12.78
N ALA C 635 -21.21 -20.51 -13.98
CA ALA C 635 -21.74 -19.57 -14.95
C ALA C 635 -23.25 -19.55 -15.00
N ILE C 636 -23.90 -20.70 -14.79
CA ILE C 636 -25.36 -20.74 -14.75
C ILE C 636 -25.86 -20.06 -13.49
N ASP C 637 -25.21 -20.30 -12.36
CA ASP C 637 -25.66 -19.74 -11.09
C ASP C 637 -25.37 -18.25 -10.96
N ALA C 638 -24.34 -17.75 -11.64
CA ALA C 638 -24.08 -16.31 -11.64
C ALA C 638 -25.22 -15.54 -12.29
N GLY C 639 -25.74 -16.06 -13.40
CA GLY C 639 -26.91 -15.49 -14.03
C GLY C 639 -26.68 -14.58 -15.21
N ASP C 640 -25.48 -14.57 -15.79
CA ASP C 640 -25.19 -13.72 -16.93
C ASP C 640 -25.45 -14.41 -18.26
N VAL C 641 -26.05 -15.60 -18.24
CA VAL C 641 -26.46 -16.30 -19.45
C VAL C 641 -27.99 -16.31 -19.49
N VAL C 642 -28.53 -16.83 -20.59
CA VAL C 642 -29.96 -16.97 -20.77
C VAL C 642 -30.29 -18.44 -20.88
N VAL C 643 -31.21 -18.91 -20.03
CA VAL C 643 -31.62 -20.31 -20.03
C VAL C 643 -33.11 -20.38 -20.33
N ALA C 644 -33.55 -21.55 -20.78
CA ALA C 644 -34.93 -21.76 -21.19
C ALA C 644 -35.76 -22.23 -20.01
N GLU C 645 -36.93 -21.63 -19.83
CA GLU C 645 -37.82 -21.98 -18.75
C GLU C 645 -38.79 -23.11 -19.10
N GLU C 646 -38.80 -23.54 -20.36
CA GLU C 646 -39.66 -24.64 -20.77
C GLU C 646 -39.07 -25.27 -22.02
N SER C 647 -39.67 -26.36 -22.47
CA SER C 647 -39.19 -27.12 -23.60
C SER C 647 -39.95 -26.75 -24.87
N GLY C 648 -39.24 -26.67 -25.98
CA GLY C 648 -39.85 -26.33 -27.24
C GLY C 648 -38.82 -26.28 -28.34
N VAL C 649 -39.26 -25.84 -29.51
CA VAL C 649 -38.38 -25.72 -30.67
C VAL C 649 -38.19 -24.23 -30.97
N ILE C 650 -37.04 -23.91 -31.56
CA ILE C 650 -36.71 -22.52 -31.88
C ILE C 650 -37.41 -22.13 -33.17
N GLU C 651 -38.10 -20.99 -33.17
CA GLU C 651 -38.86 -20.53 -34.31
C GLU C 651 -38.15 -19.44 -35.10
N GLU C 652 -37.51 -18.50 -34.43
CA GLU C 652 -36.83 -17.39 -35.09
C GLU C 652 -35.64 -16.96 -34.26
N VAL C 653 -34.52 -16.70 -34.92
CA VAL C 653 -33.29 -16.27 -34.25
C VAL C 653 -32.71 -15.08 -34.99
N SER C 654 -32.37 -14.04 -34.25
CA SER C 654 -31.69 -12.88 -34.82
C SER C 654 -30.58 -12.48 -33.85
N ALA C 655 -29.98 -11.31 -34.08
CA ALA C 655 -28.89 -10.85 -33.23
C ALA C 655 -29.37 -10.29 -31.91
N ASP C 656 -30.67 -10.09 -31.71
CA ASP C 656 -31.14 -9.48 -30.48
C ASP C 656 -32.41 -10.11 -29.90
N TYR C 657 -32.93 -11.19 -30.47
CA TYR C 657 -34.08 -11.85 -29.87
C TYR C 657 -34.13 -13.30 -30.33
N ILE C 658 -34.70 -14.15 -29.47
CA ILE C 658 -34.95 -15.56 -29.78
C ILE C 658 -36.38 -15.87 -29.41
N THR C 659 -37.13 -16.47 -30.34
CA THR C 659 -38.52 -16.82 -30.13
C THR C 659 -38.65 -18.34 -30.04
N VAL C 660 -39.21 -18.82 -28.94
CA VAL C 660 -39.35 -20.24 -28.67
C VAL C 660 -40.83 -20.58 -28.61
N MET C 661 -41.25 -21.58 -29.37
CA MET C 661 -42.63 -22.05 -29.36
C MET C 661 -42.71 -23.27 -28.44
N HIS C 662 -43.55 -23.17 -27.40
CA HIS C 662 -43.68 -24.26 -26.46
C HIS C 662 -44.57 -25.36 -27.05
N ASP C 663 -44.60 -26.51 -26.36
CA ASP C 663 -45.37 -27.64 -26.84
C ASP C 663 -46.87 -27.42 -26.71
N ASN C 664 -47.31 -26.69 -25.70
CA ASN C 664 -48.74 -26.45 -25.50
C ASN C 664 -49.30 -25.42 -26.48
N GLY C 665 -48.48 -24.47 -26.93
CA GLY C 665 -48.95 -23.46 -27.86
C GLY C 665 -48.38 -22.09 -27.56
N THR C 666 -48.04 -21.84 -26.30
CA THR C 666 -47.51 -20.54 -25.89
C THR C 666 -46.17 -20.25 -26.57
N ARG C 667 -45.95 -18.99 -26.89
CA ARG C 667 -44.69 -18.53 -27.48
C ARG C 667 -44.05 -17.52 -26.55
N ARG C 668 -42.75 -17.71 -26.29
CA ARG C 668 -41.99 -16.81 -25.42
C ARG C 668 -40.80 -16.27 -26.19
N THR C 669 -40.52 -14.98 -26.00
CA THR C 669 -39.42 -14.31 -26.66
C THR C 669 -38.46 -13.73 -25.62
N TYR C 670 -37.17 -13.91 -25.86
CA TYR C 670 -36.12 -13.42 -24.98
C TYR C 670 -35.31 -12.35 -25.71
N ARG C 671 -35.12 -11.20 -25.06
CA ARG C 671 -34.32 -10.13 -25.62
C ARG C 671 -32.91 -10.16 -25.05
N MET C 672 -32.02 -9.42 -25.69
CA MET C 672 -30.60 -9.43 -25.35
C MET C 672 -30.12 -8.03 -25.00
N ARG C 673 -29.09 -7.97 -24.17
CA ARG C 673 -28.40 -6.71 -23.86
C ARG C 673 -27.18 -6.62 -24.75
N LYS C 674 -27.24 -5.74 -25.75
CA LYS C 674 -26.14 -5.54 -26.68
C LYS C 674 -25.35 -4.32 -26.26
N PHE C 675 -24.07 -4.52 -25.91
CA PHE C 675 -23.14 -3.45 -25.58
C PHE C 675 -23.66 -2.60 -24.43
N ALA C 676 -23.88 -3.25 -23.30
CA ALA C 676 -24.30 -2.57 -22.08
C ALA C 676 -23.10 -2.33 -21.17
N ARG C 677 -23.16 -1.23 -20.43
CA ARG C 677 -22.07 -0.82 -19.56
C ARG C 677 -22.30 -1.37 -18.16
N SER C 678 -21.26 -1.98 -17.59
CA SER C 678 -21.34 -2.53 -16.25
C SER C 678 -20.93 -1.47 -15.23
N ASN C 679 -20.85 -1.87 -13.95
CA ASN C 679 -20.49 -0.92 -12.91
C ASN C 679 -19.06 -0.41 -13.05
N HIS C 680 -18.20 -1.14 -13.76
CA HIS C 680 -16.78 -0.84 -13.82
C HIS C 680 -16.32 -0.43 -15.22
N GLY C 681 -17.24 -0.11 -16.11
CA GLY C 681 -16.89 0.37 -17.43
C GLY C 681 -16.60 -0.70 -18.45
N THR C 682 -16.73 -1.98 -18.10
CA THR C 682 -16.52 -3.05 -19.06
C THR C 682 -17.78 -3.23 -19.91
N CYS C 683 -17.72 -4.15 -20.86
CA CYS C 683 -18.80 -4.39 -21.81
C CYS C 683 -19.50 -5.70 -21.47
N ALA C 684 -20.83 -5.67 -21.44
CA ALA C 684 -21.66 -6.83 -21.16
C ALA C 684 -22.54 -7.12 -22.37
N ASN C 685 -22.16 -8.10 -23.17
CA ASN C 685 -22.80 -8.40 -24.44
C ASN C 685 -23.27 -9.85 -24.45
N GLN C 686 -24.50 -10.08 -24.92
CA GLN C 686 -25.10 -11.41 -24.98
C GLN C 686 -25.34 -11.83 -26.43
N CYS C 687 -24.98 -13.07 -26.75
CA CYS C 687 -25.09 -13.57 -28.11
C CYS C 687 -25.80 -14.92 -28.13
N PRO C 688 -26.67 -15.17 -29.11
CA PRO C 688 -27.32 -16.47 -29.22
C PRO C 688 -26.40 -17.55 -29.75
N ILE C 689 -26.61 -18.77 -29.26
CA ILE C 689 -25.80 -19.92 -29.66
C ILE C 689 -26.68 -21.07 -30.11
N VAL C 690 -27.87 -20.77 -30.64
CA VAL C 690 -28.78 -21.79 -31.12
C VAL C 690 -29.09 -21.53 -32.59
N ASP C 691 -29.57 -22.58 -33.26
CA ASP C 691 -29.94 -22.52 -34.66
C ASP C 691 -31.43 -22.16 -34.78
N ALA C 692 -31.99 -22.32 -35.98
CA ALA C 692 -33.38 -21.95 -36.23
C ALA C 692 -34.33 -23.14 -36.23
N GLY C 693 -33.84 -24.34 -35.94
CA GLY C 693 -34.71 -25.50 -35.91
C GLY C 693 -34.41 -26.45 -34.76
N ASP C 694 -33.55 -26.01 -33.85
CA ASP C 694 -33.11 -26.86 -32.75
C ASP C 694 -34.26 -27.14 -31.79
N ARG C 695 -34.17 -28.28 -31.11
CA ARG C 695 -35.08 -28.62 -30.01
C ARG C 695 -34.38 -28.27 -28.70
N VAL C 696 -35.10 -27.57 -27.83
CA VAL C 696 -34.54 -27.01 -26.61
C VAL C 696 -35.24 -27.64 -25.41
N GLU C 697 -34.46 -28.11 -24.45
CA GLU C 697 -34.96 -28.70 -23.22
C GLU C 697 -34.84 -27.69 -22.08
N ALA C 698 -35.74 -27.80 -21.10
CA ALA C 698 -35.75 -26.86 -19.99
C ALA C 698 -34.45 -26.92 -19.22
N GLY C 699 -33.87 -25.75 -18.95
CA GLY C 699 -32.58 -25.64 -18.31
C GLY C 699 -31.42 -25.51 -19.26
N GLN C 700 -31.64 -25.64 -20.56
CA GLN C 700 -30.57 -25.52 -21.54
C GLN C 700 -30.17 -24.06 -21.69
N VAL C 701 -28.88 -23.82 -21.87
CA VAL C 701 -28.35 -22.47 -22.08
C VAL C 701 -28.67 -22.03 -23.50
N ILE C 702 -29.31 -20.88 -23.63
CA ILE C 702 -29.80 -20.39 -24.91
C ILE C 702 -28.88 -19.33 -25.50
N ALA C 703 -28.32 -18.45 -24.66
CA ALA C 703 -27.46 -17.38 -25.13
C ALA C 703 -26.23 -17.29 -24.25
N ASP C 704 -25.14 -16.80 -24.83
CA ASP C 704 -23.87 -16.67 -24.14
C ASP C 704 -23.84 -15.36 -23.36
N GLY C 705 -22.68 -15.00 -22.82
CA GLY C 705 -22.54 -13.81 -22.02
C GLY C 705 -21.17 -13.19 -22.12
N PRO C 706 -20.84 -12.34 -21.14
CA PRO C 706 -19.55 -11.63 -21.17
C PRO C 706 -18.31 -12.53 -21.21
N CYS C 707 -18.15 -13.39 -20.21
CA CYS C 707 -16.98 -14.23 -20.08
C CYS C 707 -17.35 -15.70 -20.20
N THR C 708 -18.19 -16.04 -21.17
CA THR C 708 -18.76 -17.37 -21.30
C THR C 708 -18.48 -17.91 -22.70
N ASP C 709 -18.18 -19.21 -22.77
CA ASP C 709 -17.99 -19.90 -24.05
C ASP C 709 -18.85 -21.15 -24.05
N ASP C 710 -20.03 -21.05 -24.65
CA ASP C 710 -20.96 -22.17 -24.78
C ASP C 710 -21.45 -22.68 -23.43
N GLY C 711 -21.62 -21.77 -22.48
CA GLY C 711 -22.18 -22.09 -21.19
C GLY C 711 -21.19 -22.21 -20.05
N GLU C 712 -19.89 -22.20 -20.33
CA GLU C 712 -18.87 -22.37 -19.31
C GLU C 712 -17.96 -21.15 -19.27
N MET C 713 -17.50 -20.80 -18.08
CA MET C 713 -16.78 -19.56 -17.88
C MET C 713 -15.40 -19.61 -18.51
N ALA C 714 -15.04 -18.55 -19.24
CA ALA C 714 -13.78 -18.47 -19.95
C ALA C 714 -13.21 -17.08 -19.75
N LEU C 715 -12.16 -16.97 -18.93
CA LEU C 715 -11.62 -15.67 -18.54
C LEU C 715 -10.30 -15.32 -19.23
N GLY C 716 -9.76 -16.18 -20.08
CA GLY C 716 -8.47 -15.95 -20.69
C GLY C 716 -8.35 -16.63 -22.03
N LYS C 717 -7.11 -16.94 -22.42
CA LYS C 717 -6.81 -17.54 -23.72
C LYS C 717 -5.68 -18.55 -23.58
N ASN C 718 -5.60 -19.46 -24.55
CA ASN C 718 -4.58 -20.50 -24.59
C ASN C 718 -3.42 -20.06 -25.47
N LEU C 719 -2.21 -20.03 -24.92
CA LEU C 719 -1.04 -19.53 -25.63
C LEU C 719 0.10 -20.52 -25.48
N LEU C 720 0.98 -20.55 -26.50
CA LEU C 720 2.13 -21.44 -26.52
C LEU C 720 3.30 -20.79 -25.78
N VAL C 721 3.88 -21.52 -24.83
CA VAL C 721 4.83 -20.97 -23.88
C VAL C 721 6.21 -21.58 -24.09
N ALA C 722 7.22 -20.83 -23.66
CA ALA C 722 8.58 -21.32 -23.52
C ALA C 722 9.11 -20.84 -22.18
N ILE C 723 9.81 -21.71 -21.46
CA ILE C 723 10.36 -21.39 -20.15
C ILE C 723 11.87 -21.30 -20.31
N MET C 724 12.38 -20.07 -20.40
CA MET C 724 13.79 -19.80 -20.65
C MET C 724 14.09 -18.32 -20.46
N PRO C 725 15.30 -17.95 -20.04
CA PRO C 725 15.68 -16.54 -20.06
C PRO C 725 16.00 -16.08 -21.47
N TRP C 726 15.70 -14.81 -21.75
CA TRP C 726 15.89 -14.25 -23.09
C TRP C 726 16.39 -12.81 -23.00
N GLU C 727 17.72 -12.66 -23.08
CA GLU C 727 18.42 -11.39 -23.23
C GLU C 727 18.09 -10.37 -22.14
N GLY C 728 17.51 -10.80 -21.03
CA GLY C 728 17.21 -9.88 -19.95
C GLY C 728 15.95 -9.06 -20.13
N HIS C 729 15.13 -9.38 -21.13
CA HIS C 729 13.86 -8.66 -21.30
C HIS C 729 12.76 -9.17 -20.39
N ASN C 730 12.90 -10.38 -19.85
CA ASN C 730 11.97 -10.92 -18.86
C ASN C 730 12.62 -11.03 -17.49
N TYR C 731 13.45 -10.04 -17.17
CA TYR C 731 14.16 -9.99 -15.90
C TYR C 731 13.22 -9.49 -14.81
N GLU C 732 13.17 -10.21 -13.69
CA GLU C 732 12.41 -9.81 -12.51
C GLU C 732 10.91 -9.65 -12.83
N ASP C 733 10.30 -10.75 -13.25
CA ASP C 733 8.86 -10.90 -13.41
C ASP C 733 8.30 -10.13 -14.61
N ALA C 734 9.12 -9.78 -15.58
CA ALA C 734 8.62 -9.21 -16.82
C ALA C 734 8.27 -10.33 -17.81
N ILE C 735 7.54 -9.96 -18.85
CA ILE C 735 7.01 -10.91 -19.83
C ILE C 735 7.28 -10.40 -21.24
N ILE C 736 7.65 -11.31 -22.13
CA ILE C 736 7.86 -11.01 -23.55
C ILE C 736 6.71 -11.61 -24.35
N LEU C 737 6.06 -10.79 -25.16
CA LEU C 737 4.94 -11.20 -26.00
C LEU C 737 5.33 -11.19 -27.47
N SER C 738 4.46 -11.77 -28.28
CA SER C 738 4.61 -11.79 -29.72
C SER C 738 3.73 -10.74 -30.38
N ASN C 739 4.03 -10.42 -31.63
CA ASN C 739 3.25 -9.44 -32.37
C ASN C 739 2.00 -10.03 -33.01
N ARG C 740 1.88 -11.35 -33.06
CA ARG C 740 0.67 -11.98 -33.57
C ARG C 740 -0.52 -11.78 -32.64
N LEU C 741 -0.26 -11.39 -31.39
CA LEU C 741 -1.31 -11.12 -30.42
C LEU C 741 -1.88 -9.71 -30.55
N VAL C 742 -1.25 -8.87 -31.37
CA VAL C 742 -1.77 -7.54 -31.67
C VAL C 742 -2.39 -7.47 -33.06
N GLU C 743 -1.83 -8.17 -34.04
CA GLU C 743 -2.36 -8.17 -35.39
C GLU C 743 -3.59 -9.06 -35.57
N GLU C 744 -3.93 -9.87 -34.57
CA GLU C 744 -5.03 -10.82 -34.70
C GLU C 744 -6.08 -10.65 -33.61
N ASP C 745 -6.00 -9.58 -32.81
CA ASP C 745 -7.04 -9.22 -31.85
C ASP C 745 -7.28 -10.33 -30.82
N VAL C 746 -6.19 -10.96 -30.37
CA VAL C 746 -6.33 -12.06 -29.42
C VAL C 746 -6.74 -11.52 -28.05
N LEU C 747 -6.08 -10.47 -27.59
CA LEU C 747 -6.37 -9.87 -26.28
C LEU C 747 -6.80 -8.42 -26.51
N THR C 748 -8.09 -8.22 -26.77
CA THR C 748 -8.64 -6.90 -27.01
C THR C 748 -9.97 -6.78 -26.27
N SER C 749 -10.21 -5.63 -25.65
CA SER C 749 -11.40 -5.40 -24.86
C SER C 749 -12.02 -4.05 -25.21
N ILE C 750 -13.31 -3.94 -24.93
CA ILE C 750 -14.09 -2.74 -25.22
C ILE C 750 -14.51 -2.11 -23.89
N HIS C 751 -14.26 -0.82 -23.74
CA HIS C 751 -14.59 -0.07 -22.54
C HIS C 751 -15.52 1.07 -22.89
N ILE C 752 -16.55 1.28 -22.07
CA ILE C 752 -17.57 2.29 -22.33
C ILE C 752 -17.58 3.31 -21.20
N GLU C 753 -17.84 4.56 -21.54
CA GLU C 753 -17.86 5.67 -20.60
C GLU C 753 -19.20 6.40 -20.69
N GLU C 754 -19.54 7.14 -19.63
CA GLU C 754 -20.80 7.84 -19.55
C GLU C 754 -20.58 9.25 -19.02
N HIS C 755 -21.20 10.23 -19.68
CA HIS C 755 -21.11 11.63 -19.28
C HIS C 755 -22.52 12.23 -19.25
N GLU C 756 -22.74 13.15 -18.31
CA GLU C 756 -24.03 13.81 -18.16
C GLU C 756 -23.87 15.31 -18.04
N ILE C 757 -24.98 16.02 -18.22
CA ILE C 757 -25.07 17.45 -17.94
C ILE C 757 -26.52 17.75 -17.62
N ASP C 758 -26.76 18.87 -16.95
CA ASP C 758 -28.10 19.24 -16.50
C ASP C 758 -28.42 20.68 -16.89
N ALA C 759 -29.65 20.90 -17.34
CA ALA C 759 -30.15 22.22 -17.66
C ALA C 759 -31.18 22.62 -16.60
N ARG C 760 -30.96 23.76 -15.95
CA ARG C 760 -31.74 24.18 -14.80
C ARG C 760 -32.10 25.65 -14.94
N ASP C 761 -32.87 26.16 -13.98
CA ASP C 761 -33.24 27.56 -13.93
C ASP C 761 -32.26 28.34 -13.06
N THR C 762 -32.40 29.66 -13.08
CA THR C 762 -31.54 30.54 -12.30
C THR C 762 -32.34 31.74 -11.83
N LYS C 763 -31.80 32.43 -10.82
CA LYS C 763 -32.42 33.65 -10.32
C LYS C 763 -32.35 34.80 -11.31
N LEU C 764 -31.56 34.66 -12.39
CA LEU C 764 -31.47 35.66 -13.44
C LEU C 764 -32.10 35.20 -14.74
N GLY C 765 -32.67 34.00 -14.78
CA GLY C 765 -33.24 33.48 -16.01
C GLY C 765 -33.34 31.97 -16.02
N ALA C 766 -33.04 31.35 -17.17
CA ALA C 766 -33.11 29.89 -17.29
C ALA C 766 -32.10 29.43 -18.32
N GLU C 767 -31.22 28.52 -17.92
CA GLU C 767 -30.25 27.96 -18.84
C GLU C 767 -30.93 27.15 -19.92
N GLU C 768 -30.39 27.24 -21.14
CA GLU C 768 -30.98 26.57 -22.29
C GLU C 768 -29.88 25.85 -23.07
N ILE C 769 -30.21 24.68 -23.58
CA ILE C 769 -29.30 23.91 -24.43
C ILE C 769 -29.63 24.22 -25.88
N THR C 770 -28.64 24.74 -26.61
CA THR C 770 -28.86 25.11 -28.00
C THR C 770 -27.53 25.12 -28.74
N ARG C 771 -27.63 25.07 -30.07
CA ARG C 771 -26.43 25.07 -30.91
C ARG C 771 -25.80 26.47 -30.99
N ASP C 772 -26.62 27.51 -30.82
CA ASP C 772 -26.15 28.89 -31.00
C ASP C 772 -25.26 29.28 -29.82
N ILE C 773 -23.98 29.50 -30.10
CA ILE C 773 -23.03 30.00 -29.11
C ILE C 773 -22.26 31.15 -29.73
N PRO C 774 -22.41 32.37 -29.22
CA PRO C 774 -21.79 33.54 -29.86
C PRO C 774 -20.32 33.74 -29.55
N ASN C 775 -19.66 32.77 -28.93
CA ASN C 775 -18.26 32.93 -28.51
C ASN C 775 -17.27 32.13 -29.34
N ILE C 776 -17.68 31.02 -29.92
CA ILE C 776 -16.77 30.10 -30.60
C ILE C 776 -17.12 30.04 -32.09
N SER C 777 -16.19 29.49 -32.86
CA SER C 777 -16.25 29.52 -34.31
C SER C 777 -17.24 28.48 -34.84
N ASP C 778 -17.35 28.42 -36.18
CA ASP C 778 -18.21 27.47 -36.85
C ASP C 778 -17.50 26.18 -37.23
N GLU C 779 -16.18 26.13 -37.10
CA GLU C 779 -15.45 24.90 -37.45
C GLU C 779 -15.66 23.81 -36.40
N VAL C 780 -15.80 24.19 -35.12
CA VAL C 780 -15.99 23.21 -34.06
C VAL C 780 -17.44 22.94 -33.75
N LEU C 781 -18.37 23.54 -34.50
CA LEU C 781 -19.80 23.28 -34.36
C LEU C 781 -20.37 22.56 -35.58
N ALA C 782 -19.59 21.66 -36.17
CA ALA C 782 -20.03 20.93 -37.36
C ALA C 782 -20.58 19.55 -37.02
N ASP C 783 -20.23 18.99 -35.86
CA ASP C 783 -20.69 17.68 -35.46
C ASP C 783 -21.93 17.72 -34.58
N LEU C 784 -22.59 18.88 -34.48
CA LEU C 784 -23.81 19.00 -33.69
C LEU C 784 -25.04 18.98 -34.58
N ASP C 785 -26.14 18.46 -34.05
CA ASP C 785 -27.39 18.37 -34.78
C ASP C 785 -28.22 19.63 -34.51
N GLU C 786 -29.49 19.61 -34.93
CA GLU C 786 -30.38 20.75 -34.80
C GLU C 786 -30.94 20.91 -33.39
N ARG C 787 -30.37 20.24 -32.40
CA ARG C 787 -30.85 20.32 -31.03
C ARG C 787 -29.75 20.65 -30.02
N GLY C 788 -28.50 20.75 -30.45
CA GLY C 788 -27.39 21.06 -29.58
C GLY C 788 -26.61 19.86 -29.07
N ILE C 789 -27.01 18.65 -29.45
CA ILE C 789 -26.32 17.44 -29.03
C ILE C 789 -25.48 16.93 -30.19
N VAL C 790 -24.50 16.09 -29.88
CA VAL C 790 -23.66 15.47 -30.91
C VAL C 790 -24.50 14.45 -31.67
N ARG C 791 -24.01 14.01 -32.82
CA ARG C 791 -24.69 13.00 -33.62
C ARG C 791 -24.01 11.66 -33.43
N ILE C 792 -24.83 10.59 -33.45
CA ILE C 792 -24.32 9.25 -33.19
C ILE C 792 -23.37 8.84 -34.30
N GLY C 793 -22.20 8.33 -33.92
CA GLY C 793 -21.18 7.92 -34.87
C GLY C 793 -20.03 8.90 -35.02
N ALA C 794 -19.99 9.97 -34.24
CA ALA C 794 -18.95 10.97 -34.33
C ALA C 794 -17.78 10.62 -33.42
N GLU C 795 -16.56 10.87 -33.89
CA GLU C 795 -15.35 10.57 -33.15
C GLU C 795 -14.93 11.81 -32.36
N VAL C 796 -15.09 11.75 -31.04
CA VAL C 796 -14.72 12.87 -30.18
C VAL C 796 -13.27 12.71 -29.73
N ARG C 797 -12.69 13.81 -29.25
CA ARG C 797 -11.30 13.85 -28.83
C ARG C 797 -11.20 14.75 -27.61
N ASP C 798 -9.98 14.95 -27.11
CA ASP C 798 -9.78 15.83 -25.96
C ASP C 798 -10.16 17.25 -26.32
N GLY C 799 -10.90 17.91 -25.43
CA GLY C 799 -11.34 19.26 -25.67
C GLY C 799 -12.47 19.39 -26.67
N ASP C 800 -13.03 18.28 -27.14
CA ASP C 800 -14.12 18.32 -28.10
C ASP C 800 -15.42 18.68 -27.38
N ILE C 801 -16.46 18.90 -28.18
CA ILE C 801 -17.74 19.39 -27.68
C ILE C 801 -18.75 18.25 -27.68
N LEU C 802 -19.51 18.15 -26.59
CA LEU C 802 -20.56 17.13 -26.48
C LEU C 802 -21.96 17.74 -26.58
N VAL C 803 -22.27 18.70 -25.72
CA VAL C 803 -23.54 19.42 -25.78
C VAL C 803 -23.25 20.92 -25.71
N GLY C 804 -24.18 21.71 -26.23
CA GLY C 804 -24.03 23.15 -26.22
C GLY C 804 -25.08 23.84 -25.36
N LYS C 805 -24.65 24.48 -24.28
CA LYS C 805 -25.56 25.11 -23.34
C LYS C 805 -25.06 26.50 -23.02
N VAL C 806 -26.01 27.43 -22.81
CA VAL C 806 -25.70 28.81 -22.49
C VAL C 806 -26.43 29.22 -21.21
N THR C 807 -25.87 30.20 -20.51
CA THR C 807 -26.44 30.69 -19.26
C THR C 807 -26.83 32.15 -19.41
N PRO C 808 -28.09 32.52 -19.17
CA PRO C 808 -28.44 33.95 -19.14
C PRO C 808 -27.79 34.65 -17.95
N LYS C 809 -27.49 35.93 -18.15
CA LYS C 809 -26.97 36.78 -17.08
C LYS C 809 -27.96 37.84 -16.63
N GLY C 810 -29.22 37.73 -17.03
CA GLY C 810 -30.24 38.67 -16.60
C GLY C 810 -30.66 39.67 -17.67
N GLU C 811 -31.96 39.92 -17.77
CA GLU C 811 -32.52 40.88 -18.71
C GLU C 811 -33.05 42.08 -17.92
N THR C 812 -32.45 43.24 -18.13
CA THR C 812 -32.81 44.44 -17.37
C THR C 812 -32.77 45.64 -18.32
N GLU C 813 -32.77 46.85 -17.76
CA GLU C 813 -32.73 48.08 -18.51
C GLU C 813 -31.32 48.66 -18.52
N LEU C 814 -31.10 49.62 -19.41
CA LEU C 814 -29.81 50.29 -19.58
C LEU C 814 -29.97 51.79 -19.32
N THR C 815 -28.86 52.51 -19.42
CA THR C 815 -28.85 53.95 -19.18
C THR C 815 -29.56 54.68 -20.33
N PRO C 816 -30.19 55.83 -20.04
CA PRO C 816 -30.94 56.54 -21.09
C PRO C 816 -30.11 56.94 -22.30
N GLU C 817 -28.83 57.26 -22.12
CA GLU C 817 -28.01 57.65 -23.26
C GLU C 817 -27.76 56.45 -24.18
N GLU C 818 -27.39 55.31 -23.60
CA GLU C 818 -27.15 54.11 -24.41
C GLU C 818 -28.42 53.65 -25.12
N ARG C 819 -29.60 53.97 -24.59
CA ARG C 819 -30.84 53.65 -25.30
C ARG C 819 -30.78 54.15 -26.74
N LEU C 820 -30.66 55.46 -26.92
CA LEU C 820 -30.57 56.02 -28.26
C LEU C 820 -29.26 55.68 -28.95
N LEU C 821 -28.16 55.60 -28.19
CA LEU C 821 -26.86 55.31 -28.81
C LEU C 821 -26.88 53.95 -29.52
N ARG C 822 -27.31 52.90 -28.82
CA ARG C 822 -27.38 51.57 -29.38
C ARG C 822 -28.74 51.29 -30.02
N ALA C 823 -29.63 52.28 -30.08
CA ALA C 823 -30.68 52.25 -31.09
C ALA C 823 -30.12 52.64 -32.45
N ILE C 824 -29.22 53.63 -32.47
CA ILE C 824 -28.52 53.97 -33.70
C ILE C 824 -27.59 52.84 -34.12
N PHE C 825 -26.80 52.32 -33.16
CA PHE C 825 -25.88 51.23 -33.49
C PHE C 825 -26.59 49.88 -33.55
N GLY C 826 -27.23 49.48 -32.46
CA GLY C 826 -27.85 48.17 -32.37
C GLY C 826 -27.58 47.52 -31.03
N GLU C 827 -28.65 47.17 -30.32
CA GLU C 827 -28.58 46.62 -28.97
C GLU C 827 -29.30 45.27 -28.93
N LYS C 828 -28.62 44.26 -28.43
CA LYS C 828 -29.18 42.92 -28.28
C LYS C 828 -29.15 42.51 -26.82
N ALA C 829 -29.73 41.33 -26.55
CA ALA C 829 -29.79 40.82 -25.18
C ALA C 829 -28.40 40.60 -24.62
N ARG C 830 -27.64 39.68 -25.22
CA ARG C 830 -26.21 39.48 -24.94
C ARG C 830 -25.95 39.17 -23.47
N GLU C 831 -26.86 38.47 -22.80
CA GLU C 831 -26.62 37.98 -21.45
C GLU C 831 -26.18 36.53 -21.42
N VAL C 832 -25.91 35.93 -22.57
CA VAL C 832 -25.63 34.50 -22.65
C VAL C 832 -24.14 34.25 -22.42
N ARG C 833 -23.84 33.39 -21.46
CA ARG C 833 -22.49 32.89 -21.22
C ARG C 833 -22.40 31.47 -21.78
N ASP C 834 -21.18 30.91 -21.82
CA ASP C 834 -20.94 29.59 -22.37
C ASP C 834 -20.63 28.59 -21.26
N THR C 835 -21.39 27.50 -21.24
CA THR C 835 -21.15 26.36 -20.34
C THR C 835 -21.46 25.10 -21.14
N SER C 836 -20.42 24.52 -21.72
CA SER C 836 -20.57 23.36 -22.61
C SER C 836 -19.85 22.16 -22.03
N LEU C 837 -20.48 21.00 -22.15
CA LEU C 837 -19.88 19.75 -21.70
C LEU C 837 -18.84 19.30 -22.71
N LYS C 838 -17.60 19.16 -22.26
CA LYS C 838 -16.49 18.79 -23.13
C LYS C 838 -15.84 17.50 -22.64
N VAL C 839 -15.19 16.81 -23.58
CA VAL C 839 -14.50 15.56 -23.25
C VAL C 839 -13.32 15.88 -22.33
N PRO C 840 -13.12 15.13 -21.25
CA PRO C 840 -12.00 15.42 -20.33
C PRO C 840 -10.64 15.19 -20.96
N HIS C 841 -9.59 15.40 -20.18
CA HIS C 841 -8.22 15.29 -20.70
C HIS C 841 -7.86 13.83 -20.96
N GLY C 842 -7.30 13.57 -22.14
CA GLY C 842 -6.85 12.23 -22.49
C GLY C 842 -7.93 11.20 -22.68
N GLU C 843 -9.06 11.58 -23.29
CA GLU C 843 -10.13 10.64 -23.60
C GLU C 843 -10.52 10.80 -25.06
N SER C 844 -11.12 9.76 -25.62
CA SER C 844 -11.54 9.75 -27.02
C SER C 844 -12.50 8.59 -27.22
N GLY C 845 -12.93 8.41 -28.47
CA GLY C 845 -13.81 7.31 -28.82
C GLY C 845 -15.06 7.75 -29.56
N LYS C 846 -15.75 6.80 -30.17
CA LYS C 846 -16.98 7.12 -30.87
C LYS C 846 -18.12 7.37 -29.90
N VAL C 847 -19.22 7.89 -30.41
CA VAL C 847 -20.44 8.11 -29.63
C VAL C 847 -21.46 7.07 -30.06
N ILE C 848 -21.97 6.31 -29.10
CA ILE C 848 -22.84 5.17 -29.40
C ILE C 848 -24.25 5.33 -28.87
N GLY C 849 -24.54 6.34 -28.05
CA GLY C 849 -25.89 6.50 -27.55
C GLY C 849 -26.15 7.80 -26.80
N ILE C 850 -27.37 8.32 -26.92
CA ILE C 850 -27.79 9.53 -26.21
C ILE C 850 -29.18 9.28 -25.62
N ARG C 851 -29.33 9.57 -24.33
CA ARG C 851 -30.60 9.42 -23.62
C ARG C 851 -31.00 10.78 -23.07
N VAL C 852 -32.09 11.34 -23.59
CA VAL C 852 -32.55 12.68 -23.23
C VAL C 852 -33.82 12.55 -22.39
N PHE C 853 -33.83 13.22 -21.24
CA PHE C 853 -35.00 13.30 -20.38
C PHE C 853 -35.50 14.74 -20.37
N SER C 854 -36.81 14.92 -20.48
CA SER C 854 -37.43 16.24 -20.49
C SER C 854 -38.48 16.32 -19.40
N ARG C 855 -38.86 17.55 -19.07
CA ARG C 855 -39.87 17.80 -18.05
C ARG C 855 -41.27 17.83 -18.62
N GLU C 856 -41.44 18.39 -19.81
CA GLU C 856 -42.77 18.59 -20.39
C GLU C 856 -43.41 17.31 -20.92
N ASP C 857 -42.61 16.27 -21.22
CA ASP C 857 -43.14 15.03 -21.75
C ASP C 857 -43.42 14.00 -20.66
N GLU C 858 -43.74 14.45 -19.44
CA GLU C 858 -44.14 13.59 -18.33
C GLU C 858 -43.06 12.56 -18.00
N ASP C 859 -41.90 13.08 -17.59
CA ASP C 859 -40.79 12.26 -17.13
C ASP C 859 -40.36 12.74 -15.75
N GLU C 860 -40.07 11.78 -14.87
CA GLU C 860 -39.58 12.11 -13.54
C GLU C 860 -38.26 12.85 -13.63
N LEU C 861 -38.15 13.97 -12.92
CA LEU C 861 -36.96 14.80 -12.94
C LEU C 861 -36.78 15.46 -11.58
N PRO C 862 -35.54 15.71 -11.17
CA PRO C 862 -35.33 16.51 -9.95
C PRO C 862 -35.95 17.89 -10.10
N ALA C 863 -36.45 18.41 -8.98
CA ALA C 863 -37.04 19.75 -9.00
C ALA C 863 -35.96 20.80 -9.21
N GLY C 864 -36.23 21.75 -10.10
CA GLY C 864 -35.30 22.82 -10.40
C GLY C 864 -34.56 22.66 -11.72
N VAL C 865 -34.65 21.50 -12.36
CA VAL C 865 -33.97 21.25 -13.63
C VAL C 865 -35.02 21.03 -14.71
N ASN C 866 -34.63 21.30 -15.95
CA ASN C 866 -35.55 21.23 -17.09
C ASN C 866 -35.27 20.11 -18.06
N GLU C 867 -34.00 19.77 -18.30
CA GLU C 867 -33.64 18.75 -19.27
C GLU C 867 -32.40 18.01 -18.80
N LEU C 868 -32.36 16.71 -19.10
CA LEU C 868 -31.23 15.85 -18.81
C LEU C 868 -30.77 15.16 -20.09
N VAL C 869 -29.48 14.88 -20.17
CA VAL C 869 -28.91 14.20 -21.33
C VAL C 869 -27.69 13.41 -20.88
N ARG C 870 -27.56 12.19 -21.38
CA ARG C 870 -26.43 11.32 -21.11
C ARG C 870 -25.79 10.88 -22.42
N VAL C 871 -24.47 10.87 -22.47
CA VAL C 871 -23.71 10.52 -23.67
C VAL C 871 -22.78 9.36 -23.33
N TYR C 872 -22.75 8.36 -24.21
CA TYR C 872 -21.94 7.16 -24.03
C TYR C 872 -20.85 7.12 -25.08
N VAL C 873 -19.62 6.85 -24.64
CA VAL C 873 -18.44 6.87 -25.50
C VAL C 873 -17.67 5.57 -25.32
N ALA C 874 -17.34 4.91 -26.43
CA ALA C 874 -16.72 3.59 -26.40
C ALA C 874 -15.41 3.58 -27.18
N GLN C 875 -14.48 2.76 -26.73
CA GLN C 875 -13.18 2.59 -27.38
C GLN C 875 -12.79 1.13 -27.36
N LYS C 876 -11.83 0.77 -28.21
CA LYS C 876 -11.29 -0.58 -28.30
C LYS C 876 -9.81 -0.53 -27.93
N ARG C 877 -9.42 -1.32 -26.93
CA ARG C 877 -8.08 -1.28 -26.38
C ARG C 877 -7.34 -2.58 -26.71
N LYS C 878 -6.15 -2.45 -27.29
CA LYS C 878 -5.30 -3.60 -27.56
C LYS C 878 -4.31 -3.81 -26.41
N ILE C 879 -3.40 -4.75 -26.59
CA ILE C 879 -2.37 -5.04 -25.60
C ILE C 879 -1.14 -4.20 -25.92
N SER C 880 -0.40 -3.82 -24.89
CA SER C 880 0.74 -2.92 -25.06
C SER C 880 1.67 -3.07 -23.86
N ASP C 881 2.78 -2.35 -23.90
CA ASP C 881 3.75 -2.38 -22.82
C ASP C 881 3.17 -1.74 -21.57
N GLY C 882 3.38 -2.39 -20.43
CA GLY C 882 2.85 -1.93 -19.17
C GLY C 882 1.57 -2.61 -18.71
N ASP C 883 0.91 -3.35 -19.60
CA ASP C 883 -0.31 -4.05 -19.23
C ASP C 883 0.02 -5.30 -18.43
N LYS C 884 -0.88 -5.65 -17.51
CA LYS C 884 -0.66 -6.74 -16.56
C LYS C 884 -1.32 -8.01 -17.05
N LEU C 885 -0.58 -9.11 -17.04
CA LEU C 885 -1.07 -10.43 -17.39
C LEU C 885 -0.97 -11.33 -16.16
N ALA C 886 -1.62 -12.49 -16.23
CA ALA C 886 -1.66 -13.38 -15.07
C ALA C 886 -2.01 -14.80 -15.49
N GLY C 887 -1.75 -15.73 -14.58
CA GLY C 887 -2.24 -17.09 -14.69
C GLY C 887 -3.04 -17.48 -13.47
N ARG C 888 -3.46 -18.74 -13.44
CA ARG C 888 -4.28 -19.25 -12.35
C ARG C 888 -3.48 -19.75 -11.16
N HIS C 889 -2.15 -19.68 -11.21
CA HIS C 889 -1.32 -20.25 -10.17
C HIS C 889 -0.51 -19.22 -9.40
N GLY C 890 -0.65 -17.93 -9.71
CA GLY C 890 0.11 -16.90 -9.04
C GLY C 890 1.12 -16.18 -9.92
N ASN C 891 1.31 -16.60 -11.16
CA ASN C 891 2.18 -15.88 -12.07
C ASN C 891 1.59 -14.51 -12.38
N LYS C 892 2.44 -13.49 -12.38
CA LYS C 892 1.96 -12.12 -12.51
C LYS C 892 3.11 -11.22 -12.92
N GLY C 893 2.91 -10.41 -13.95
CA GLY C 893 3.94 -9.49 -14.37
C GLY C 893 3.40 -8.59 -15.47
N VAL C 894 4.17 -7.54 -15.75
CA VAL C 894 3.81 -6.59 -16.79
C VAL C 894 4.60 -6.92 -18.05
N ILE C 895 4.11 -6.45 -19.18
CA ILE C 895 4.72 -6.78 -20.47
C ILE C 895 5.91 -5.86 -20.69
N GLY C 896 7.09 -6.47 -20.83
CA GLY C 896 8.31 -5.72 -21.04
C GLY C 896 8.58 -5.39 -22.48
N LYS C 897 8.33 -6.33 -23.38
CA LYS C 897 8.58 -6.12 -24.80
C LYS C 897 7.58 -6.90 -25.63
N ILE C 898 7.31 -6.39 -26.83
CA ILE C 898 6.53 -7.08 -27.86
C ILE C 898 7.43 -7.22 -29.07
N LEU C 899 7.59 -8.45 -29.56
CA LEU C 899 8.58 -8.73 -30.59
C LEU C 899 7.92 -9.12 -31.91
N PRO C 900 8.56 -8.82 -33.04
CA PRO C 900 8.06 -9.33 -34.32
C PRO C 900 8.12 -10.84 -34.35
N VAL C 901 7.23 -11.44 -35.15
CA VAL C 901 7.15 -12.90 -35.20
C VAL C 901 8.39 -13.54 -35.80
N GLU C 902 9.24 -12.77 -36.49
CA GLU C 902 10.49 -13.30 -37.02
C GLU C 902 11.64 -13.22 -36.02
N ASP C 903 11.45 -12.53 -34.90
CA ASP C 903 12.48 -12.37 -33.87
C ASP C 903 12.29 -13.35 -32.73
N MET C 904 11.33 -14.25 -32.83
CA MET C 904 10.85 -15.14 -31.78
C MET C 904 11.39 -16.55 -31.97
N PRO C 905 11.69 -17.28 -30.90
CA PRO C 905 12.10 -18.68 -31.06
C PRO C 905 11.00 -19.50 -31.72
N PHE C 906 11.40 -20.41 -32.60
CA PHE C 906 10.43 -21.18 -33.37
C PHE C 906 10.81 -22.65 -33.40
N LEU C 907 9.79 -23.49 -33.52
CA LEU C 907 9.97 -24.94 -33.50
C LEU C 907 10.56 -25.41 -34.83
N ALA C 908 10.70 -26.72 -34.96
CA ALA C 908 11.42 -27.28 -36.12
C ALA C 908 10.63 -27.11 -37.41
N ASP C 909 9.32 -26.99 -37.34
CA ASP C 909 8.50 -26.80 -38.52
C ASP C 909 8.18 -25.34 -38.81
N GLY C 910 8.72 -24.42 -38.02
CA GLY C 910 8.52 -23.00 -38.25
C GLY C 910 7.42 -22.35 -37.45
N THR C 911 6.99 -22.97 -36.34
CA THR C 911 5.92 -22.41 -35.52
C THR C 911 6.52 -21.49 -34.46
N PRO C 912 6.24 -20.19 -34.50
CA PRO C 912 6.72 -19.30 -33.43
C PRO C 912 5.99 -19.54 -32.13
N VAL C 913 6.66 -19.16 -31.03
CA VAL C 913 6.05 -19.21 -29.71
C VAL C 913 5.33 -17.89 -29.43
N ASP C 914 4.39 -17.92 -28.50
CA ASP C 914 3.54 -16.76 -28.25
C ASP C 914 3.96 -15.97 -27.01
N ILE C 915 4.60 -16.59 -26.04
CA ILE C 915 4.96 -15.91 -24.79
C ILE C 915 6.18 -16.63 -24.22
N ILE C 916 7.05 -15.88 -23.55
CA ILE C 916 8.24 -16.41 -22.91
C ILE C 916 8.20 -16.04 -21.43
N LEU C 917 8.39 -17.05 -20.56
CA LEU C 917 8.40 -16.87 -19.12
C LEU C 917 9.74 -17.33 -18.56
N ASN C 918 10.18 -16.68 -17.49
CA ASN C 918 11.49 -16.96 -16.93
C ASN C 918 11.45 -18.15 -15.97
N THR C 919 12.58 -18.85 -15.87
CA THR C 919 12.68 -20.05 -15.06
C THR C 919 13.23 -19.79 -13.67
N HIS C 920 13.68 -18.57 -13.37
CA HIS C 920 14.26 -18.29 -12.07
C HIS C 920 13.22 -18.05 -10.99
N GLY C 921 11.97 -17.80 -11.37
CA GLY C 921 10.93 -17.52 -10.40
C GLY C 921 10.12 -18.69 -9.92
N VAL C 922 10.23 -19.84 -10.56
CA VAL C 922 9.41 -21.00 -10.23
C VAL C 922 9.90 -21.73 -8.99
N PRO C 923 11.16 -22.17 -8.91
CA PRO C 923 11.55 -23.02 -7.77
C PRO C 923 11.45 -22.36 -6.41
N ARG C 924 11.72 -21.06 -6.30
CA ARG C 924 11.76 -20.40 -5.00
C ARG C 924 10.40 -19.97 -4.49
N ARG C 925 9.33 -20.15 -5.27
CA ARG C 925 7.99 -19.79 -4.86
C ARG C 925 7.06 -20.98 -4.69
N MET C 926 7.50 -22.18 -5.05
CA MET C 926 6.78 -23.42 -4.78
C MET C 926 5.40 -23.42 -5.44
N ASN C 927 5.35 -22.99 -6.70
CA ASN C 927 4.17 -23.18 -7.54
C ASN C 927 4.62 -23.95 -8.76
N ILE C 928 4.63 -25.28 -8.64
CA ILE C 928 5.02 -26.17 -9.73
C ILE C 928 3.79 -26.70 -10.47
N GLY C 929 2.60 -26.21 -10.16
CA GLY C 929 1.42 -26.62 -10.89
C GLY C 929 1.38 -26.07 -12.30
N GLN C 930 2.09 -24.98 -12.55
CA GLN C 930 2.08 -24.38 -13.89
C GLN C 930 2.81 -25.26 -14.90
N ILE C 931 3.91 -25.90 -14.49
CA ILE C 931 4.63 -26.77 -15.39
C ILE C 931 3.82 -28.02 -15.72
N LEU C 932 3.16 -28.59 -14.73
CA LEU C 932 2.26 -29.71 -14.98
C LEU C 932 1.12 -29.29 -15.90
N GLU C 933 0.61 -28.07 -15.71
CA GLU C 933 -0.45 -27.57 -16.59
C GLU C 933 0.04 -27.44 -18.02
N THR C 934 1.26 -26.95 -18.23
CA THR C 934 1.78 -26.84 -19.59
C THR C 934 1.95 -28.21 -20.24
N HIS C 935 2.44 -29.19 -19.48
CA HIS C 935 2.57 -30.54 -20.01
C HIS C 935 1.21 -31.10 -20.44
N LEU C 936 0.22 -31.02 -19.55
CA LEU C 936 -1.11 -31.55 -19.89
C LEU C 936 -1.75 -30.77 -21.02
N GLY C 937 -1.50 -29.47 -21.09
CA GLY C 937 -2.04 -28.67 -22.17
C GLY C 937 -1.46 -29.04 -23.52
N TRP C 938 -0.16 -29.31 -23.57
CA TRP C 938 0.43 -29.79 -24.82
C TRP C 938 -0.18 -31.13 -25.22
N CYS C 939 -0.33 -32.05 -24.25
CA CYS C 939 -0.91 -33.35 -24.59
C CYS C 939 -2.34 -33.22 -25.09
N ALA C 940 -3.12 -32.32 -24.48
CA ALA C 940 -4.50 -32.12 -24.90
C ALA C 940 -4.58 -31.48 -26.28
N HIS C 941 -3.70 -30.52 -26.55
CA HIS C 941 -3.71 -29.86 -27.85
C HIS C 941 -3.33 -30.83 -28.96
N SER C 942 -2.28 -31.63 -28.75
CA SER C 942 -1.80 -32.50 -29.83
C SER C 942 -2.68 -33.73 -30.00
N GLY C 943 -3.18 -34.31 -28.92
CA GLY C 943 -3.93 -35.54 -28.98
C GLY C 943 -3.04 -36.76 -28.86
N TRP C 944 -3.58 -37.82 -28.27
CA TRP C 944 -2.80 -39.00 -27.94
C TRP C 944 -3.57 -40.26 -28.26
N LYS C 945 -2.92 -41.40 -28.07
CA LYS C 945 -3.55 -42.71 -28.23
C LYS C 945 -2.69 -43.75 -27.54
N VAL C 946 -3.28 -44.49 -26.61
CA VAL C 946 -2.56 -45.49 -25.83
C VAL C 946 -2.71 -46.85 -26.51
N ASP C 947 -1.60 -47.54 -26.71
CA ASP C 947 -1.61 -48.85 -27.34
C ASP C 947 -2.00 -49.93 -26.34
N ALA C 948 -2.91 -50.81 -26.76
CA ALA C 948 -3.36 -51.92 -25.92
C ALA C 948 -3.32 -53.24 -26.69
N ALA C 949 -2.36 -53.39 -27.60
CA ALA C 949 -2.23 -54.63 -28.34
C ALA C 949 -1.89 -55.80 -27.43
N LYS C 950 -0.98 -55.59 -26.49
CA LYS C 950 -0.61 -56.60 -25.50
C LYS C 950 -1.24 -56.33 -24.14
N GLY C 951 -2.48 -55.85 -24.14
CA GLY C 951 -3.15 -55.47 -22.92
C GLY C 951 -2.85 -54.03 -22.52
N VAL C 952 -3.66 -53.52 -21.60
CA VAL C 952 -3.47 -52.16 -21.11
C VAL C 952 -2.15 -52.07 -20.36
N PRO C 953 -1.34 -51.03 -20.60
CA PRO C 953 -0.06 -50.92 -19.88
C PRO C 953 -0.28 -50.81 -18.38
N ASP C 954 0.80 -51.06 -17.63
CA ASP C 954 0.70 -51.07 -16.18
C ASP C 954 0.40 -49.69 -15.61
N TRP C 955 0.89 -48.63 -16.24
CA TRP C 955 0.66 -47.28 -15.73
C TRP C 955 -0.74 -46.77 -16.01
N ALA C 956 -1.46 -47.38 -16.95
CA ALA C 956 -2.79 -46.94 -17.33
C ALA C 956 -3.89 -47.85 -16.77
N ALA C 957 -3.59 -48.57 -15.69
CA ALA C 957 -4.58 -49.50 -15.14
C ALA C 957 -5.80 -48.79 -14.60
N ARG C 958 -5.60 -47.63 -13.95
CA ARG C 958 -6.69 -46.92 -13.29
C ARG C 958 -7.32 -45.85 -14.17
N LEU C 959 -6.86 -45.67 -15.40
CA LEU C 959 -7.49 -44.71 -16.29
C LEU C 959 -8.81 -45.25 -16.80
N PRO C 960 -9.81 -44.38 -17.02
CA PRO C 960 -11.06 -44.82 -17.65
C PRO C 960 -10.83 -45.30 -19.08
N ASP C 961 -11.86 -45.85 -19.71
CA ASP C 961 -11.72 -46.35 -21.08
C ASP C 961 -11.87 -45.26 -22.13
N GLU C 962 -12.45 -44.12 -21.78
CA GLU C 962 -12.58 -43.01 -22.72
C GLU C 962 -11.39 -42.06 -22.68
N LEU C 963 -10.48 -42.24 -21.73
CA LEU C 963 -9.27 -41.44 -21.65
C LEU C 963 -8.06 -42.17 -22.23
N LEU C 964 -8.28 -43.28 -22.92
CA LEU C 964 -7.22 -44.01 -23.59
C LEU C 964 -7.02 -43.55 -25.03
N GLU C 965 -7.76 -42.53 -25.46
CA GLU C 965 -7.65 -42.01 -26.82
C GLU C 965 -8.30 -40.64 -26.86
N ALA C 966 -7.68 -39.70 -27.57
CA ALA C 966 -8.20 -38.34 -27.64
C ALA C 966 -7.93 -37.77 -29.02
N GLN C 967 -8.70 -36.76 -29.36
CA GLN C 967 -8.63 -36.04 -30.63
C GLN C 967 -7.88 -34.73 -30.45
N PRO C 968 -7.33 -34.17 -31.53
CA PRO C 968 -6.67 -32.87 -31.42
C PRO C 968 -7.63 -31.80 -30.91
N ASN C 969 -7.09 -30.91 -30.08
CA ASN C 969 -7.87 -29.83 -29.45
C ASN C 969 -9.01 -30.40 -28.61
N ALA C 970 -8.68 -31.30 -27.71
CA ALA C 970 -9.63 -31.90 -26.79
C ALA C 970 -9.61 -31.16 -25.46
N ILE C 971 -10.73 -31.24 -24.73
CA ILE C 971 -10.88 -30.58 -23.44
C ILE C 971 -10.99 -31.65 -22.37
N VAL C 972 -10.18 -31.52 -21.32
CA VAL C 972 -10.13 -32.48 -20.23
C VAL C 972 -10.49 -31.79 -18.93
N SER C 973 -10.51 -32.54 -17.83
CA SER C 973 -10.88 -31.99 -16.54
C SER C 973 -10.12 -32.71 -15.44
N THR C 974 -9.44 -31.95 -14.59
CA THR C 974 -8.71 -32.50 -13.44
C THR C 974 -9.23 -31.86 -12.16
N PRO C 975 -10.09 -32.53 -11.39
CA PRO C 975 -10.65 -31.94 -10.18
C PRO C 975 -9.57 -31.51 -9.19
N VAL C 976 -10.02 -30.76 -8.17
CA VAL C 976 -9.09 -29.94 -7.39
C VAL C 976 -8.19 -30.79 -6.51
N PHE C 977 -8.70 -31.88 -5.93
CA PHE C 977 -7.88 -32.74 -5.08
C PHE C 977 -7.90 -34.20 -5.52
N ASP C 978 -8.44 -34.49 -6.71
CA ASP C 978 -8.43 -35.86 -7.25
C ASP C 978 -8.36 -35.72 -8.77
N GLY C 979 -7.13 -35.74 -9.30
CA GLY C 979 -6.95 -35.52 -10.71
C GLY C 979 -5.90 -36.42 -11.34
N ALA C 980 -5.14 -35.87 -12.28
CA ALA C 980 -4.14 -36.64 -13.01
C ALA C 980 -2.88 -36.79 -12.18
N GLN C 981 -2.41 -38.02 -12.01
CA GLN C 981 -1.20 -38.29 -11.28
C GLN C 981 0.02 -37.97 -12.16
N GLU C 982 1.21 -38.32 -11.65
CA GLU C 982 2.42 -38.04 -12.39
C GLU C 982 2.89 -39.21 -13.25
N ALA C 983 2.58 -40.44 -12.84
CA ALA C 983 2.80 -41.58 -13.72
C ALA C 983 1.94 -41.46 -14.97
N GLU C 984 0.70 -41.00 -14.82
CA GLU C 984 -0.19 -40.82 -15.96
C GLU C 984 0.31 -39.73 -16.90
N LEU C 985 0.76 -38.60 -16.36
CA LEU C 985 1.31 -37.55 -17.22
C LEU C 985 2.57 -38.01 -17.93
N GLN C 986 3.48 -38.67 -17.19
CA GLN C 986 4.72 -39.15 -17.79
C GLN C 986 4.45 -40.17 -18.88
N GLY C 987 3.42 -41.01 -18.71
CA GLY C 987 3.09 -41.98 -19.73
C GLY C 987 2.34 -41.40 -20.91
N LEU C 988 1.55 -40.34 -20.69
CA LEU C 988 0.86 -39.69 -21.79
C LEU C 988 1.79 -38.83 -22.62
N LEU C 989 2.86 -38.32 -22.02
CA LEU C 989 3.79 -37.48 -22.77
C LEU C 989 4.54 -38.25 -23.84
N SER C 990 4.48 -39.58 -23.83
CA SER C 990 5.15 -40.41 -24.82
C SER C 990 4.16 -41.11 -25.75
N CYS C 991 2.92 -40.64 -25.81
CA CYS C 991 1.90 -41.21 -26.68
C CYS C 991 1.29 -40.21 -27.65
N THR C 992 1.73 -38.95 -27.62
CA THR C 992 1.08 -37.91 -28.40
C THR C 992 1.23 -38.17 -29.90
N LEU C 993 0.27 -37.66 -30.66
CA LEU C 993 0.19 -37.84 -32.09
C LEU C 993 1.18 -36.92 -32.81
N PRO C 994 1.57 -37.27 -34.03
CA PRO C 994 2.43 -36.40 -34.83
C PRO C 994 1.61 -35.30 -35.51
N ASN C 995 2.30 -34.44 -36.25
CA ASN C 995 1.68 -33.34 -36.98
C ASN C 995 1.55 -33.72 -38.46
N ARG C 996 1.23 -32.73 -39.29
CA ARG C 996 1.04 -32.93 -40.73
C ARG C 996 2.08 -33.88 -41.33
N ASP C 997 3.35 -33.56 -41.13
CA ASP C 997 4.42 -34.50 -41.41
C ASP C 997 4.66 -35.37 -40.18
N GLY C 998 5.11 -36.59 -40.41
CA GLY C 998 5.22 -37.54 -39.32
C GLY C 998 6.36 -37.24 -38.37
N ASP C 999 6.26 -36.13 -37.65
CA ASP C 999 7.28 -35.70 -36.71
C ASP C 999 6.66 -35.46 -35.34
N VAL C 1000 7.40 -35.80 -34.29
CA VAL C 1000 7.00 -35.52 -32.92
C VAL C 1000 7.99 -34.50 -32.37
N LEU C 1001 7.52 -33.26 -32.19
CA LEU C 1001 8.40 -32.16 -31.85
C LEU C 1001 8.82 -32.19 -30.37
N VAL C 1002 7.91 -32.55 -29.48
CA VAL C 1002 8.19 -32.57 -28.05
C VAL C 1002 8.40 -34.02 -27.63
N ASP C 1003 9.53 -34.30 -27.01
CA ASP C 1003 9.91 -35.67 -26.66
C ASP C 1003 9.24 -36.08 -25.35
N ALA C 1004 9.68 -37.20 -24.79
CA ALA C 1004 9.03 -37.79 -23.63
C ALA C 1004 9.18 -36.96 -22.37
N ASP C 1005 10.16 -36.07 -22.31
CA ASP C 1005 10.35 -35.22 -21.14
C ASP C 1005 9.57 -33.92 -21.22
N GLY C 1006 8.90 -33.65 -22.35
CA GLY C 1006 8.23 -32.38 -22.52
C GLY C 1006 9.12 -31.26 -23.00
N LYS C 1007 10.25 -31.57 -23.61
CA LYS C 1007 11.22 -30.57 -24.04
C LYS C 1007 11.43 -30.66 -25.55
N ALA C 1008 11.68 -29.52 -26.17
CA ALA C 1008 11.84 -29.43 -27.61
C ALA C 1008 13.05 -28.58 -27.96
N MET C 1009 13.59 -28.79 -29.15
CA MET C 1009 14.73 -28.04 -29.65
C MET C 1009 14.23 -26.85 -30.48
N LEU C 1010 14.64 -25.65 -30.09
CA LEU C 1010 14.19 -24.41 -30.72
C LEU C 1010 15.34 -23.75 -31.47
N PHE C 1011 14.99 -22.98 -32.49
CA PHE C 1011 15.93 -22.17 -33.24
C PHE C 1011 15.88 -20.73 -32.76
N ASP C 1012 16.96 -20.00 -33.02
CA ASP C 1012 17.08 -18.61 -32.65
C ASP C 1012 16.67 -17.74 -33.83
N GLY C 1013 15.68 -16.87 -33.62
CA GLY C 1013 15.13 -16.09 -34.71
C GLY C 1013 15.91 -14.86 -35.09
N ARG C 1014 16.93 -14.50 -34.31
CA ARG C 1014 17.77 -13.34 -34.62
C ARG C 1014 19.10 -13.73 -35.26
N SER C 1015 19.62 -14.90 -34.95
CA SER C 1015 20.91 -15.35 -35.48
C SER C 1015 20.81 -16.60 -36.34
N GLY C 1016 19.80 -17.44 -36.13
CA GLY C 1016 19.57 -18.60 -36.97
C GLY C 1016 20.07 -19.90 -36.41
N GLU C 1017 20.98 -19.88 -35.46
CA GLU C 1017 21.53 -21.12 -34.93
C GLU C 1017 20.57 -21.75 -33.93
N PRO C 1018 20.55 -23.08 -33.84
CA PRO C 1018 19.73 -23.74 -32.81
C PRO C 1018 20.23 -23.44 -31.41
N PHE C 1019 19.30 -23.42 -30.47
CA PHE C 1019 19.69 -23.30 -29.07
C PHE C 1019 20.34 -24.61 -28.61
N PRO C 1020 21.38 -24.54 -27.78
CA PRO C 1020 22.20 -25.74 -27.53
C PRO C 1020 21.51 -26.81 -26.68
N TYR C 1021 20.48 -26.48 -25.91
CA TYR C 1021 19.83 -27.45 -25.04
C TYR C 1021 18.33 -27.41 -25.24
N PRO C 1022 17.64 -28.53 -25.02
CA PRO C 1022 16.18 -28.53 -25.17
C PRO C 1022 15.49 -27.66 -24.13
N VAL C 1023 14.32 -27.13 -24.53
CA VAL C 1023 13.56 -26.18 -23.74
C VAL C 1023 12.14 -26.72 -23.56
N THR C 1024 11.52 -26.39 -22.42
CA THR C 1024 10.17 -26.83 -22.13
C THR C 1024 9.15 -26.02 -22.94
N VAL C 1025 8.23 -26.72 -23.60
CA VAL C 1025 7.20 -26.09 -24.42
C VAL C 1025 5.83 -26.67 -24.04
N GLY C 1026 4.80 -25.87 -24.20
CA GLY C 1026 3.46 -26.31 -23.86
C GLY C 1026 2.46 -25.19 -24.06
N TYR C 1027 1.24 -25.42 -23.56
CA TYR C 1027 0.15 -24.45 -23.64
C TYR C 1027 -0.32 -24.08 -22.25
N MET C 1028 -0.59 -22.80 -22.03
CA MET C 1028 -1.00 -22.30 -20.73
C MET C 1028 -2.10 -21.27 -20.89
N TYR C 1029 -2.89 -21.10 -19.83
CA TYR C 1029 -4.08 -20.24 -19.85
C TYR C 1029 -3.73 -18.89 -19.23
N ILE C 1030 -3.84 -17.83 -20.02
CA ILE C 1030 -3.39 -16.50 -19.64
C ILE C 1030 -4.58 -15.56 -19.65
N MET C 1031 -4.74 -14.79 -18.58
CA MET C 1031 -5.81 -13.82 -18.43
C MET C 1031 -5.26 -12.40 -18.44
N LYS C 1032 -6.10 -11.45 -18.83
CA LYS C 1032 -5.73 -10.04 -18.89
C LYS C 1032 -6.38 -9.32 -17.70
N LEU C 1033 -5.56 -8.65 -16.91
CA LEU C 1033 -6.01 -8.02 -15.68
C LEU C 1033 -6.33 -6.55 -15.92
N HIS C 1034 -7.21 -6.02 -15.07
CA HIS C 1034 -7.72 -4.66 -15.25
C HIS C 1034 -6.80 -3.61 -14.62
N HIS C 1035 -5.51 -3.67 -14.95
CA HIS C 1035 -4.53 -2.68 -14.52
C HIS C 1035 -3.76 -2.28 -15.77
N LEU C 1036 -4.30 -1.31 -16.52
CA LEU C 1036 -3.77 -0.93 -17.81
C LEU C 1036 -2.98 0.37 -17.69
N VAL C 1037 -1.91 0.48 -18.48
CA VAL C 1037 -1.01 1.62 -18.34
C VAL C 1037 -1.65 2.90 -18.86
N ASP C 1038 -2.64 2.80 -19.76
CA ASP C 1038 -3.27 3.98 -20.31
C ASP C 1038 -4.06 4.76 -19.27
N ASP C 1039 -4.39 4.14 -18.14
CA ASP C 1039 -5.13 4.79 -17.07
C ASP C 1039 -4.23 5.19 -15.91
N LYS C 1040 -2.91 5.11 -16.06
CA LYS C 1040 -2.00 5.40 -14.97
C LYS C 1040 -0.91 6.41 -15.33
N ILE C 1041 -0.82 6.85 -16.57
CA ILE C 1041 0.15 7.86 -16.96
C ILE C 1041 -0.40 9.23 -16.67
N HIS C 1042 0.46 10.13 -16.17
CA HIS C 1042 0.04 11.46 -15.80
C HIS C 1042 1.26 12.38 -15.79
N ALA C 1043 1.01 13.66 -16.09
CA ALA C 1043 2.06 14.68 -16.02
C ALA C 1043 1.40 16.04 -15.91
N ARG C 1044 2.17 17.02 -15.42
CA ARG C 1044 1.66 18.36 -15.18
C ARG C 1044 2.83 19.33 -15.09
N SER C 1045 2.66 20.53 -15.65
CA SER C 1045 3.59 21.63 -15.43
C SER C 1045 2.98 22.69 -14.52
N THR C 1046 1.85 23.28 -14.92
CA THR C 1046 1.05 24.13 -14.04
C THR C 1046 -0.42 23.85 -14.29
N GLY C 1047 -1.25 24.15 -13.29
CA GLY C 1047 -2.67 23.94 -13.39
C GLY C 1047 -3.46 24.60 -12.29
N PRO C 1048 -4.60 24.02 -11.94
CA PRO C 1048 -5.43 24.59 -10.87
C PRO C 1048 -4.77 24.49 -9.51
N TYR C 1049 -5.10 25.45 -8.65
CA TYR C 1049 -4.57 25.54 -7.30
C TYR C 1049 -5.70 25.54 -6.29
N SER C 1050 -5.35 25.37 -5.03
CA SER C 1050 -6.33 25.25 -3.95
C SER C 1050 -6.82 26.64 -3.55
N MET C 1051 -7.55 26.72 -2.43
CA MET C 1051 -8.14 27.98 -1.99
C MET C 1051 -7.59 28.45 -0.65
N ILE C 1052 -7.59 27.60 0.37
CA ILE C 1052 -7.07 28.00 1.67
C ILE C 1052 -5.54 28.06 1.64
N THR C 1053 -4.90 26.93 1.40
CA THR C 1053 -3.46 26.85 1.20
C THR C 1053 -3.23 26.71 -0.30
N GLN C 1054 -2.61 27.71 -0.91
CA GLN C 1054 -2.56 27.80 -2.37
C GLN C 1054 -1.52 26.85 -2.96
N GLN C 1055 -1.69 25.58 -2.64
CA GLN C 1055 -0.88 24.49 -3.18
C GLN C 1055 -1.60 23.83 -4.35
N PRO C 1056 -0.88 23.09 -5.19
CA PRO C 1056 -1.54 22.40 -6.31
C PRO C 1056 -2.61 21.44 -5.85
N LEU C 1057 -3.62 21.24 -6.69
CA LEU C 1057 -4.68 20.31 -6.40
C LEU C 1057 -4.17 18.88 -6.46
N GLY C 1058 -4.98 17.95 -5.98
CA GLY C 1058 -4.60 16.55 -5.91
C GLY C 1058 -5.51 15.67 -6.75
N GLY C 1059 -4.93 14.64 -7.35
CA GLY C 1059 -5.68 13.70 -8.17
C GLY C 1059 -5.38 13.87 -9.65
N LYS C 1060 -5.71 12.81 -10.39
CA LYS C 1060 -5.49 12.78 -11.83
C LYS C 1060 -6.66 13.37 -12.60
N ALA C 1061 -7.87 13.30 -12.06
CA ALA C 1061 -9.03 13.86 -12.75
C ALA C 1061 -9.04 15.38 -12.70
N GLN C 1062 -8.43 15.97 -11.67
CA GLN C 1062 -8.38 17.42 -11.51
C GLN C 1062 -7.07 18.03 -11.96
N PHE C 1063 -6.22 17.27 -12.65
CA PHE C 1063 -4.93 17.74 -13.14
C PHE C 1063 -4.06 18.21 -11.97
N GLY C 1064 -3.81 17.29 -11.05
CA GLY C 1064 -3.12 17.61 -9.81
C GLY C 1064 -1.64 17.25 -9.84
N GLY C 1065 -0.96 17.64 -8.75
CA GLY C 1065 0.45 17.39 -8.58
C GLY C 1065 0.71 16.15 -7.74
N GLN C 1066 2.01 15.87 -7.57
CA GLN C 1066 2.46 14.71 -6.82
C GLN C 1066 3.02 15.14 -5.48
N ARG C 1067 2.67 14.40 -4.43
CA ARG C 1067 3.08 14.77 -3.09
C ARG C 1067 4.57 14.50 -2.88
N PHE C 1068 5.23 15.46 -2.24
CA PHE C 1068 6.62 15.34 -1.82
C PHE C 1068 6.59 15.27 -0.29
N GLY C 1069 6.46 14.06 0.24
CA GLY C 1069 6.13 13.86 1.63
C GLY C 1069 7.28 14.10 2.58
N GLU C 1070 7.07 13.66 3.82
CA GLU C 1070 8.07 13.83 4.87
C GLU C 1070 9.26 12.91 4.67
N MET C 1071 9.01 11.65 4.31
CA MET C 1071 10.10 10.70 4.13
C MET C 1071 10.98 11.08 2.96
N GLU C 1072 10.45 11.79 1.97
CA GLU C 1072 11.22 12.23 0.82
C GLU C 1072 12.08 13.45 1.12
N CYS C 1073 11.75 14.20 2.17
CA CYS C 1073 12.59 15.32 2.58
C CYS C 1073 13.83 14.87 3.33
N TRP C 1074 13.74 13.75 4.07
CA TRP C 1074 14.90 13.25 4.78
C TRP C 1074 16.01 12.83 3.83
N ALA C 1075 15.65 12.25 2.68
CA ALA C 1075 16.67 11.90 1.69
C ALA C 1075 17.35 13.14 1.13
N MET C 1076 16.59 14.20 0.87
CA MET C 1076 17.17 15.45 0.40
C MET C 1076 18.10 16.05 1.44
N GLN C 1077 17.72 15.98 2.72
CA GLN C 1077 18.57 16.52 3.77
C GLN C 1077 19.79 15.67 4.05
N ALA C 1078 19.72 14.36 3.78
CA ALA C 1078 20.87 13.48 3.93
C ALA C 1078 21.81 13.53 2.73
N TYR C 1079 21.33 13.93 1.57
CA TYR C 1079 22.21 14.15 0.42
C TYR C 1079 23.02 15.43 0.54
N GLY C 1080 22.50 16.42 1.25
CA GLY C 1080 23.12 17.72 1.33
C GLY C 1080 22.59 18.74 0.36
N ALA C 1081 21.46 18.47 -0.30
CA ALA C 1081 20.93 19.33 -1.35
C ALA C 1081 20.05 20.39 -0.71
N ALA C 1082 20.63 21.56 -0.46
CA ALA C 1082 19.91 22.64 0.21
C ALA C 1082 19.12 23.53 -0.73
N TYR C 1083 19.49 23.57 -2.01
CA TYR C 1083 18.81 24.42 -2.98
C TYR C 1083 17.65 23.71 -3.67
N THR C 1084 17.82 22.41 -3.96
CA THR C 1084 16.74 21.63 -4.55
C THR C 1084 15.54 21.58 -3.62
N LEU C 1085 15.79 21.34 -2.32
CA LEU C 1085 14.69 21.29 -1.35
C LEU C 1085 13.99 22.64 -1.23
N GLN C 1086 14.76 23.72 -1.18
CA GLN C 1086 14.16 25.05 -1.04
C GLN C 1086 13.31 25.39 -2.26
N GLU C 1087 13.80 25.09 -3.46
CA GLU C 1087 13.00 25.34 -4.65
C GLU C 1087 11.75 24.46 -4.69
N LEU C 1088 11.89 23.20 -4.30
CA LEU C 1088 10.75 22.29 -4.27
C LEU C 1088 9.69 22.72 -3.27
N LEU C 1089 10.07 23.46 -2.22
CA LEU C 1089 9.12 23.79 -1.17
C LEU C 1089 8.53 25.19 -1.26
N THR C 1090 9.12 26.10 -2.03
CA THR C 1090 8.59 27.45 -2.11
C THR C 1090 8.06 27.83 -3.48
N ILE C 1091 8.89 27.81 -4.53
CA ILE C 1091 8.45 28.36 -5.81
C ILE C 1091 7.69 27.37 -6.66
N LYS C 1092 7.64 26.10 -6.26
CA LYS C 1092 6.85 25.11 -6.96
C LYS C 1092 5.58 24.74 -6.21
N SER C 1093 5.42 25.16 -4.96
CA SER C 1093 4.20 24.86 -4.21
C SER C 1093 3.44 26.11 -3.80
N ASP C 1094 4.05 27.03 -3.04
CA ASP C 1094 3.31 28.06 -2.32
C ASP C 1094 3.65 29.49 -2.67
N ASP C 1095 4.84 29.78 -3.18
CA ASP C 1095 5.24 31.17 -3.39
C ASP C 1095 4.41 31.75 -4.52
N THR C 1096 3.37 32.50 -4.15
CA THR C 1096 2.43 33.02 -5.15
C THR C 1096 3.10 34.06 -6.05
N VAL C 1097 3.94 34.91 -5.48
CA VAL C 1097 4.59 35.95 -6.28
C VAL C 1097 5.77 35.41 -7.08
N GLY C 1098 6.39 34.32 -6.64
CA GLY C 1098 7.52 33.75 -7.35
C GLY C 1098 7.14 32.78 -8.45
N ARG C 1099 5.91 32.25 -8.36
CA ARG C 1099 5.44 31.31 -9.38
C ARG C 1099 5.34 31.97 -10.74
N VAL C 1100 4.83 33.21 -10.79
CA VAL C 1100 4.69 33.91 -12.06
C VAL C 1100 6.04 34.37 -12.58
N LYS C 1101 6.90 34.86 -11.69
CA LYS C 1101 8.20 35.35 -12.12
C LYS C 1101 9.08 34.23 -12.64
N VAL C 1102 8.97 33.03 -12.07
CA VAL C 1102 9.72 31.89 -12.58
C VAL C 1102 9.29 31.55 -14.01
N TYR C 1103 7.98 31.57 -14.27
CA TYR C 1103 7.49 31.28 -15.61
C TYR C 1103 7.97 32.33 -16.61
N GLU C 1104 7.90 33.61 -16.23
CA GLU C 1104 8.38 34.66 -17.12
C GLU C 1104 9.88 34.52 -17.39
N ALA C 1105 10.66 34.20 -16.35
CA ALA C 1105 12.11 34.02 -16.53
C ALA C 1105 12.42 32.85 -17.45
N ILE C 1106 11.69 31.74 -17.30
CA ILE C 1106 11.94 30.59 -18.16
C ILE C 1106 11.59 30.92 -19.61
N VAL C 1107 10.46 31.58 -19.83
CA VAL C 1107 10.07 31.90 -21.20
C VAL C 1107 11.05 32.88 -21.83
N LYS C 1108 11.47 33.91 -21.09
CA LYS C 1108 12.39 34.90 -21.64
C LYS C 1108 13.84 34.44 -21.67
N GLY C 1109 14.18 33.33 -21.01
CA GLY C 1109 15.53 32.83 -21.06
C GLY C 1109 16.49 33.43 -20.06
N GLU C 1110 16.00 34.14 -19.05
CA GLU C 1110 16.85 34.78 -18.05
C GLU C 1110 17.09 33.83 -16.87
N ASN C 1111 17.67 34.36 -15.80
CA ASN C 1111 17.97 33.56 -14.62
C ASN C 1111 16.74 33.45 -13.72
N ILE C 1112 16.63 32.33 -13.03
CA ILE C 1112 15.50 32.09 -12.13
C ILE C 1112 15.64 32.98 -10.90
N PRO C 1113 14.56 33.62 -10.41
CA PRO C 1113 14.68 34.53 -9.27
C PRO C 1113 14.81 33.81 -7.93
N GLU C 1114 14.87 34.60 -6.85
CA GLU C 1114 15.05 34.22 -5.45
C GLU C 1114 13.69 33.97 -4.79
N PRO C 1115 13.55 32.86 -4.06
CA PRO C 1115 12.27 32.51 -3.46
C PRO C 1115 11.83 33.51 -2.41
N GLY C 1116 10.51 33.61 -2.25
CA GLY C 1116 9.92 34.48 -1.25
C GLY C 1116 9.58 33.74 0.03
N ILE C 1117 8.35 33.91 0.50
CA ILE C 1117 7.92 33.25 1.75
C ILE C 1117 6.63 32.49 1.48
N PRO C 1118 6.51 31.25 1.96
CA PRO C 1118 5.32 30.44 1.65
C PRO C 1118 4.08 30.97 2.35
N GLU C 1119 2.93 30.62 1.78
CA GLU C 1119 1.65 31.09 2.28
C GLU C 1119 1.14 30.26 3.46
N SER C 1120 1.52 28.99 3.51
CA SER C 1120 1.04 28.12 4.59
C SER C 1120 1.54 28.60 5.96
N PHE C 1121 2.72 29.23 6.01
CA PHE C 1121 3.19 29.77 7.27
C PHE C 1121 2.29 30.89 7.77
N LYS C 1122 1.87 31.77 6.88
CA LYS C 1122 0.95 32.85 7.27
C LYS C 1122 -0.41 32.28 7.68
N VAL C 1123 -0.89 31.26 6.97
CA VAL C 1123 -2.14 30.62 7.36
C VAL C 1123 -2.00 30.01 8.77
N LEU C 1124 -0.86 29.39 9.06
CA LEU C 1124 -0.62 28.84 10.39
C LEU C 1124 -0.60 29.92 11.45
N LEU C 1125 0.03 31.07 11.16
CA LEU C 1125 0.07 32.14 12.14
C LEU C 1125 -1.32 32.68 12.44
N LYS C 1126 -2.14 32.86 11.40
CA LYS C 1126 -3.51 33.33 11.63
C LYS C 1126 -4.36 32.29 12.33
N GLU C 1127 -4.05 31.01 12.15
CA GLU C 1127 -4.70 29.96 12.93
C GLU C 1127 -4.30 30.03 14.40
N LEU C 1128 -3.02 30.24 14.67
CA LEU C 1128 -2.54 30.30 16.06
C LEU C 1128 -3.07 31.52 16.78
N GLN C 1129 -3.26 32.63 16.07
CA GLN C 1129 -3.75 33.84 16.73
C GLN C 1129 -5.22 33.75 17.12
N SER C 1130 -5.98 32.82 16.53
CA SER C 1130 -7.39 32.68 16.84
C SER C 1130 -7.66 31.86 18.09
N LEU C 1131 -6.65 31.19 18.63
CA LEU C 1131 -6.76 30.50 19.92
C LEU C 1131 -6.23 31.37 21.05
N CYS C 1132 -6.26 32.69 20.89
CA CYS C 1132 -5.77 33.64 21.88
C CYS C 1132 -4.30 33.40 22.22
N LEU C 1133 -3.48 33.30 21.17
CA LEU C 1133 -2.04 33.16 21.31
C LEU C 1133 -1.37 34.33 20.60
N ASN C 1134 -0.46 35.01 21.30
CA ASN C 1134 0.16 36.23 20.81
C ASN C 1134 1.52 35.89 20.20
N VAL C 1135 1.49 35.33 19.00
CA VAL C 1135 2.70 34.88 18.32
C VAL C 1135 3.14 35.96 17.34
N GLU C 1136 4.42 36.33 17.42
CA GLU C 1136 4.97 37.41 16.62
C GLU C 1136 6.34 37.00 16.07
N VAL C 1137 6.71 37.62 14.96
CA VAL C 1137 8.00 37.39 14.31
C VAL C 1137 8.87 38.60 14.56
N LEU C 1138 9.96 38.42 15.31
CA LEU C 1138 10.82 39.52 15.68
C LEU C 1138 11.98 39.67 14.69
N SER C 1139 12.67 40.80 14.79
CA SER C 1139 13.86 41.08 14.02
C SER C 1139 15.07 40.94 14.94
N SER C 1140 16.25 41.30 14.42
CA SER C 1140 17.47 41.20 15.20
C SER C 1140 17.49 42.14 16.40
N ASP C 1141 16.58 43.12 16.43
CA ASP C 1141 16.52 44.11 17.50
C ASP C 1141 15.07 44.34 17.93
N GLY C 1142 14.33 43.25 18.13
CA GLY C 1142 12.90 43.39 18.41
C GLY C 1142 12.17 43.94 17.20
N ALA C 1143 11.16 44.77 17.44
CA ALA C 1143 10.45 45.49 16.39
C ALA C 1143 9.83 44.52 15.39
N ALA C 1144 8.83 43.79 15.88
CA ALA C 1144 8.14 42.75 15.12
C ALA C 1144 7.87 43.16 13.69
N ILE C 1145 8.16 42.26 12.76
CA ILE C 1145 7.90 42.47 11.34
C ILE C 1145 6.42 42.25 11.06
N GLU C 1146 5.91 42.99 10.07
CA GLU C 1146 4.47 42.94 9.79
C GLU C 1146 4.05 41.59 9.22
N LEU C 1147 4.83 41.05 8.27
CA LEU C 1147 4.55 39.74 7.68
C LEU C 1147 3.19 39.69 7.00
N ARG C 1148 2.83 40.74 6.27
CA ARG C 1148 1.60 40.72 5.50
C ARG C 1148 1.71 41.37 4.13
N GLU C 1149 2.89 41.81 3.72
CA GLU C 1149 3.10 42.49 2.42
C GLU C 1149 2.14 43.70 2.38
N GLY C 1150 1.56 44.01 1.22
CA GLY C 1150 0.60 45.08 1.10
C GLY C 1150 1.19 46.44 0.77
N GLU C 1151 2.51 46.58 0.79
CA GLU C 1151 3.16 47.85 0.49
C GLU C 1151 3.98 47.76 -0.78
N LEU D 2 8.73 40.33 1.58
CA LEU D 2 9.52 40.08 2.77
C LEU D 2 10.74 39.22 2.45
N ASP D 3 11.77 39.34 3.28
CA ASP D 3 13.00 38.56 3.13
C ASP D 3 13.12 37.62 4.32
N VAL D 4 13.26 36.31 4.04
CA VAL D 4 13.40 35.33 5.10
C VAL D 4 14.76 35.42 5.78
N ASN D 5 15.74 36.02 5.11
CA ASN D 5 17.10 36.11 5.64
C ASN D 5 17.26 37.22 6.68
N PHE D 6 16.16 37.82 7.12
CA PHE D 6 16.20 38.84 8.16
C PHE D 6 15.43 38.47 9.42
N PHE D 7 14.71 37.35 9.42
CA PHE D 7 14.05 36.89 10.63
C PHE D 7 15.09 36.43 11.64
N ASP D 8 14.79 36.63 12.92
CA ASP D 8 15.69 36.16 13.97
C ASP D 8 15.00 35.46 15.13
N GLU D 9 13.69 35.58 15.30
CA GLU D 9 13.03 35.02 16.47
C GLU D 9 11.58 34.72 16.15
N LEU D 10 10.98 33.89 16.99
CA LEU D 10 9.55 33.60 16.96
C LEU D 10 9.10 33.45 18.40
N ARG D 11 8.40 34.45 18.92
CA ARG D 11 8.00 34.49 20.32
C ARG D 11 6.52 34.15 20.43
N ILE D 12 6.16 33.38 21.46
CA ILE D 12 4.78 33.02 21.74
C ILE D 12 4.47 33.41 23.19
N GLY D 13 3.20 33.70 23.45
CA GLY D 13 2.80 34.08 24.79
C GLY D 13 1.30 34.28 24.84
N LEU D 14 0.82 34.46 26.08
CA LEU D 14 -0.60 34.64 26.31
C LEU D 14 -1.06 36.00 25.79
N ALA D 15 -2.29 36.05 25.27
CA ALA D 15 -2.86 37.27 24.72
C ALA D 15 -3.91 37.82 25.67
N THR D 16 -3.89 39.13 25.87
CA THR D 16 -4.87 39.82 26.70
C THR D 16 -5.98 40.41 25.84
N ALA D 17 -6.99 40.95 26.51
CA ALA D 17 -8.12 41.53 25.79
C ALA D 17 -7.70 42.76 24.99
N GLU D 18 -6.71 43.51 25.47
CA GLU D 18 -6.24 44.67 24.72
C GLU D 18 -5.65 44.27 23.37
N ASP D 19 -4.87 43.19 23.35
CA ASP D 19 -4.31 42.72 22.08
C ASP D 19 -5.40 42.25 21.13
N ILE D 20 -6.40 41.56 21.65
CA ILE D 20 -7.49 41.07 20.81
C ILE D 20 -8.27 42.25 20.22
N ARG D 21 -8.47 43.29 21.01
CA ARG D 21 -9.13 44.48 20.49
C ARG D 21 -8.22 45.29 19.57
N GLN D 22 -6.91 45.10 19.66
CA GLN D 22 -5.98 45.78 18.76
C GLN D 22 -6.02 45.13 17.38
N TRP D 23 -5.81 43.81 17.32
CA TRP D 23 -5.77 43.12 16.03
C TRP D 23 -7.04 43.33 15.21
N SER D 24 -8.19 43.43 15.87
CA SER D 24 -9.46 43.45 15.16
C SER D 24 -9.65 44.75 14.38
N TYR D 25 -10.37 44.64 13.28
CA TYR D 25 -10.77 45.78 12.47
C TYR D 25 -12.23 46.18 12.69
N GLY D 26 -12.95 45.44 13.51
CA GLY D 26 -14.35 45.75 13.78
C GLY D 26 -15.03 44.63 14.54
N GLU D 27 -16.21 44.90 15.10
CA GLU D 27 -16.95 43.94 15.90
C GLU D 27 -18.14 43.41 15.12
N VAL D 28 -18.31 42.08 15.13
CA VAL D 28 -19.45 41.46 14.47
C VAL D 28 -20.61 41.38 15.46
N LYS D 29 -21.82 41.57 14.96
CA LYS D 29 -22.99 41.62 15.83
C LYS D 29 -24.09 40.65 15.42
N LYS D 30 -24.32 40.49 14.14
CA LYS D 30 -25.43 39.67 13.67
C LYS D 30 -24.93 38.31 13.23
N PRO D 31 -25.60 37.22 13.62
CA PRO D 31 -25.15 35.89 13.21
C PRO D 31 -25.40 35.55 11.75
N GLU D 32 -25.94 36.49 10.96
CA GLU D 32 -26.21 36.20 9.55
C GLU D 32 -24.92 35.94 8.79
N THR D 33 -25.04 35.17 7.71
CA THR D 33 -23.88 34.71 6.96
C THR D 33 -23.80 35.33 5.57
N ILE D 34 -24.84 35.16 4.75
CA ILE D 34 -24.78 35.58 3.35
C ILE D 34 -26.21 35.75 2.84
N ASN D 35 -26.40 36.70 1.94
CA ASN D 35 -27.70 36.91 1.32
C ASN D 35 -27.89 35.92 0.17
N TYR D 36 -28.94 35.09 0.28
CA TYR D 36 -29.15 34.04 -0.71
C TYR D 36 -29.61 34.59 -2.05
N ARG D 37 -30.40 35.66 -2.04
CA ARG D 37 -30.99 36.21 -3.26
C ARG D 37 -30.13 37.25 -3.94
N THR D 38 -29.61 38.22 -3.19
CA THR D 38 -28.74 39.24 -3.76
C THR D 38 -27.30 38.76 -3.93
N LEU D 39 -26.94 37.62 -3.34
CA LEU D 39 -25.59 37.06 -3.45
C LEU D 39 -24.52 38.06 -3.00
N LYS D 40 -24.85 38.83 -1.97
CA LYS D 40 -23.95 39.84 -1.43
C LYS D 40 -23.87 39.70 0.08
N PRO D 41 -22.71 40.00 0.66
CA PRO D 41 -22.57 39.87 2.11
C PRO D 41 -23.48 40.82 2.86
N GLU D 42 -23.90 40.40 4.04
CA GLU D 42 -24.82 41.18 4.87
C GLU D 42 -24.04 42.30 5.56
N LYS D 43 -24.68 42.98 6.50
CA LYS D 43 -24.06 44.07 7.25
C LYS D 43 -23.85 43.61 8.69
N ASP D 44 -22.63 43.81 9.19
CA ASP D 44 -22.26 43.44 10.56
C ASP D 44 -22.38 41.94 10.80
N GLY D 45 -22.34 41.15 9.74
CA GLY D 45 -22.41 39.70 9.83
C GLY D 45 -21.03 39.10 9.95
N LEU D 46 -20.91 37.83 9.52
CA LEU D 46 -19.64 37.14 9.53
C LEU D 46 -18.85 37.30 8.25
N PHE D 47 -19.44 37.91 7.22
CA PHE D 47 -18.77 38.11 5.93
C PHE D 47 -18.80 39.57 5.50
N CYS D 48 -19.02 40.50 6.43
CA CYS D 48 -19.29 41.89 6.07
C CYS D 48 -18.11 42.52 5.37
N GLU D 49 -18.41 43.41 4.41
CA GLU D 49 -17.38 44.11 3.66
C GLU D 49 -16.74 45.22 4.48
N LYS D 50 -17.48 45.81 5.42
CA LYS D 50 -16.94 46.93 6.20
C LYS D 50 -15.83 46.45 7.12
N ILE D 51 -16.06 45.36 7.85
CA ILE D 51 -15.07 44.87 8.80
C ILE D 51 -13.87 44.27 8.08
N PHE D 52 -14.13 43.43 7.09
CA PHE D 52 -13.10 42.57 6.51
C PHE D 52 -12.49 43.11 5.23
N GLY D 53 -13.30 43.48 4.25
CA GLY D 53 -12.77 44.05 3.03
C GLY D 53 -13.66 43.81 1.82
N PRO D 54 -13.45 44.58 0.76
CA PRO D 54 -14.29 44.44 -0.43
C PRO D 54 -14.17 43.07 -1.05
N THR D 55 -15.31 42.55 -1.54
CA THR D 55 -15.32 41.26 -2.21
C THR D 55 -14.73 41.33 -3.61
N ARG D 56 -14.76 42.49 -4.24
CA ARG D 56 -14.22 42.68 -5.58
C ARG D 56 -13.22 43.82 -5.58
N ASP D 57 -12.35 43.81 -6.58
CA ASP D 57 -11.23 44.75 -6.61
C ASP D 57 -11.71 46.18 -6.86
N TRP D 58 -11.24 47.10 -6.01
CA TRP D 58 -11.52 48.54 -6.14
C TRP D 58 -13.02 48.83 -6.19
N GLU D 59 -13.81 48.05 -5.46
CA GLU D 59 -15.25 48.21 -5.43
C GLU D 59 -15.71 48.50 -4.00
N CYS D 60 -17.02 48.56 -3.81
CA CYS D 60 -17.60 48.78 -2.50
C CYS D 60 -19.05 48.30 -2.52
N TYR D 61 -19.76 48.50 -1.41
CA TYR D 61 -21.15 48.05 -1.33
C TYR D 61 -22.04 48.79 -2.32
N CYS D 62 -21.85 50.11 -2.45
CA CYS D 62 -22.57 50.90 -3.42
C CYS D 62 -21.75 50.97 -4.71
N GLY D 63 -22.13 51.86 -5.62
CA GLY D 63 -21.42 51.97 -6.87
C GLY D 63 -20.78 53.32 -7.11
N LYS D 64 -20.41 54.02 -6.04
CA LYS D 64 -19.85 55.36 -6.20
C LYS D 64 -18.42 55.30 -6.72
N TYR D 65 -17.62 54.35 -6.23
CA TYR D 65 -16.26 54.16 -6.70
C TYR D 65 -16.12 52.77 -7.28
N LYS D 66 -15.65 52.68 -8.53
CA LYS D 66 -15.44 51.39 -9.16
C LYS D 66 -14.17 51.35 -10.01
N ARG D 67 -13.34 52.39 -9.98
CA ARG D 67 -12.14 52.47 -10.79
C ARG D 67 -10.91 52.28 -9.92
N VAL D 68 -9.75 52.27 -10.59
CA VAL D 68 -8.47 52.04 -9.89
C VAL D 68 -7.82 53.32 -9.41
N ARG D 69 -8.31 54.49 -9.83
CA ARG D 69 -7.72 55.76 -9.43
C ARG D 69 -8.32 56.31 -8.14
N PHE D 70 -9.37 55.69 -7.61
CA PHE D 70 -10.04 56.16 -6.40
C PHE D 70 -9.60 55.37 -5.16
N LYS D 71 -8.49 54.65 -5.24
CA LYS D 71 -8.01 53.89 -4.09
C LYS D 71 -7.58 54.83 -2.97
N GLY D 72 -7.72 54.35 -1.73
CA GLY D 72 -7.35 55.10 -0.56
C GLY D 72 -8.50 55.91 0.04
N ILE D 73 -9.60 56.03 -0.68
CA ILE D 73 -10.75 56.80 -0.19
C ILE D 73 -11.75 55.87 0.45
N ILE D 74 -12.20 56.21 1.65
CA ILE D 74 -13.21 55.44 2.36
C ILE D 74 -14.58 55.93 1.92
N CYS D 75 -15.44 55.01 1.49
CA CYS D 75 -16.79 55.37 1.09
C CYS D 75 -17.54 55.97 2.27
N GLU D 76 -18.12 57.15 2.08
CA GLU D 76 -18.77 57.86 3.17
C GLU D 76 -20.20 57.41 3.42
N ARG D 77 -20.83 56.73 2.46
CA ARG D 77 -22.18 56.24 2.70
C ARG D 77 -22.24 54.76 3.05
N CYS D 78 -21.26 53.97 2.58
CA CYS D 78 -21.23 52.55 2.88
C CYS D 78 -20.25 52.21 4.00
N GLY D 79 -19.03 52.76 3.94
CA GLY D 79 -17.99 52.46 4.90
C GLY D 79 -16.96 51.46 4.43
N VAL D 80 -17.05 51.00 3.19
CA VAL D 80 -16.15 49.99 2.65
C VAL D 80 -14.92 50.67 2.09
N GLU D 81 -13.74 50.14 2.40
CA GLU D 81 -12.52 50.64 1.81
C GLU D 81 -12.46 50.31 0.33
N VAL D 82 -11.84 51.20 -0.44
CA VAL D 82 -11.66 50.99 -1.87
C VAL D 82 -10.21 50.52 -2.04
N THR D 83 -10.03 49.20 -2.07
CA THR D 83 -8.72 48.59 -2.17
C THR D 83 -8.87 47.19 -2.74
N ARG D 84 -7.80 46.40 -2.69
CA ARG D 84 -7.79 45.08 -3.28
C ARG D 84 -8.67 44.13 -2.47
N ALA D 85 -8.99 42.99 -3.09
CA ALA D 85 -9.81 41.97 -2.46
C ALA D 85 -8.97 40.89 -1.78
N LYS D 86 -7.65 40.96 -1.88
CA LYS D 86 -6.79 40.01 -1.19
C LYS D 86 -6.64 40.30 0.29
N VAL D 87 -7.12 41.46 0.74
CA VAL D 87 -7.05 41.82 2.17
C VAL D 87 -8.06 41.05 3.00
N ARG D 88 -8.89 40.21 2.39
CA ARG D 88 -9.84 39.39 3.13
C ARG D 88 -9.19 38.13 3.69
N ARG D 89 -7.91 37.89 3.40
CA ARG D 89 -7.18 36.77 3.98
C ARG D 89 -6.37 37.15 5.21
N GLU D 90 -6.37 38.43 5.59
CA GLU D 90 -5.49 38.86 6.68
C GLU D 90 -6.11 39.86 7.63
N ARG D 91 -7.41 40.14 7.56
CA ARG D 91 -8.05 41.09 8.45
C ARG D 91 -9.08 40.36 9.31
N MET D 92 -9.00 40.56 10.62
CA MET D 92 -9.81 39.83 11.59
C MET D 92 -10.83 40.75 12.25
N GLY D 93 -11.64 40.17 13.13
CA GLY D 93 -12.65 40.87 13.89
C GLY D 93 -12.75 40.25 15.27
N HIS D 94 -13.69 40.73 16.07
CA HIS D 94 -13.82 40.24 17.43
C HIS D 94 -15.27 40.34 17.89
N ILE D 95 -15.58 39.59 18.94
CA ILE D 95 -16.90 39.53 19.54
C ILE D 95 -16.81 40.03 20.98
N GLU D 96 -17.69 40.95 21.35
CA GLU D 96 -17.68 41.55 22.67
C GLU D 96 -18.60 40.77 23.60
N LEU D 97 -18.02 40.00 24.51
CA LEU D 97 -18.81 39.18 25.42
C LEU D 97 -19.38 40.01 26.55
N ALA D 98 -20.64 39.74 26.90
CA ALA D 98 -21.31 40.42 27.99
C ALA D 98 -21.03 39.78 29.34
N ALA D 99 -20.25 38.69 29.38
CA ALA D 99 -19.85 38.04 30.62
C ALA D 99 -18.52 37.35 30.37
N PRO D 100 -17.62 37.35 31.35
CA PRO D 100 -16.33 36.66 31.17
C PRO D 100 -16.51 35.15 31.06
N VAL D 101 -15.59 34.52 30.34
CA VAL D 101 -15.52 33.07 30.20
C VAL D 101 -14.10 32.63 30.53
N THR D 102 -13.89 31.32 30.51
CA THR D 102 -12.60 30.73 30.85
C THR D 102 -12.10 29.88 29.68
N HIS D 103 -10.80 30.01 29.38
CA HIS D 103 -10.18 29.22 28.33
C HIS D 103 -10.14 27.76 28.73
N ILE D 104 -10.55 26.87 27.83
CA ILE D 104 -10.62 25.44 28.13
C ILE D 104 -9.23 24.84 28.29
N TRP D 105 -8.23 25.40 27.59
CA TRP D 105 -6.90 24.80 27.61
C TRP D 105 -6.26 24.85 28.99
N TYR D 106 -6.53 25.90 29.76
CA TYR D 106 -5.84 26.13 31.03
C TYR D 106 -6.63 25.62 32.23
N PHE D 107 -7.74 24.97 32.01
CA PHE D 107 -8.48 24.40 33.13
C PHE D 107 -8.76 22.92 32.95
N LYS D 108 -9.08 22.48 31.74
CA LYS D 108 -9.26 21.06 31.46
C LYS D 108 -8.00 20.49 30.79
N GLY D 109 -6.93 20.45 31.57
CA GLY D 109 -5.70 19.83 31.12
C GLY D 109 -5.22 18.76 32.08
N VAL D 110 -4.02 18.25 31.88
CA VAL D 110 -3.40 17.34 32.85
C VAL D 110 -1.97 17.81 33.10
N PRO D 111 -1.71 18.53 34.19
CA PRO D 111 -2.68 18.92 35.22
C PRO D 111 -3.46 20.17 34.86
N SER D 112 -4.16 20.72 35.85
CA SER D 112 -4.90 21.98 35.67
C SER D 112 -4.00 23.13 36.10
N ARG D 113 -3.54 23.93 35.13
CA ARG D 113 -2.66 25.04 35.44
C ARG D 113 -3.36 26.09 36.29
N LEU D 114 -4.65 26.34 36.03
CA LEU D 114 -5.41 27.25 36.88
C LEU D 114 -5.56 26.69 38.29
N GLY D 115 -5.81 25.39 38.41
CA GLY D 115 -5.89 24.77 39.72
C GLY D 115 -4.56 24.75 40.45
N TYR D 116 -3.46 24.61 39.73
CA TYR D 116 -2.14 24.68 40.34
C TYR D 116 -1.81 26.10 40.79
N LEU D 117 -2.28 27.10 40.04
CA LEU D 117 -2.01 28.48 40.43
C LEU D 117 -2.84 28.90 41.63
N LEU D 118 -4.13 28.50 41.66
CA LEU D 118 -5.04 28.95 42.71
C LEU D 118 -5.13 27.99 43.89
N ASP D 119 -4.48 26.82 43.81
CA ASP D 119 -4.58 25.79 44.85
C ASP D 119 -6.05 25.37 45.06
N LEU D 120 -6.63 24.82 43.99
CA LEU D 120 -8.00 24.34 44.02
C LEU D 120 -8.07 23.01 43.31
N ALA D 121 -8.88 22.09 43.83
CA ALA D 121 -9.08 20.82 43.18
C ALA D 121 -9.81 21.02 41.85
N PRO D 122 -9.54 20.19 40.84
CA PRO D 122 -10.25 20.34 39.57
C PRO D 122 -11.75 20.18 39.68
N LYS D 123 -12.24 19.34 40.60
CA LYS D 123 -13.68 19.22 40.79
C LYS D 123 -14.27 20.52 41.33
N ASP D 124 -13.57 21.18 42.25
CA ASP D 124 -14.04 22.47 42.75
C ASP D 124 -14.09 23.50 41.64
N LEU D 125 -13.06 23.55 40.79
CA LEU D 125 -13.06 24.46 39.66
C LEU D 125 -14.23 24.18 38.73
N GLU D 126 -14.49 22.90 38.44
CA GLU D 126 -15.57 22.56 37.54
C GLU D 126 -16.93 22.95 38.13
N LYS D 127 -17.10 22.75 39.44
CA LYS D 127 -18.36 23.13 40.06
C LYS D 127 -18.55 24.65 40.09
N ILE D 128 -17.50 25.40 40.42
CA ILE D 128 -17.64 26.85 40.49
C ILE D 128 -17.88 27.44 39.11
N ILE D 129 -17.14 26.97 38.10
CA ILE D 129 -17.19 27.58 36.79
C ILE D 129 -18.56 27.37 36.14
N TYR D 130 -19.13 26.18 36.29
CA TYR D 130 -20.38 25.82 35.63
C TYR D 130 -21.61 26.02 36.51
N PHE D 131 -21.52 26.94 37.47
CA PHE D 131 -22.67 27.38 38.25
C PHE D 131 -23.34 26.23 39.01
N ALA D 132 -22.58 25.66 39.94
CA ALA D 132 -23.12 24.61 40.79
C ALA D 132 -22.73 24.77 42.26
N ALA D 133 -21.92 25.76 42.61
CA ALA D 133 -21.52 25.98 44.00
C ALA D 133 -20.97 27.40 44.12
N TYR D 134 -20.92 27.90 45.35
CA TYR D 134 -20.41 29.22 45.64
C TYR D 134 -18.97 29.14 46.14
N VAL D 135 -18.32 30.31 46.21
CA VAL D 135 -16.97 30.41 46.75
C VAL D 135 -16.81 31.79 47.35
N ILE D 136 -15.99 31.88 48.40
CA ILE D 136 -15.79 33.12 49.15
C ILE D 136 -14.58 33.83 48.55
N THR D 137 -14.82 34.95 47.87
CA THR D 137 -13.73 35.69 47.26
C THR D 137 -12.90 36.44 48.30
N SER D 138 -13.55 37.08 49.26
CA SER D 138 -12.84 37.83 50.29
C SER D 138 -13.74 37.98 51.51
N VAL D 139 -13.13 37.87 52.69
CA VAL D 139 -13.84 38.03 53.96
C VAL D 139 -13.02 38.96 54.84
N ASP D 140 -13.67 39.98 55.39
CA ASP D 140 -13.01 40.96 56.25
C ASP D 140 -12.92 40.43 57.68
N GLU D 141 -11.79 40.70 58.32
CA GLU D 141 -11.46 40.08 59.60
C GLU D 141 -11.53 41.02 60.79
N GLU D 142 -11.12 42.28 60.63
CA GLU D 142 -11.06 43.19 61.78
C GLU D 142 -12.44 43.46 62.35
N MET D 143 -13.45 43.61 61.49
CA MET D 143 -14.82 43.76 61.96
C MET D 143 -15.28 42.52 62.71
N ARG D 144 -14.91 41.33 62.22
CA ARG D 144 -15.23 40.11 62.96
C ARG D 144 -14.60 40.14 64.34
N HIS D 145 -13.32 40.50 64.41
CA HIS D 145 -12.59 40.47 65.68
C HIS D 145 -13.15 41.48 66.67
N ASN D 146 -13.63 42.62 66.21
CA ASN D 146 -14.16 43.62 67.12
C ASN D 146 -15.69 43.58 67.25
N GLU D 147 -16.36 42.61 66.61
CA GLU D 147 -17.80 42.49 66.70
C GLU D 147 -18.27 41.13 67.23
N LEU D 148 -17.35 40.18 67.41
CA LEU D 148 -17.70 38.84 67.88
C LEU D 148 -18.58 38.87 69.14
N SER D 149 -18.27 39.76 70.09
CA SER D 149 -19.02 39.80 71.34
C SER D 149 -20.48 40.15 71.10
N THR D 150 -20.73 41.21 70.33
CA THR D 150 -22.10 41.60 70.04
C THR D 150 -22.81 40.52 69.24
N LEU D 151 -22.11 39.89 68.29
CA LEU D 151 -22.72 38.81 67.53
C LEU D 151 -23.18 37.69 68.45
N GLU D 152 -22.28 37.23 69.33
CA GLU D 152 -22.62 36.14 70.24
C GLU D 152 -23.78 36.53 71.15
N ALA D 153 -23.81 37.78 71.61
CA ALA D 153 -24.91 38.25 72.43
C ALA D 153 -26.23 38.17 71.67
N GLU D 154 -26.23 38.61 70.40
CA GLU D 154 -27.47 38.62 69.62
C GLU D 154 -28.00 37.20 69.42
N MET D 155 -27.11 36.27 69.06
CA MET D 155 -27.61 34.90 68.83
C MET D 155 -27.95 34.18 70.13
N ALA D 156 -27.27 34.53 71.23
CA ALA D 156 -27.70 33.98 72.53
C ALA D 156 -29.10 34.48 72.88
N VAL D 157 -29.38 35.75 72.61
CA VAL D 157 -30.72 36.28 72.86
C VAL D 157 -31.75 35.56 71.99
N GLU D 158 -31.41 35.35 70.72
CA GLU D 158 -32.35 34.66 69.82
C GLU D 158 -32.61 33.23 70.28
N ARG D 159 -31.56 32.50 70.66
CA ARG D 159 -31.72 31.13 71.12
C ARG D 159 -32.55 31.07 72.40
N LYS D 160 -32.30 32.00 73.33
CA LYS D 160 -33.09 32.02 74.57
C LYS D 160 -34.54 32.38 74.30
N ALA D 161 -34.80 33.27 73.34
CA ALA D 161 -36.18 33.58 72.98
C ALA D 161 -36.87 32.36 72.37
N VAL D 162 -36.15 31.61 71.54
CA VAL D 162 -36.72 30.38 70.98
C VAL D 162 -37.06 29.40 72.09
N GLU D 163 -36.15 29.26 73.07
CA GLU D 163 -36.42 28.38 74.20
C GLU D 163 -37.63 28.87 75.01
N ASP D 164 -37.76 30.18 75.16
CA ASP D 164 -38.91 30.74 75.88
C ASP D 164 -40.21 30.42 75.18
N GLN D 165 -40.25 30.58 73.85
CA GLN D 165 -41.45 30.20 73.10
C GLN D 165 -41.73 28.71 73.25
N ARG D 166 -40.68 27.88 73.21
CA ARG D 166 -40.87 26.43 73.32
C ARG D 166 -41.47 26.07 74.67
N ASP D 167 -40.96 26.65 75.75
CA ASP D 167 -41.55 26.35 77.06
C ASP D 167 -42.93 26.97 77.22
N GLY D 168 -43.24 28.03 76.47
CA GLY D 168 -44.61 28.51 76.43
C GLY D 168 -45.57 27.49 75.84
N GLU D 169 -45.18 26.89 74.70
CA GLU D 169 -46.00 25.81 74.15
C GLU D 169 -46.07 24.64 75.11
N LEU D 170 -44.96 24.34 75.79
CA LEU D 170 -44.96 23.26 76.77
C LEU D 170 -45.95 23.54 77.88
N GLU D 171 -45.99 24.77 78.40
CA GLU D 171 -46.94 25.11 79.45
C GLU D 171 -48.38 25.02 78.97
N ALA D 172 -48.66 25.51 77.75
CA ALA D 172 -50.01 25.44 77.23
C ALA D 172 -50.47 23.99 77.07
N ARG D 173 -49.62 23.15 76.49
CA ARG D 173 -49.98 21.75 76.34
C ARG D 173 -50.06 21.05 77.70
N ALA D 174 -49.26 21.51 78.67
CA ALA D 174 -49.31 20.93 80.01
C ALA D 174 -50.66 21.22 80.69
N GLN D 175 -51.13 22.46 80.60
CA GLN D 175 -52.42 22.77 81.21
C GLN D 175 -53.56 22.07 80.46
N LYS D 176 -53.45 21.96 79.13
CA LYS D 176 -54.45 21.18 78.40
C LYS D 176 -54.46 19.73 78.85
N LEU D 177 -53.28 19.13 79.02
CA LEU D 177 -53.21 17.74 79.46
C LEU D 177 -53.72 17.58 80.88
N GLU D 178 -53.45 18.55 81.75
CA GLU D 178 -53.99 18.49 83.11
C GLU D 178 -55.51 18.56 83.10
N ALA D 179 -56.09 19.40 82.25
CA ALA D 179 -57.54 19.44 82.12
C ALA D 179 -58.06 18.10 81.61
N ASP D 180 -57.38 17.49 80.64
CA ASP D 180 -57.81 16.19 80.12
C ASP D 180 -57.77 15.12 81.21
N LEU D 181 -56.69 15.10 82.01
CA LEU D 181 -56.58 14.12 83.09
C LEU D 181 -57.66 14.36 84.14
N ALA D 182 -57.93 15.62 84.48
CA ALA D 182 -58.96 15.91 85.46
C ALA D 182 -60.34 15.46 84.97
N GLU D 183 -60.62 15.67 83.69
CA GLU D 183 -61.91 15.30 83.12
C GLU D 183 -61.99 13.81 82.76
N LEU D 184 -60.89 13.07 82.80
CA LEU D 184 -60.90 11.67 82.41
C LEU D 184 -60.49 10.72 83.53
N GLU D 185 -59.38 10.99 84.21
CA GLU D 185 -58.83 10.02 85.15
C GLU D 185 -59.71 9.86 86.39
N ALA D 186 -60.43 10.91 86.77
CA ALA D 186 -61.16 10.89 88.03
C ALA D 186 -62.33 9.92 88.03
N GLU D 187 -62.93 9.66 86.86
CA GLU D 187 -64.16 8.88 86.80
C GLU D 187 -64.05 7.68 85.87
N GLY D 188 -65.18 7.06 85.56
CA GLY D 188 -65.23 5.82 84.80
C GLY D 188 -64.67 5.86 83.39
N ALA D 189 -64.15 7.00 82.95
CA ALA D 189 -63.50 7.05 81.65
C ALA D 189 -62.29 6.12 81.62
N LYS D 190 -62.05 5.52 80.47
CA LYS D 190 -61.02 4.50 80.31
C LYS D 190 -59.64 5.05 80.70
N ALA D 191 -59.08 4.54 81.80
CA ALA D 191 -57.78 4.99 82.28
C ALA D 191 -56.63 4.40 81.47
N ASP D 192 -56.87 3.29 80.75
CA ASP D 192 -55.87 2.79 79.82
C ASP D 192 -55.60 3.80 78.72
N ALA D 193 -56.67 4.46 78.24
CA ALA D 193 -56.51 5.52 77.27
C ALA D 193 -55.66 6.66 77.82
N ARG D 194 -55.85 7.00 79.09
CA ARG D 194 -55.04 8.07 79.67
C ARG D 194 -53.61 7.63 79.92
N ARG D 195 -53.36 6.35 80.18
CA ARG D 195 -51.99 5.86 80.30
C ARG D 195 -51.26 5.96 78.96
N LYS D 196 -51.89 5.45 77.90
CA LYS D 196 -51.27 5.62 76.59
C LYS D 196 -51.23 7.08 76.17
N VAL D 197 -52.11 7.92 76.72
CA VAL D 197 -52.03 9.36 76.48
C VAL D 197 -50.81 9.95 77.17
N ARG D 198 -50.47 9.45 78.36
CA ARG D 198 -49.23 9.88 79.01
C ARG D 198 -48.01 9.47 78.19
N ASP D 199 -48.04 8.25 77.65
CA ASP D 199 -46.93 7.81 76.79
C ASP D 199 -46.85 8.68 75.53
N GLY D 200 -47.99 8.96 74.89
CA GLY D 200 -47.98 9.85 73.75
C GLY D 200 -47.62 11.27 74.12
N GLY D 201 -47.85 11.66 75.38
CA GLY D 201 -47.37 12.95 75.84
C GLY D 201 -45.85 13.00 75.89
N GLU D 202 -45.23 11.96 76.44
CA GLU D 202 -43.76 11.88 76.37
C GLU D 202 -43.29 11.93 74.92
N ARG D 203 -44.00 11.22 74.04
CA ARG D 203 -43.75 11.35 72.61
C ARG D 203 -43.87 12.80 72.16
N GLU D 204 -44.77 13.57 72.79
CA GLU D 204 -44.98 14.96 72.39
C GLU D 204 -43.83 15.86 72.82
N MET D 205 -43.33 15.68 74.05
CA MET D 205 -42.08 16.36 74.40
C MET D 205 -40.97 16.01 73.43
N ARG D 206 -40.85 14.73 73.07
CA ARG D 206 -39.81 14.35 72.11
C ARG D 206 -40.02 15.05 70.76
N GLN D 207 -41.27 15.11 70.31
CA GLN D 207 -41.59 15.72 69.02
C GLN D 207 -41.27 17.21 69.02
N ILE D 208 -41.62 17.92 70.09
CA ILE D 208 -41.35 19.36 70.12
C ILE D 208 -39.86 19.62 70.31
N ARG D 209 -39.18 18.79 71.10
CA ARG D 209 -37.73 18.92 71.21
C ARG D 209 -37.04 18.60 69.88
N ASP D 210 -37.70 17.84 69.00
CA ASP D 210 -37.13 17.64 67.67
C ASP D 210 -37.00 18.96 66.91
N ARG D 211 -38.07 19.76 66.86
CA ARG D 211 -37.98 21.04 66.16
C ARG D 211 -37.09 22.02 66.91
N ALA D 212 -37.11 21.97 68.25
CA ALA D 212 -36.21 22.82 69.02
C ALA D 212 -34.75 22.51 68.70
N GLN D 213 -34.42 21.22 68.62
CA GLN D 213 -33.06 20.81 68.26
C GLN D 213 -32.73 21.20 66.83
N ARG D 214 -33.70 21.09 65.92
CA ARG D 214 -33.46 21.54 64.55
C ARG D 214 -33.08 23.00 64.50
N GLU D 215 -33.84 23.86 65.18
CA GLU D 215 -33.54 25.28 65.20
C GLU D 215 -32.20 25.58 65.86
N LEU D 216 -31.93 24.92 66.99
CA LEU D 216 -30.66 25.13 67.67
C LEU D 216 -29.48 24.70 66.81
N ASP D 217 -29.62 23.57 66.12
CA ASP D 217 -28.55 23.10 65.25
C ASP D 217 -28.33 24.05 64.08
N ARG D 218 -29.41 24.58 63.50
CA ARG D 218 -29.24 25.56 62.43
C ARG D 218 -28.49 26.79 62.92
N LEU D 219 -28.88 27.31 64.09
CA LEU D 219 -28.20 28.48 64.61
C LEU D 219 -26.72 28.18 64.88
N GLU D 220 -26.44 27.04 65.50
CA GLU D 220 -25.05 26.76 65.88
C GLU D 220 -24.18 26.47 64.66
N ASP D 221 -24.72 25.85 63.61
CA ASP D 221 -23.88 25.61 62.44
C ASP D 221 -23.69 26.88 61.61
N ILE D 222 -24.68 27.78 61.60
CA ILE D 222 -24.43 29.10 61.02
C ILE D 222 -23.32 29.81 61.78
N TRP D 223 -23.35 29.73 63.11
CA TRP D 223 -22.28 30.33 63.91
C TRP D 223 -20.93 29.69 63.59
N SER D 224 -20.90 28.37 63.48
CA SER D 224 -19.65 27.67 63.18
C SER D 224 -19.10 28.08 61.81
N THR D 225 -19.97 28.18 60.81
CA THR D 225 -19.52 28.62 59.49
C THR D 225 -19.00 30.04 59.52
N PHE D 226 -19.68 30.94 60.23
CA PHE D 226 -19.23 32.32 60.27
C PHE D 226 -17.94 32.47 61.06
N THR D 227 -17.68 31.58 62.01
CA THR D 227 -16.41 31.63 62.74
C THR D 227 -15.25 31.30 61.83
N LYS D 228 -15.35 30.20 61.09
CA LYS D 228 -14.27 29.70 60.24
C LYS D 228 -14.66 29.97 58.79
N LEU D 229 -14.31 31.15 58.30
CA LEU D 229 -14.59 31.56 56.93
C LEU D 229 -13.34 32.20 56.36
N ALA D 230 -12.76 31.58 55.35
CA ALA D 230 -11.54 32.04 54.71
C ALA D 230 -11.76 32.08 53.20
N PRO D 231 -11.00 32.91 52.48
CA PRO D 231 -11.17 32.97 51.03
C PRO D 231 -10.81 31.65 50.36
N LYS D 232 -11.35 31.46 49.16
CA LYS D 232 -11.17 30.23 48.38
C LYS D 232 -11.68 29.01 49.14
N GLN D 233 -12.83 29.15 49.79
CA GLN D 233 -13.49 28.05 50.48
C GLN D 233 -14.86 27.84 49.86
N LEU D 234 -15.06 26.68 49.25
CA LEU D 234 -16.29 26.38 48.54
C LEU D 234 -17.40 26.09 49.53
N ILE D 235 -18.56 26.72 49.33
CA ILE D 235 -19.69 26.58 50.25
C ILE D 235 -20.89 26.06 49.45
N VAL D 236 -21.15 24.76 49.57
CA VAL D 236 -22.31 24.09 48.99
C VAL D 236 -23.51 24.32 49.91
N ASP D 237 -24.69 23.85 49.50
CA ASP D 237 -25.93 24.05 50.24
C ASP D 237 -26.33 25.52 50.30
N GLU D 238 -26.73 26.05 49.13
CA GLU D 238 -27.08 27.44 48.87
C GLU D 238 -27.91 28.14 49.95
N ASN D 239 -28.75 27.40 50.66
CA ASN D 239 -29.55 28.01 51.72
C ASN D 239 -28.67 28.61 52.80
N LEU D 240 -27.59 27.92 53.15
CA LEU D 240 -26.60 28.49 54.06
C LEU D 240 -26.02 29.78 53.49
N TYR D 241 -25.83 29.85 52.18
CA TYR D 241 -25.32 31.07 51.58
C TYR D 241 -26.32 32.22 51.72
N ARG D 242 -27.61 31.95 51.51
CA ARG D 242 -28.62 32.98 51.73
C ARG D 242 -28.61 33.47 53.17
N GLU D 243 -28.56 32.53 54.12
CA GLU D 243 -28.57 32.93 55.51
C GLU D 243 -27.33 33.74 55.88
N LEU D 244 -26.16 33.34 55.37
CA LEU D 244 -24.94 34.08 55.66
C LEU D 244 -24.96 35.46 55.00
N VAL D 245 -25.48 35.56 53.78
CA VAL D 245 -25.48 36.82 53.05
C VAL D 245 -26.61 37.76 53.46
N ASP D 246 -27.56 37.28 54.24
CA ASP D 246 -28.60 38.17 54.76
C ASP D 246 -28.40 38.53 56.23
N ARG D 247 -28.00 37.57 57.07
CA ARG D 247 -27.81 37.87 58.48
C ARG D 247 -26.53 38.70 58.71
N TYR D 248 -25.44 38.31 58.05
CA TYR D 248 -24.16 39.02 58.14
C TYR D 248 -23.67 39.37 56.74
N GLY D 249 -24.55 40.00 55.95
CA GLY D 249 -24.27 40.26 54.55
C GLY D 249 -23.01 41.08 54.31
N GLU D 250 -22.58 41.88 55.28
CA GLU D 250 -21.35 42.63 55.14
C GLU D 250 -20.17 41.75 55.54
N TYR D 251 -18.98 42.34 55.60
CA TYR D 251 -17.72 41.73 56.04
C TYR D 251 -17.21 40.65 55.09
N PHE D 252 -17.96 40.29 54.05
CA PHE D 252 -17.49 39.27 53.11
C PHE D 252 -18.28 39.38 51.81
N THR D 253 -17.72 38.78 50.77
CA THR D 253 -18.32 38.79 49.45
C THR D 253 -17.99 37.50 48.73
N GLY D 254 -18.82 37.15 47.74
CA GLY D 254 -18.60 35.96 46.94
C GLY D 254 -19.71 35.69 45.96
N ALA D 255 -19.44 34.86 44.96
CA ALA D 255 -20.41 34.50 43.93
C ALA D 255 -19.87 33.29 43.18
N MET D 256 -20.51 32.93 42.07
CA MET D 256 -20.12 31.78 41.29
C MET D 256 -20.03 32.15 39.81
N GLY D 257 -19.23 31.39 39.08
CA GLY D 257 -18.92 31.66 37.69
C GLY D 257 -17.51 32.19 37.51
N ALA D 258 -17.13 32.38 36.25
CA ALA D 258 -15.80 32.87 35.93
C ALA D 258 -15.58 34.30 36.43
N GLU D 259 -16.66 35.08 36.61
CA GLU D 259 -16.52 36.41 37.18
C GLU D 259 -16.03 36.38 38.61
N SER D 260 -16.30 35.30 39.33
CA SER D 260 -15.80 35.11 40.69
C SER D 260 -14.41 34.50 40.74
N ILE D 261 -13.93 33.93 39.64
CA ILE D 261 -12.55 33.48 39.57
C ILE D 261 -11.63 34.60 39.12
N GLN D 262 -12.13 35.51 38.28
CA GLN D 262 -11.36 36.70 37.95
C GLN D 262 -11.06 37.52 39.19
N LYS D 263 -11.99 37.58 40.14
CA LYS D 263 -11.75 38.29 41.39
C LYS D 263 -10.68 37.60 42.23
N LEU D 264 -10.69 36.27 42.27
CA LEU D 264 -9.65 35.55 43.01
C LEU D 264 -8.28 35.76 42.36
N ILE D 265 -8.23 35.77 41.03
CA ILE D 265 -6.95 35.96 40.35
C ILE D 265 -6.43 37.38 40.54
N GLU D 266 -7.33 38.37 40.49
CA GLU D 266 -6.90 39.75 40.67
C GLU D 266 -6.36 40.00 42.07
N ASN D 267 -6.99 39.41 43.08
CA ASN D 267 -6.54 39.54 44.46
C ASN D 267 -5.55 38.44 44.81
N PHE D 268 -4.51 38.33 44.01
CA PHE D 268 -3.51 37.28 44.16
C PHE D 268 -2.12 37.90 44.25
N ASP D 269 -1.30 37.38 45.16
CA ASP D 269 0.04 37.87 45.40
C ASP D 269 1.04 36.78 45.02
N ILE D 270 1.81 37.02 43.96
CA ILE D 270 2.72 36.00 43.46
C ILE D 270 3.89 35.80 44.40
N ASP D 271 4.45 36.89 44.91
CA ASP D 271 5.70 36.83 45.67
C ASP D 271 5.53 36.05 46.97
N ALA D 272 4.47 36.34 47.72
CA ALA D 272 4.28 35.68 49.00
C ALA D 272 4.14 34.18 48.82
N GLU D 273 3.32 33.75 47.85
CA GLU D 273 3.16 32.33 47.59
C GLU D 273 4.46 31.71 47.10
N ALA D 274 5.24 32.46 46.31
CA ALA D 274 6.49 31.92 45.79
C ALA D 274 7.49 31.63 46.90
N GLU D 275 7.75 32.63 47.77
CA GLU D 275 8.61 32.36 48.92
C GLU D 275 8.00 31.36 49.90
N SER D 276 6.67 31.28 50.00
CA SER D 276 6.10 30.25 50.86
C SER D 276 6.41 28.86 50.32
N LEU D 277 6.27 28.66 49.00
CA LEU D 277 6.59 27.37 48.40
C LEU D 277 8.07 27.05 48.53
N ARG D 278 8.93 28.05 48.34
CA ARG D 278 10.36 27.82 48.50
C ARG D 278 10.72 27.48 49.94
N ASP D 279 10.05 28.09 50.90
CA ASP D 279 10.28 27.72 52.30
C ASP D 279 9.84 26.29 52.57
N VAL D 280 8.70 25.89 52.00
CA VAL D 280 8.23 24.52 52.19
C VAL D 280 9.22 23.53 51.59
N ILE D 281 9.74 23.81 50.40
CA ILE D 281 10.73 22.91 49.81
C ILE D 281 12.03 22.90 50.58
N ARG D 282 12.47 24.03 51.14
CA ARG D 282 13.78 24.07 51.79
C ARG D 282 13.83 23.16 53.01
N ASN D 283 12.86 23.30 53.92
CA ASN D 283 12.81 22.50 55.14
C ASN D 283 11.49 21.73 55.19
N GLY D 284 11.49 20.56 54.56
CA GLY D 284 10.30 19.72 54.55
C GLY D 284 10.61 18.36 53.96
N LYS D 285 9.67 17.43 54.18
CA LYS D 285 9.80 16.07 53.69
C LYS D 285 8.40 15.49 53.51
N GLY D 286 8.35 14.19 53.19
CA GLY D 286 7.08 13.54 52.92
C GLY D 286 6.63 13.72 51.49
N GLN D 287 5.35 14.05 51.30
CA GLN D 287 4.80 14.31 49.97
C GLN D 287 4.37 15.75 49.77
N LYS D 288 4.26 16.55 50.83
CA LYS D 288 4.01 17.98 50.66
C LYS D 288 5.16 18.63 49.90
N LYS D 289 6.37 18.12 50.06
CA LYS D 289 7.49 18.60 49.27
C LYS D 289 7.29 18.28 47.79
N LEU D 290 6.75 17.08 47.50
CA LEU D 290 6.45 16.75 46.11
C LEU D 290 5.37 17.66 45.55
N ARG D 291 4.35 17.98 46.35
CA ARG D 291 3.31 18.90 45.87
C ARG D 291 3.88 20.29 45.63
N ALA D 292 4.78 20.75 46.50
CA ALA D 292 5.42 22.05 46.29
C ALA D 292 6.25 22.04 45.01
N LEU D 293 6.97 20.95 44.76
CA LEU D 293 7.72 20.84 43.51
C LEU D 293 6.80 20.91 42.30
N LYS D 294 5.66 20.23 42.36
CA LYS D 294 4.74 20.23 41.23
C LYS D 294 4.14 21.63 41.01
N ARG D 295 3.82 22.34 42.10
CA ARG D 295 3.18 23.65 41.97
C ARG D 295 4.16 24.75 41.57
N LEU D 296 5.42 24.65 42.00
CA LEU D 296 6.36 25.73 41.72
C LEU D 296 6.59 25.92 40.23
N LYS D 297 6.51 24.85 39.44
CA LYS D 297 6.70 24.98 38.00
C LYS D 297 5.69 25.93 37.37
N VAL D 298 4.48 26.00 37.92
CA VAL D 298 3.48 26.92 37.42
C VAL D 298 3.57 28.28 38.11
N VAL D 299 3.83 28.29 39.41
CA VAL D 299 3.85 29.58 40.13
C VAL D 299 5.06 30.42 39.77
N ALA D 300 6.17 29.83 39.33
CA ALA D 300 7.37 30.60 39.02
C ALA D 300 7.39 31.11 37.59
N ALA D 301 6.69 30.44 36.67
CA ALA D 301 6.65 30.89 35.29
C ALA D 301 5.95 32.24 35.16
N PHE D 302 4.90 32.45 35.94
CA PHE D 302 4.16 33.71 35.94
C PHE D 302 4.87 34.81 36.71
N GLN D 303 6.01 34.50 37.33
CA GLN D 303 6.82 35.46 38.06
C GLN D 303 8.09 35.86 37.33
N GLN D 304 8.80 34.89 36.73
CA GLN D 304 10.08 35.18 36.11
C GLN D 304 9.92 36.13 34.92
N SER D 305 8.84 36.00 34.17
CA SER D 305 8.60 36.84 33.01
C SER D 305 7.75 38.04 33.39
N GLY D 306 7.42 38.87 32.39
CA GLY D 306 6.62 40.07 32.62
C GLY D 306 5.20 39.95 32.13
N ASN D 307 4.61 38.77 32.24
CA ASN D 307 3.22 38.55 31.86
C ASN D 307 2.35 38.53 33.11
N SER D 308 1.08 38.20 32.93
CA SER D 308 0.11 38.16 34.01
C SER D 308 -0.69 36.88 33.94
N PRO D 309 -1.14 36.35 35.09
CA PRO D 309 -1.99 35.15 35.08
C PRO D 309 -3.44 35.42 34.70
N MET D 310 -3.77 36.66 34.31
CA MET D 310 -5.14 37.06 34.04
C MET D 310 -5.52 36.89 32.57
N GLY D 311 -4.62 36.33 31.76
CA GLY D 311 -4.93 36.08 30.38
C GLY D 311 -5.73 34.80 30.19
N MET D 312 -5.98 34.10 31.28
CA MET D 312 -6.78 32.87 31.26
C MET D 312 -8.27 33.13 31.27
N VAL D 313 -8.71 34.35 31.57
CA VAL D 313 -10.11 34.72 31.59
C VAL D 313 -10.38 35.65 30.42
N LEU D 314 -11.37 35.31 29.60
CA LEU D 314 -11.63 36.03 28.36
C LEU D 314 -12.72 37.07 28.53
N ASP D 315 -12.60 38.15 27.77
CA ASP D 315 -13.63 39.16 27.68
C ASP D 315 -13.89 39.62 26.25
N ALA D 316 -13.15 39.08 25.28
CA ALA D 316 -13.40 39.28 23.86
C ALA D 316 -12.81 38.10 23.11
N VAL D 317 -13.47 37.70 22.03
CA VAL D 317 -13.13 36.49 21.29
C VAL D 317 -12.76 36.90 19.87
N PRO D 318 -11.62 36.47 19.34
CA PRO D 318 -11.25 36.84 17.97
C PRO D 318 -12.02 36.04 16.93
N VAL D 319 -12.03 36.56 15.71
CA VAL D 319 -12.73 35.96 14.58
C VAL D 319 -11.78 35.85 13.40
N ILE D 320 -11.66 34.65 12.85
CA ILE D 320 -10.72 34.34 11.77
C ILE D 320 -11.15 35.06 10.50
N PRO D 321 -10.23 35.37 9.58
CA PRO D 321 -10.63 36.04 8.35
C PRO D 321 -11.56 35.15 7.53
N PRO D 322 -12.48 35.75 6.76
CA PRO D 322 -13.50 34.94 6.07
C PRO D 322 -12.94 34.02 5.01
N GLU D 323 -11.87 34.41 4.32
CA GLU D 323 -11.32 33.59 3.24
C GLU D 323 -10.58 32.36 3.74
N LEU D 324 -10.39 32.22 5.06
CA LEU D 324 -9.86 31.00 5.64
C LEU D 324 -10.94 30.02 6.04
N ARG D 325 -12.21 30.41 5.99
CA ARG D 325 -13.35 29.51 6.19
C ARG D 325 -14.36 29.76 5.09
N PRO D 326 -14.06 29.33 3.86
CA PRO D 326 -14.91 29.70 2.72
C PRO D 326 -16.25 28.99 2.74
N MET D 327 -17.21 29.59 2.04
CA MET D 327 -18.52 29.00 1.83
C MET D 327 -18.83 29.09 0.34
N VAL D 328 -18.96 27.94 -0.32
CA VAL D 328 -19.07 27.88 -1.76
C VAL D 328 -20.26 27.02 -2.16
N GLN D 329 -20.73 27.23 -3.39
CA GLN D 329 -21.86 26.48 -3.92
C GLN D 329 -21.50 25.03 -4.17
N LEU D 330 -22.45 24.14 -3.91
CA LEU D 330 -22.24 22.70 -4.09
C LEU D 330 -22.82 22.27 -5.43
N ASP D 331 -22.07 22.56 -6.50
CA ASP D 331 -22.41 22.14 -7.87
C ASP D 331 -23.80 22.64 -8.27
N GLY D 332 -23.96 23.97 -8.25
CA GLY D 332 -25.20 24.57 -8.67
C GLY D 332 -26.39 24.27 -7.79
N GLY D 333 -26.16 23.88 -6.53
CA GLY D 333 -27.24 23.60 -5.62
C GLY D 333 -27.32 24.60 -4.50
N ARG D 334 -26.99 24.18 -3.29
CA ARG D 334 -26.97 25.05 -2.11
C ARG D 334 -25.60 24.96 -1.44
N PHE D 335 -25.47 25.60 -0.29
CA PHE D 335 -24.29 25.50 0.54
C PHE D 335 -24.53 24.49 1.64
N ALA D 336 -23.56 23.62 1.87
CA ALA D 336 -23.69 22.53 2.84
C ALA D 336 -22.60 22.64 3.90
N THR D 337 -22.87 23.44 4.93
CA THR D 337 -22.06 23.55 6.14
C THR D 337 -20.64 24.07 5.89
N SER D 338 -20.01 24.58 6.96
CA SER D 338 -18.60 24.92 6.93
C SER D 338 -17.85 24.45 8.17
N ASP D 339 -18.55 23.92 9.17
CA ASP D 339 -17.96 23.28 10.35
C ASP D 339 -17.30 24.30 11.27
N LEU D 340 -17.22 25.54 10.84
CA LEU D 340 -16.67 26.62 11.65
C LEU D 340 -17.53 27.87 11.67
N ASN D 341 -18.44 28.03 10.71
CA ASN D 341 -19.39 29.14 10.70
C ASN D 341 -20.62 28.85 11.53
N ASP D 342 -20.73 27.65 12.11
CA ASP D 342 -21.80 27.32 13.04
C ASP D 342 -21.39 27.48 14.49
N LEU D 343 -20.14 27.13 14.82
CA LEU D 343 -19.65 27.35 16.17
C LEU D 343 -19.56 28.83 16.50
N TYR D 344 -19.30 29.67 15.50
CA TYR D 344 -19.36 31.12 15.71
C TYR D 344 -20.80 31.60 15.88
N ARG D 345 -21.71 31.04 15.07
CA ARG D 345 -23.11 31.46 15.13
C ARG D 345 -23.73 31.15 16.48
N ARG D 346 -23.41 29.99 17.04
CA ARG D 346 -23.94 29.64 18.36
C ARG D 346 -23.50 30.66 19.40
N VAL D 347 -22.22 31.03 19.40
CA VAL D 347 -21.70 32.00 20.37
C VAL D 347 -22.40 33.34 20.19
N ILE D 348 -22.57 33.77 18.94
CA ILE D 348 -23.20 35.07 18.72
C ILE D 348 -24.65 35.06 19.20
N ASN D 349 -25.40 33.99 18.93
CA ASN D 349 -26.79 33.93 19.38
C ASN D 349 -26.88 33.95 20.90
N ARG D 350 -26.05 33.16 21.58
CA ARG D 350 -26.10 33.14 23.04
C ARG D 350 -25.71 34.49 23.62
N ASN D 351 -24.69 35.15 23.05
CA ASN D 351 -24.30 36.45 23.56
C ASN D 351 -25.40 37.49 23.37
N ASN D 352 -26.08 37.46 22.22
CA ASN D 352 -27.16 38.41 21.98
C ASN D 352 -28.32 38.19 22.95
N ARG D 353 -28.69 36.93 23.17
CA ARG D 353 -29.76 36.65 24.13
C ARG D 353 -29.37 37.06 25.54
N LEU D 354 -28.12 36.82 25.92
CA LEU D 354 -27.65 37.24 27.25
C LEU D 354 -27.69 38.75 27.40
N LYS D 355 -27.27 39.49 26.38
CA LYS D 355 -27.29 40.94 26.46
C LYS D 355 -28.72 41.46 26.61
N ARG D 356 -29.64 40.93 25.80
CA ARG D 356 -31.03 41.38 25.87
C ARG D 356 -31.66 41.03 27.21
N LEU D 357 -31.33 39.86 27.77
CA LEU D 357 -31.91 39.47 29.05
C LEU D 357 -31.31 40.28 30.20
N ILE D 358 -30.03 40.60 30.13
CA ILE D 358 -29.42 41.42 31.18
C ILE D 358 -30.01 42.82 31.18
N ASP D 359 -30.17 43.42 30.00
CA ASP D 359 -30.78 44.76 29.96
C ASP D 359 -32.30 44.65 29.89
N LEU D 360 -32.86 43.85 30.80
CA LEU D 360 -34.31 43.72 30.91
C LEU D 360 -34.82 43.59 32.34
N GLY D 361 -33.96 43.27 33.31
CA GLY D 361 -34.41 43.03 34.66
C GLY D 361 -34.87 41.60 34.90
N ALA D 362 -34.11 40.64 34.43
CA ALA D 362 -34.41 39.23 34.55
C ALA D 362 -34.03 38.69 35.91
N PRO D 363 -34.69 37.64 36.39
CA PRO D 363 -34.30 37.00 37.65
C PRO D 363 -32.93 36.35 37.52
N GLU D 364 -32.30 36.12 38.68
CA GLU D 364 -30.92 35.66 38.71
C GLU D 364 -30.77 34.25 38.14
N ILE D 365 -31.76 33.38 38.36
CA ILE D 365 -31.66 32.00 37.92
C ILE D 365 -31.55 31.92 36.40
N ILE D 366 -32.37 32.70 35.69
CA ILE D 366 -32.38 32.66 34.23
C ILE D 366 -31.08 33.23 33.67
N VAL D 367 -30.58 34.31 34.27
CA VAL D 367 -29.31 34.88 33.84
C VAL D 367 -28.18 33.89 34.05
N ASN D 368 -28.18 33.18 35.18
CA ASN D 368 -27.17 32.16 35.42
C ASN D 368 -27.25 31.03 34.40
N ASN D 369 -28.46 30.60 34.05
CA ASN D 369 -28.60 29.56 33.03
C ASN D 369 -28.03 30.01 31.70
N GLU D 370 -28.34 31.24 31.30
CA GLU D 370 -27.82 31.75 30.02
C GLU D 370 -26.30 31.89 30.06
N LYS D 371 -25.73 32.33 31.19
CA LYS D 371 -24.29 32.45 31.30
C LYS D 371 -23.61 31.09 31.20
N ARG D 372 -24.17 30.08 31.86
CA ARG D 372 -23.63 28.73 31.74
C ARG D 372 -23.67 28.25 30.30
N MET D 373 -24.77 28.52 29.61
CA MET D 373 -24.90 28.04 28.23
C MET D 373 -23.91 28.76 27.31
N LEU D 374 -23.68 30.06 27.52
CA LEU D 374 -22.68 30.79 26.74
C LEU D 374 -21.28 30.24 26.99
N GLN D 375 -20.95 29.95 28.26
CA GLN D 375 -19.64 29.38 28.56
C GLN D 375 -19.45 28.04 27.86
N GLU D 376 -20.48 27.19 27.90
CA GLU D 376 -20.38 25.90 27.22
C GLU D 376 -20.21 26.07 25.71
N SER D 377 -20.91 27.03 25.10
CA SER D 377 -20.77 27.25 23.67
C SER D 377 -19.36 27.70 23.30
N VAL D 378 -18.77 28.61 24.09
CA VAL D 378 -17.40 29.03 23.79
C VAL D 378 -16.43 27.87 23.97
N ASP D 379 -16.62 27.07 25.02
CA ASP D 379 -15.75 25.91 25.25
C ASP D 379 -15.84 24.94 24.08
N ALA D 380 -17.03 24.71 23.54
CA ALA D 380 -17.17 23.86 22.38
C ALA D 380 -16.54 24.47 21.13
N LEU D 381 -16.54 25.80 21.04
CA LEU D 381 -15.83 26.44 19.93
C LEU D 381 -14.34 26.19 19.99
N PHE D 382 -13.73 26.33 21.17
CA PHE D 382 -12.27 26.19 21.25
C PHE D 382 -11.83 24.74 21.20
N ASP D 383 -12.58 23.83 21.82
CA ASP D 383 -12.21 22.42 21.85
C ASP D 383 -13.49 21.60 22.00
N ASN D 384 -13.92 20.95 20.93
CA ASN D 384 -15.18 20.23 20.91
C ASN D 384 -14.95 18.79 21.35
N GLY D 385 -15.63 18.39 22.41
CA GLY D 385 -15.54 17.03 22.94
C GLY D 385 -14.70 16.88 24.17
N ARG D 386 -13.94 17.91 24.57
CA ARG D 386 -13.07 17.78 25.74
C ARG D 386 -13.89 17.60 27.01
N ARG D 387 -14.99 18.32 27.15
CA ARG D 387 -15.86 18.20 28.31
C ARG D 387 -17.27 17.90 27.86
N GLY D 388 -17.88 16.88 28.46
CA GLY D 388 -19.24 16.52 28.11
C GLY D 388 -19.34 15.70 26.83
N ARG D 389 -20.36 15.98 26.02
CA ARG D 389 -20.57 15.26 24.77
C ARG D 389 -20.33 16.17 23.58
N PRO D 390 -19.85 15.63 22.45
CA PRO D 390 -19.58 16.48 21.29
C PRO D 390 -20.83 17.08 20.69
N VAL D 391 -20.66 18.22 20.04
CA VAL D 391 -21.75 18.89 19.34
C VAL D 391 -21.77 18.38 17.90
N THR D 392 -22.86 17.72 17.52
CA THR D 392 -22.96 17.08 16.22
C THR D 392 -23.80 17.92 15.27
N GLY D 393 -23.79 17.52 14.01
CA GLY D 393 -24.56 18.19 12.99
C GLY D 393 -25.46 17.25 12.23
N PRO D 394 -25.51 17.38 10.90
CA PRO D 394 -26.30 16.46 10.09
C PRO D 394 -25.64 15.09 10.02
N GLY D 395 -26.39 14.06 10.43
CA GLY D 395 -25.89 12.70 10.39
C GLY D 395 -25.17 12.24 11.63
N ASN D 396 -25.33 12.94 12.76
CA ASN D 396 -24.66 12.59 14.02
C ASN D 396 -23.14 12.63 13.89
N ARG D 397 -22.64 13.55 13.06
CA ARG D 397 -21.21 13.70 12.85
C ARG D 397 -20.68 14.84 13.71
N PRO D 398 -19.76 14.58 14.63
CA PRO D 398 -19.25 15.67 15.49
C PRO D 398 -18.60 16.78 14.69
N LEU D 399 -18.81 18.01 15.14
CA LEU D 399 -18.23 19.18 14.49
C LEU D 399 -16.74 19.29 14.82
N LYS D 400 -16.02 19.99 13.96
CA LYS D 400 -14.57 20.13 14.06
C LYS D 400 -14.21 21.55 14.47
N SER D 401 -13.47 21.68 15.56
CA SER D 401 -13.22 22.96 16.22
C SER D 401 -11.96 23.61 15.69
N LEU D 402 -11.50 24.65 16.37
CA LEU D 402 -10.29 25.37 15.99
C LEU D 402 -9.02 24.61 16.33
N SER D 403 -9.04 23.80 17.39
CA SER D 403 -7.86 23.06 17.81
C SER D 403 -7.75 21.70 17.12
N ASP D 404 -8.76 21.31 16.34
CA ASP D 404 -8.70 20.07 15.58
C ASP D 404 -8.05 20.25 14.22
N LEU D 405 -7.79 21.49 13.80
CA LEU D 405 -7.08 21.78 12.57
C LEU D 405 -5.59 21.93 12.77
N LEU D 406 -5.08 21.66 13.97
CA LEU D 406 -3.66 21.74 14.28
C LEU D 406 -3.05 20.42 14.70
N LYS D 407 -3.84 19.46 15.13
CA LYS D 407 -3.36 18.22 15.73
C LYS D 407 -3.57 17.04 14.80
N GLY D 408 -2.77 16.00 15.03
CA GLY D 408 -2.90 14.75 14.31
C GLY D 408 -2.03 14.69 13.08
N LYS D 409 -2.01 13.49 12.48
CA LYS D 409 -1.28 13.28 11.23
C LYS D 409 -1.97 13.89 10.03
N GLN D 410 -3.22 14.34 10.18
CA GLN D 410 -3.97 14.98 9.10
C GLN D 410 -4.20 16.45 9.40
N GLY D 411 -3.36 17.05 10.23
CA GLY D 411 -3.46 18.45 10.58
C GLY D 411 -2.54 19.31 9.74
N ARG D 412 -2.47 20.59 10.13
CA ARG D 412 -1.67 21.55 9.38
C ARG D 412 -0.19 21.18 9.40
N PHE D 413 0.33 20.82 10.58
CA PHE D 413 1.78 20.66 10.76
C PHE D 413 2.34 19.56 9.88
N ARG D 414 1.76 18.36 9.95
CA ARG D 414 2.34 17.20 9.30
C ARG D 414 1.77 16.95 7.91
N GLN D 415 0.85 17.78 7.43
CA GLN D 415 0.26 17.58 6.11
C GLN D 415 0.33 18.80 5.21
N ASN D 416 0.76 19.97 5.70
CA ASN D 416 0.87 21.14 4.84
C ASN D 416 2.19 21.88 4.98
N LEU D 417 2.91 21.72 6.08
CA LEU D 417 4.16 22.42 6.32
C LEU D 417 5.38 21.55 6.15
N LEU D 418 5.31 20.28 6.51
CA LEU D 418 6.43 19.37 6.37
C LEU D 418 6.43 18.63 5.04
N GLY D 419 5.32 18.60 4.32
CA GLY D 419 5.25 18.00 3.00
C GLY D 419 4.16 18.62 2.15
N LYS D 420 4.44 18.84 0.87
CA LYS D 420 3.53 19.57 0.00
C LYS D 420 3.34 18.83 -1.31
N ARG D 421 2.45 19.34 -2.15
CA ARG D 421 2.32 18.94 -3.55
C ARG D 421 3.03 19.97 -4.43
N VAL D 422 3.58 19.50 -5.55
CA VAL D 422 4.50 20.30 -6.34
C VAL D 422 4.11 20.27 -7.82
N ASP D 423 4.62 21.27 -8.56
CA ASP D 423 4.48 21.35 -10.00
C ASP D 423 5.61 20.59 -10.68
N TYR D 424 5.49 20.41 -12.00
CA TYR D 424 6.49 19.73 -12.82
C TYR D 424 6.77 18.32 -12.30
N SER D 425 5.73 17.49 -12.30
CA SER D 425 5.84 16.13 -11.79
C SER D 425 4.94 15.22 -12.61
N GLY D 426 5.25 13.92 -12.57
CA GLY D 426 4.50 12.94 -13.33
C GLY D 426 4.55 11.57 -12.66
N ARG D 427 3.93 10.60 -13.30
CA ARG D 427 3.81 9.25 -12.75
C ARG D 427 3.48 8.28 -13.88
N SER D 428 3.98 7.06 -13.77
CA SER D 428 3.68 6.00 -14.74
C SER D 428 4.18 4.68 -14.18
N VAL D 429 3.94 3.60 -14.95
CA VAL D 429 4.37 2.25 -14.61
C VAL D 429 5.75 2.00 -15.18
N ILE D 430 6.63 1.42 -14.37
CA ILE D 430 8.02 1.19 -14.76
C ILE D 430 8.18 -0.20 -15.36
N VAL D 431 9.07 -0.30 -16.36
CA VAL D 431 9.38 -1.54 -17.04
C VAL D 431 10.89 -1.59 -17.22
N VAL D 432 11.40 -2.78 -17.55
CA VAL D 432 12.85 -3.01 -17.57
C VAL D 432 13.40 -2.68 -18.96
N GLY D 433 14.49 -1.92 -18.99
CA GLY D 433 15.22 -1.68 -20.22
C GLY D 433 16.68 -2.08 -20.10
N PRO D 434 17.07 -3.14 -20.79
CA PRO D 434 18.45 -3.64 -20.70
C PRO D 434 19.45 -2.99 -21.66
N GLN D 435 19.01 -2.07 -22.51
CA GLN D 435 19.90 -1.40 -23.45
C GLN D 435 20.43 -0.07 -22.94
N LEU D 436 20.07 0.33 -21.73
CA LEU D 436 20.46 1.61 -21.17
C LEU D 436 21.82 1.49 -20.48
N LYS D 437 22.36 2.64 -20.06
CA LYS D 437 23.54 2.71 -19.23
C LYS D 437 23.16 3.13 -17.83
N LEU D 438 24.15 3.18 -16.95
CA LEU D 438 23.85 3.45 -15.54
C LEU D 438 23.37 4.86 -15.29
N HIS D 439 23.55 5.77 -16.25
CA HIS D 439 23.15 7.16 -16.09
C HIS D 439 22.01 7.56 -17.00
N GLN D 440 21.25 6.59 -17.52
CA GLN D 440 20.19 6.85 -18.47
C GLN D 440 18.89 6.22 -18.02
N CYS D 441 17.78 6.84 -18.40
CA CYS D 441 16.44 6.28 -18.23
C CYS D 441 15.66 6.47 -19.53
N GLY D 442 14.42 6.01 -19.54
CA GLY D 442 13.57 6.18 -20.71
C GLY D 442 12.26 6.85 -20.34
N LEU D 443 11.94 7.94 -21.04
CA LEU D 443 10.78 8.76 -20.71
C LEU D 443 9.80 8.79 -21.86
N PRO D 444 8.52 8.55 -21.64
CA PRO D 444 7.54 8.62 -22.73
C PRO D 444 7.49 10.01 -23.34
N LYS D 445 7.20 10.05 -24.65
CA LYS D 445 7.17 11.32 -25.37
C LYS D 445 6.07 12.23 -24.85
N LEU D 446 4.88 11.68 -24.60
CA LEU D 446 3.74 12.46 -24.16
C LEU D 446 3.91 13.01 -22.74
N MET D 447 4.82 12.44 -21.96
CA MET D 447 5.09 12.95 -20.63
C MET D 447 6.19 14.02 -20.65
N ALA D 448 7.22 13.80 -21.45
CA ALA D 448 8.28 14.79 -21.60
C ALA D 448 7.78 16.05 -22.29
N LEU D 449 6.78 15.92 -23.18
CA LEU D 449 6.22 17.12 -23.79
C LEU D 449 5.56 18.02 -22.76
N GLU D 450 4.83 17.43 -21.81
CA GLU D 450 4.15 18.22 -20.79
C GLU D 450 5.11 18.72 -19.72
N LEU D 451 6.13 17.93 -19.36
CA LEU D 451 7.06 18.37 -18.33
C LEU D 451 7.92 19.55 -18.79
N PHE D 452 8.23 19.62 -20.08
CA PHE D 452 9.16 20.60 -20.63
C PHE D 452 8.46 21.68 -21.45
N LYS D 453 7.27 22.13 -21.04
CA LYS D 453 6.49 23.00 -21.90
C LYS D 453 7.12 24.38 -22.11
N PRO D 454 7.50 25.13 -21.06
CA PRO D 454 8.07 26.46 -21.32
C PRO D 454 9.43 26.42 -22.01
N PHE D 455 10.25 25.43 -21.70
CA PHE D 455 11.53 25.28 -22.39
C PHE D 455 11.33 25.04 -23.88
N VAL D 456 10.27 24.31 -24.24
CA VAL D 456 9.96 24.08 -25.65
C VAL D 456 9.37 25.34 -26.27
N MET D 457 8.54 26.08 -25.54
CA MET D 457 7.93 27.29 -26.10
C MET D 457 8.97 28.34 -26.42
N LYS D 458 9.97 28.52 -25.54
CA LYS D 458 11.03 29.49 -25.81
C LYS D 458 11.79 29.14 -27.07
N ARG D 459 12.15 27.86 -27.23
CA ARG D 459 12.88 27.43 -28.42
C ARG D 459 12.02 27.53 -29.67
N LEU D 460 10.72 27.25 -29.55
CA LEU D 460 9.83 27.33 -30.70
C LEU D 460 9.68 28.77 -31.18
N VAL D 461 9.57 29.72 -30.26
CA VAL D 461 9.51 31.12 -30.67
C VAL D 461 10.85 31.58 -31.22
N ASP D 462 11.94 31.12 -30.61
CA ASP D 462 13.27 31.58 -31.02
C ASP D 462 13.59 31.16 -32.45
N LEU D 463 13.23 29.94 -32.83
CA LEU D 463 13.55 29.40 -34.15
C LEU D 463 12.59 29.85 -35.23
N ASN D 464 11.84 30.92 -35.00
CA ASN D 464 10.94 31.49 -36.00
C ASN D 464 9.90 30.49 -36.47
N HIS D 465 9.51 29.55 -35.60
CA HIS D 465 8.42 28.64 -35.90
C HIS D 465 7.06 29.18 -35.49
N ALA D 466 7.02 30.33 -34.82
CA ALA D 466 5.77 30.90 -34.35
C ALA D 466 5.96 32.41 -34.21
N GLN D 467 4.87 33.09 -33.85
CA GLN D 467 4.86 34.55 -33.74
C GLN D 467 4.90 35.03 -32.30
N ASN D 468 3.95 34.60 -31.47
CA ASN D 468 3.86 35.01 -30.09
C ASN D 468 4.02 33.81 -29.17
N ILE D 469 4.00 34.07 -27.86
CA ILE D 469 4.04 33.00 -26.88
C ILE D 469 2.73 32.21 -26.91
N LYS D 470 1.61 32.90 -27.12
CA LYS D 470 0.33 32.20 -27.20
C LYS D 470 0.29 31.27 -28.41
N SER D 471 0.85 31.70 -29.55
CA SER D 471 0.90 30.84 -30.72
C SER D 471 1.73 29.60 -30.45
N ALA D 472 2.88 29.76 -29.79
CA ALA D 472 3.70 28.60 -29.45
C ALA D 472 2.98 27.69 -28.47
N LYS D 473 2.26 28.27 -27.52
CA LYS D 473 1.50 27.47 -26.56
C LYS D 473 0.45 26.64 -27.27
N ARG D 474 -0.28 27.25 -28.21
CA ARG D 474 -1.30 26.51 -28.96
C ARG D 474 -0.66 25.40 -29.80
N MET D 475 0.46 25.70 -30.46
CA MET D 475 1.11 24.69 -31.29
C MET D 475 1.60 23.52 -30.46
N VAL D 476 2.17 23.79 -29.27
CA VAL D 476 2.62 22.73 -28.39
C VAL D 476 1.44 21.91 -27.87
N GLU D 477 0.36 22.59 -27.48
CA GLU D 477 -0.79 21.90 -26.91
C GLU D 477 -1.56 21.10 -27.94
N ARG D 478 -1.47 21.45 -29.22
CA ARG D 478 -2.13 20.69 -30.28
C ARG D 478 -1.26 19.57 -30.85
N GLN D 479 -0.02 19.44 -30.37
CA GLN D 479 0.91 18.38 -30.79
C GLN D 479 1.14 18.41 -32.30
N ARG D 480 1.37 19.60 -32.84
CA ARG D 480 1.68 19.73 -34.26
C ARG D 480 3.06 19.12 -34.54
N PRO D 481 3.26 18.58 -35.75
CA PRO D 481 4.50 17.85 -36.04
C PRO D 481 5.77 18.68 -36.01
N GLN D 482 5.71 19.97 -35.69
CA GLN D 482 6.91 20.79 -35.58
C GLN D 482 7.54 20.76 -34.20
N VAL D 483 6.89 20.13 -33.23
CA VAL D 483 7.35 20.16 -31.84
C VAL D 483 8.10 18.90 -31.45
N TRP D 484 8.27 17.95 -32.36
CA TRP D 484 8.96 16.70 -32.05
C TRP D 484 10.44 16.74 -32.38
N ASP D 485 10.94 17.86 -32.90
CA ASP D 485 12.36 18.01 -33.17
C ASP D 485 13.06 18.93 -32.19
N VAL D 486 12.36 19.95 -31.66
CA VAL D 486 12.94 20.77 -30.61
C VAL D 486 13.05 20.02 -29.29
N LEU D 487 12.12 19.09 -29.03
CA LEU D 487 12.16 18.23 -27.85
C LEU D 487 13.10 17.05 -28.04
N GLU D 488 14.29 17.33 -28.55
CA GLU D 488 15.40 16.39 -28.52
C GLU D 488 16.72 17.07 -28.20
N GLU D 489 16.82 18.37 -28.43
CA GLU D 489 17.89 19.20 -27.90
C GLU D 489 17.44 20.05 -26.72
N VAL D 490 16.13 20.14 -26.46
CA VAL D 490 15.68 20.78 -25.24
C VAL D 490 16.00 19.92 -24.03
N ILE D 491 15.83 18.61 -24.15
CA ILE D 491 15.98 17.70 -23.02
C ILE D 491 17.38 17.10 -22.98
N ALA D 492 18.28 17.61 -23.81
CA ALA D 492 19.65 17.10 -23.81
C ALA D 492 20.40 17.59 -22.58
N GLU D 493 20.96 16.65 -21.83
CA GLU D 493 21.76 16.94 -20.63
C GLU D 493 20.96 17.74 -19.60
N HIS D 494 19.68 17.40 -19.43
CA HIS D 494 18.85 17.97 -18.38
C HIS D 494 18.36 16.85 -17.47
N PRO D 495 18.97 16.65 -16.31
CA PRO D 495 18.61 15.50 -15.48
C PRO D 495 17.23 15.61 -14.85
N VAL D 496 16.69 14.45 -14.48
CA VAL D 496 15.42 14.35 -13.77
C VAL D 496 15.64 13.46 -12.55
N LEU D 497 14.66 13.47 -11.64
CA LEU D 497 14.74 12.71 -10.40
C LEU D 497 13.65 11.65 -10.38
N LEU D 498 14.03 10.42 -10.05
CA LEU D 498 13.11 9.29 -9.99
C LEU D 498 12.97 8.82 -8.55
N ASN D 499 11.74 8.55 -8.13
CA ASN D 499 11.43 8.27 -6.74
C ASN D 499 10.42 7.13 -6.62
N ARG D 500 10.64 6.25 -5.65
CA ARG D 500 9.72 5.15 -5.36
C ARG D 500 9.40 5.14 -3.86
N ALA D 501 8.13 4.90 -3.54
CA ALA D 501 7.67 4.93 -2.15
C ALA D 501 7.44 3.53 -1.62
N PRO D 502 7.82 3.25 -0.35
CA PRO D 502 8.41 4.16 0.63
C PRO D 502 9.88 4.47 0.38
N THR D 503 10.31 5.67 0.76
CA THR D 503 11.72 6.07 0.67
C THR D 503 12.36 5.76 2.02
N LEU D 504 12.93 4.56 2.11
CA LEU D 504 13.48 4.09 3.38
C LEU D 504 14.92 4.53 3.62
N HIS D 505 15.63 5.00 2.59
CA HIS D 505 16.98 5.50 2.77
C HIS D 505 17.29 6.50 1.66
N ARG D 506 18.57 6.88 1.55
CA ARG D 506 18.96 7.92 0.60
C ARG D 506 18.74 7.49 -0.83
N LEU D 507 19.07 6.24 -1.16
CA LEU D 507 19.04 5.77 -2.54
C LEU D 507 17.65 5.56 -3.05
N GLY D 508 16.61 5.98 -2.35
CA GLY D 508 15.28 5.99 -2.90
C GLY D 508 15.00 7.13 -3.85
N ILE D 509 15.97 8.04 -3.99
CA ILE D 509 15.92 9.13 -4.97
C ILE D 509 17.25 9.16 -5.70
N GLN D 510 17.21 9.20 -7.03
CA GLN D 510 18.42 9.23 -7.83
C GLN D 510 18.16 10.03 -9.10
N ALA D 511 19.23 10.54 -9.69
CA ALA D 511 19.14 11.42 -10.86
C ALA D 511 19.68 10.71 -12.09
N PHE D 512 18.91 10.76 -13.17
CA PHE D 512 19.24 10.11 -14.43
C PHE D 512 19.22 11.14 -15.55
N GLU D 513 19.51 10.69 -16.77
CA GLU D 513 19.46 11.54 -17.95
C GLU D 513 18.41 11.01 -18.92
N PRO D 514 17.35 11.75 -19.21
CA PRO D 514 16.21 11.18 -19.94
C PRO D 514 16.53 10.88 -21.39
N MET D 515 15.85 9.85 -21.91
CA MET D 515 15.86 9.48 -23.31
C MET D 515 14.43 9.23 -23.75
N LEU D 516 14.10 9.61 -24.98
CA LEU D 516 12.73 9.45 -25.46
C LEU D 516 12.54 8.04 -26.01
N VAL D 517 11.52 7.35 -25.50
CA VAL D 517 11.21 6.00 -25.95
C VAL D 517 9.79 5.97 -26.51
N GLU D 518 9.39 4.81 -27.02
CA GLU D 518 8.07 4.62 -27.60
C GLU D 518 7.23 3.75 -26.65
N GLY D 519 6.10 4.28 -26.22
CA GLY D 519 5.23 3.58 -25.31
C GLY D 519 4.69 4.51 -24.27
N LYS D 520 4.14 3.93 -23.20
CA LYS D 520 3.58 4.70 -22.09
C LYS D 520 4.17 4.28 -20.75
N ALA D 521 5.32 3.61 -20.75
CA ALA D 521 5.95 3.14 -19.53
C ALA D 521 7.37 3.70 -19.43
N ILE D 522 7.86 3.80 -18.20
CA ILE D 522 9.22 4.26 -17.93
C ILE D 522 10.14 3.06 -17.90
N GLN D 523 11.33 3.21 -18.48
CA GLN D 523 12.30 2.13 -18.56
C GLN D 523 13.43 2.36 -17.55
N LEU D 524 13.69 1.37 -16.72
CA LEU D 524 14.63 1.48 -15.62
C LEU D 524 15.77 0.48 -15.79
N HIS D 525 16.97 0.89 -15.41
CA HIS D 525 18.14 0.03 -15.53
C HIS D 525 18.03 -1.17 -14.59
N PRO D 526 18.48 -2.35 -15.01
CA PRO D 526 18.42 -3.52 -14.12
C PRO D 526 19.24 -3.40 -12.85
N LEU D 527 20.27 -2.55 -12.82
CA LEU D 527 21.20 -2.52 -11.70
C LEU D 527 20.82 -1.54 -10.60
N VAL D 528 19.76 -0.74 -10.79
CA VAL D 528 19.29 0.17 -9.75
C VAL D 528 18.09 -0.38 -8.99
N CYS D 529 17.61 -1.57 -9.37
CA CYS D 529 16.46 -2.16 -8.71
C CYS D 529 16.76 -2.57 -7.27
N GLU D 530 18.01 -2.91 -6.98
CA GLU D 530 18.37 -3.25 -5.60
C GLU D 530 18.28 -2.03 -4.69
N ALA D 531 18.73 -0.87 -5.17
CA ALA D 531 18.63 0.34 -4.36
C ALA D 531 17.19 0.85 -4.28
N PHE D 532 16.43 0.75 -5.37
CA PHE D 532 15.03 1.17 -5.33
C PHE D 532 14.12 0.11 -4.71
N ASN D 533 14.57 -1.15 -4.65
CA ASN D 533 13.76 -2.28 -4.15
C ASN D 533 12.50 -2.47 -5.01
N ALA D 534 12.69 -2.54 -6.32
CA ALA D 534 11.59 -2.52 -7.28
C ALA D 534 11.66 -3.74 -8.18
N ASP D 535 10.64 -4.59 -8.11
CA ASP D 535 10.44 -5.64 -9.09
C ASP D 535 9.64 -5.06 -10.26
N PHE D 536 9.17 -5.91 -11.16
CA PHE D 536 8.48 -5.45 -12.36
C PHE D 536 7.14 -6.15 -12.51
N ASP D 537 6.34 -6.17 -11.44
CA ASP D 537 5.01 -6.77 -11.48
C ASP D 537 3.92 -5.76 -11.14
N GLY D 538 4.16 -4.47 -11.39
CA GLY D 538 3.12 -3.48 -11.22
C GLY D 538 3.51 -2.23 -10.45
N ASP D 539 4.80 -2.03 -10.19
CA ASP D 539 5.24 -0.88 -9.42
C ASP D 539 5.11 0.41 -10.22
N GLN D 540 5.10 1.53 -9.50
CA GLN D 540 5.00 2.85 -10.10
C GLN D 540 6.00 3.79 -9.45
N MET D 541 6.52 4.74 -10.23
CA MET D 541 7.47 5.73 -9.75
C MET D 541 7.08 7.11 -10.24
N ALA D 542 7.60 8.14 -9.56
CA ALA D 542 7.27 9.53 -9.85
C ALA D 542 8.51 10.26 -10.37
N VAL D 543 8.26 11.30 -11.18
CA VAL D 543 9.32 12.06 -11.84
C VAL D 543 9.23 13.51 -11.40
N HIS D 544 10.39 14.13 -11.16
CA HIS D 544 10.49 15.53 -10.78
C HIS D 544 11.56 16.20 -11.61
N LEU D 545 11.42 17.50 -11.83
CA LEU D 545 12.27 18.25 -12.74
C LEU D 545 12.96 19.42 -12.05
N PRO D 546 14.30 19.42 -11.96
CA PRO D 546 15.00 20.60 -11.44
C PRO D 546 14.94 21.76 -12.42
N LEU D 547 14.96 22.98 -11.87
CA LEU D 547 14.75 24.18 -12.69
C LEU D 547 15.95 25.11 -12.71
N SER D 548 16.46 25.53 -11.56
CA SER D 548 17.51 26.54 -11.52
C SER D 548 18.87 25.91 -11.76
N ALA D 549 19.92 26.75 -11.73
CA ALA D 549 21.27 26.25 -11.96
C ALA D 549 21.78 25.46 -10.77
N GLU D 550 21.49 25.91 -9.55
CA GLU D 550 21.94 25.21 -8.37
C GLU D 550 21.30 23.83 -8.24
N ALA D 551 20.00 23.73 -8.52
CA ALA D 551 19.34 22.43 -8.46
C ALA D 551 19.88 21.48 -9.51
N GLN D 552 20.13 21.98 -10.72
CA GLN D 552 20.70 21.15 -11.77
C GLN D 552 22.09 20.66 -11.41
N ALA D 553 22.92 21.56 -10.86
CA ALA D 553 24.26 21.17 -10.46
C ALA D 553 24.23 20.13 -9.34
N GLU D 554 23.34 20.31 -8.36
CA GLU D 554 23.22 19.34 -7.29
C GLU D 554 22.78 17.98 -7.82
N ALA D 555 21.80 17.96 -8.73
CA ALA D 555 21.34 16.69 -9.28
C ALA D 555 22.42 16.01 -10.11
N ARG D 556 23.20 16.79 -10.87
CA ARG D 556 24.21 16.22 -11.73
C ARG D 556 25.47 15.78 -11.00
N ILE D 557 25.78 16.38 -9.85
CA ILE D 557 27.00 16.11 -9.12
C ILE D 557 26.76 15.21 -7.91
N LEU D 558 25.76 15.54 -7.10
CA LEU D 558 25.56 14.85 -5.83
C LEU D 558 24.73 13.58 -5.95
N MET D 559 23.77 13.54 -6.86
CA MET D 559 22.75 12.50 -6.87
C MET D 559 22.82 11.56 -8.06
N LEU D 560 23.79 11.72 -8.96
CA LEU D 560 23.82 10.88 -10.15
C LEU D 560 23.98 9.41 -9.75
N SER D 561 23.30 8.53 -10.51
CA SER D 561 23.27 7.12 -10.16
C SER D 561 24.65 6.49 -10.27
N SER D 562 25.42 6.86 -11.28
CA SER D 562 26.76 6.30 -11.45
C SER D 562 27.75 6.79 -10.42
N ASN D 563 27.38 7.76 -9.58
CA ASN D 563 28.20 8.18 -8.45
C ASN D 563 27.83 7.49 -7.15
N ASN D 564 26.65 6.89 -7.06
CA ASN D 564 26.16 6.27 -5.84
C ASN D 564 26.10 4.76 -6.05
N ILE D 565 27.21 4.08 -5.83
CA ILE D 565 27.32 2.65 -6.01
C ILE D 565 27.43 1.91 -4.69
N LEU D 566 28.21 2.44 -3.75
CA LEU D 566 28.44 1.80 -2.47
C LEU D 566 27.34 2.15 -1.48
N SER D 567 26.94 1.17 -0.69
CA SER D 567 25.89 1.39 0.30
C SER D 567 26.41 2.26 1.44
N PRO D 568 25.63 3.22 1.93
CA PRO D 568 26.11 4.14 2.96
C PRO D 568 26.06 3.59 4.37
N ALA D 569 25.51 2.40 4.59
CA ALA D 569 25.43 1.81 5.92
C ALA D 569 26.53 0.82 6.21
N SER D 570 27.06 0.13 5.19
CA SER D 570 28.13 -0.83 5.39
C SER D 570 29.28 -0.70 4.41
N GLY D 571 29.16 0.13 3.37
CA GLY D 571 30.23 0.27 2.41
C GLY D 571 30.33 -0.84 1.40
N ARG D 572 29.31 -1.67 1.28
CA ARG D 572 29.26 -2.79 0.35
C ARG D 572 28.60 -2.35 -0.95
N PRO D 573 28.96 -2.97 -2.08
CA PRO D 573 28.40 -2.54 -3.36
C PRO D 573 26.94 -2.95 -3.51
N LEU D 574 26.13 -2.05 -4.06
CA LEU D 574 24.72 -2.31 -4.31
C LEU D 574 24.42 -2.60 -5.77
N ALA D 575 25.05 -1.86 -6.69
CA ALA D 575 24.89 -2.10 -8.12
C ALA D 575 25.82 -3.24 -8.52
N MET D 576 25.33 -4.46 -8.33
CA MET D 576 26.08 -5.69 -8.57
C MET D 576 25.24 -6.65 -9.40
N PRO D 577 25.86 -7.54 -10.16
CA PRO D 577 25.10 -8.57 -10.86
C PRO D 577 24.34 -9.47 -9.90
N ARG D 578 23.12 -9.84 -10.29
CA ARG D 578 22.29 -10.71 -9.48
C ARG D 578 21.34 -11.48 -10.38
N LEU D 579 20.87 -12.62 -9.86
CA LEU D 579 19.84 -13.43 -10.50
C LEU D 579 20.27 -14.02 -11.83
N ASP D 580 19.83 -13.41 -12.94
CA ASP D 580 20.14 -13.96 -14.27
C ASP D 580 21.61 -13.78 -14.62
N MET D 581 22.18 -12.63 -14.28
CA MET D 581 23.57 -12.36 -14.62
C MET D 581 24.52 -13.30 -13.88
N VAL D 582 24.19 -13.65 -12.64
CA VAL D 582 25.05 -14.53 -11.85
C VAL D 582 25.11 -15.91 -12.49
N THR D 583 23.95 -16.43 -12.93
CA THR D 583 23.95 -17.71 -13.62
C THR D 583 24.68 -17.64 -14.95
N GLY D 584 24.50 -16.55 -15.69
CA GLY D 584 25.19 -16.40 -16.96
C GLY D 584 26.70 -16.36 -16.80
N LEU D 585 27.18 -15.69 -15.77
CA LEU D 585 28.61 -15.57 -15.53
C LEU D 585 29.21 -16.75 -14.78
N TYR D 586 28.37 -17.58 -14.16
CA TYR D 586 28.83 -18.79 -13.51
C TYR D 586 28.91 -19.96 -14.49
N TYR D 587 28.03 -19.98 -15.50
CA TYR D 587 28.13 -21.00 -16.53
C TYR D 587 29.39 -20.83 -17.37
N LEU D 588 29.74 -19.59 -17.70
CA LEU D 588 30.83 -19.34 -18.64
C LEU D 588 32.18 -19.78 -18.07
N THR D 589 32.43 -19.50 -16.80
CA THR D 589 33.74 -19.71 -16.19
C THR D 589 33.85 -21.06 -15.47
N THR D 590 33.14 -22.07 -15.94
CA THR D 590 33.13 -23.39 -15.31
C THR D 590 33.92 -24.37 -16.17
N GLU D 591 34.75 -25.18 -15.52
CA GLU D 591 35.63 -26.12 -16.21
C GLU D 591 35.00 -27.51 -16.17
N VAL D 592 34.76 -28.08 -17.34
CA VAL D 592 34.14 -29.40 -17.47
C VAL D 592 35.21 -30.38 -17.89
N PRO D 593 35.55 -31.38 -17.07
CA PRO D 593 36.55 -32.36 -17.47
C PRO D 593 36.01 -33.28 -18.56
N GLY D 594 36.86 -33.58 -19.54
CA GLY D 594 36.46 -34.39 -20.65
C GLY D 594 35.46 -33.71 -21.56
N ASP D 595 35.88 -32.65 -22.23
CA ASP D 595 35.02 -31.88 -23.13
C ASP D 595 35.61 -31.93 -24.53
N THR D 596 34.99 -31.17 -25.45
CA THR D 596 35.35 -31.24 -26.86
C THR D 596 36.59 -30.39 -27.12
N GLY D 597 37.63 -31.01 -27.67
CA GLY D 597 38.82 -30.29 -28.06
C GLY D 597 39.72 -29.86 -26.92
N GLU D 598 39.61 -30.48 -25.76
CA GLU D 598 40.44 -30.09 -24.63
C GLU D 598 41.89 -30.54 -24.85
N TYR D 599 42.77 -30.04 -23.99
CA TYR D 599 44.19 -30.27 -24.15
C TYR D 599 44.56 -31.66 -23.64
N GLN D 600 45.38 -32.36 -24.42
CA GLN D 600 45.87 -33.68 -24.07
C GLN D 600 47.40 -33.67 -24.12
N PRO D 601 48.06 -34.38 -23.22
CA PRO D 601 49.51 -34.39 -23.20
C PRO D 601 50.09 -35.44 -24.17
N ALA D 602 49.73 -35.28 -25.43
CA ALA D 602 50.03 -36.30 -26.42
C ALA D 602 51.54 -36.42 -26.67
N SER D 603 51.99 -37.66 -26.81
CA SER D 603 53.41 -37.93 -27.05
C SER D 603 53.52 -39.27 -27.78
N GLY D 604 54.59 -39.39 -28.57
CA GLY D 604 54.90 -40.65 -29.22
C GLY D 604 54.74 -40.64 -30.73
N ASP D 605 53.65 -40.05 -31.24
CA ASP D 605 53.48 -39.94 -32.67
C ASP D 605 52.83 -38.65 -33.13
N HIS D 606 52.54 -37.71 -32.23
CA HIS D 606 51.96 -36.44 -32.63
C HIS D 606 52.20 -35.41 -31.53
N PRO D 607 52.18 -34.11 -31.86
CA PRO D 607 52.42 -33.08 -30.84
C PRO D 607 51.25 -32.89 -29.88
N GLU D 608 51.32 -31.82 -29.08
CA GLU D 608 50.43 -31.66 -27.94
C GLU D 608 48.95 -31.64 -28.33
N THR D 609 48.60 -31.12 -29.51
CA THR D 609 47.23 -31.19 -30.03
C THR D 609 46.24 -30.49 -29.09
N GLY D 610 46.28 -29.17 -29.12
CA GLY D 610 45.41 -28.37 -28.25
C GLY D 610 46.03 -27.12 -27.68
N VAL D 611 47.17 -26.71 -28.22
CA VAL D 611 47.79 -25.42 -27.90
C VAL D 611 47.40 -24.42 -28.98
N TYR D 612 46.95 -23.24 -28.56
CA TYR D 612 46.51 -22.19 -29.47
C TYR D 612 47.41 -20.98 -29.37
N SER D 613 47.58 -20.29 -30.49
CA SER D 613 48.54 -19.19 -30.58
C SER D 613 47.93 -17.82 -30.29
N SER D 614 46.61 -17.73 -30.10
CA SER D 614 45.96 -16.46 -29.82
C SER D 614 44.50 -16.76 -29.45
N PRO D 615 43.86 -15.86 -28.69
CA PRO D 615 42.42 -16.02 -28.44
C PRO D 615 41.57 -15.96 -29.70
N ALA D 616 42.00 -15.21 -30.73
CA ALA D 616 41.24 -15.16 -31.97
C ALA D 616 41.18 -16.52 -32.64
N GLU D 617 42.30 -17.25 -32.64
CA GLU D 617 42.31 -18.60 -33.20
C GLU D 617 41.39 -19.53 -32.41
N ALA D 618 41.37 -19.37 -31.08
CA ALA D 618 40.46 -20.18 -30.27
C ALA D 618 39.00 -19.88 -30.59
N ILE D 619 38.67 -18.61 -30.80
CA ILE D 619 37.30 -18.25 -31.18
C ILE D 619 36.95 -18.83 -32.55
N MET D 620 37.87 -18.74 -33.50
CA MET D 620 37.63 -19.31 -34.82
C MET D 620 37.44 -20.82 -34.75
N ALA D 621 38.16 -21.49 -33.85
CA ALA D 621 37.97 -22.93 -33.67
C ALA D 621 36.64 -23.22 -33.01
N ALA D 622 36.21 -22.38 -32.07
CA ALA D 622 34.93 -22.60 -31.40
C ALA D 622 33.74 -22.29 -32.27
N ASP D 623 33.91 -21.48 -33.32
CA ASP D 623 32.84 -21.25 -34.29
C ASP D 623 32.62 -22.43 -35.22
N ARG D 624 33.52 -23.40 -35.22
CA ARG D 624 33.42 -24.56 -36.08
C ARG D 624 32.98 -25.82 -35.35
N GLY D 625 32.84 -25.76 -34.03
CA GLY D 625 32.46 -26.92 -33.24
C GLY D 625 33.61 -27.77 -32.75
N VAL D 626 34.84 -27.46 -33.15
CA VAL D 626 35.98 -28.26 -32.72
C VAL D 626 36.25 -28.08 -31.23
N LEU D 627 36.09 -26.86 -30.73
CA LEU D 627 36.43 -26.52 -29.36
C LEU D 627 35.20 -26.03 -28.61
N SER D 628 35.07 -26.46 -27.37
CA SER D 628 34.01 -25.98 -26.49
C SER D 628 34.53 -24.84 -25.61
N VAL D 629 33.63 -23.94 -25.22
CA VAL D 629 34.04 -22.79 -24.44
C VAL D 629 34.57 -23.21 -23.07
N ARG D 630 34.06 -24.30 -22.52
CA ARG D 630 34.40 -24.73 -21.17
C ARG D 630 35.36 -25.93 -21.15
N ALA D 631 36.28 -25.99 -22.11
CA ALA D 631 37.26 -27.06 -22.17
C ALA D 631 38.66 -26.49 -21.91
N LYS D 632 39.42 -27.20 -21.09
CA LYS D 632 40.74 -26.72 -20.70
C LYS D 632 41.71 -26.78 -21.87
N ILE D 633 42.43 -25.69 -22.12
CA ILE D 633 43.34 -25.55 -23.24
C ILE D 633 44.58 -24.80 -22.78
N LYS D 634 45.54 -24.66 -23.69
CA LYS D 634 46.72 -23.81 -23.50
C LYS D 634 46.75 -22.76 -24.60
N VAL D 635 46.75 -21.49 -24.21
CA VAL D 635 46.63 -20.38 -25.15
C VAL D 635 47.69 -19.34 -24.81
N ARG D 636 48.28 -18.75 -25.84
CA ARG D 636 49.29 -17.71 -25.65
C ARG D 636 48.60 -16.36 -25.48
N LEU D 637 48.74 -15.76 -24.31
CA LEU D 637 48.12 -14.49 -24.00
C LEU D 637 49.15 -13.37 -24.09
N THR D 638 48.73 -12.23 -24.61
CA THR D 638 49.66 -11.12 -24.81
C THR D 638 49.24 -9.84 -24.10
N GLN D 639 47.96 -9.49 -24.13
CA GLN D 639 47.48 -8.22 -23.58
C GLN D 639 46.80 -8.37 -22.23
N LEU D 640 46.94 -9.52 -21.58
CA LEU D 640 46.36 -9.76 -20.26
C LEU D 640 47.47 -9.93 -19.23
N ARG D 641 47.31 -9.29 -18.09
CA ARG D 641 48.35 -9.26 -17.07
C ARG D 641 48.42 -10.60 -16.35
N PRO D 642 49.61 -11.20 -16.24
CA PRO D 642 49.72 -12.50 -15.58
C PRO D 642 49.53 -12.38 -14.08
N PRO D 643 49.22 -13.49 -13.39
CA PRO D 643 49.13 -13.45 -11.93
C PRO D 643 50.48 -13.09 -11.32
N VAL D 644 50.45 -12.81 -10.02
CA VAL D 644 51.63 -12.26 -9.34
C VAL D 644 52.80 -13.25 -9.39
N GLU D 645 52.53 -14.52 -9.06
CA GLU D 645 53.61 -15.50 -9.01
C GLU D 645 54.19 -15.76 -10.40
N ILE D 646 53.33 -15.87 -11.42
CA ILE D 646 53.82 -16.07 -12.78
C ILE D 646 54.63 -14.87 -13.24
N GLU D 647 54.15 -13.66 -12.92
CA GLU D 647 54.86 -12.45 -13.32
C GLU D 647 56.23 -12.39 -12.67
N ALA D 648 56.32 -12.71 -11.38
CA ALA D 648 57.61 -12.70 -10.70
C ALA D 648 58.54 -13.76 -11.27
N GLU D 649 58.01 -14.94 -11.60
CA GLU D 649 58.84 -16.02 -12.11
C GLU D 649 59.35 -15.73 -13.53
N LEU D 650 58.54 -15.07 -14.36
CA LEU D 650 58.88 -14.87 -15.76
C LEU D 650 59.58 -13.54 -16.01
N PHE D 651 58.93 -12.42 -15.68
CA PHE D 651 59.46 -11.11 -16.01
C PHE D 651 60.30 -10.52 -14.89
N GLY D 652 59.90 -10.71 -13.64
CA GLY D 652 60.70 -10.31 -12.51
C GLY D 652 60.68 -8.83 -12.20
N HIS D 653 61.31 -8.02 -13.05
CA HIS D 653 61.38 -6.58 -12.78
C HIS D 653 60.03 -5.91 -12.99
N SER D 654 59.34 -6.25 -14.09
CA SER D 654 58.02 -5.69 -14.40
C SER D 654 57.46 -6.38 -15.65
N GLY D 655 56.13 -6.44 -15.75
CA GLY D 655 55.51 -7.00 -16.93
C GLY D 655 54.93 -5.94 -17.84
N TRP D 656 55.62 -5.63 -18.94
CA TRP D 656 55.16 -4.62 -19.90
C TRP D 656 54.08 -5.28 -20.77
N GLN D 657 52.90 -5.45 -20.16
CA GLN D 657 51.82 -6.26 -20.70
C GLN D 657 51.26 -5.79 -22.04
N PRO D 658 51.40 -4.53 -22.44
CA PRO D 658 51.04 -4.16 -23.81
C PRO D 658 51.53 -5.12 -24.89
N GLY D 659 52.73 -5.69 -24.73
CA GLY D 659 53.22 -6.56 -25.78
C GLY D 659 54.04 -7.77 -25.36
N ASP D 660 53.95 -8.18 -24.10
CA ASP D 660 54.73 -9.30 -23.60
C ASP D 660 53.85 -10.54 -23.48
N ALA D 661 54.35 -11.67 -23.97
CA ALA D 661 53.56 -12.88 -24.10
C ALA D 661 53.96 -13.91 -23.05
N TRP D 662 52.97 -14.63 -22.54
CA TRP D 662 53.17 -15.73 -21.60
C TRP D 662 52.26 -16.87 -22.02
N MET D 663 52.19 -17.91 -21.19
CA MET D 663 51.39 -19.10 -21.46
C MET D 663 50.37 -19.30 -20.36
N ALA D 664 49.14 -19.65 -20.75
CA ALA D 664 48.05 -19.83 -19.81
C ALA D 664 47.44 -21.21 -19.99
N GLU D 665 47.12 -21.85 -18.86
CA GLU D 665 46.40 -23.13 -18.85
C GLU D 665 45.02 -22.84 -18.27
N THR D 666 44.08 -22.48 -19.13
CA THR D 666 42.76 -22.04 -18.71
C THR D 666 41.75 -22.46 -19.77
N THR D 667 40.56 -21.91 -19.68
CA THR D 667 39.50 -22.14 -20.66
C THR D 667 39.27 -20.88 -21.48
N LEU D 668 38.41 -20.97 -22.48
CA LEU D 668 38.08 -19.81 -23.29
C LEU D 668 37.16 -18.85 -22.52
N GLY D 669 36.21 -19.39 -21.76
CA GLY D 669 35.29 -18.53 -21.03
C GLY D 669 36.00 -17.65 -20.03
N ARG D 670 37.07 -18.16 -19.41
CA ARG D 670 37.82 -17.35 -18.45
C ARG D 670 38.55 -16.21 -19.15
N VAL D 671 39.04 -16.44 -20.37
CA VAL D 671 39.68 -15.37 -21.13
C VAL D 671 38.66 -14.31 -21.53
N MET D 672 37.50 -14.74 -22.03
CA MET D 672 36.49 -13.76 -22.39
C MET D 672 35.88 -13.08 -21.17
N PHE D 673 36.03 -13.65 -19.98
CA PHE D 673 35.61 -12.94 -18.77
C PHE D 673 36.66 -11.91 -18.36
N ASN D 674 37.94 -12.28 -18.41
CA ASN D 674 39.00 -11.36 -18.02
C ASN D 674 39.20 -10.24 -19.01
N GLU D 675 38.71 -10.38 -20.24
CA GLU D 675 38.75 -9.28 -21.19
C GLU D 675 37.74 -8.19 -20.89
N LEU D 676 36.93 -8.34 -19.83
CA LEU D 676 36.00 -7.30 -19.40
C LEU D 676 36.55 -6.42 -18.29
N LEU D 677 37.48 -6.92 -17.49
CA LEU D 677 38.10 -6.17 -16.41
C LEU D 677 39.09 -5.15 -16.98
N PRO D 678 39.50 -4.17 -16.18
CA PRO D 678 40.46 -3.16 -16.67
C PRO D 678 41.75 -3.78 -17.15
N LEU D 679 42.56 -2.95 -17.82
CA LEU D 679 43.76 -3.46 -18.50
C LEU D 679 44.78 -4.00 -17.50
N GLY D 680 44.98 -3.30 -16.39
CA GLY D 680 46.06 -3.67 -15.48
C GLY D 680 45.66 -4.60 -14.35
N TYR D 681 44.51 -5.27 -14.49
CA TYR D 681 44.04 -6.19 -13.46
C TYR D 681 44.62 -7.58 -13.71
N PRO D 682 45.29 -8.19 -12.74
CA PRO D 682 45.90 -9.50 -12.96
C PRO D 682 44.88 -10.58 -13.23
N PHE D 683 45.30 -11.59 -14.01
CA PHE D 683 44.44 -12.70 -14.38
C PHE D 683 43.92 -13.43 -13.15
N VAL D 684 42.65 -13.84 -13.21
CA VAL D 684 41.98 -14.45 -12.06
C VAL D 684 42.06 -15.97 -12.09
N ASN D 685 41.48 -16.58 -13.13
CA ASN D 685 41.47 -18.03 -13.29
C ASN D 685 40.73 -18.72 -12.14
N LYS D 686 39.45 -18.40 -12.00
CA LYS D 686 38.61 -19.01 -10.98
C LYS D 686 37.17 -19.04 -11.45
N GLN D 687 36.38 -19.91 -10.81
CA GLN D 687 34.94 -19.99 -11.10
C GLN D 687 34.19 -18.90 -10.36
N MET D 688 33.24 -18.27 -11.04
CA MET D 688 32.64 -17.03 -10.57
C MET D 688 31.38 -17.31 -9.75
N HIS D 689 31.59 -17.76 -8.53
CA HIS D 689 30.53 -17.73 -7.54
C HIS D 689 30.26 -16.27 -7.16
N LYS D 690 29.08 -16.02 -6.60
CA LYS D 690 28.67 -14.65 -6.30
C LYS D 690 29.62 -13.98 -5.32
N LYS D 691 30.18 -14.73 -4.37
CA LYS D 691 31.13 -14.16 -3.43
C LYS D 691 32.37 -13.64 -4.13
N VAL D 692 32.88 -14.40 -5.11
CA VAL D 692 34.07 -13.97 -5.85
C VAL D 692 33.77 -12.71 -6.65
N GLN D 693 32.60 -12.64 -7.27
CA GLN D 693 32.22 -11.43 -8.00
C GLN D 693 32.15 -10.23 -7.07
N ALA D 694 31.57 -10.41 -5.88
CA ALA D 694 31.50 -9.31 -4.92
C ALA D 694 32.88 -8.86 -4.48
N ALA D 695 33.79 -9.81 -4.26
CA ALA D 695 35.15 -9.46 -3.87
C ALA D 695 35.86 -8.66 -4.96
N ILE D 696 35.74 -9.10 -6.22
CA ILE D 696 36.37 -8.39 -7.32
C ILE D 696 35.80 -6.99 -7.44
N ILE D 697 34.48 -6.84 -7.33
CA ILE D 697 33.85 -5.53 -7.45
C ILE D 697 34.32 -4.61 -6.33
N ASN D 698 34.42 -5.13 -5.10
CA ASN D 698 34.88 -4.32 -3.99
C ASN D 698 36.32 -3.88 -4.16
N ASP D 699 37.19 -4.77 -4.63
CA ASP D 699 38.58 -4.39 -4.88
C ASP D 699 38.66 -3.29 -5.94
N LEU D 700 37.90 -3.45 -7.03
CA LEU D 700 37.88 -2.41 -8.07
C LEU D 700 37.38 -1.08 -7.52
N ALA D 701 36.35 -1.12 -6.68
CA ALA D 701 35.80 0.10 -6.12
C ALA D 701 36.80 0.80 -5.19
N GLU D 702 37.59 0.03 -4.45
CA GLU D 702 38.49 0.62 -3.47
C GLU D 702 39.84 1.01 -4.05
N ARG D 703 40.22 0.50 -5.23
CA ARG D 703 41.54 0.81 -5.77
C ARG D 703 41.55 1.57 -7.09
N TYR D 704 40.40 1.88 -7.65
CA TYR D 704 40.30 2.55 -8.95
C TYR D 704 39.32 3.70 -8.85
N PRO D 705 39.39 4.67 -9.78
CA PRO D 705 38.41 5.76 -9.80
C PRO D 705 37.00 5.23 -9.97
N MET D 706 36.02 6.11 -9.76
CA MET D 706 34.62 5.72 -9.75
C MET D 706 33.99 5.71 -11.13
N ILE D 707 34.75 6.02 -12.18
CA ILE D 707 34.21 5.96 -13.54
C ILE D 707 34.51 4.61 -14.20
N VAL D 708 35.66 4.01 -13.92
CA VAL D 708 35.96 2.71 -14.51
C VAL D 708 35.08 1.62 -13.89
N VAL D 709 34.69 1.77 -12.62
CA VAL D 709 33.79 0.79 -12.02
C VAL D 709 32.42 0.85 -12.66
N ALA D 710 31.91 2.06 -12.90
CA ALA D 710 30.63 2.22 -13.56
C ALA D 710 30.68 1.74 -15.00
N GLN D 711 31.81 1.90 -15.67
CA GLN D 711 31.95 1.35 -17.02
C GLN D 711 32.13 -0.15 -17.03
N THR D 712 32.60 -0.74 -15.93
CA THR D 712 32.86 -2.18 -15.88
C THR D 712 31.60 -2.98 -15.53
N VAL D 713 30.77 -2.46 -14.62
CA VAL D 713 29.56 -3.20 -14.28
C VAL D 713 28.62 -3.30 -15.48
N ASP D 714 28.57 -2.25 -16.30
CA ASP D 714 27.69 -2.25 -17.45
C ASP D 714 28.11 -3.27 -18.49
N LYS D 715 29.39 -3.60 -18.59
CA LYS D 715 29.83 -4.61 -19.52
C LYS D 715 29.86 -6.01 -18.92
N LEU D 716 29.87 -6.12 -17.59
CA LEU D 716 29.62 -7.42 -16.98
C LEU D 716 28.17 -7.84 -17.16
N LYS D 717 27.25 -6.89 -17.05
CA LYS D 717 25.82 -7.19 -17.20
C LYS D 717 25.50 -7.72 -18.60
N ASP D 718 26.14 -7.16 -19.63
CA ASP D 718 25.90 -7.60 -21.00
C ASP D 718 26.26 -9.07 -21.17
N ALA D 719 27.46 -9.46 -20.72
CA ALA D 719 27.90 -10.84 -20.85
C ALA D 719 27.04 -11.78 -20.03
N GLY D 720 26.64 -11.35 -18.82
CA GLY D 720 25.76 -12.18 -18.02
C GLY D 720 24.44 -12.45 -18.72
N PHE D 721 23.83 -11.42 -19.26
CA PHE D 721 22.55 -11.58 -19.96
C PHE D 721 22.71 -12.40 -21.24
N TYR D 722 23.84 -12.25 -21.94
CA TYR D 722 24.05 -13.03 -23.16
C TYR D 722 24.23 -14.51 -22.86
N TRP D 723 24.96 -14.84 -21.81
CA TRP D 723 25.26 -16.24 -21.53
C TRP D 723 24.24 -16.92 -20.63
N ALA D 724 23.28 -16.18 -20.06
CA ALA D 724 22.22 -16.84 -19.32
C ALA D 724 21.29 -17.62 -20.24
N THR D 725 21.04 -17.13 -21.46
CA THR D 725 20.09 -17.77 -22.36
C THR D 725 20.66 -18.97 -23.09
N ARG D 726 21.98 -19.18 -23.06
CA ARG D 726 22.63 -20.31 -23.72
C ARG D 726 23.20 -21.30 -22.72
N SER D 727 22.69 -21.30 -21.49
CA SER D 727 23.16 -22.21 -20.45
C SER D 727 22.23 -23.38 -20.20
N GLY D 728 21.02 -23.36 -20.77
CA GLY D 728 20.10 -24.47 -20.62
C GLY D 728 19.52 -24.67 -19.23
N VAL D 729 19.15 -23.58 -18.55
CA VAL D 729 18.45 -23.67 -17.28
C VAL D 729 16.95 -23.61 -17.57
N THR D 730 16.25 -24.70 -17.28
CA THR D 730 14.81 -24.79 -17.54
C THR D 730 14.22 -25.77 -16.55
N VAL D 731 12.91 -25.66 -16.35
CA VAL D 731 12.19 -26.46 -15.37
C VAL D 731 11.25 -27.40 -16.10
N SER D 732 11.31 -28.68 -15.75
CA SER D 732 10.37 -29.67 -16.24
C SER D 732 10.11 -30.68 -15.14
N MET D 733 9.15 -31.58 -15.38
CA MET D 733 8.85 -32.63 -14.42
C MET D 733 9.96 -33.66 -14.30
N ALA D 734 10.77 -33.83 -15.34
CA ALA D 734 11.87 -34.78 -15.31
C ALA D 734 13.12 -34.22 -14.65
N ASP D 735 13.22 -32.91 -14.45
CA ASP D 735 14.37 -32.33 -13.78
C ASP D 735 14.29 -32.44 -12.27
N VAL D 736 13.11 -32.72 -11.73
CA VAL D 736 12.91 -32.83 -10.29
C VAL D 736 12.93 -34.31 -9.95
N LEU D 737 14.03 -34.77 -9.36
CA LEU D 737 14.19 -36.17 -9.00
C LEU D 737 13.66 -36.41 -7.59
N VAL D 738 13.64 -37.67 -7.17
CA VAL D 738 13.11 -38.05 -5.86
C VAL D 738 14.11 -38.98 -5.17
N PRO D 739 14.13 -39.04 -3.84
CA PRO D 739 15.01 -39.99 -3.14
C PRO D 739 14.68 -41.43 -3.52
N PRO D 740 15.70 -42.28 -3.66
CA PRO D 740 15.43 -43.65 -4.13
C PRO D 740 14.74 -44.53 -3.11
N ARG D 741 14.95 -44.30 -1.81
CA ARG D 741 14.47 -45.21 -0.77
C ARG D 741 13.72 -44.44 0.33
N LYS D 742 12.79 -43.58 -0.09
CA LYS D 742 12.02 -42.82 0.89
C LYS D 742 11.17 -43.72 1.77
N LYS D 743 10.54 -44.74 1.17
CA LYS D 743 9.60 -45.58 1.91
C LYS D 743 10.29 -46.32 3.06
N GLU D 744 11.50 -46.83 2.81
CA GLU D 744 12.21 -47.57 3.86
C GLU D 744 12.53 -46.68 5.06
N ILE D 745 13.04 -45.48 4.79
CA ILE D 745 13.36 -44.55 5.88
C ILE D 745 12.11 -44.18 6.66
N LEU D 746 11.03 -43.88 5.94
CA LEU D 746 9.80 -43.46 6.62
C LEU D 746 9.22 -44.59 7.46
N ASP D 747 9.28 -45.83 6.97
CA ASP D 747 8.81 -46.96 7.76
C ASP D 747 9.67 -47.17 9.00
N HIS D 748 11.00 -47.08 8.83
CA HIS D 748 11.90 -47.27 9.97
C HIS D 748 11.64 -46.24 11.05
N TYR D 749 11.36 -45.00 10.66
CA TYR D 749 11.07 -43.97 11.65
C TYR D 749 9.61 -44.00 12.13
N GLU D 750 8.72 -44.70 11.43
CA GLU D 750 7.36 -44.88 11.91
C GLU D 750 7.28 -45.93 13.02
N GLU D 751 8.12 -46.96 12.94
CA GLU D 751 8.08 -48.00 13.97
C GLU D 751 8.37 -47.43 15.36
N ARG D 752 9.36 -46.54 15.45
CA ARG D 752 9.67 -45.94 16.75
C ARG D 752 8.50 -45.09 17.26
N ALA D 753 7.83 -44.38 16.35
CA ALA D 753 6.68 -43.58 16.77
C ALA D 753 5.58 -44.47 17.33
N ASP D 754 5.32 -45.62 16.70
CA ASP D 754 4.27 -46.47 17.24
C ASP D 754 4.69 -47.11 18.55
N LYS D 755 5.99 -47.37 18.73
CA LYS D 755 6.48 -47.83 20.03
C LYS D 755 6.23 -46.78 21.11
N VAL D 756 6.49 -45.51 20.81
CA VAL D 756 6.23 -44.44 21.77
C VAL D 756 4.74 -44.36 22.08
N GLU D 757 3.89 -44.54 21.07
CA GLU D 757 2.45 -44.54 21.31
C GLU D 757 2.03 -45.68 22.22
N LYS D 758 2.61 -46.87 22.02
CA LYS D 758 2.33 -48.00 22.90
C LYS D 758 2.75 -47.71 24.34
N GLN D 759 3.93 -47.12 24.51
CA GLN D 759 4.38 -46.75 25.85
C GLN D 759 3.43 -45.76 26.49
N PHE D 760 2.93 -44.78 25.72
CA PHE D 760 1.97 -43.83 26.25
C PHE D 760 0.68 -44.52 26.65
N GLN D 761 0.22 -45.48 25.85
CA GLN D 761 -1.02 -46.19 26.16
C GLN D 761 -0.88 -47.03 27.42
N ARG D 762 0.31 -47.59 27.67
CA ARG D 762 0.52 -48.38 28.87
C ARG D 762 0.75 -47.52 30.12
N GLY D 763 0.44 -46.23 30.05
CA GLY D 763 0.52 -45.36 31.22
C GLY D 763 1.93 -45.17 31.76
N ALA D 764 2.91 -44.97 30.87
CA ALA D 764 4.27 -44.71 31.29
C ALA D 764 4.74 -43.29 31.01
N LEU D 765 4.08 -42.59 30.07
CA LEU D 765 4.41 -41.21 29.74
C LEU D 765 3.14 -40.38 29.74
N ASN D 766 3.29 -39.10 30.11
CA ASN D 766 2.17 -38.16 30.07
C ASN D 766 2.09 -37.54 28.68
N HIS D 767 1.18 -36.57 28.51
CA HIS D 767 1.00 -35.95 27.20
C HIS D 767 2.25 -35.18 26.77
N ASP D 768 2.82 -34.39 27.69
CA ASP D 768 3.94 -33.54 27.34
C ASP D 768 5.14 -34.37 26.90
N GLU D 769 5.45 -35.43 27.65
CA GLU D 769 6.58 -36.28 27.30
C GLU D 769 6.33 -36.97 25.97
N ARG D 770 5.09 -37.41 25.73
CA ARG D 770 4.77 -38.08 24.48
C ARG D 770 4.97 -37.16 23.28
N ASN D 771 4.48 -35.92 23.37
CA ASN D 771 4.67 -34.98 22.27
C ASN D 771 6.14 -34.63 22.08
N GLU D 772 6.88 -34.43 23.19
CA GLU D 772 8.29 -34.10 23.08
C GLU D 772 9.09 -35.25 22.49
N ALA D 773 8.68 -36.49 22.72
CA ALA D 773 9.36 -37.63 22.12
C ALA D 773 9.01 -37.78 20.64
N LEU D 774 7.74 -37.62 20.28
CA LEU D 774 7.36 -37.73 18.87
C LEU D 774 8.02 -36.66 18.02
N VAL D 775 8.09 -35.43 18.53
CA VAL D 775 8.70 -34.34 17.78
C VAL D 775 10.18 -34.65 17.50
N GLU D 776 10.89 -35.13 18.52
CA GLU D 776 12.31 -35.43 18.34
C GLU D 776 12.52 -36.65 17.46
N ILE D 777 11.60 -37.62 17.47
CA ILE D 777 11.70 -38.75 16.55
C ILE D 777 11.55 -38.27 15.11
N TRP D 778 10.56 -37.42 14.86
CA TRP D 778 10.28 -37.00 13.49
C TRP D 778 11.22 -35.91 13.00
N LYS D 779 12.00 -35.28 13.89
CA LYS D 779 12.95 -34.27 13.45
C LYS D 779 14.25 -34.85 12.90
N GLU D 780 14.41 -36.18 12.94
CA GLU D 780 15.57 -36.83 12.34
C GLU D 780 15.28 -37.41 10.96
N ALA D 781 14.04 -37.84 10.72
CA ALA D 781 13.67 -38.34 9.40
C ALA D 781 13.84 -37.25 8.34
N THR D 782 13.54 -36.00 8.70
CA THR D 782 13.73 -34.91 7.75
C THR D 782 15.19 -34.73 7.38
N ASP D 783 16.10 -34.80 8.36
CA ASP D 783 17.52 -34.70 8.06
C ASP D 783 18.00 -35.87 7.21
N GLU D 784 17.55 -37.09 7.53
CA GLU D 784 17.97 -38.25 6.75
C GLU D 784 17.48 -38.16 5.32
N VAL D 785 16.23 -37.74 5.13
CA VAL D 785 15.68 -37.61 3.78
C VAL D 785 16.39 -36.49 3.03
N GLY D 786 16.74 -35.40 3.72
CA GLY D 786 17.50 -34.35 3.07
C GLY D 786 18.87 -34.81 2.61
N GLN D 787 19.55 -35.59 3.44
CA GLN D 787 20.85 -36.12 3.04
C GLN D 787 20.74 -37.09 1.87
N ALA D 788 19.72 -37.98 1.91
CA ALA D 788 19.52 -38.91 0.81
C ALA D 788 19.18 -38.18 -0.49
N LEU D 789 18.43 -37.08 -0.40
CA LEU D 789 18.13 -36.29 -1.58
C LEU D 789 19.38 -35.59 -2.11
N ARG D 790 20.18 -35.01 -1.21
CA ARG D 790 21.38 -34.29 -1.62
C ARG D 790 22.40 -35.22 -2.26
N GLU D 791 22.47 -36.47 -1.82
CA GLU D 791 23.45 -37.40 -2.37
C GLU D 791 23.09 -37.91 -3.76
N HIS D 792 21.91 -37.59 -4.27
CA HIS D 792 21.42 -38.15 -5.53
C HIS D 792 21.45 -37.17 -6.69
N TYR D 793 21.38 -35.88 -6.43
CA TYR D 793 21.30 -34.89 -7.51
C TYR D 793 22.67 -34.72 -8.16
N PRO D 794 22.77 -34.84 -9.48
CA PRO D 794 24.02 -34.46 -10.16
C PRO D 794 24.22 -32.95 -10.10
N ASP D 795 25.49 -32.54 -10.17
CA ASP D 795 25.83 -31.14 -9.99
C ASP D 795 25.52 -30.26 -11.20
N ASP D 796 25.05 -30.85 -12.30
CA ASP D 796 24.66 -30.07 -13.48
C ASP D 796 23.15 -29.97 -13.63
N ASN D 797 22.39 -30.33 -12.60
CA ASN D 797 20.94 -30.19 -12.67
C ASN D 797 20.53 -28.72 -12.58
N PRO D 798 19.52 -28.30 -13.34
CA PRO D 798 19.10 -26.89 -13.28
C PRO D 798 18.66 -26.45 -11.90
N ILE D 799 18.04 -27.33 -11.12
CA ILE D 799 17.60 -26.95 -9.78
C ILE D 799 18.78 -26.81 -8.82
N ILE D 800 19.88 -27.52 -9.07
CA ILE D 800 21.05 -27.44 -8.21
C ILE D 800 21.93 -26.24 -8.56
N THR D 801 22.16 -25.98 -9.84
CA THR D 801 23.05 -24.88 -10.22
C THR D 801 22.42 -23.51 -10.05
N ILE D 802 21.21 -23.35 -9.54
CA ILE D 802 20.67 -22.02 -9.29
C ILE D 802 20.91 -21.67 -7.83
N VAL D 803 20.93 -22.68 -6.96
CA VAL D 803 21.24 -22.43 -5.56
C VAL D 803 22.72 -22.62 -5.24
N ASP D 804 23.45 -23.39 -6.05
CA ASP D 804 24.88 -23.56 -5.85
C ASP D 804 25.70 -22.43 -6.44
N SER D 805 25.10 -21.63 -7.31
CA SER D 805 25.77 -20.47 -7.90
C SER D 805 25.53 -19.19 -7.12
N GLY D 806 24.70 -19.22 -6.09
CA GLY D 806 24.42 -18.04 -5.30
C GLY D 806 23.36 -17.13 -5.86
N ALA D 807 22.71 -17.50 -6.96
CA ALA D 807 21.68 -16.64 -7.55
C ALA D 807 20.50 -16.44 -6.62
N THR D 808 19.76 -17.52 -6.33
CA THR D 808 18.59 -17.46 -5.46
C THR D 808 18.35 -18.81 -4.81
N GLY D 809 17.61 -18.79 -3.70
CA GLY D 809 17.08 -20.00 -3.09
C GLY D 809 18.00 -20.63 -2.06
N ASN D 810 17.42 -21.57 -1.32
CA ASN D 810 18.10 -22.38 -0.32
C ASN D 810 18.00 -23.85 -0.71
N PHE D 811 18.45 -24.73 0.19
CA PHE D 811 18.19 -26.15 0.05
C PHE D 811 16.99 -26.63 0.86
N THR D 812 16.50 -25.82 1.80
CA THR D 812 15.26 -26.17 2.48
C THR D 812 14.10 -26.19 1.50
N GLN D 813 14.05 -25.22 0.58
CA GLN D 813 13.01 -25.21 -0.44
C GLN D 813 13.15 -26.40 -1.38
N THR D 814 14.39 -26.75 -1.73
CA THR D 814 14.60 -27.91 -2.60
C THR D 814 14.19 -29.22 -1.92
N ARG D 815 14.37 -29.30 -0.61
CA ARG D 815 13.90 -30.48 0.12
C ARG D 815 12.39 -30.49 0.25
N THR D 816 11.77 -29.32 0.42
CA THR D 816 10.31 -29.26 0.49
C THR D 816 9.68 -29.63 -0.85
N LEU D 817 10.30 -29.22 -1.95
CA LEU D 817 9.71 -29.45 -3.27
C LEU D 817 9.83 -30.91 -3.71
N ALA D 818 10.94 -31.57 -3.37
CA ALA D 818 11.21 -32.90 -3.89
C ALA D 818 11.38 -33.97 -2.82
N GLY D 819 11.42 -33.61 -1.55
CA GLY D 819 11.61 -34.58 -0.48
C GLY D 819 10.38 -34.76 0.37
N MET D 820 10.35 -34.11 1.53
CA MET D 820 9.17 -34.12 2.40
C MET D 820 9.12 -32.79 3.15
N LYS D 821 7.90 -32.30 3.38
CA LYS D 821 7.75 -30.99 4.00
C LYS D 821 8.19 -31.01 5.46
N GLY D 822 7.75 -32.01 6.22
CA GLY D 822 8.18 -32.15 7.60
C GLY D 822 7.14 -31.74 8.63
N LEU D 823 7.59 -31.13 9.72
CA LEU D 823 6.70 -30.76 10.81
C LEU D 823 6.14 -29.36 10.60
N VAL D 824 4.86 -29.19 10.93
CA VAL D 824 4.17 -27.91 10.82
C VAL D 824 3.71 -27.49 12.20
N THR D 825 3.28 -26.24 12.33
CA THR D 825 2.91 -25.66 13.61
C THR D 825 1.43 -25.31 13.62
N ASN D 826 0.83 -25.45 14.81
CA ASN D 826 -0.57 -25.14 15.04
C ASN D 826 -0.73 -23.63 15.26
N PRO D 827 -1.96 -23.12 15.29
CA PRO D 827 -2.14 -21.67 15.46
C PRO D 827 -1.53 -21.10 16.73
N LYS D 828 -1.41 -21.90 17.78
CA LYS D 828 -0.79 -21.40 19.01
C LYS D 828 0.71 -21.19 18.86
N GLY D 829 1.38 -22.05 18.10
CA GLY D 829 2.81 -21.87 17.85
C GLY D 829 3.65 -23.07 18.20
N GLU D 830 3.01 -24.21 18.46
CA GLU D 830 3.70 -25.44 18.83
C GLU D 830 3.61 -26.45 17.70
N PHE D 831 4.64 -27.29 17.58
CA PHE D 831 4.68 -28.29 16.53
C PHE D 831 3.57 -29.32 16.70
N ILE D 832 3.04 -29.78 15.59
CA ILE D 832 2.05 -30.86 15.57
C ILE D 832 2.80 -32.19 15.49
N PRO D 833 2.52 -33.14 16.39
CA PRO D 833 3.31 -34.38 16.42
C PRO D 833 3.19 -35.23 15.16
N ARG D 834 2.26 -34.93 14.26
CA ARG D 834 2.12 -35.66 13.00
C ARG D 834 2.78 -34.87 11.88
N PRO D 835 3.64 -35.47 11.08
CA PRO D 835 4.33 -34.73 10.02
C PRO D 835 3.56 -34.75 8.70
N VAL D 836 4.09 -34.01 7.73
CA VAL D 836 3.59 -33.99 6.37
C VAL D 836 4.59 -34.80 5.54
N LYS D 837 4.23 -36.03 5.19
CA LYS D 837 5.18 -36.95 4.57
C LYS D 837 5.31 -36.78 3.07
N SER D 838 4.47 -35.95 2.45
CA SER D 838 4.44 -35.81 1.00
C SER D 838 5.05 -34.48 0.58
N SER D 839 5.85 -34.53 -0.48
CA SER D 839 6.39 -33.31 -1.06
C SER D 839 5.31 -32.61 -1.88
N PHE D 840 5.63 -31.40 -2.34
CA PHE D 840 4.74 -30.72 -3.27
C PHE D 840 4.82 -31.31 -4.66
N ARG D 841 5.84 -32.12 -4.96
CA ARG D 841 5.93 -32.80 -6.24
C ARG D 841 4.98 -33.98 -6.33
N GLU D 842 4.54 -34.53 -5.20
CA GLU D 842 3.55 -35.60 -5.19
C GLU D 842 2.16 -35.12 -4.85
N GLY D 843 2.03 -33.95 -4.23
CA GLY D 843 0.74 -33.40 -3.90
C GLY D 843 0.28 -33.76 -2.51
N LEU D 844 -0.11 -32.77 -1.73
CA LEU D 844 -0.63 -33.03 -0.39
C LEU D 844 -2.07 -33.50 -0.46
N THR D 845 -2.55 -34.07 0.64
CA THR D 845 -3.93 -34.52 0.73
C THR D 845 -4.78 -33.39 1.29
N VAL D 846 -6.05 -33.66 1.61
CA VAL D 846 -6.92 -32.61 2.11
C VAL D 846 -6.51 -32.18 3.51
N LEU D 847 -6.23 -33.15 4.39
CA LEU D 847 -5.92 -32.82 5.77
C LEU D 847 -4.53 -32.21 5.90
N GLU D 848 -3.54 -32.74 5.18
CA GLU D 848 -2.21 -32.15 5.20
C GLU D 848 -2.22 -30.73 4.65
N TYR D 849 -2.95 -30.51 3.55
CA TYR D 849 -3.08 -29.17 3.01
C TYR D 849 -3.80 -28.23 3.98
N PHE D 850 -4.82 -28.71 4.69
CA PHE D 850 -5.52 -27.85 5.63
C PHE D 850 -4.62 -27.46 6.79
N ILE D 851 -3.90 -28.43 7.37
CA ILE D 851 -3.05 -28.10 8.52
C ILE D 851 -1.77 -27.41 8.11
N ASN D 852 -1.44 -27.38 6.83
CA ASN D 852 -0.31 -26.58 6.35
C ASN D 852 -0.61 -25.09 6.33
N THR D 853 -1.89 -24.70 6.34
CA THR D 853 -2.28 -23.30 6.21
C THR D 853 -2.28 -22.55 7.52
N HIS D 854 -2.09 -23.24 8.65
CA HIS D 854 -2.09 -22.55 9.95
C HIS D 854 -0.90 -21.61 10.07
N GLY D 855 0.28 -22.05 9.63
CA GLY D 855 1.48 -21.26 9.76
C GLY D 855 1.77 -20.36 8.59
N ALA D 856 1.10 -20.61 7.46
CA ALA D 856 1.26 -19.77 6.29
C ALA D 856 0.45 -18.50 6.34
N ARG D 857 -0.51 -18.40 7.26
CA ARG D 857 -1.29 -17.19 7.45
C ARG D 857 -0.74 -16.30 8.55
N LYS D 858 -0.06 -16.87 9.55
CA LYS D 858 0.51 -16.06 10.63
C LYS D 858 1.60 -15.13 10.11
N GLY D 859 2.45 -15.60 9.21
CA GLY D 859 3.47 -14.74 8.64
C GLY D 859 2.87 -13.60 7.82
N LEU D 860 1.88 -13.92 6.99
CA LEU D 860 1.22 -12.89 6.19
C LEU D 860 0.48 -11.89 7.06
N ALA D 861 0.00 -12.32 8.22
CA ALA D 861 -0.72 -11.43 9.12
C ALA D 861 0.19 -10.59 10.00
N ASP D 862 1.39 -11.07 10.33
CA ASP D 862 2.29 -10.28 11.17
C ASP D 862 3.26 -9.43 10.37
N THR D 863 3.45 -9.71 9.08
CA THR D 863 4.25 -8.80 8.25
C THR D 863 3.62 -7.41 8.20
N ALA D 864 2.30 -7.35 8.05
CA ALA D 864 1.63 -6.06 7.97
C ALA D 864 1.73 -5.28 9.27
N LEU D 865 1.76 -5.97 10.41
CA LEU D 865 1.96 -5.29 11.68
C LEU D 865 3.40 -4.82 11.84
N ARG D 866 4.36 -5.62 11.36
CA ARG D 866 5.76 -5.21 11.44
C ARG D 866 6.02 -3.96 10.63
N THR D 867 5.39 -3.85 9.45
CA THR D 867 5.62 -2.68 8.61
C THR D 867 5.16 -1.40 9.29
N ALA D 868 4.08 -1.45 10.06
CA ALA D 868 3.60 -0.28 10.79
C ALA D 868 4.30 -0.11 12.13
N ASP D 869 4.96 -1.14 12.65
CA ASP D 869 5.75 -1.00 13.87
C ASP D 869 7.14 -0.43 13.61
N SER D 870 7.67 -0.59 12.40
CA SER D 870 9.01 -0.08 12.10
C SER D 870 9.02 1.38 11.68
N GLY D 871 7.96 1.85 11.00
CA GLY D 871 7.93 3.24 10.57
C GLY D 871 7.89 4.21 11.73
N TYR D 872 7.15 3.86 12.79
CA TYR D 872 7.11 4.70 13.98
C TYR D 872 8.49 4.78 14.63
N LEU D 873 9.22 3.67 14.68
CA LEU D 873 10.58 3.69 15.23
C LEU D 873 11.49 4.57 14.40
N THR D 874 11.40 4.48 13.08
CA THR D 874 12.24 5.34 12.23
C THR D 874 11.91 6.81 12.44
N ARG D 875 10.63 7.15 12.52
CA ARG D 875 10.24 8.55 12.73
C ARG D 875 10.70 9.06 14.09
N ARG D 876 10.70 8.19 15.11
CA ARG D 876 11.17 8.62 16.42
C ARG D 876 12.69 8.75 16.46
N LEU D 877 13.41 7.91 15.72
CA LEU D 877 14.86 8.00 15.69
C LEU D 877 15.35 9.22 14.92
N VAL D 878 14.63 9.61 13.87
CA VAL D 878 15.08 10.75 13.06
C VAL D 878 15.07 12.04 13.88
N ASP D 879 14.05 12.22 14.72
CA ASP D 879 13.86 13.50 15.39
C ASP D 879 14.91 13.78 16.45
N VAL D 880 15.34 12.74 17.19
CA VAL D 880 16.31 12.96 18.25
C VAL D 880 17.69 13.29 17.66
N SER D 881 18.12 12.53 16.65
CA SER D 881 19.40 12.76 16.00
C SER D 881 19.21 13.52 14.68
N GLN D 882 18.73 14.75 14.79
CA GLN D 882 18.59 15.63 13.63
C GLN D 882 19.47 16.86 13.73
N ASP D 883 20.21 17.02 14.82
CA ASP D 883 21.05 18.19 15.02
C ASP D 883 22.53 17.84 15.05
N VAL D 884 22.91 16.64 14.60
CA VAL D 884 24.31 16.22 14.57
C VAL D 884 24.82 16.43 13.16
N ILE D 885 25.78 17.34 13.02
CA ILE D 885 26.37 17.70 11.73
C ILE D 885 27.86 17.90 11.92
N VAL D 886 28.65 17.45 10.95
CA VAL D 886 30.10 17.67 11.02
C VAL D 886 30.37 19.16 10.93
N ARG D 887 31.03 19.71 11.95
CA ARG D 887 31.24 21.14 12.05
C ARG D 887 32.68 21.58 11.90
N GLU D 888 33.66 20.78 12.34
CA GLU D 888 35.05 21.15 12.16
C GLU D 888 35.87 19.98 11.66
N HIS D 889 37.20 20.13 11.65
CA HIS D 889 38.10 19.11 11.13
C HIS D 889 38.80 18.31 12.21
N ASP D 890 39.07 18.90 13.37
CA ASP D 890 39.78 18.21 14.43
C ASP D 890 39.61 18.99 15.72
N CYS D 891 39.22 18.29 16.79
CA CYS D 891 39.11 18.89 18.12
C CYS D 891 40.35 18.70 18.96
N GLN D 892 41.33 17.94 18.46
CA GLN D 892 42.61 17.71 19.15
C GLN D 892 42.41 17.12 20.54
N THR D 893 41.44 16.23 20.67
CA THR D 893 41.17 15.58 21.94
C THR D 893 42.09 14.37 22.11
N GLU D 894 42.16 13.87 23.35
CA GLU D 894 43.02 12.75 23.67
C GLU D 894 42.27 11.52 24.17
N ARG D 895 40.96 11.62 24.39
CA ARG D 895 40.20 10.48 24.86
C ARG D 895 39.90 9.52 23.71
N GLY D 896 39.35 8.37 24.06
CA GLY D 896 39.02 7.37 23.08
C GLY D 896 38.37 6.17 23.72
N ILE D 897 38.18 5.12 22.93
CA ILE D 897 37.60 3.86 23.38
C ILE D 897 38.53 2.74 23.00
N VAL D 898 38.34 1.59 23.64
CA VAL D 898 39.21 0.43 23.45
C VAL D 898 38.48 -0.60 22.60
N VAL D 899 39.19 -1.16 21.61
CA VAL D 899 38.63 -2.13 20.68
C VAL D 899 39.37 -3.45 20.84
N GLU D 900 38.61 -4.54 20.82
CA GLU D 900 39.16 -5.85 21.19
C GLU D 900 40.20 -6.32 20.19
N LEU D 901 39.81 -6.49 18.93
CA LEU D 901 40.72 -6.85 17.83
C LEU D 901 41.46 -8.15 18.12
N ALA D 902 40.67 -9.24 18.11
CA ALA D 902 41.17 -10.61 18.13
C ALA D 902 41.72 -11.03 19.49
N GLU D 903 41.74 -12.33 19.75
CA GLU D 903 42.22 -12.89 21.00
C GLU D 903 43.07 -14.13 20.70
N ARG D 904 43.93 -14.47 21.66
CA ARG D 904 44.90 -15.55 21.48
C ARG D 904 44.42 -16.84 22.13
N ALA D 905 44.75 -17.96 21.48
CA ALA D 905 44.51 -19.31 21.96
C ALA D 905 45.59 -19.73 22.93
N PRO D 906 45.33 -20.74 23.77
CA PRO D 906 46.37 -21.21 24.70
C PRO D 906 47.66 -21.64 24.00
N ASP D 907 47.57 -22.22 22.81
CA ASP D 907 48.77 -22.65 22.09
C ASP D 907 49.64 -21.47 21.70
N GLY D 908 49.03 -20.36 21.29
CA GLY D 908 49.79 -19.19 20.91
C GLY D 908 49.51 -18.72 19.50
N THR D 909 48.33 -19.07 18.97
CA THR D 909 47.90 -18.64 17.65
C THR D 909 46.69 -17.74 17.79
N LEU D 910 46.74 -16.58 17.15
CA LEU D 910 45.68 -15.59 17.28
C LEU D 910 44.43 -16.02 16.53
N ILE D 911 43.26 -15.71 17.11
CA ILE D 911 41.98 -15.94 16.49
C ILE D 911 41.37 -14.59 16.16
N ARG D 912 41.16 -14.34 14.86
CA ARG D 912 40.58 -13.07 14.44
C ARG D 912 39.19 -12.90 15.03
N ASP D 913 38.89 -11.69 15.47
CA ASP D 913 37.60 -11.41 16.07
C ASP D 913 36.49 -11.60 15.05
N PRO D 914 35.44 -12.36 15.37
CA PRO D 914 34.37 -12.57 14.38
C PRO D 914 33.69 -11.29 13.96
N TYR D 915 33.61 -10.30 14.84
CA TYR D 915 32.98 -9.01 14.55
C TYR D 915 34.06 -7.94 14.59
N ILE D 916 34.77 -7.79 13.47
CA ILE D 916 35.84 -6.81 13.36
C ILE D 916 35.64 -5.87 12.19
N GLU D 917 34.81 -6.22 11.21
CA GLU D 917 34.54 -5.32 10.10
C GLU D 917 33.64 -4.18 10.52
N THR D 918 32.78 -4.39 11.52
CA THR D 918 31.82 -3.39 11.95
C THR D 918 32.17 -2.78 13.30
N SER D 919 33.39 -3.01 13.79
CA SER D 919 33.80 -2.41 15.05
C SER D 919 35.18 -1.79 15.05
N ALA D 920 36.10 -2.19 14.16
CA ALA D 920 37.46 -1.70 14.21
C ALA D 920 37.89 -1.13 12.87
N TYR D 921 37.32 -1.63 11.78
CA TYR D 921 37.62 -1.08 10.47
C TYR D 921 37.04 0.32 10.33
N ALA D 922 37.73 1.16 9.56
CA ALA D 922 37.29 2.53 9.26
C ALA D 922 37.18 3.37 10.54
N ARG D 923 38.31 3.51 11.21
CA ARG D 923 38.39 4.30 12.44
C ARG D 923 39.75 4.99 12.49
N THR D 924 39.84 6.00 13.35
CA THR D 924 41.06 6.77 13.51
C THR D 924 41.69 6.46 14.86
N LEU D 925 42.99 6.19 14.87
CA LEU D 925 43.69 5.86 16.11
C LEU D 925 43.84 7.08 17.01
N GLY D 926 43.91 6.82 18.31
CA GLY D 926 44.08 7.87 19.29
C GLY D 926 45.47 7.90 19.88
N THR D 927 46.10 6.73 20.03
CA THR D 927 47.47 6.62 20.50
C THR D 927 48.23 5.66 19.60
N ASP D 928 49.53 5.86 19.51
CA ASP D 928 50.37 5.02 18.66
C ASP D 928 50.38 3.59 19.15
N ALA D 929 50.48 2.65 18.21
CA ALA D 929 50.50 1.23 18.53
C ALA D 929 51.94 0.77 18.69
N VAL D 930 52.34 0.47 19.92
CA VAL D 930 53.67 -0.01 20.23
C VAL D 930 53.61 -1.50 20.52
N ASP D 931 54.76 -2.15 20.48
CA ASP D 931 54.83 -3.60 20.69
C ASP D 931 56.19 -3.96 21.26
N GLU D 932 56.18 -4.84 22.26
CA GLU D 932 57.36 -5.37 22.96
C GLU D 932 58.46 -4.32 23.12
N ALA D 933 58.04 -3.14 23.58
CA ALA D 933 58.95 -2.02 23.85
C ALA D 933 59.82 -1.70 22.63
N GLY D 934 59.22 -1.84 21.45
CA GLY D 934 59.96 -1.62 20.22
C GLY D 934 59.51 -0.39 19.46
N ASN D 935 59.60 -0.44 18.13
CA ASN D 935 59.24 0.69 17.29
C ASN D 935 57.72 0.77 17.19
N VAL D 936 57.23 1.67 16.33
CA VAL D 936 55.81 1.87 16.11
C VAL D 936 55.46 1.39 14.71
N ILE D 937 54.32 0.72 14.59
CA ILE D 937 53.90 0.20 13.30
C ILE D 937 52.99 1.19 12.58
N VAL D 938 52.02 1.75 13.30
CA VAL D 938 51.17 2.82 12.77
C VAL D 938 51.19 3.98 13.76
N GLU D 939 50.86 5.16 13.25
CA GLU D 939 50.94 6.39 14.01
C GLU D 939 49.55 6.94 14.31
N ARG D 940 49.51 7.88 15.26
CA ARG D 940 48.26 8.53 15.64
C ARG D 940 47.66 9.27 14.45
N GLY D 941 46.36 9.08 14.24
CA GLY D 941 45.66 9.78 13.18
C GLY D 941 45.71 9.07 11.84
N GLN D 942 45.55 7.75 11.84
CA GLN D 942 45.58 6.95 10.63
C GLN D 942 44.36 6.06 10.56
N ASP D 943 43.78 5.97 9.37
CA ASP D 943 42.63 5.09 9.17
C ASP D 943 43.05 3.63 9.29
N LEU D 944 42.09 2.79 9.68
CA LEU D 944 42.35 1.37 9.90
C LEU D 944 41.74 0.58 8.74
N GLY D 945 42.52 0.41 7.68
CA GLY D 945 42.16 -0.47 6.59
C GLY D 945 42.60 -1.89 6.87
N ASP D 946 42.50 -2.73 5.84
CA ASP D 946 42.98 -4.10 6.02
C ASP D 946 44.51 -4.22 6.06
N PRO D 947 45.31 -3.39 5.34
CA PRO D 947 46.77 -3.51 5.53
C PRO D 947 47.21 -3.17 6.95
N GLU D 948 46.66 -2.09 7.51
CA GLU D 948 46.98 -1.74 8.88
C GLU D 948 46.54 -2.83 9.85
N ILE D 949 45.37 -3.41 9.62
CA ILE D 949 44.86 -4.44 10.53
C ILE D 949 45.77 -5.66 10.51
N ASP D 950 46.16 -6.12 9.32
CA ASP D 950 47.02 -7.30 9.26
C ASP D 950 48.42 -6.99 9.78
N ALA D 951 48.92 -5.78 9.56
CA ALA D 951 50.22 -5.41 10.12
C ALA D 951 50.19 -5.40 11.64
N LEU D 952 49.09 -4.89 12.21
CA LEU D 952 48.94 -4.94 13.66
C LEU D 952 48.86 -6.38 14.16
N LEU D 953 48.11 -7.23 13.46
CA LEU D 953 47.90 -8.58 13.93
C LEU D 953 49.15 -9.43 13.81
N ALA D 954 49.99 -9.20 12.80
CA ALA D 954 51.20 -9.96 12.60
C ALA D 954 52.37 -9.44 13.42
N ALA D 955 52.09 -8.70 14.51
CA ALA D 955 53.13 -8.22 15.40
C ALA D 955 52.81 -8.45 16.87
N GLY D 956 51.69 -9.10 17.19
CA GLY D 956 51.34 -9.40 18.56
C GLY D 956 50.68 -8.26 19.30
N ILE D 957 49.66 -7.66 18.69
CA ILE D 957 48.91 -6.57 19.28
C ILE D 957 47.44 -6.93 19.25
N THR D 958 46.76 -6.81 20.39
CA THR D 958 45.33 -7.04 20.47
C THR D 958 44.56 -5.78 20.80
N GLN D 959 44.85 -5.13 21.93
CA GLN D 959 44.11 -3.95 22.33
C GLN D 959 44.58 -2.73 21.53
N VAL D 960 43.63 -1.98 21.01
CA VAL D 960 43.90 -0.73 20.30
C VAL D 960 42.94 0.34 20.82
N LYS D 961 43.35 1.60 20.70
CA LYS D 961 42.54 2.72 21.13
C LYS D 961 42.20 3.58 19.91
N VAL D 962 40.90 3.75 19.66
CA VAL D 962 40.43 4.48 18.50
C VAL D 962 39.74 5.76 18.97
N ARG D 963 39.36 6.60 18.01
CA ARG D 963 38.63 7.83 18.27
C ARG D 963 37.19 7.65 17.82
N SER D 964 36.26 7.92 18.74
CA SER D 964 34.84 7.68 18.49
C SER D 964 34.04 8.94 18.76
N VAL D 965 32.85 8.98 18.18
CA VAL D 965 31.96 10.12 18.32
C VAL D 965 31.46 10.28 19.75
N LEU D 966 31.48 9.20 20.53
CA LEU D 966 30.98 9.27 21.91
C LEU D 966 31.84 10.17 22.80
N THR D 967 33.09 10.43 22.41
CA THR D 967 34.03 11.17 23.24
C THR D 967 34.62 12.35 22.47
N CYS D 968 33.76 13.09 21.78
CA CYS D 968 34.20 14.28 21.06
C CYS D 968 34.10 15.50 21.97
N ALA D 969 35.03 16.44 21.76
CA ALA D 969 35.09 17.66 22.56
C ALA D 969 34.40 18.85 21.91
N THR D 970 33.84 18.68 20.71
CA THR D 970 33.21 19.79 20.02
C THR D 970 31.91 20.18 20.72
N SER D 971 31.68 21.48 20.84
CA SER D 971 30.50 21.97 21.55
C SER D 971 29.22 21.58 20.84
N THR D 972 29.05 22.02 19.59
CA THR D 972 27.86 21.73 18.80
C THR D 972 28.23 20.82 17.64
N GLY D 973 27.52 19.70 17.53
CA GLY D 973 27.86 18.76 16.49
C GLY D 973 29.12 17.99 16.83
N VAL D 974 29.72 17.41 15.79
CA VAL D 974 30.91 16.58 15.91
C VAL D 974 31.95 17.06 14.91
N CYS D 975 33.17 16.55 15.07
CA CYS D 975 34.26 16.84 14.16
C CYS D 975 34.52 15.65 13.26
N ALA D 976 35.25 15.91 12.17
CA ALA D 976 35.41 14.90 11.13
C ALA D 976 36.34 13.77 11.56
N THR D 977 37.40 14.09 12.31
CA THR D 977 38.36 13.06 12.69
C THR D 977 37.75 12.05 13.65
N CYS D 978 36.93 12.51 14.60
CA CYS D 978 36.30 11.59 15.53
C CYS D 978 35.31 10.66 14.83
N TYR D 979 34.53 11.18 13.89
CA TYR D 979 33.58 10.34 13.17
C TYR D 979 34.31 9.27 12.36
N GLY D 980 35.33 9.66 11.61
CA GLY D 980 36.14 8.70 10.89
C GLY D 980 36.05 8.80 9.39
N ARG D 981 35.69 7.70 8.74
CA ARG D 981 35.60 7.64 7.29
C ARG D 981 34.15 7.44 6.88
N SER D 982 33.74 8.12 5.81
CA SER D 982 32.39 7.96 5.28
C SER D 982 32.29 6.65 4.49
N MET D 983 31.29 5.85 4.82
CA MET D 983 31.15 4.53 4.20
C MET D 983 30.79 4.59 2.73
N ALA D 984 30.08 5.63 2.30
CA ALA D 984 29.60 5.69 0.92
C ALA D 984 30.71 6.04 -0.06
N THR D 985 31.69 6.85 0.34
CA THR D 985 32.74 7.28 -0.56
C THR D 985 34.11 6.70 -0.25
N GLY D 986 34.38 6.29 0.98
CA GLY D 986 35.63 5.65 1.31
C GLY D 986 36.76 6.56 1.72
N LYS D 987 36.48 7.84 1.98
CA LYS D 987 37.49 8.78 2.48
C LYS D 987 36.94 9.46 3.72
N LEU D 988 37.69 10.43 4.24
CA LEU D 988 37.26 11.17 5.42
C LEU D 988 36.01 11.99 5.10
N VAL D 989 35.31 12.39 6.16
CA VAL D 989 34.01 13.03 5.99
C VAL D 989 34.20 14.49 5.56
N ASP D 990 33.13 15.07 5.03
CA ASP D 990 33.13 16.43 4.51
C ASP D 990 32.47 17.35 5.54
N ILE D 991 33.08 18.52 5.76
CA ILE D 991 32.55 19.47 6.73
C ILE D 991 31.19 19.97 6.24
N GLY D 992 30.15 19.65 7.00
CA GLY D 992 28.79 20.01 6.64
C GLY D 992 27.87 18.84 6.38
N GLU D 993 28.35 17.61 6.42
CA GLU D 993 27.50 16.45 6.15
C GLU D 993 26.58 16.19 7.34
N ALA D 994 25.37 15.74 7.04
CA ALA D 994 24.36 15.46 8.06
C ALA D 994 24.45 14.00 8.44
N VAL D 995 25.21 13.70 9.50
CA VAL D 995 25.46 12.32 9.90
C VAL D 995 24.42 11.80 10.89
N GLY D 996 23.47 12.62 11.31
CA GLY D 996 22.45 12.16 12.23
C GLY D 996 21.25 11.54 11.53
N ILE D 997 21.08 11.85 10.25
CA ILE D 997 19.97 11.28 9.49
C ILE D 997 20.38 10.00 8.78
N VAL D 998 21.63 9.94 8.32
CA VAL D 998 22.13 8.70 7.72
C VAL D 998 22.09 7.57 8.74
N ALA D 999 22.47 7.85 9.98
CA ALA D 999 22.44 6.82 11.02
C ALA D 999 21.02 6.34 11.28
N ALA D 1000 20.08 7.27 11.39
CA ALA D 1000 18.69 6.89 11.65
C ALA D 1000 18.12 6.05 10.51
N GLN D 1001 18.37 6.47 9.27
CA GLN D 1001 17.88 5.72 8.12
C GLN D 1001 18.53 4.33 8.04
N SER D 1002 19.83 4.25 8.32
CA SER D 1002 20.53 2.97 8.28
C SER D 1002 20.03 2.01 9.35
N ILE D 1003 19.73 2.53 10.53
CA ILE D 1003 19.19 1.66 11.58
C ILE D 1003 17.77 1.23 11.25
N GLY D 1004 16.96 2.14 10.71
CA GLY D 1004 15.55 1.85 10.51
C GLY D 1004 15.19 1.09 9.25
N GLU D 1005 16.04 1.15 8.22
CA GLU D 1005 15.70 0.50 6.96
C GLU D 1005 15.58 -1.03 7.07
N PRO D 1006 16.54 -1.77 7.71
CA PRO D 1006 16.38 -3.22 7.86
C PRO D 1006 15.47 -3.62 9.02
N GLY D 1007 14.32 -2.96 9.12
CA GLY D 1007 13.40 -3.23 10.20
C GLY D 1007 12.29 -4.18 9.83
N THR D 1008 12.09 -4.41 8.54
CA THR D 1008 11.04 -5.29 8.06
C THR D 1008 11.53 -6.72 7.84
N GLN D 1009 12.77 -7.03 8.21
CA GLN D 1009 13.29 -8.39 8.16
C GLN D 1009 13.81 -8.84 9.52
N LEU D 1010 13.17 -8.40 10.59
CA LEU D 1010 13.54 -8.76 11.95
C LEU D 1010 12.39 -9.56 12.55
N THR D 1011 12.42 -10.88 12.35
CA THR D 1011 11.39 -11.76 12.88
C THR D 1011 11.64 -12.07 14.35
N MET D 1012 10.57 -12.08 15.14
CA MET D 1012 10.68 -12.34 16.56
C MET D 1012 11.05 -13.80 16.84
N ARG D 1013 11.74 -14.01 17.95
CA ARG D 1013 12.11 -15.37 18.35
C ARG D 1013 10.86 -16.15 18.73
N THR D 1014 10.63 -17.27 18.04
CA THR D 1014 9.44 -18.08 18.27
C THR D 1014 9.64 -19.07 19.41
N ASP D 1023 9.42 -14.00 30.30
CA ASP D 1023 9.92 -14.33 28.98
C ASP D 1023 10.58 -13.12 28.34
N ILE D 1024 11.91 -13.18 28.19
CA ILE D 1024 12.66 -12.08 27.61
C ILE D 1024 12.27 -11.92 26.13
N THR D 1025 12.36 -10.69 25.64
CA THR D 1025 11.87 -10.34 24.32
C THR D 1025 12.99 -10.44 23.28
N GLY D 1026 12.60 -10.29 22.02
CA GLY D 1026 13.54 -10.32 20.92
C GLY D 1026 12.96 -9.61 19.72
N GLY D 1027 13.84 -9.21 18.81
CA GLY D 1027 13.40 -8.53 17.60
C GLY D 1027 13.03 -7.08 17.84
N LEU D 1028 12.04 -6.62 17.08
CA LEU D 1028 11.64 -5.22 17.14
C LEU D 1028 11.19 -4.76 18.53
N PRO D 1029 10.40 -5.51 19.30
CA PRO D 1029 10.12 -5.08 20.67
C PRO D 1029 11.38 -4.93 21.52
N ARG D 1030 12.38 -5.79 21.32
CA ARG D 1030 13.63 -5.65 22.04
C ARG D 1030 14.36 -4.37 21.65
N VAL D 1031 14.39 -4.06 20.36
CA VAL D 1031 15.03 -2.82 19.91
C VAL D 1031 14.31 -1.61 20.50
N GLN D 1032 12.97 -1.66 20.52
CA GLN D 1032 12.20 -0.54 21.06
C GLN D 1032 12.48 -0.35 22.55
N GLU D 1033 12.48 -1.45 23.32
CA GLU D 1033 12.71 -1.33 24.75
C GLU D 1033 14.16 -0.94 25.06
N LEU D 1034 15.10 -1.23 24.16
CA LEU D 1034 16.47 -0.79 24.36
C LEU D 1034 16.64 0.69 24.05
N PHE D 1035 15.96 1.18 23.01
CA PHE D 1035 16.15 2.58 22.61
C PHE D 1035 15.31 3.54 23.44
N GLU D 1036 14.19 3.08 24.01
CA GLU D 1036 13.39 3.94 24.85
C GLU D 1036 13.78 3.86 26.32
N ALA D 1037 14.77 3.02 26.66
CA ALA D 1037 15.36 2.96 28.00
C ALA D 1037 14.30 2.79 29.08
N ARG D 1038 13.51 1.73 28.94
CA ARG D 1038 12.49 1.38 29.91
C ARG D 1038 12.86 0.09 30.61
N VAL D 1039 12.21 -0.16 31.74
CA VAL D 1039 12.52 -1.34 32.56
C VAL D 1039 12.15 -2.60 31.80
N PRO D 1040 13.07 -3.55 31.64
CA PRO D 1040 12.74 -4.76 30.87
C PRO D 1040 11.79 -5.65 31.64
N ARG D 1041 11.24 -6.64 30.92
CA ARG D 1041 10.34 -7.60 31.55
C ARG D 1041 11.13 -8.60 32.39
N GLY D 1042 12.02 -9.36 31.77
CA GLY D 1042 12.86 -10.28 32.50
C GLY D 1042 14.09 -9.63 33.06
N LYS D 1043 13.91 -8.76 34.06
CA LYS D 1043 15.03 -8.02 34.63
C LYS D 1043 15.92 -8.95 35.45
N ALA D 1044 17.23 -8.84 35.22
CA ALA D 1044 18.22 -9.66 35.93
C ALA D 1044 19.04 -8.78 36.85
N PRO D 1045 18.99 -8.99 38.18
CA PRO D 1045 19.74 -8.12 39.09
C PRO D 1045 21.24 -8.24 38.87
N ILE D 1046 21.94 -7.12 39.13
CA ILE D 1046 23.39 -7.07 39.04
C ILE D 1046 23.96 -6.90 40.44
N ALA D 1047 25.22 -7.29 40.60
CA ALA D 1047 25.86 -7.23 41.90
C ALA D 1047 26.13 -5.78 42.28
N ASP D 1048 25.76 -5.41 43.51
CA ASP D 1048 25.98 -4.04 43.97
C ASP D 1048 27.39 -3.85 44.50
N VAL D 1049 27.84 -4.73 45.40
CA VAL D 1049 29.14 -4.63 46.04
C VAL D 1049 29.92 -5.91 45.76
N THR D 1050 31.19 -5.75 45.39
CA THR D 1050 32.06 -6.91 45.22
C THR D 1050 32.24 -7.62 46.56
N GLY D 1051 32.02 -8.93 46.56
CA GLY D 1051 32.13 -9.68 47.79
C GLY D 1051 31.97 -11.17 47.58
N ARG D 1052 31.63 -11.85 48.68
CA ARG D 1052 31.43 -13.30 48.69
C ARG D 1052 29.93 -13.56 48.75
N VAL D 1053 29.42 -14.32 47.79
CA VAL D 1053 27.99 -14.55 47.67
C VAL D 1053 27.58 -15.61 48.69
N ARG D 1054 26.52 -15.33 49.43
CA ARG D 1054 25.91 -16.28 50.36
C ARG D 1054 24.52 -16.63 49.82
N LEU D 1055 24.45 -17.73 49.08
CA LEU D 1055 23.19 -18.15 48.45
C LEU D 1055 22.42 -18.99 49.44
N GLU D 1056 21.40 -18.39 50.06
CA GLU D 1056 20.48 -19.11 50.94
C GLU D 1056 19.23 -19.42 50.14
N ASP D 1057 19.16 -20.65 49.62
CA ASP D 1057 18.02 -21.05 48.81
C ASP D 1057 16.74 -21.07 49.65
N GLY D 1058 15.63 -20.76 49.00
CA GLY D 1058 14.33 -20.76 49.66
C GLY D 1058 13.36 -21.71 49.01
N GLU D 1059 12.07 -21.59 49.36
CA GLU D 1059 11.06 -22.46 48.78
C GLU D 1059 10.86 -22.15 47.30
N ARG D 1060 10.42 -20.92 47.00
CA ARG D 1060 10.26 -20.47 45.61
C ARG D 1060 10.99 -19.15 45.37
N PHE D 1061 11.92 -18.79 46.25
CA PHE D 1061 12.62 -17.51 46.14
C PHE D 1061 14.07 -17.71 46.51
N TYR D 1062 14.98 -17.52 45.54
CA TYR D 1062 16.39 -17.44 45.87
C TYR D 1062 16.65 -16.20 46.71
N LYS D 1063 17.39 -16.38 47.81
CA LYS D 1063 17.79 -15.28 48.67
C LYS D 1063 19.31 -15.32 48.81
N ILE D 1064 19.96 -14.23 48.42
CA ILE D 1064 21.41 -14.10 48.48
C ILE D 1064 21.75 -12.76 49.11
N THR D 1065 22.65 -12.77 50.09
CA THR D 1065 23.03 -11.56 50.80
C THR D 1065 24.35 -10.96 50.33
N ILE D 1066 25.07 -11.66 49.44
CA ILE D 1066 26.41 -11.31 48.93
C ILE D 1066 27.23 -10.57 49.98
N VAL D 1067 27.99 -11.34 50.77
CA VAL D 1067 28.77 -10.75 51.86
C VAL D 1067 29.81 -9.80 51.30
N PRO D 1068 29.85 -8.54 51.74
CA PRO D 1068 30.86 -7.61 51.22
C PRO D 1068 32.27 -8.05 51.57
N ASP D 1069 33.20 -7.72 50.70
CA ASP D 1069 34.61 -8.07 50.87
C ASP D 1069 35.41 -6.96 51.54
N ASP D 1070 34.73 -5.97 52.13
CA ASP D 1070 35.43 -4.88 52.81
C ASP D 1070 34.92 -4.73 54.24
N GLY D 1071 33.62 -4.96 54.44
CA GLY D 1071 33.04 -4.83 55.76
C GLY D 1071 31.72 -4.08 55.77
N GLY D 1072 31.19 -3.77 54.59
CA GLY D 1072 29.95 -3.05 54.48
C GLY D 1072 28.75 -3.89 54.84
N GLU D 1073 27.59 -3.26 54.78
CA GLU D 1073 26.34 -3.93 55.12
C GLU D 1073 25.94 -4.92 54.03
N GLU D 1074 25.12 -5.89 54.41
CA GLU D 1074 24.70 -6.93 53.48
C GLU D 1074 23.61 -6.40 52.57
N VAL D 1075 23.93 -6.24 51.29
CA VAL D 1075 22.95 -5.86 50.27
C VAL D 1075 22.23 -7.15 49.87
N VAL D 1076 20.92 -7.18 50.11
CA VAL D 1076 20.14 -8.40 49.93
C VAL D 1076 19.10 -8.16 48.85
N TYR D 1077 19.11 -9.01 47.82
CA TYR D 1077 18.05 -9.05 46.84
C TYR D 1077 17.08 -10.16 47.25
N ASP D 1078 15.84 -9.78 47.56
CA ASP D 1078 14.84 -10.71 48.05
C ASP D 1078 13.68 -10.82 47.07
N LYS D 1079 12.79 -11.76 47.35
CA LYS D 1079 11.58 -11.98 46.54
C LYS D 1079 11.93 -12.24 45.08
N ILE D 1080 12.98 -13.02 44.85
CA ILE D 1080 13.41 -13.38 43.50
C ILE D 1080 12.74 -14.71 43.16
N SER D 1081 11.70 -14.66 42.34
CA SER D 1081 10.92 -15.86 42.05
C SER D 1081 11.72 -16.85 41.22
N LYS D 1082 11.22 -18.09 41.18
CA LYS D 1082 11.85 -19.18 40.44
C LYS D 1082 11.31 -19.26 39.01
N ARG D 1083 11.34 -18.15 38.29
CA ARG D 1083 10.81 -18.11 36.93
C ARG D 1083 11.89 -18.24 35.87
N GLN D 1084 13.15 -18.39 36.26
CA GLN D 1084 14.24 -18.45 35.30
C GLN D 1084 15.43 -19.13 35.95
N ARG D 1085 16.34 -19.61 35.10
CA ARG D 1085 17.52 -20.33 35.56
C ARG D 1085 18.55 -19.35 36.12
N LEU D 1086 19.69 -19.88 36.54
CA LEU D 1086 20.76 -19.09 37.12
C LEU D 1086 21.76 -18.68 36.04
N ARG D 1087 22.75 -17.90 36.43
CA ARG D 1087 23.73 -17.35 35.50
C ARG D 1087 24.96 -18.25 35.45
N VAL D 1088 25.41 -18.56 34.24
CA VAL D 1088 26.59 -19.40 34.03
C VAL D 1088 27.74 -18.43 33.77
N PHE D 1089 28.56 -18.20 34.80
CA PHE D 1089 29.67 -17.27 34.73
C PHE D 1089 31.01 -17.98 34.96
N LYS D 1090 32.09 -17.28 34.63
CA LYS D 1090 33.43 -17.83 34.71
C LYS D 1090 34.18 -17.17 35.86
N HIS D 1091 34.84 -18.00 36.67
CA HIS D 1091 35.59 -17.57 37.85
C HIS D 1091 37.05 -18.01 37.72
N GLU D 1092 37.79 -17.89 38.82
CA GLU D 1092 39.19 -18.29 38.84
C GLU D 1092 39.39 -19.75 38.43
N ASP D 1093 38.36 -20.59 38.60
CA ASP D 1093 38.44 -21.96 38.12
C ASP D 1093 38.59 -22.04 36.61
N GLY D 1094 38.28 -20.97 35.89
CA GLY D 1094 38.41 -20.97 34.45
C GLY D 1094 37.39 -21.82 33.73
N SER D 1095 36.23 -22.06 34.36
CA SER D 1095 35.22 -22.93 33.79
C SER D 1095 33.85 -22.30 34.01
N GLU D 1096 32.89 -22.73 33.18
CA GLU D 1096 31.52 -22.27 33.26
C GLU D 1096 30.92 -22.71 34.60
N ARG D 1097 30.69 -21.75 35.48
CA ARG D 1097 30.26 -22.02 36.85
C ARG D 1097 28.86 -21.48 37.09
N VAL D 1098 27.98 -22.33 37.63
CA VAL D 1098 26.65 -21.88 38.01
C VAL D 1098 26.72 -21.20 39.38
N LEU D 1099 25.75 -20.34 39.65
CA LEU D 1099 25.73 -19.55 40.87
C LEU D 1099 25.42 -20.44 42.06
N SER D 1100 26.45 -20.74 42.87
CA SER D 1100 26.28 -21.54 44.07
C SER D 1100 26.96 -20.83 45.24
N ASP D 1101 26.50 -21.15 46.45
CA ASP D 1101 27.06 -20.56 47.65
C ASP D 1101 28.50 -21.02 47.81
N GLY D 1102 29.44 -20.11 47.56
CA GLY D 1102 30.84 -20.45 47.60
C GLY D 1102 31.65 -19.74 46.52
N ASP D 1103 30.96 -19.23 45.51
CA ASP D 1103 31.61 -18.50 44.43
C ASP D 1103 31.97 -17.09 44.89
N HIS D 1104 32.57 -16.31 44.00
CA HIS D 1104 32.91 -14.93 44.30
C HIS D 1104 32.76 -14.11 43.03
N VAL D 1105 32.10 -12.96 43.15
CA VAL D 1105 31.76 -12.13 41.99
C VAL D 1105 32.19 -10.69 42.25
N GLU D 1106 32.31 -9.95 41.16
CA GLU D 1106 32.76 -8.56 41.19
C GLU D 1106 31.59 -7.63 40.94
N VAL D 1107 31.86 -6.32 41.01
CA VAL D 1107 30.82 -5.32 40.80
C VAL D 1107 30.33 -5.38 39.36
N GLY D 1108 29.02 -5.22 39.19
CA GLY D 1108 28.43 -5.23 37.86
C GLY D 1108 28.46 -6.58 37.20
N GLN D 1109 27.67 -7.52 37.73
CA GLN D 1109 27.59 -8.87 37.20
C GLN D 1109 26.19 -9.40 37.40
N GLN D 1110 25.58 -9.90 36.34
CA GLN D 1110 24.23 -10.45 36.44
C GLN D 1110 24.24 -11.72 37.28
N LEU D 1111 23.27 -11.81 38.18
CA LEU D 1111 23.15 -12.98 39.07
C LEU D 1111 22.31 -14.08 38.44
N MET D 1112 21.19 -13.72 37.81
CA MET D 1112 20.31 -14.68 37.16
C MET D 1112 20.15 -14.32 35.69
N GLU D 1113 19.52 -15.23 34.94
CA GLU D 1113 19.45 -15.13 33.50
C GLU D 1113 18.38 -14.13 33.07
N GLY D 1114 18.68 -13.39 32.00
CA GLY D 1114 17.78 -12.37 31.49
C GLY D 1114 18.52 -11.15 31.00
N SER D 1115 17.89 -9.99 31.10
CA SER D 1115 18.47 -8.73 30.68
C SER D 1115 18.51 -7.75 31.84
N ALA D 1116 19.63 -7.05 31.99
CA ALA D 1116 19.81 -6.12 33.09
C ALA D 1116 19.03 -4.82 32.83
N ASP D 1117 19.05 -3.94 33.82
CA ASP D 1117 18.35 -2.66 33.75
C ASP D 1117 19.36 -1.55 33.53
N PRO D 1118 19.28 -0.80 32.42
CA PRO D 1118 20.32 0.20 32.13
C PRO D 1118 20.48 1.26 33.22
N HIS D 1119 19.37 1.67 33.83
CA HIS D 1119 19.44 2.73 34.84
C HIS D 1119 20.25 2.34 36.06
N GLU D 1120 20.44 1.04 36.31
CA GLU D 1120 21.21 0.58 37.46
C GLU D 1120 22.69 0.38 37.13
N VAL D 1121 22.98 -0.23 35.98
CA VAL D 1121 24.37 -0.34 35.56
C VAL D 1121 24.98 1.05 35.38
N LEU D 1122 24.16 2.02 34.94
CA LEU D 1122 24.63 3.40 34.88
C LEU D 1122 25.30 3.82 36.18
N ARG D 1123 24.54 3.83 37.27
CA ARG D 1123 25.07 4.33 38.53
C ARG D 1123 26.14 3.40 39.10
N VAL D 1124 26.00 2.09 38.89
CA VAL D 1124 26.96 1.17 39.49
C VAL D 1124 28.34 1.28 38.82
N GLN D 1125 28.36 1.43 37.49
CA GLN D 1125 29.61 1.29 36.75
C GLN D 1125 29.93 2.49 35.87
N GLY D 1126 29.39 3.67 36.17
CA GLY D 1126 29.79 4.85 35.45
C GLY D 1126 29.08 4.97 34.12
N PRO D 1127 29.45 5.97 33.33
CA PRO D 1127 28.73 6.21 32.07
C PRO D 1127 29.22 5.40 30.89
N ARG D 1128 30.44 4.87 30.94
CA ARG D 1128 31.00 4.14 29.81
C ARG D 1128 30.40 2.76 29.67
N GLU D 1129 30.16 2.07 30.79
CA GLU D 1129 29.59 0.74 30.73
C GLU D 1129 28.17 0.76 30.19
N VAL D 1130 27.42 1.85 30.40
CA VAL D 1130 26.08 1.94 29.84
C VAL D 1130 26.13 1.95 28.32
N GLN D 1131 27.03 2.75 27.74
CA GLN D 1131 27.12 2.78 26.28
C GLN D 1131 27.61 1.45 25.73
N ILE D 1132 28.57 0.82 26.43
CA ILE D 1132 29.01 -0.52 26.00
C ILE D 1132 27.83 -1.49 25.98
N HIS D 1133 27.07 -1.51 27.08
CA HIS D 1133 25.90 -2.38 27.19
C HIS D 1133 24.91 -2.12 26.07
N LEU D 1134 24.58 -0.85 25.83
CA LEU D 1134 23.55 -0.53 24.86
C LEU D 1134 23.98 -0.89 23.44
N VAL D 1135 25.21 -0.53 23.06
CA VAL D 1135 25.66 -0.85 21.71
C VAL D 1135 25.73 -2.35 21.50
N ARG D 1136 26.27 -3.10 22.48
CA ARG D 1136 26.37 -4.54 22.33
C ARG D 1136 24.98 -5.18 22.21
N GLU D 1137 24.04 -4.75 23.06
CA GLU D 1137 22.72 -5.37 23.06
C GLU D 1137 21.94 -5.03 21.80
N VAL D 1138 22.11 -3.82 21.27
CA VAL D 1138 21.45 -3.48 20.02
C VAL D 1138 22.05 -4.27 18.86
N GLN D 1139 23.36 -4.48 18.89
CA GLN D 1139 24.00 -5.19 17.78
C GLN D 1139 23.72 -6.68 17.80
N GLU D 1140 23.46 -7.27 18.98
CA GLU D 1140 23.15 -8.70 19.01
C GLU D 1140 21.89 -9.02 18.21
N VAL D 1141 20.86 -8.17 18.35
CA VAL D 1141 19.59 -8.41 17.65
C VAL D 1141 19.79 -8.36 16.14
N TYR D 1142 20.56 -7.38 15.66
CA TYR D 1142 20.75 -7.26 14.22
C TYR D 1142 21.70 -8.32 13.68
N ARG D 1143 22.68 -8.75 14.48
CA ARG D 1143 23.62 -9.77 14.04
C ARG D 1143 23.03 -11.17 14.05
N ALA D 1144 22.00 -11.40 14.87
CA ALA D 1144 21.36 -12.72 14.89
C ALA D 1144 20.78 -13.09 13.52
N GLN D 1145 20.13 -12.13 12.86
CA GLN D 1145 19.51 -12.37 11.57
C GLN D 1145 20.41 -12.03 10.39
N GLY D 1146 21.65 -11.62 10.64
CA GLY D 1146 22.61 -11.41 9.58
C GLY D 1146 22.54 -10.07 8.87
N VAL D 1147 22.38 -8.98 9.61
CA VAL D 1147 22.36 -7.63 9.07
C VAL D 1147 23.60 -6.91 9.56
N SER D 1148 24.33 -6.27 8.64
CA SER D 1148 25.60 -5.63 8.95
C SER D 1148 25.42 -4.12 9.00
N ILE D 1149 25.58 -3.54 10.18
CA ILE D 1149 25.60 -2.11 10.39
C ILE D 1149 26.85 -1.77 11.20
N HIS D 1150 27.54 -0.70 10.81
CA HIS D 1150 28.72 -0.29 11.54
C HIS D 1150 28.33 0.23 12.93
N ASP D 1151 29.27 0.11 13.87
CA ASP D 1151 29.02 0.59 15.22
C ASP D 1151 28.94 2.10 15.30
N LYS D 1152 29.51 2.82 14.33
CA LYS D 1152 29.49 4.28 14.34
C LYS D 1152 28.10 4.85 14.10
N HIS D 1153 27.14 4.03 13.66
CA HIS D 1153 25.78 4.49 13.44
C HIS D 1153 24.93 4.41 14.68
N ILE D 1154 25.23 3.48 15.58
CA ILE D 1154 24.50 3.38 16.84
C ILE D 1154 25.08 4.29 17.90
N GLU D 1155 26.38 4.62 17.79
CA GLU D 1155 27.00 5.54 18.72
C GLU D 1155 26.45 6.96 18.58
N VAL D 1156 26.08 7.36 17.35
CA VAL D 1156 25.49 8.67 17.14
C VAL D 1156 24.20 8.81 17.92
N ILE D 1157 23.38 7.75 17.95
CA ILE D 1157 22.11 7.81 18.65
C ILE D 1157 22.27 7.61 20.15
N VAL D 1158 23.22 6.78 20.57
CA VAL D 1158 23.46 6.59 22.00
C VAL D 1158 24.04 7.87 22.62
N ARG D 1159 24.83 8.63 21.85
CA ARG D 1159 25.38 9.87 22.36
C ARG D 1159 24.31 10.87 22.77
N GLN D 1160 23.17 10.87 22.09
CA GLN D 1160 22.10 11.79 22.38
C GLN D 1160 21.23 11.34 23.55
N MET D 1161 21.36 10.10 23.99
CA MET D 1161 20.60 9.60 25.13
C MET D 1161 21.23 9.95 26.47
N LEU D 1162 22.49 10.39 26.49
CA LEU D 1162 23.20 10.75 27.71
C LEU D 1162 23.73 12.18 27.54
N ARG D 1163 22.88 13.16 27.78
CA ARG D 1163 23.26 14.55 27.61
C ARG D 1163 22.74 15.49 28.68
N ARG D 1164 22.08 14.99 29.72
CA ARG D 1164 21.43 15.83 30.71
C ARG D 1164 21.81 15.37 32.11
N VAL D 1165 21.60 16.27 33.07
CA VAL D 1165 21.99 16.06 34.46
C VAL D 1165 20.81 16.40 35.36
N THR D 1166 20.59 15.59 36.39
CA THR D 1166 19.52 15.80 37.35
C THR D 1166 20.05 16.46 38.61
N ILE D 1167 19.47 17.59 38.98
CA ILE D 1167 19.91 18.35 40.14
C ILE D 1167 19.43 17.68 41.42
N ILE D 1168 20.32 17.58 42.40
CA ILE D 1168 19.95 17.09 43.73
C ILE D 1168 19.62 18.28 44.62
N ASP D 1169 20.58 19.18 44.79
CA ASP D 1169 20.37 20.43 45.52
C ASP D 1169 21.00 21.57 44.72
N SER D 1170 20.30 22.71 44.68
CA SER D 1170 20.73 23.82 43.85
C SER D 1170 21.46 24.91 44.60
N GLY D 1171 21.24 25.03 45.91
CA GLY D 1171 21.87 26.08 46.67
C GLY D 1171 21.44 27.46 46.23
N SER D 1172 22.34 28.18 45.58
CA SER D 1172 22.09 29.53 45.08
C SER D 1172 22.49 29.63 43.61
N THR D 1173 22.05 28.67 42.80
CA THR D 1173 22.38 28.61 41.39
C THR D 1173 21.19 28.85 40.48
N GLU D 1174 20.03 29.22 41.04
CA GLU D 1174 18.82 29.46 40.26
C GLU D 1174 18.41 28.19 39.49
N PHE D 1175 18.22 27.12 40.26
CA PHE D 1175 17.78 25.85 39.70
C PHE D 1175 16.75 25.22 40.64
N LEU D 1176 15.80 24.49 40.05
CA LEU D 1176 14.82 23.75 40.84
C LEU D 1176 15.31 22.32 41.03
N PRO D 1177 15.44 21.84 42.25
CA PRO D 1177 16.03 20.51 42.46
C PRO D 1177 15.14 19.38 41.97
N GLY D 1178 15.53 18.75 40.87
CA GLY D 1178 14.76 17.64 40.33
C GLY D 1178 14.54 17.74 38.84
N SER D 1179 14.97 18.84 38.23
CA SER D 1179 14.76 19.08 36.81
C SER D 1179 15.87 18.42 36.00
N LEU D 1180 15.78 18.57 34.68
CA LEU D 1180 16.75 17.99 33.74
C LEU D 1180 17.33 19.12 32.91
N ILE D 1181 18.63 19.39 33.09
CA ILE D 1181 19.29 20.47 32.38
C ILE D 1181 20.54 19.93 31.68
N ASP D 1182 20.95 20.65 30.64
CA ASP D 1182 22.09 20.23 29.84
C ASP D 1182 23.38 20.36 30.63
N ARG D 1183 24.36 19.52 30.27
CA ARG D 1183 25.64 19.53 30.97
C ARG D 1183 26.40 20.83 30.74
N ALA D 1184 26.35 21.36 29.52
CA ALA D 1184 27.08 22.59 29.21
C ALA D 1184 26.56 23.76 30.05
N GLU D 1185 25.24 23.96 30.05
CA GLU D 1185 24.65 25.03 30.85
C GLU D 1185 24.91 24.81 32.34
N PHE D 1186 24.80 23.56 32.79
CA PHE D 1186 25.03 23.26 34.19
C PHE D 1186 26.44 23.66 34.62
N GLU D 1187 27.45 23.23 33.86
CA GLU D 1187 28.81 23.56 34.25
C GLU D 1187 29.11 25.05 34.07
N ALA D 1188 28.52 25.69 33.07
CA ALA D 1188 28.71 27.12 32.91
C ALA D 1188 28.16 27.89 34.11
N GLU D 1189 26.95 27.54 34.56
CA GLU D 1189 26.38 28.19 35.74
C GLU D 1189 27.19 27.88 36.99
N ASN D 1190 27.63 26.63 37.14
CA ASN D 1190 28.42 26.27 38.31
C ASN D 1190 29.75 26.99 38.35
N ARG D 1191 30.35 27.27 37.20
CA ARG D 1191 31.58 28.06 37.15
C ARG D 1191 31.32 29.54 37.35
N ARG D 1192 30.18 30.05 36.89
CA ARG D 1192 29.86 31.45 37.08
C ARG D 1192 29.57 31.77 38.55
N VAL D 1193 28.82 30.91 39.23
CA VAL D 1193 28.41 31.21 40.60
C VAL D 1193 29.59 31.16 41.56
N VAL D 1194 30.43 30.12 41.43
CA VAL D 1194 31.55 29.96 42.34
C VAL D 1194 32.58 31.07 42.15
N ALA D 1195 32.68 31.61 40.93
CA ALA D 1195 33.68 32.64 40.67
C ALA D 1195 33.32 33.98 41.30
N GLU D 1196 32.04 34.23 41.59
CA GLU D 1196 31.61 35.50 42.15
C GLU D 1196 31.08 35.37 43.57
N GLY D 1197 30.04 34.57 43.79
CA GLY D 1197 29.51 34.40 45.12
C GLY D 1197 30.02 33.15 45.81
N GLY D 1198 29.91 32.02 45.13
CA GLY D 1198 30.46 30.76 45.59
C GLY D 1198 29.42 29.76 46.07
N GLU D 1199 29.02 28.86 45.18
CA GLU D 1199 28.20 27.70 45.52
C GLU D 1199 28.22 26.71 44.37
N PRO D 1200 28.62 25.47 44.59
CA PRO D 1200 28.50 24.45 43.54
C PRO D 1200 27.17 23.72 43.62
N ALA D 1201 26.44 23.66 42.51
CA ALA D 1201 25.21 22.89 42.47
C ALA D 1201 25.50 21.41 42.27
N ALA D 1202 24.53 20.57 42.66
CA ALA D 1202 24.69 19.14 42.58
C ALA D 1202 23.98 18.58 41.35
N GLY D 1203 24.52 17.49 40.81
CA GLY D 1203 23.93 16.85 39.65
C GLY D 1203 24.52 15.51 39.31
N ARG D 1204 23.66 14.53 39.03
CA ARG D 1204 24.11 13.20 38.62
C ARG D 1204 23.64 12.89 37.21
N PRO D 1205 24.42 12.14 36.43
CA PRO D 1205 24.02 11.84 35.05
C PRO D 1205 22.75 11.00 35.01
N VAL D 1206 22.00 11.16 33.92
CA VAL D 1206 20.74 10.47 33.73
C VAL D 1206 20.69 9.89 32.32
N LEU D 1207 19.78 8.92 32.15
CA LEU D 1207 19.54 8.27 30.86
C LEU D 1207 18.08 8.43 30.49
N MET D 1208 17.82 8.88 29.26
CA MET D 1208 16.48 9.13 28.77
C MET D 1208 16.20 8.29 27.54
N GLY D 1209 14.93 8.28 27.13
CA GLY D 1209 14.52 7.61 25.91
C GLY D 1209 14.66 8.53 24.71
N ILE D 1210 14.18 8.03 23.56
CA ILE D 1210 14.18 8.84 22.34
C ILE D 1210 12.91 9.64 22.18
N THR D 1211 11.88 9.38 22.98
CA THR D 1211 10.66 10.18 22.94
C THR D 1211 10.66 11.30 23.98
N LYS D 1212 11.30 11.10 25.12
CA LYS D 1212 11.42 12.15 26.11
C LYS D 1212 12.55 13.12 25.81
N ALA D 1213 13.57 12.70 25.07
CA ALA D 1213 14.65 13.59 24.69
C ALA D 1213 14.26 14.51 23.54
N SER D 1214 13.36 14.05 22.66
CA SER D 1214 12.94 14.87 21.53
C SER D 1214 11.93 15.93 21.93
N LEU D 1215 11.10 15.66 22.93
CA LEU D 1215 10.10 16.61 23.38
C LEU D 1215 10.65 17.65 24.34
N ALA D 1216 11.92 17.55 24.72
CA ALA D 1216 12.55 18.47 25.66
C ALA D 1216 13.66 19.26 24.99
N THR D 1217 13.47 19.62 23.72
CA THR D 1217 14.43 20.44 23.00
C THR D 1217 14.18 21.91 23.33
N ASP D 1218 15.00 22.79 22.76
CA ASP D 1218 14.94 24.22 23.03
C ASP D 1218 14.26 25.00 21.91
N SER D 1219 13.21 24.44 21.30
CA SER D 1219 12.48 25.12 20.26
C SER D 1219 11.06 24.57 20.22
N TRP D 1220 10.07 25.42 20.45
CA TRP D 1220 8.69 24.95 20.48
C TRP D 1220 8.17 24.60 19.09
N LEU D 1221 8.76 25.16 18.03
CA LEU D 1221 8.29 24.85 16.68
C LEU D 1221 8.62 23.42 16.29
N SER D 1222 9.79 22.93 16.68
CA SER D 1222 10.18 21.56 16.34
C SER D 1222 9.48 20.53 17.21
N ALA D 1223 9.13 20.87 18.44
CA ALA D 1223 8.43 19.95 19.32
C ALA D 1223 6.93 19.94 19.11
N ALA D 1224 6.37 21.06 18.64
CA ALA D 1224 4.93 21.11 18.38
C ALA D 1224 4.55 20.27 17.16
N SER D 1225 5.46 20.09 16.22
CA SER D 1225 5.22 19.33 15.01
C SER D 1225 5.58 17.85 15.15
N PHE D 1226 6.04 17.42 16.33
CA PHE D 1226 6.37 16.01 16.55
C PHE D 1226 5.19 15.27 17.17
N GLN D 1227 4.77 15.67 18.37
CA GLN D 1227 3.69 15.02 19.08
C GLN D 1227 3.13 15.99 20.10
N GLU D 1228 1.90 15.74 20.52
CA GLU D 1228 1.27 16.44 21.65
C GLU D 1228 1.33 17.96 21.46
N THR D 1229 0.64 18.43 20.42
CA THR D 1229 0.70 19.85 20.09
C THR D 1229 0.09 20.71 21.19
N THR D 1230 -1.04 20.29 21.75
CA THR D 1230 -1.74 21.13 22.72
C THR D 1230 -0.91 21.34 23.99
N ARG D 1231 -0.28 20.28 24.50
CA ARG D 1231 0.48 20.39 25.74
C ARG D 1231 1.71 21.28 25.56
N VAL D 1232 2.46 21.08 24.48
CA VAL D 1232 3.65 21.88 24.26
C VAL D 1232 3.27 23.34 23.99
N LEU D 1233 2.18 23.56 23.25
CA LEU D 1233 1.75 24.93 22.99
C LEU D 1233 1.31 25.63 24.27
N THR D 1234 0.61 24.92 25.15
CA THR D 1234 0.17 25.51 26.41
C THR D 1234 1.37 25.87 27.29
N ASP D 1235 2.32 24.94 27.42
CA ASP D 1235 3.49 25.23 28.25
C ASP D 1235 4.32 26.37 27.66
N ALA D 1236 4.48 26.40 26.34
CA ALA D 1236 5.23 27.48 25.71
C ALA D 1236 4.54 28.82 25.91
N ALA D 1237 3.20 28.85 25.80
CA ALA D 1237 2.47 30.09 26.02
C ALA D 1237 2.64 30.57 27.46
N ILE D 1238 2.56 29.67 28.43
CA ILE D 1238 2.73 30.07 29.82
C ILE D 1238 4.15 30.60 30.06
N ASN D 1239 5.16 29.92 29.51
CA ASN D 1239 6.54 30.28 29.79
C ASN D 1239 7.08 31.42 28.92
N CYS D 1240 6.35 31.83 27.87
CA CYS D 1240 6.77 32.89 26.95
C CYS D 1240 8.12 32.56 26.32
N ARG D 1241 8.16 31.42 25.63
CA ARG D 1241 9.41 30.94 25.05
C ARG D 1241 9.69 31.65 23.74
N SER D 1242 10.96 31.65 23.35
CA SER D 1242 11.43 32.25 22.11
C SER D 1242 12.21 31.22 21.30
N ASP D 1243 11.98 31.22 19.99
CA ASP D 1243 12.62 30.29 19.07
C ASP D 1243 13.62 31.05 18.21
N LYS D 1244 14.84 30.52 18.09
CA LYS D 1244 15.89 31.17 17.33
C LYS D 1244 15.99 30.72 15.89
N LEU D 1245 15.20 29.72 15.49
CA LEU D 1245 15.15 29.24 14.11
C LEU D 1245 16.54 28.88 13.58
N ASN D 1246 17.15 27.90 14.23
CA ASN D 1246 18.51 27.47 13.90
C ASN D 1246 18.60 25.96 13.79
N GLY D 1247 17.61 25.33 13.15
CA GLY D 1247 17.60 23.90 12.96
C GLY D 1247 17.12 23.54 11.57
N LEU D 1248 17.14 22.24 11.28
CA LEU D 1248 16.71 21.77 9.97
C LEU D 1248 15.21 21.89 9.80
N LYS D 1249 14.45 21.46 10.81
CA LYS D 1249 12.99 21.44 10.68
C LYS D 1249 12.41 22.86 10.63
N GLU D 1250 12.90 23.75 11.48
CA GLU D 1250 12.38 25.11 11.48
C GLU D 1250 12.70 25.85 10.19
N ASN D 1251 13.92 25.68 9.69
CA ASN D 1251 14.31 26.31 8.43
C ASN D 1251 13.53 25.73 7.26
N VAL D 1252 13.17 24.45 7.31
CA VAL D 1252 12.27 23.89 6.31
C VAL D 1252 10.89 24.51 6.42
N ILE D 1253 10.39 24.70 7.65
CA ILE D 1253 9.03 25.18 7.84
C ILE D 1253 8.88 26.61 7.34
N ILE D 1254 9.81 27.50 7.73
CA ILE D 1254 9.65 28.91 7.34
C ILE D 1254 10.13 29.19 5.92
N GLY D 1255 10.82 28.27 5.29
CA GLY D 1255 11.22 28.43 3.90
C GLY D 1255 12.59 29.05 3.71
N LYS D 1256 13.62 28.49 4.36
CA LYS D 1256 14.97 29.01 4.26
C LYS D 1256 15.93 27.87 3.98
N LEU D 1257 17.19 28.21 3.72
CA LEU D 1257 18.21 27.22 3.42
C LEU D 1257 18.62 26.50 4.70
N ILE D 1258 18.60 25.17 4.67
CA ILE D 1258 18.95 24.36 5.83
C ILE D 1258 20.43 24.56 6.15
N PRO D 1259 20.84 24.49 7.43
CA PRO D 1259 22.24 24.68 7.79
C PRO D 1259 23.09 23.42 7.68
N ALA D 1260 23.04 22.77 6.52
CA ALA D 1260 23.83 21.58 6.26
C ALA D 1260 24.14 21.50 4.78
N GLY D 1261 25.17 20.75 4.44
CA GLY D 1261 25.53 20.59 3.05
C GLY D 1261 25.98 21.91 2.45
N THR D 1262 25.32 22.29 1.34
CA THR D 1262 25.68 23.50 0.61
C THR D 1262 25.04 24.76 1.20
N GLY D 1263 24.26 24.64 2.26
CA GLY D 1263 23.64 25.76 2.93
C GLY D 1263 24.44 26.36 4.06
N ILE D 1264 25.69 25.96 4.24
CA ILE D 1264 26.53 26.51 5.30
C ILE D 1264 27.38 27.63 4.71
N ASN D 1265 27.93 28.46 5.61
CA ASN D 1265 28.50 29.74 5.21
C ASN D 1265 29.70 29.58 4.27
N ARG D 1266 30.56 28.58 4.54
CA ARG D 1266 31.79 28.46 3.75
C ARG D 1266 31.50 28.24 2.29
N TYR D 1267 30.52 27.39 1.97
CA TYR D 1267 30.24 27.04 0.58
C TYR D 1267 29.29 28.01 -0.09
N ARG D 1268 28.47 28.73 0.67
CA ARG D 1268 27.48 29.61 0.08
C ARG D 1268 28.04 30.95 -0.36
N ASN D 1269 29.24 31.32 0.10
CA ASN D 1269 29.83 32.62 -0.19
C ASN D 1269 31.08 32.51 -1.05
N ILE D 1270 31.13 31.49 -1.91
CA ILE D 1270 32.27 31.29 -2.79
C ILE D 1270 32.23 32.35 -3.89
N ALA D 1271 33.37 32.98 -4.16
CA ALA D 1271 33.51 33.95 -5.22
C ALA D 1271 34.43 33.41 -6.30
N VAL D 1272 33.95 33.40 -7.55
CA VAL D 1272 34.67 32.80 -8.67
C VAL D 1272 34.86 33.87 -9.74
N GLN D 1273 36.10 33.97 -10.24
CA GLN D 1273 36.43 34.89 -11.32
C GLN D 1273 37.52 34.26 -12.16
N PRO D 1274 37.57 34.57 -13.46
CA PRO D 1274 38.62 33.98 -14.30
C PRO D 1274 40.01 34.46 -13.90
N THR D 1275 40.98 33.58 -14.10
CA THR D 1275 42.36 33.93 -13.79
C THR D 1275 42.87 35.01 -14.74
N GLU D 1276 43.93 35.69 -14.32
CA GLU D 1276 44.43 36.84 -15.08
C GLU D 1276 44.90 36.44 -16.47
N GLU D 1277 45.64 35.33 -16.57
CA GLU D 1277 46.19 34.91 -17.85
C GLU D 1277 45.09 34.55 -18.85
N ALA D 1278 44.07 33.82 -18.39
CA ALA D 1278 42.97 33.44 -19.27
C ALA D 1278 42.19 34.67 -19.72
N ARG D 1279 41.98 35.63 -18.81
CA ARG D 1279 41.29 36.86 -19.18
C ARG D 1279 42.08 37.65 -20.21
N ALA D 1280 43.41 37.69 -20.05
CA ALA D 1280 44.25 38.40 -21.01
C ALA D 1280 44.23 37.73 -22.38
N ALA D 1281 44.29 36.40 -22.40
CA ALA D 1281 44.35 35.68 -23.67
C ALA D 1281 43.06 35.88 -24.48
N ALA D 1282 41.91 35.82 -23.82
CA ALA D 1282 40.64 36.03 -24.51
C ALA D 1282 40.08 37.42 -24.20
N GLY E 27 43.67 8.43 -16.38
CA GLY E 27 43.26 7.05 -16.17
C GLY E 27 43.26 6.22 -17.44
N GLY E 28 42.82 4.96 -17.33
CA GLY E 28 42.73 4.08 -18.47
C GLY E 28 41.30 3.78 -18.85
N TYR E 29 40.44 4.79 -18.76
CA TYR E 29 39.03 4.66 -19.04
C TYR E 29 38.74 4.91 -20.53
N ASP E 30 37.60 4.40 -20.97
CA ASP E 30 37.09 4.76 -22.29
C ASP E 30 36.44 6.14 -22.22
N THR E 31 36.15 6.70 -23.38
CA THR E 31 35.61 8.06 -23.43
C THR E 31 34.25 8.11 -22.77
N PRO E 32 34.01 9.07 -21.88
CA PRO E 32 32.66 9.25 -21.32
C PRO E 32 31.72 9.84 -22.36
N LEU E 33 30.43 9.60 -22.16
CA LEU E 33 29.41 10.10 -23.07
C LEU E 33 28.36 10.88 -22.30
N GLY E 34 27.93 11.99 -22.89
CA GLY E 34 26.80 12.75 -22.38
C GLY E 34 27.05 13.50 -21.09
N ILE E 35 26.35 13.08 -20.02
CA ILE E 35 26.37 13.81 -18.75
C ILE E 35 27.54 13.43 -17.87
N THR E 36 28.28 12.37 -18.21
CA THR E 36 29.41 11.92 -17.41
C THR E 36 30.74 12.48 -17.93
N ASN E 37 30.70 13.55 -18.71
CA ASN E 37 31.90 14.23 -19.19
C ASN E 37 31.88 15.67 -18.73
N PRO E 38 32.95 16.18 -18.10
CA PRO E 38 34.23 15.55 -17.79
C PRO E 38 34.15 14.59 -16.59
N PRO E 39 35.08 13.64 -16.51
CA PRO E 39 35.08 12.71 -15.38
C PRO E 39 35.25 13.44 -14.06
N ILE E 40 34.46 13.03 -13.06
CA ILE E 40 34.42 13.77 -11.80
C ILE E 40 35.61 13.49 -10.90
N ASP E 41 36.32 12.40 -11.10
CA ASP E 41 37.51 12.13 -10.29
C ASP E 41 38.65 13.09 -10.59
N GLU E 42 38.61 13.78 -11.74
CA GLU E 42 39.54 14.87 -12.02
C GLU E 42 38.97 16.23 -11.65
N LEU E 43 37.65 16.40 -11.73
CA LEU E 43 37.01 17.62 -11.26
C LEU E 43 37.16 17.80 -9.76
N LEU E 44 37.24 16.71 -9.00
CA LEU E 44 37.38 16.79 -7.55
C LEU E 44 38.82 16.99 -7.10
N ASP E 45 39.78 17.04 -8.02
CA ASP E 45 41.17 17.32 -7.69
C ASP E 45 41.50 18.79 -7.70
N ARG E 46 40.58 19.65 -8.14
CA ARG E 46 40.79 21.09 -8.14
C ARG E 46 40.06 21.79 -7.01
N VAL E 47 39.33 21.06 -6.18
CA VAL E 47 38.44 21.64 -5.17
C VAL E 47 38.63 20.88 -3.87
N SER E 48 38.07 21.43 -2.80
CA SER E 48 38.25 20.86 -1.46
C SER E 48 37.27 19.74 -1.14
N SER E 49 36.03 19.84 -1.61
CA SER E 49 35.04 18.81 -1.35
C SER E 49 34.01 18.84 -2.47
N LYS E 50 33.04 17.93 -2.40
CA LYS E 50 32.00 17.85 -3.41
C LYS E 50 30.89 18.87 -3.18
N TYR E 51 30.94 19.63 -2.07
CA TYR E 51 29.95 20.67 -1.81
C TYR E 51 30.36 22.02 -2.38
N ALA E 52 31.64 22.21 -2.68
CA ALA E 52 32.11 23.47 -3.27
C ALA E 52 32.04 23.46 -4.79
N LEU E 53 32.12 22.28 -5.41
CA LEU E 53 31.99 22.20 -6.86
C LEU E 53 30.62 22.66 -7.32
N VAL E 54 29.58 22.33 -6.55
CA VAL E 54 28.22 22.74 -6.91
C VAL E 54 28.12 24.25 -7.00
N ILE E 55 28.61 24.95 -5.98
CA ILE E 55 28.51 26.41 -5.95
C ILE E 55 29.44 27.03 -6.98
N TYR E 56 30.64 26.47 -7.15
CA TYR E 56 31.55 26.94 -8.18
C TYR E 56 30.89 26.94 -9.56
N ALA E 57 30.37 25.79 -9.96
CA ALA E 57 29.76 25.66 -11.28
C ALA E 57 28.49 26.50 -11.39
N ALA E 58 27.66 26.52 -10.34
CA ALA E 58 26.39 27.23 -10.39
C ALA E 58 26.56 28.73 -10.32
N LYS E 59 27.72 29.23 -9.89
CA LYS E 59 27.97 30.66 -9.95
C LYS E 59 28.66 31.07 -11.24
N ARG E 60 29.44 30.17 -11.87
CA ARG E 60 29.96 30.49 -13.20
C ARG E 60 28.87 30.43 -14.26
N ALA E 61 27.92 29.51 -14.14
CA ALA E 61 26.86 29.39 -15.14
C ALA E 61 25.99 30.64 -15.19
N ARG E 62 25.68 31.23 -14.03
CA ARG E 62 24.87 32.45 -14.02
C ARG E 62 25.61 33.60 -14.71
N GLN E 63 26.92 33.69 -14.52
CA GLN E 63 27.70 34.72 -15.21
C GLN E 63 27.65 34.52 -16.72
N ILE E 64 27.77 33.28 -17.18
CA ILE E 64 27.71 33.02 -18.62
C ILE E 64 26.33 33.41 -19.16
N ASN E 65 25.27 33.05 -18.44
CA ASN E 65 23.93 33.39 -18.89
C ASN E 65 23.71 34.91 -18.92
N ASP E 66 24.24 35.61 -17.92
CA ASP E 66 24.12 37.07 -17.90
C ASP E 66 24.85 37.69 -19.08
N TYR E 67 26.03 37.17 -19.41
CA TYR E 67 26.74 37.66 -20.59
C TYR E 67 25.92 37.44 -21.85
N TYR E 68 25.33 36.25 -21.99
CA TYR E 68 24.54 35.96 -23.18
C TYR E 68 23.31 36.86 -23.29
N ASN E 69 22.64 37.11 -22.17
CA ASN E 69 21.37 37.83 -22.16
C ASN E 69 21.55 39.34 -22.03
N GLN E 70 22.77 39.83 -21.85
CA GLN E 70 23.03 41.26 -21.85
C GLN E 70 23.83 41.71 -23.05
N LEU E 71 24.35 40.78 -23.86
CA LEU E 71 25.17 41.14 -25.02
C LEU E 71 24.33 41.71 -26.16
N GLY E 72 23.12 41.21 -26.35
CA GLY E 72 22.28 41.66 -27.44
C GLY E 72 21.51 42.93 -27.17
N GLU E 73 21.65 43.52 -25.98
CA GLU E 73 20.89 44.71 -25.61
C GLU E 73 21.77 45.93 -25.40
N GLY E 74 22.78 45.85 -24.55
CA GLY E 74 23.60 47.00 -24.21
C GLY E 74 25.03 46.60 -23.89
N ILE E 75 25.61 47.30 -22.91
CA ILE E 75 27.01 47.09 -22.51
C ILE E 75 27.02 46.44 -21.14
N LEU E 76 27.83 45.39 -20.98
CA LEU E 76 27.91 44.63 -19.76
C LEU E 76 29.35 44.56 -19.28
N GLU E 77 29.56 43.89 -18.15
CA GLU E 77 30.87 43.85 -17.49
C GLU E 77 31.40 42.43 -17.30
N TYR E 78 30.67 41.40 -17.70
CA TYR E 78 31.09 40.03 -17.48
C TYR E 78 31.95 39.54 -18.65
N VAL E 79 32.47 38.33 -18.50
CA VAL E 79 33.37 37.72 -19.47
C VAL E 79 32.66 36.54 -20.12
N GLY E 80 32.82 36.42 -21.44
CA GLY E 80 32.19 35.35 -22.17
C GLY E 80 32.88 34.03 -21.95
N PRO E 81 32.35 32.98 -22.59
CA PRO E 81 32.95 31.64 -22.44
C PRO E 81 34.43 31.62 -22.77
N LEU E 82 35.26 31.24 -21.80
CA LEU E 82 36.70 31.17 -22.00
C LEU E 82 37.12 29.96 -22.83
N VAL E 83 36.20 29.04 -23.10
CA VAL E 83 36.47 27.87 -23.92
C VAL E 83 35.41 27.83 -25.03
N GLU E 84 35.76 27.19 -26.13
CA GLU E 84 34.90 27.23 -27.31
C GLU E 84 33.64 26.40 -27.07
N PRO E 85 32.45 26.96 -27.21
CA PRO E 85 31.22 26.20 -27.00
C PRO E 85 30.92 25.31 -28.20
N GLY E 86 29.80 24.60 -28.11
CA GLY E 86 29.32 23.73 -29.16
C GLY E 86 28.29 24.41 -30.04
N LEU E 87 27.31 23.63 -30.48
CA LEU E 87 26.23 24.18 -31.32
C LEU E 87 25.13 24.78 -30.45
N GLN E 88 24.53 23.97 -29.57
CA GLN E 88 23.55 24.44 -28.58
C GLN E 88 23.91 23.77 -27.25
N GLU E 89 24.75 24.44 -26.48
CA GLU E 89 25.29 23.88 -25.24
C GLU E 89 24.77 24.66 -24.05
N LYS E 90 24.45 23.94 -22.97
CA LYS E 90 24.02 24.60 -21.75
C LYS E 90 25.20 25.30 -21.09
N PRO E 91 24.96 26.45 -20.44
CA PRO E 91 26.07 27.15 -19.77
C PRO E 91 26.71 26.36 -18.64
N LEU E 92 25.98 25.42 -18.02
CA LEU E 92 26.59 24.59 -16.98
C LEU E 92 27.70 23.71 -17.54
N SER E 93 27.49 23.16 -18.75
CA SER E 93 28.52 22.35 -19.38
C SER E 93 29.75 23.18 -19.71
N ILE E 94 29.56 24.40 -20.20
CA ILE E 94 30.69 25.29 -20.48
C ILE E 94 31.42 25.62 -19.20
N ALA E 95 30.68 25.87 -18.11
CA ALA E 95 31.32 26.16 -16.83
C ALA E 95 32.16 24.99 -16.36
N LEU E 96 31.65 23.77 -16.48
CA LEU E 96 32.40 22.60 -16.05
C LEU E 96 33.64 22.37 -16.92
N ARG E 97 33.51 22.61 -18.23
CA ARG E 97 34.67 22.49 -19.10
C ARG E 97 35.73 23.53 -18.78
N GLU E 98 35.31 24.74 -18.42
CA GLU E 98 36.27 25.76 -17.99
C GLU E 98 36.95 25.37 -16.69
N ILE E 99 36.19 24.81 -15.74
CA ILE E 99 36.77 24.39 -14.47
C ILE E 99 37.80 23.29 -14.70
N HIS E 100 37.49 22.32 -15.56
CA HIS E 100 38.41 21.20 -15.78
C HIS E 100 39.68 21.65 -16.49
N ALA E 101 39.62 22.73 -17.26
CA ALA E 101 40.78 23.20 -18.02
C ALA E 101 41.67 24.16 -17.25
N ASP E 102 41.36 24.42 -15.96
CA ASP E 102 42.20 25.24 -15.09
C ASP E 102 42.25 26.69 -15.56
N LEU E 103 41.08 27.24 -15.91
CA LEU E 103 40.98 28.61 -16.40
C LEU E 103 40.34 29.56 -15.40
N LEU E 104 39.91 29.07 -14.23
CA LEU E 104 39.20 29.86 -13.24
C LEU E 104 39.92 29.78 -11.90
N GLU E 105 39.45 30.60 -10.95
CA GLU E 105 40.00 30.61 -9.61
C GLU E 105 38.92 31.09 -8.65
N HIS E 106 38.99 30.63 -7.40
CA HIS E 106 37.94 30.93 -6.44
C HIS E 106 38.52 30.97 -5.03
N THR E 107 37.80 31.66 -4.15
CA THR E 107 38.11 31.71 -2.74
C THR E 107 36.91 31.23 -1.93
N GLU E 108 37.17 30.70 -0.76
CA GLU E 108 36.14 30.08 0.07
C GLU E 108 35.73 31.01 1.20
N GLY E 109 34.43 31.03 1.49
CA GLY E 109 33.91 31.85 2.57
C GLY E 109 34.18 31.26 3.94
N LYS F 3 -46.76 25.00 47.15
CA LYS F 3 -47.01 25.42 45.78
C LYS F 3 -46.25 26.69 45.43
N ASN F 4 -44.98 26.52 45.06
CA ASN F 4 -44.13 27.63 44.67
C ASN F 4 -43.93 27.62 43.16
N TRP F 5 -43.65 28.79 42.60
CA TRP F 5 -43.47 28.92 41.17
C TRP F 5 -42.12 28.32 40.75
N TYR F 6 -42.08 27.77 39.54
CA TYR F 6 -40.88 27.17 38.99
C TYR F 6 -40.73 27.60 37.54
N VAL F 7 -39.50 27.49 37.03
CA VAL F 7 -39.17 27.90 35.67
C VAL F 7 -38.72 26.67 34.88
N VAL F 8 -39.27 26.52 33.68
CA VAL F 8 -38.98 25.39 32.81
C VAL F 8 -38.45 25.93 31.48
N HIS F 9 -37.42 25.26 30.95
CA HIS F 9 -36.79 25.66 29.70
C HIS F 9 -37.35 24.83 28.56
N THR F 10 -37.75 25.51 27.48
CA THR F 10 -38.28 24.86 26.29
C THR F 10 -37.53 25.35 25.05
N TYR F 11 -37.80 24.70 23.92
CA TYR F 11 -37.25 25.17 22.66
C TYR F 11 -37.83 26.54 22.32
N SER F 12 -37.03 27.34 21.62
CA SER F 12 -37.48 28.67 21.23
C SER F 12 -38.62 28.58 20.22
N GLY F 13 -39.67 29.35 20.46
CA GLY F 13 -40.85 29.35 19.62
C GLY F 13 -41.89 28.30 19.97
N TYR F 14 -41.61 27.44 20.96
CA TYR F 14 -42.53 26.38 21.34
C TYR F 14 -43.19 26.65 22.69
N GLU F 15 -43.11 27.88 23.19
N GLU F 15 -43.11 27.88 23.19
CA GLU F 15 -43.59 28.17 24.54
CA GLU F 15 -43.59 28.17 24.54
C GLU F 15 -45.11 28.03 24.63
C GLU F 15 -45.11 28.03 24.63
N ASN F 16 -45.85 28.63 23.70
CA ASN F 16 -47.31 28.54 23.74
C ASN F 16 -47.80 27.11 23.53
N LYS F 17 -47.18 26.38 22.60
CA LYS F 17 -47.55 24.99 22.40
C LYS F 17 -47.23 24.14 23.62
N VAL F 18 -46.11 24.40 24.28
CA VAL F 18 -45.77 23.68 25.50
C VAL F 18 -46.80 23.97 26.58
N LYS F 19 -47.22 25.23 26.71
CA LYS F 19 -48.24 25.58 27.69
C LYS F 19 -49.55 24.84 27.42
N ALA F 20 -49.99 24.84 26.16
CA ALA F 20 -51.24 24.17 25.82
C ALA F 20 -51.16 22.66 26.07
N ASN F 21 -50.06 22.04 25.65
CA ASN F 21 -49.90 20.60 25.85
C ASN F 21 -49.83 20.25 27.33
N LEU F 22 -49.15 21.07 28.14
CA LEU F 22 -49.09 20.80 29.56
C LEU F 22 -50.45 20.92 30.23
N GLU F 23 -51.25 21.92 29.82
CA GLU F 23 -52.61 22.00 30.34
C GLU F 23 -53.42 20.77 29.96
N LYS F 24 -53.30 20.32 28.71
CA LYS F 24 -54.04 19.15 28.27
C LYS F 24 -53.62 17.90 29.04
N ARG F 25 -52.32 17.71 29.27
CA ARG F 25 -51.84 16.56 30.03
C ARG F 25 -52.16 16.65 31.50
N VAL F 26 -52.31 17.86 32.05
CA VAL F 26 -52.84 18.03 33.40
C VAL F 26 -54.28 17.57 33.48
N GLU F 27 -55.11 17.97 32.51
CA GLU F 27 -56.51 17.60 32.53
C GLU F 27 -56.77 16.15 32.14
N SER F 28 -55.86 15.49 31.42
CA SER F 28 -56.10 14.16 30.88
C SER F 28 -55.43 13.07 31.70
N MET F 29 -54.15 13.23 32.02
CA MET F 29 -53.42 12.18 32.71
C MET F 29 -54.01 11.91 34.09
N GLY F 30 -54.48 12.95 34.77
CA GLY F 30 -55.18 12.76 36.02
C GLY F 30 -54.72 13.65 37.15
N MET F 31 -53.46 14.03 37.14
CA MET F 31 -52.86 14.80 38.24
C MET F 31 -53.31 16.25 38.12
N GLN F 32 -54.37 16.62 38.85
CA GLN F 32 -54.88 17.97 38.84
C GLN F 32 -54.63 18.72 40.14
N ASP F 33 -54.34 18.03 41.23
CA ASP F 33 -54.04 18.67 42.51
C ASP F 33 -52.55 18.92 42.70
N LYS F 34 -51.72 18.59 41.72
CA LYS F 34 -50.29 18.83 41.81
C LYS F 34 -49.90 20.07 41.00
N ILE F 35 -50.24 20.07 39.72
CA ILE F 35 -49.88 21.18 38.83
C ILE F 35 -51.09 22.10 38.68
N PHE F 36 -50.95 23.33 39.16
CA PHE F 36 -52.09 24.24 39.22
C PHE F 36 -52.16 25.17 38.02
N ARG F 37 -51.14 25.99 37.81
CA ARG F 37 -51.20 27.06 36.84
C ARG F 37 -49.91 27.12 36.01
N VAL F 38 -50.06 27.60 34.77
CA VAL F 38 -48.93 27.87 33.89
C VAL F 38 -49.15 29.23 33.25
N VAL F 39 -48.06 29.89 32.89
CA VAL F 39 -48.11 31.20 32.27
C VAL F 39 -46.79 31.45 31.56
N VAL F 40 -46.87 31.98 30.34
CA VAL F 40 -45.68 32.42 29.63
C VAL F 40 -45.56 33.93 29.78
N PRO F 41 -44.53 34.43 30.45
CA PRO F 41 -44.38 35.88 30.61
C PRO F 41 -44.22 36.56 29.26
N GLU F 42 -45.04 37.58 29.02
CA GLU F 42 -45.10 38.21 27.71
C GLU F 42 -45.63 39.63 27.85
N GLU F 43 -45.44 40.40 26.78
CA GLU F 43 -45.91 41.77 26.70
C GLU F 43 -46.51 42.00 25.32
N GLU F 44 -47.27 43.09 25.20
CA GLU F 44 -47.92 43.46 23.94
C GLU F 44 -47.37 44.83 23.54
N GLU F 45 -46.27 44.82 22.80
CA GLU F 45 -45.63 46.06 22.37
C GLU F 45 -46.50 46.78 21.34
N THR F 46 -46.23 48.06 21.16
CA THR F 46 -46.98 48.91 20.21
C THR F 46 -46.46 48.78 18.79
N ASP F 47 -46.42 47.56 18.24
CA ASP F 47 -45.97 47.36 16.87
C ASP F 47 -47.15 47.55 15.91
N ILE F 48 -47.18 48.69 15.23
CA ILE F 48 -48.31 49.09 14.40
C ILE F 48 -47.77 49.71 13.11
N LYS F 49 -48.64 49.79 12.09
CA LYS F 49 -48.24 50.37 10.80
C LYS F 49 -49.50 50.98 10.19
N ASN F 50 -49.65 52.30 10.35
CA ASN F 50 -50.72 53.08 9.73
C ASN F 50 -52.09 52.43 9.96
N GLY F 51 -52.37 52.10 11.21
CA GLY F 51 -53.61 51.43 11.55
C GLY F 51 -53.49 49.92 11.54
N LYS F 52 -52.81 49.38 10.54
CA LYS F 52 -52.63 47.94 10.42
C LYS F 52 -51.61 47.43 11.44
N LYS F 53 -52.12 46.91 12.56
CA LYS F 53 -51.24 46.43 13.62
C LYS F 53 -50.44 45.22 13.16
N LYS F 54 -49.21 45.12 13.67
CA LYS F 54 -48.29 44.04 13.29
C LYS F 54 -47.64 43.40 14.51
N VAL F 55 -48.29 43.51 15.66
CA VAL F 55 -47.70 43.11 16.94
C VAL F 55 -47.28 41.64 16.92
N VAL F 56 -45.98 41.41 17.05
CA VAL F 56 -45.44 40.09 17.32
C VAL F 56 -45.31 39.98 18.83
N LYS F 57 -45.91 38.93 19.40
CA LYS F 57 -46.03 38.79 20.85
C LYS F 57 -44.70 39.01 21.54
N LYS F 58 -44.61 40.07 22.34
CA LYS F 58 -43.33 40.45 22.93
C LYS F 58 -43.00 39.56 24.12
N LYS F 59 -41.99 38.70 23.94
CA LYS F 59 -41.57 37.77 24.99
C LYS F 59 -40.46 38.41 25.80
N VAL F 60 -40.72 38.65 27.09
CA VAL F 60 -39.71 39.25 27.94
C VAL F 60 -38.56 38.28 28.18
N PHE F 61 -38.87 37.01 28.44
CA PHE F 61 -37.87 35.95 28.52
C PHE F 61 -38.16 34.92 27.45
N PRO F 62 -37.49 34.99 26.30
CA PRO F 62 -37.74 33.99 25.24
C PRO F 62 -37.21 32.62 25.63
N GLY F 63 -38.08 31.62 25.55
CA GLY F 63 -37.70 30.25 25.81
C GLY F 63 -37.94 29.74 27.22
N TYR F 64 -38.68 30.48 28.04
CA TYR F 64 -38.92 30.08 29.42
C TYR F 64 -40.41 30.10 29.73
N VAL F 65 -40.82 29.24 30.66
CA VAL F 65 -42.23 29.07 31.00
C VAL F 65 -42.33 28.94 32.51
N LEU F 66 -43.35 29.57 33.09
CA LEU F 66 -43.59 29.57 34.52
C LEU F 66 -44.72 28.61 34.86
N VAL F 67 -44.54 27.81 35.92
CA VAL F 67 -45.49 26.78 36.30
C VAL F 67 -45.50 26.65 37.82
N GLU F 68 -46.71 26.55 38.39
CA GLU F 68 -46.92 26.37 39.83
C GLU F 68 -47.20 24.89 40.10
N ILE F 69 -46.38 24.27 40.95
CA ILE F 69 -46.41 22.82 41.10
C ILE F 69 -45.80 22.43 42.43
N VAL F 70 -46.36 21.41 43.06
CA VAL F 70 -45.79 20.78 44.25
C VAL F 70 -44.87 19.65 43.80
N MET F 71 -43.61 19.70 44.22
CA MET F 71 -42.58 18.78 43.73
C MET F 71 -42.66 17.45 44.44
N THR F 72 -43.43 16.51 43.87
CA THR F 72 -43.31 15.11 44.23
C THR F 72 -42.33 14.46 43.26
N ASP F 73 -42.26 13.13 43.25
CA ASP F 73 -41.43 12.42 42.29
C ASP F 73 -42.20 11.99 41.05
N ASP F 74 -43.48 12.31 40.94
CA ASP F 74 -44.25 12.07 39.74
C ASP F 74 -44.59 13.35 38.98
N SER F 75 -44.74 14.47 39.68
CA SER F 75 -44.91 15.75 39.00
C SER F 75 -43.67 16.10 38.19
N TRP F 76 -42.49 15.80 38.74
CA TRP F 76 -41.25 16.02 38.01
C TRP F 76 -41.24 15.19 36.73
N TYR F 77 -41.73 13.96 36.80
CA TYR F 77 -41.77 13.09 35.63
C TYR F 77 -42.74 13.61 34.59
N VAL F 78 -43.94 13.98 35.01
CA VAL F 78 -44.97 14.39 34.04
C VAL F 78 -44.63 15.74 33.42
N VAL F 79 -44.10 16.67 34.21
CA VAL F 79 -43.82 18.02 33.72
C VAL F 79 -42.61 18.08 32.80
N ARG F 80 -41.57 17.29 33.09
CA ARG F 80 -40.35 17.33 32.31
C ARG F 80 -40.47 16.61 30.96
N ASN F 81 -41.34 15.61 30.84
CA ASN F 81 -41.45 14.82 29.63
C ASN F 81 -42.53 15.34 28.69
N THR F 82 -43.01 16.56 28.91
CA THR F 82 -43.94 17.18 27.99
C THR F 82 -43.27 17.34 26.62
N PRO F 83 -43.99 17.10 25.53
CA PRO F 83 -43.36 17.14 24.21
C PRO F 83 -42.94 18.53 23.76
N GLY F 84 -41.76 18.97 24.18
CA GLY F 84 -41.26 20.27 23.77
C GLY F 84 -40.38 20.98 24.77
N VAL F 85 -40.41 20.60 26.03
CA VAL F 85 -39.55 21.22 27.02
C VAL F 85 -38.18 20.56 26.99
N THR F 86 -37.13 21.35 27.18
CA THR F 86 -35.76 20.87 27.21
C THR F 86 -35.37 20.35 28.59
N GLY F 87 -35.72 21.09 29.64
CA GLY F 87 -35.44 20.64 30.99
C GLY F 87 -35.78 21.71 31.99
N PHE F 88 -35.56 21.37 33.26
CA PHE F 88 -35.73 22.30 34.36
C PHE F 88 -34.52 23.22 34.46
N VAL F 89 -34.66 24.31 35.20
CA VAL F 89 -33.57 25.26 35.41
C VAL F 89 -33.41 25.48 36.90
N GLY F 90 -32.26 26.05 37.27
CA GLY F 90 -31.94 26.33 38.65
C GLY F 90 -31.40 25.15 39.43
N SER F 91 -31.29 23.99 38.81
CA SER F 91 -30.85 22.79 39.50
C SER F 91 -29.36 22.87 39.82
N ALA F 92 -29.03 22.87 41.11
CA ALA F 92 -27.66 22.92 41.58
C ALA F 92 -27.43 21.83 42.60
N GLY F 93 -26.17 21.41 42.73
CA GLY F 93 -25.81 20.35 43.65
C GLY F 93 -26.25 18.99 43.14
N SER F 94 -25.66 18.56 42.03
CA SER F 94 -26.01 17.33 41.32
C SER F 94 -27.42 17.38 40.73
N GLY F 95 -28.05 18.55 40.73
CA GLY F 95 -29.37 18.72 40.16
C GLY F 95 -30.43 17.83 40.78
N SER F 96 -30.39 17.68 42.10
CA SER F 96 -31.34 16.80 42.78
C SER F 96 -32.77 17.26 42.58
N LYS F 97 -33.04 18.52 42.89
CA LYS F 97 -34.35 19.12 42.72
C LYS F 97 -34.23 20.54 42.20
N PRO F 98 -35.20 21.00 41.41
CA PRO F 98 -35.15 22.38 40.92
C PRO F 98 -35.30 23.38 42.06
N THR F 99 -34.72 24.56 41.86
CA THR F 99 -34.72 25.63 42.86
C THR F 99 -35.92 26.53 42.65
N PRO F 100 -36.73 26.76 43.69
CA PRO F 100 -37.93 27.61 43.53
C PRO F 100 -37.57 29.05 43.23
N LEU F 101 -38.58 29.84 42.95
CA LEU F 101 -38.42 31.27 42.73
C LEU F 101 -38.48 32.00 44.07
N LEU F 102 -38.60 33.33 44.02
CA LEU F 102 -38.70 34.16 45.21
C LEU F 102 -40.07 34.82 45.26
N PRO F 103 -40.58 35.13 46.47
CA PRO F 103 -41.91 35.73 46.59
C PRO F 103 -42.09 37.01 45.79
N GLY F 104 -41.25 38.01 46.07
CA GLY F 104 -41.32 39.27 45.36
C GLY F 104 -41.03 39.16 43.88
N GLU F 105 -40.13 38.26 43.50
CA GLU F 105 -39.83 38.04 42.08
C GLU F 105 -41.06 37.51 41.34
N ALA F 106 -41.70 36.49 41.91
CA ALA F 106 -42.92 35.97 41.32
C ALA F 106 -44.01 37.03 41.28
N GLU F 107 -44.09 37.85 42.33
CA GLU F 107 -45.08 38.92 42.38
C GLU F 107 -44.87 39.91 41.23
N THR F 108 -43.64 40.37 41.05
CA THR F 108 -43.41 41.39 40.04
C THR F 108 -43.53 40.83 38.63
N ILE F 109 -43.17 39.56 38.42
CA ILE F 109 -43.37 38.96 37.10
C ILE F 109 -44.85 38.75 36.82
N LEU F 110 -45.64 38.36 37.82
CA LEU F 110 -47.06 38.13 37.63
C LEU F 110 -47.88 39.42 37.70
N LYS F 111 -47.24 40.56 37.98
CA LYS F 111 -47.97 41.83 38.06
C LYS F 111 -48.18 42.42 36.67
N ARG F 112 -47.11 42.49 35.88
CA ARG F 112 -47.19 43.03 34.53
C ARG F 112 -48.01 42.12 33.63
#